data_8ZDY
#
_entry.id   8ZDY
#
_cell.length_a   1.00
_cell.length_b   1.00
_cell.length_c   1.00
_cell.angle_alpha   90.00
_cell.angle_beta   90.00
_cell.angle_gamma   90.00
#
_symmetry.space_group_name_H-M   'P 1'
#
loop_
_entity.id
_entity.type
_entity.pdbx_description
1 polymer 'a protein'
2 polymer 'a protein'
3 polymer 'a protein'
4 polymer 'a protein'
5 polymer 'RNA (58-MER)'
#
loop_
_entity_poly.entity_id
_entity_poly.type
_entity_poly.pdbx_seq_one_letter_code
_entity_poly.pdbx_strand_id
1 'polypeptide(L)'
;MAANKKATNVTLKSRPENLSFARCLNTTEAKFWQTDFLKRHTFKLPLLITDKAVLASKGHEMPPDKLEKEIMDPNPQKSQ
SCTLSTECDTLRIDFGIKVLPVKESMYSCSDYNYRTAIYQKIDEYIAEDGFLTLAKRYVNNIANARFLWRNRKGAEIIET
IVTIEDKEYPSFNSKSFNLDTFVEDNATINEIAQQIADTFAGKREYLNIYVTCFVKIGCAMEVYPSQEMTFDDDDKGKKL
FKFEGSAGMHSQKINNALRTIDTWYPDYTTYEFPIPVENYGAARSIGIPFRPDTKSFYKLIDRMILKNEDLPIEDKHYVM
AILIRGGMFSKKQEK
;
A,B,C,D,E,F
2 'polypeptide(L)'
;MLRNKILAAISQKIPEEQKINKYIEGLFQSIDKNHLATHVAKFTETNSPGNIGAYDILSSDMNCGYLDTANAGWKEPDIV
TNDAKYKRPQGFVAMEMSDGRTVMEHLQEDSAELRHEMEELTDKYDEIRDGILNMPSMQPYRTNQFIKQVFFPVGGSYHL
LSILPSTVLNYEVSDRLYRSKIPKIRLRLLSSNAASTTGSRLVSKNKWPLVFQALPPKFLEKNLAKALDKEYLLPDINID
ELEGVDNGCLIDEALLPLIIDEGKRKGEGNYRPRHLRDERKEETVQAFLDKYGYCNIPVGYEVHHIVPLSQGGADSIKNM
IMLSIEHHERVTEAHASYFKWRNT
;
G
3 'polypeptide(L)'
;MMKGYILLEKVNIENANAFNNIIVGIPAITSFLGFARALERKLNAKEIAIRINGVGLEFHEYELKGYKNKRGQYVTSCPL
PGSIPGQNEKKLDAHIMNQAYIDLNMSFLLEVEGPHVDMSTCKSIKSTMETLRIAGGIIRNYKKIRLIDTLADIPYGYFL
TLRQDNLNDAAGDDMLDKMIHALQQEDTLVPIAVGFKALSEVGHVEGQRDPEKDHCFVESIFSLGGFECSKILEDINSCL
WRYKTEEGLYLCTII
;
H
4 'polypeptide(L)'
;MFSQILIIKPGTGISPNIIISEDIFPVLHSLFVEHDKKFGITFPAYSFDKKGHLGNIIEVLSEDKEALASLCLEEHLAEV
TDYVKVKKEITFTDDYVLFKRIREENQYETTARRMRKRGHTELGRPLEMHIKKKNQQIFCHAYIKVKSASTGQSYNIFLA
PTDIKHGSFSAYGLLRGDTHA
;
I
5 'polyribonucleotide' GUUUAGAAGGAUUGCCGUCAGGAAAUUAGGUGCGCUUAGCAGUGUACCGCCGGAUAGGCGGUUUAGAAG L
#
# COMPACT_ATOMS: atom_id res chain seq x y z
N THR A 11 -19.98 -11.48 69.58
CA THR A 11 -19.19 -10.27 69.38
C THR A 11 -17.92 -10.55 68.61
N LEU A 12 -17.62 -9.69 67.64
CA LEU A 12 -16.37 -9.79 66.91
C LEU A 12 -15.19 -9.39 67.81
N LYS A 13 -14.01 -9.85 67.43
CA LYS A 13 -12.79 -9.51 68.14
C LYS A 13 -11.76 -8.80 67.27
N SER A 14 -11.86 -8.90 65.96
CA SER A 14 -10.88 -8.33 65.05
C SER A 14 -11.52 -8.10 63.69
N ARG A 15 -10.69 -7.86 62.68
CA ARG A 15 -11.02 -7.80 61.28
C ARG A 15 -10.68 -9.14 60.63
N PRO A 16 -11.25 -9.46 59.43
CA PRO A 16 -10.93 -10.75 58.81
C PRO A 16 -9.52 -10.86 58.30
N GLU A 17 -9.19 -12.02 57.75
CA GLU A 17 -7.84 -12.30 57.33
C GLU A 17 -7.69 -12.31 55.81
N ASN A 18 -8.78 -12.46 55.07
CA ASN A 18 -8.78 -12.42 53.61
C ASN A 18 -10.03 -11.64 53.16
N LEU A 19 -10.21 -10.42 53.66
CA LEU A 19 -11.31 -9.58 53.17
C LEU A 19 -10.80 -8.75 51.99
N SER A 20 -11.53 -8.79 50.87
CA SER A 20 -11.17 -8.02 49.69
C SER A 20 -12.43 -7.61 48.93
N PHE A 21 -12.80 -6.34 49.03
CA PHE A 21 -13.77 -5.78 48.09
C PHE A 21 -13.12 -5.49 46.74
N ALA A 22 -13.96 -5.43 45.71
CA ALA A 22 -13.53 -5.10 44.36
C ALA A 22 -14.02 -3.70 43.99
N ARG A 23 -13.66 -3.23 42.83
CA ARG A 23 -14.07 -1.87 42.40
C ARG A 23 -15.56 -1.87 42.03
N CYS A 24 -16.32 -0.89 42.54
CA CYS A 24 -17.77 -0.80 42.23
C CYS A 24 -17.97 0.20 41.09
N LEU A 25 -16.92 0.96 40.73
CA LEU A 25 -17.00 1.94 39.63
C LEU A 25 -15.90 1.64 38.62
N ASN A 26 -16.02 0.52 37.88
CA ASN A 26 -14.99 0.14 36.89
C ASN A 26 -14.99 1.18 35.75
N THR A 27 -13.83 1.76 35.45
CA THR A 27 -13.73 2.75 34.35
C THR A 27 -12.91 2.12 33.24
N THR A 28 -13.44 2.13 32.00
CA THR A 28 -12.70 1.57 30.86
C THR A 28 -11.68 2.58 30.39
N GLU A 29 -10.80 2.19 29.46
CA GLU A 29 -9.73 3.10 28.99
C GLU A 29 -10.30 4.13 28.02
N ALA A 30 -9.94 5.40 28.18
CA ALA A 30 -10.38 6.44 27.27
C ALA A 30 -9.67 6.28 25.93
N LYS A 31 -10.35 6.72 24.87
CA LYS A 31 -9.80 6.60 23.52
C LYS A 31 -9.94 7.95 22.83
N PHE A 32 -8.82 8.62 22.62
CA PHE A 32 -8.83 10.01 22.17
C PHE A 32 -9.05 10.11 20.68
N TRP A 33 -9.85 11.08 20.28
CA TRP A 33 -10.12 11.33 18.88
C TRP A 33 -9.96 12.83 18.65
N GLN A 34 -9.83 13.25 17.39
CA GLN A 34 -9.70 14.66 17.07
C GLN A 34 -10.82 15.09 16.12
N THR A 35 -11.61 16.09 16.54
CA THR A 35 -12.77 16.51 15.73
C THR A 35 -12.83 18.02 15.67
N ASP A 36 -13.81 18.56 14.94
CA ASP A 36 -14.03 20.04 14.89
C ASP A 36 -15.31 20.33 15.66
N PHE A 37 -15.38 21.45 16.39
CA PHE A 37 -16.56 21.72 17.25
C PHE A 37 -17.80 21.86 16.36
N LEU A 38 -17.69 22.61 15.26
CA LEU A 38 -18.88 22.86 14.39
C LEU A 38 -19.44 21.51 13.92
N LYS A 39 -18.58 20.58 13.51
CA LYS A 39 -19.03 19.23 13.07
C LYS A 39 -18.38 18.19 13.99
N ARG A 40 -18.94 18.00 15.19
CA ARG A 40 -18.30 17.06 16.17
C ARG A 40 -19.13 15.77 16.28
N HIS A 41 -20.36 15.77 15.74
CA HIS A 41 -21.24 14.58 15.90
C HIS A 41 -21.03 13.62 14.73
N THR A 42 -20.10 13.94 13.82
CA THR A 42 -19.79 13.05 12.68
C THR A 42 -18.29 12.92 12.52
N PHE A 43 -17.57 14.05 12.47
CA PHE A 43 -16.09 14.02 12.29
C PHE A 43 -15.47 13.30 13.49
N LYS A 44 -14.54 12.38 13.21
CA LYS A 44 -13.83 11.66 14.30
C LYS A 44 -12.52 11.07 13.74
N LEU A 45 -11.55 11.94 13.42
CA LEU A 45 -10.27 11.49 12.83
C LEU A 45 -9.39 10.88 13.95
N PRO A 46 -8.60 9.81 13.70
CA PRO A 46 -7.70 9.28 14.73
C PRO A 46 -6.66 10.31 15.11
N LEU A 47 -6.24 10.25 16.37
CA LEU A 47 -5.23 11.15 16.90
C LEU A 47 -4.04 10.30 17.34
N LEU A 48 -2.92 10.50 16.71
CA LEU A 48 -1.83 9.55 16.98
C LEU A 48 -0.72 10.17 17.81
N ILE A 49 0.16 9.35 18.32
CA ILE A 49 1.27 9.70 19.18
C ILE A 49 2.50 9.89 18.29
N THR A 50 2.80 11.14 17.96
CA THR A 50 3.99 11.43 17.18
C THR A 50 5.22 11.54 18.09
N ASP A 51 6.39 11.40 17.49
CA ASP A 51 7.66 11.47 18.19
C ASP A 51 8.42 12.72 17.81
N LYS A 52 9.17 13.27 18.75
CA LYS A 52 10.06 14.40 18.49
C LYS A 52 11.36 14.17 19.24
N ALA A 53 12.39 14.91 18.84
CA ALA A 53 13.68 14.86 19.53
C ALA A 53 13.85 16.12 20.36
N VAL A 54 13.88 15.98 21.68
CA VAL A 54 14.16 17.09 22.57
C VAL A 54 15.61 16.99 23.00
N LEU A 55 16.13 18.08 23.56
CA LEU A 55 17.48 18.12 24.08
C LEU A 55 17.41 18.36 25.58
N ALA A 56 18.29 17.69 26.32
CA ALA A 56 18.25 17.76 27.78
C ALA A 56 18.67 19.14 28.26
N SER A 57 17.80 19.77 29.05
CA SER A 57 18.06 21.12 29.52
C SER A 57 19.03 21.15 30.69
N LYS A 58 19.18 20.03 31.41
CA LYS A 58 20.03 19.87 32.60
C LYS A 58 19.74 20.96 33.63
N GLY A 59 18.52 20.94 34.14
CA GLY A 59 18.01 22.04 34.93
C GLY A 59 17.67 21.73 36.38
N HIS A 60 18.51 20.97 37.07
CA HIS A 60 18.29 20.66 38.48
C HIS A 60 19.28 21.46 39.33
N GLU A 61 19.06 21.44 40.64
CA GLU A 61 20.02 22.07 41.54
C GLU A 61 21.30 21.26 41.56
N MET A 62 22.43 21.96 41.51
CA MET A 62 23.72 21.30 41.48
C MET A 62 24.74 22.34 41.95
N PRO A 63 25.79 21.95 42.66
CA PRO A 63 26.65 22.92 43.32
C PRO A 63 27.40 23.81 42.29
N PRO A 64 27.69 25.06 42.66
CA PRO A 64 28.10 26.05 41.64
C PRO A 64 29.52 25.90 41.10
N ASP A 65 30.24 24.86 41.51
CA ASP A 65 31.58 24.65 41.00
C ASP A 65 31.59 23.81 39.72
N LYS A 66 30.74 22.79 39.66
CA LYS A 66 30.80 21.78 38.62
C LYS A 66 29.84 22.04 37.45
N LEU A 67 29.15 23.19 37.42
CA LEU A 67 28.07 23.43 36.47
C LEU A 67 28.51 23.42 35.02
N GLU A 68 29.79 23.70 34.75
CA GLU A 68 30.30 23.67 33.38
C GLU A 68 30.34 22.25 32.81
N LYS A 69 30.34 21.22 33.65
CA LYS A 69 30.32 19.85 33.15
C LYS A 69 28.97 19.51 32.52
N GLU A 70 27.91 19.56 33.32
CA GLU A 70 26.58 19.23 32.80
C GLU A 70 25.81 20.47 32.34
N ILE A 71 26.45 21.30 31.52
CA ILE A 71 25.72 22.31 30.74
C ILE A 71 26.20 22.21 29.29
N MET A 72 27.43 21.76 29.10
CA MET A 72 28.06 21.75 27.80
C MET A 72 28.09 20.38 27.15
N ASP A 73 27.46 19.38 27.75
CA ASP A 73 27.34 18.05 27.14
C ASP A 73 25.88 17.59 27.24
N PRO A 74 25.01 18.08 26.36
CA PRO A 74 23.63 17.58 26.33
C PRO A 74 23.47 16.40 25.38
N ASN A 75 22.42 15.62 25.63
CA ASN A 75 22.14 14.47 24.79
C ASN A 75 20.68 14.50 24.35
N PRO A 76 20.40 14.12 23.11
CA PRO A 76 19.01 14.13 22.64
C PRO A 76 18.22 12.96 23.19
N GLN A 77 16.93 13.23 23.45
CA GLN A 77 16.03 12.17 23.98
C GLN A 77 14.77 12.15 23.10
N LYS A 78 14.46 11.00 22.50
CA LYS A 78 13.22 10.90 21.67
C LYS A 78 12.02 10.99 22.62
N SER A 79 11.20 12.06 22.46
CA SER A 79 10.05 12.27 23.38
C SER A 79 8.73 12.15 22.61
N GLN A 80 7.89 11.16 22.97
CA GLN A 80 6.57 11.04 22.31
C GLN A 80 5.70 12.23 22.76
N SER A 81 5.10 12.94 21.79
CA SER A 81 4.25 14.10 22.12
C SER A 81 2.95 14.03 21.30
N CYS A 82 1.80 14.25 21.93
CA CYS A 82 0.50 14.17 21.23
C CYS A 82 -0.01 15.59 20.95
N THR A 83 -0.32 15.90 19.69
CA THR A 83 -0.82 17.24 19.32
C THR A 83 -1.90 17.11 18.28
N LEU A 84 -2.82 18.07 18.25
CA LEU A 84 -3.92 18.02 17.30
C LEU A 84 -3.47 18.43 15.91
N SER A 85 -4.34 18.19 14.93
CA SER A 85 -4.07 18.62 13.58
C SER A 85 -4.28 20.13 13.43
N THR A 86 -3.82 20.65 12.30
CA THR A 86 -4.08 22.05 11.99
C THR A 86 -5.54 22.27 11.64
N GLU A 87 -6.20 21.26 11.07
CA GLU A 87 -7.59 21.38 10.63
C GLU A 87 -8.60 21.16 11.75
N CYS A 88 -8.26 20.33 12.74
CA CYS A 88 -9.17 20.01 13.83
C CYS A 88 -8.71 20.68 15.11
N ASP A 89 -9.68 21.11 15.93
CA ASP A 89 -9.37 21.93 17.08
C ASP A 89 -10.05 21.47 18.37
N THR A 90 -10.66 20.28 18.38
CA THR A 90 -11.24 19.71 19.59
C THR A 90 -10.75 18.30 19.82
N LEU A 91 -10.56 17.97 21.09
CA LEU A 91 -10.23 16.61 21.52
C LEU A 91 -11.51 15.94 22.01
N ARG A 92 -11.69 14.69 21.62
CA ARG A 92 -12.84 13.88 21.97
C ARG A 92 -12.38 12.72 22.85
N ILE A 93 -12.66 12.82 24.14
CA ILE A 93 -12.34 11.77 25.09
C ILE A 93 -13.58 10.90 25.28
N ASP A 94 -13.52 9.68 24.76
CA ASP A 94 -14.60 8.70 24.91
C ASP A 94 -14.14 7.63 25.90
N PHE A 95 -14.86 7.52 27.02
CA PHE A 95 -14.61 6.41 27.92
C PHE A 95 -15.92 5.79 28.40
N GLY A 96 -15.80 4.60 28.95
CA GLY A 96 -16.91 3.84 29.48
C GLY A 96 -16.81 3.59 30.96
N ILE A 97 -17.93 3.21 31.55
CA ILE A 97 -18.06 2.96 32.98
C ILE A 97 -18.97 1.76 33.16
N LYS A 98 -18.56 0.80 33.97
CA LYS A 98 -19.40 -0.33 34.35
C LYS A 98 -19.49 -0.34 35.87
N VAL A 99 -20.70 -0.22 36.39
CA VAL A 99 -20.89 -0.22 37.84
C VAL A 99 -21.77 -1.41 38.25
N LEU A 100 -21.37 -2.00 39.38
CA LEU A 100 -21.87 -3.21 40.02
C LEU A 100 -22.19 -2.87 41.47
N PRO A 101 -23.11 -3.57 42.14
CA PRO A 101 -23.39 -3.23 43.54
C PRO A 101 -22.31 -3.68 44.52
N VAL A 102 -22.15 -2.86 45.57
CA VAL A 102 -21.06 -3.03 46.53
C VAL A 102 -21.31 -4.25 47.42
N LYS A 103 -22.58 -4.52 47.73
CA LYS A 103 -22.92 -5.70 48.56
C LYS A 103 -22.37 -6.95 47.84
N GLU A 104 -22.22 -6.88 46.52
CA GLU A 104 -21.72 -8.05 45.74
C GLU A 104 -20.23 -7.85 45.42
N SER A 105 -19.67 -6.69 45.77
CA SER A 105 -18.24 -6.40 45.46
C SER A 105 -17.33 -7.11 46.47
N MET A 106 -17.91 -7.69 47.53
CA MET A 106 -17.10 -8.44 48.52
C MET A 106 -16.67 -9.76 47.88
N TYR A 107 -15.65 -9.72 47.02
CA TYR A 107 -15.21 -10.94 46.28
C TYR A 107 -14.75 -12.01 47.28
N SER A 108 -14.03 -11.61 48.34
CA SER A 108 -13.49 -12.61 49.28
C SER A 108 -13.76 -12.21 50.73
N CYS A 109 -14.17 -13.15 51.58
CA CYS A 109 -14.38 -12.87 53.03
C CYS A 109 -14.05 -14.14 53.83
N SER A 110 -13.62 -13.99 55.08
CA SER A 110 -13.20 -15.13 55.89
C SER A 110 -14.24 -15.52 56.93
N ASP A 111 -14.63 -14.59 57.80
CA ASP A 111 -15.57 -14.89 58.87
C ASP A 111 -16.98 -14.45 58.49
N TYR A 112 -17.94 -15.36 58.67
CA TYR A 112 -19.31 -15.09 58.27
C TYR A 112 -20.01 -14.13 59.23
N ASN A 113 -19.55 -14.06 60.49
CA ASN A 113 -20.07 -13.05 61.42
C ASN A 113 -19.73 -11.64 60.96
N TYR A 114 -18.49 -11.46 60.46
CA TYR A 114 -18.07 -10.18 59.93
C TYR A 114 -18.87 -9.81 58.69
N ARG A 115 -19.11 -10.82 57.83
CA ARG A 115 -19.83 -10.61 56.58
C ARG A 115 -21.28 -10.22 56.86
N THR A 116 -21.90 -10.86 57.86
CA THR A 116 -23.24 -10.48 58.29
C THR A 116 -23.24 -9.06 58.86
N ALA A 117 -22.19 -8.70 59.62
CA ALA A 117 -22.12 -7.36 60.20
C ALA A 117 -21.95 -6.27 59.14
N ILE A 118 -21.10 -6.50 58.13
CA ILE A 118 -20.91 -5.49 57.10
C ILE A 118 -22.11 -5.43 56.16
N TYR A 119 -22.80 -6.57 55.94
CA TYR A 119 -24.05 -6.55 55.19
C TYR A 119 -25.12 -5.75 55.93
N GLN A 120 -25.19 -5.92 57.25
CA GLN A 120 -26.15 -5.17 58.06
C GLN A 120 -25.82 -3.68 58.09
N LYS A 121 -24.53 -3.32 58.12
CA LYS A 121 -24.16 -1.92 58.17
C LYS A 121 -24.37 -1.23 56.82
N ILE A 122 -24.10 -1.94 55.72
CA ILE A 122 -24.37 -1.39 54.40
C ILE A 122 -25.88 -1.26 54.19
N ASP A 123 -26.66 -2.20 54.72
CA ASP A 123 -28.12 -2.07 54.68
C ASP A 123 -28.61 -0.96 55.59
N GLU A 124 -27.90 -0.67 56.68
CA GLU A 124 -28.27 0.44 57.55
C GLU A 124 -28.00 1.78 56.87
N TYR A 125 -26.93 1.88 56.08
CA TYR A 125 -26.72 3.12 55.36
C TYR A 125 -27.71 3.20 54.19
N ILE A 126 -28.09 2.04 53.64
CA ILE A 126 -28.86 1.99 52.40
C ILE A 126 -30.30 2.46 52.60
N ALA A 127 -30.80 2.45 53.84
CA ALA A 127 -32.10 3.00 54.16
C ALA A 127 -32.01 4.35 54.88
N GLU A 128 -30.80 4.85 55.09
CA GLU A 128 -30.55 6.15 55.70
C GLU A 128 -30.40 7.25 54.67
N ASP A 129 -29.46 7.05 53.74
CA ASP A 129 -29.23 8.01 52.62
C ASP A 129 -29.38 7.25 51.31
N GLY A 130 -28.99 5.97 51.30
CA GLY A 130 -29.14 5.16 50.10
C GLY A 130 -28.21 5.54 48.96
N PHE A 131 -26.95 5.86 49.28
CA PHE A 131 -25.87 6.07 48.31
C PHE A 131 -26.17 7.19 47.32
N LEU A 132 -26.88 8.21 47.79
CA LEU A 132 -27.24 9.29 46.90
C LEU A 132 -26.11 10.30 46.80
N THR A 133 -25.63 10.79 47.96
CA THR A 133 -24.60 11.82 48.03
C THR A 133 -23.29 11.32 47.40
N LEU A 134 -22.96 10.05 47.62
CA LEU A 134 -21.89 9.37 46.90
C LEU A 134 -22.09 9.42 45.39
N ALA A 135 -23.30 9.16 44.92
CA ALA A 135 -23.55 9.18 43.48
C ALA A 135 -23.51 10.60 42.93
N LYS A 136 -24.05 11.58 43.69
CA LYS A 136 -23.94 12.99 43.33
C LYS A 136 -22.49 13.41 43.16
N ARG A 137 -21.62 13.00 44.08
CA ARG A 137 -20.22 13.41 44.01
C ARG A 137 -19.47 12.67 42.89
N TYR A 138 -19.74 11.36 42.73
CA TYR A 138 -19.05 10.57 41.72
C TYR A 138 -19.39 11.01 40.30
N VAL A 139 -20.67 11.27 40.02
CA VAL A 139 -21.04 11.80 38.71
C VAL A 139 -20.89 13.32 38.65
N ASN A 140 -20.69 13.97 39.79
CA ASN A 140 -20.38 15.40 39.77
C ASN A 140 -18.97 15.60 39.25
N ASN A 141 -18.05 14.69 39.61
CA ASN A 141 -16.71 14.69 39.02
C ASN A 141 -16.72 14.44 37.51
N ILE A 142 -17.72 13.70 37.01
CA ILE A 142 -17.97 13.65 35.58
C ILE A 142 -18.42 15.02 35.09
N ALA A 143 -19.30 15.69 35.85
CA ALA A 143 -19.86 16.97 35.44
C ALA A 143 -18.81 18.09 35.41
N ASN A 144 -17.87 18.12 36.36
CA ASN A 144 -16.80 19.11 36.29
C ASN A 144 -15.74 18.79 35.25
N ALA A 145 -15.74 17.56 34.72
CA ALA A 145 -14.73 17.05 33.78
C ALA A 145 -13.31 17.15 34.35
N ARG A 146 -13.11 16.55 35.52
CA ARG A 146 -11.78 16.40 36.10
C ARG A 146 -11.03 15.22 35.48
N PHE A 147 -11.71 14.42 34.65
CA PHE A 147 -11.09 13.36 33.84
C PHE A 147 -10.37 13.90 32.59
N LEU A 148 -10.04 15.19 32.62
CA LEU A 148 -9.24 15.89 31.61
C LEU A 148 -8.14 16.68 32.32
N TRP A 149 -7.39 15.98 33.20
CA TRP A 149 -6.55 16.51 34.27
C TRP A 149 -5.76 17.78 33.96
N ARG A 150 -4.92 17.73 32.94
CA ARG A 150 -4.22 18.91 32.47
C ARG A 150 -4.67 19.32 31.07
N ASN A 151 -5.65 18.61 30.50
CA ASN A 151 -6.24 18.97 29.21
C ASN A 151 -7.30 20.05 29.33
N ARG A 152 -7.64 20.50 30.53
CA ARG A 152 -8.71 21.47 30.73
C ARG A 152 -8.25 22.82 31.25
N LYS A 153 -6.94 23.06 31.38
CA LYS A 153 -6.46 24.32 31.94
C LYS A 153 -6.72 25.52 31.04
N GLY A 154 -7.05 25.30 29.77
CA GLY A 154 -7.58 26.35 28.92
C GLY A 154 -8.41 25.78 27.80
N ALA A 155 -9.66 26.23 27.70
CA ALA A 155 -10.59 25.79 26.66
C ALA A 155 -11.74 26.78 26.58
N GLU A 156 -12.69 26.52 25.70
CA GLU A 156 -13.85 27.40 25.56
C GLU A 156 -15.15 26.72 25.97
N ILE A 157 -15.55 25.63 25.32
CA ILE A 157 -16.78 24.90 25.66
C ILE A 157 -16.40 23.44 25.81
N ILE A 158 -16.21 22.99 27.05
CA ILE A 158 -15.94 21.58 27.33
C ILE A 158 -17.30 20.92 27.58
N GLU A 159 -17.78 20.19 26.58
CA GLU A 159 -19.11 19.60 26.60
C GLU A 159 -19.00 18.12 26.98
N THR A 160 -19.67 17.73 28.05
CA THR A 160 -19.73 16.33 28.48
C THR A 160 -21.12 15.78 28.19
N ILE A 161 -21.18 14.74 27.38
CA ILE A 161 -22.44 14.10 26.99
C ILE A 161 -22.39 12.67 27.52
N VAL A 162 -23.36 12.31 28.36
CA VAL A 162 -23.36 11.04 29.06
C VAL A 162 -24.55 10.23 28.57
N THR A 163 -24.30 8.96 28.23
CA THR A 163 -25.33 8.08 27.68
C THR A 163 -25.48 6.85 28.57
N ILE A 164 -26.71 6.58 28.99
CA ILE A 164 -27.04 5.40 29.79
C ILE A 164 -27.89 4.50 28.91
N GLU A 165 -27.45 3.25 28.74
CA GLU A 165 -28.07 2.24 27.89
C GLU A 165 -28.16 2.75 26.46
N ASP A 166 -29.34 3.24 26.07
CA ASP A 166 -29.52 3.88 24.78
C ASP A 166 -30.02 5.31 24.94
N LYS A 167 -30.16 5.81 26.17
CA LYS A 167 -30.67 7.15 26.42
C LYS A 167 -29.52 8.12 26.59
N GLU A 168 -29.47 9.15 25.73
CA GLU A 168 -28.41 10.18 25.83
C GLU A 168 -28.89 11.32 26.73
N TYR A 169 -28.36 11.40 27.95
CA TYR A 169 -28.78 12.46 28.92
C TYR A 169 -28.25 13.82 28.41
N PRO A 170 -28.91 14.94 28.76
CA PRO A 170 -28.48 16.25 28.28
C PRO A 170 -27.00 16.53 28.47
N SER A 171 -26.37 17.16 27.48
CA SER A 171 -24.91 17.49 27.58
C SER A 171 -24.70 18.51 28.71
N PHE A 172 -23.52 18.47 29.36
CA PHE A 172 -23.25 19.37 30.51
C PHE A 172 -22.05 20.25 30.20
N ASN A 173 -22.25 21.58 30.20
CA ASN A 173 -21.10 22.50 30.01
C ASN A 173 -20.26 22.47 31.30
N SER A 174 -19.09 21.84 31.27
CA SER A 174 -18.30 21.67 32.48
C SER A 174 -17.70 22.97 32.97
N LYS A 175 -17.55 23.98 32.10
CA LYS A 175 -16.97 25.26 32.53
C LYS A 175 -18.02 26.21 33.07
N SER A 176 -18.85 25.70 33.99
CA SER A 176 -19.72 26.48 34.84
C SER A 176 -19.77 25.91 36.24
N PHE A 177 -19.19 24.74 36.48
CA PHE A 177 -19.17 24.08 37.78
C PHE A 177 -17.76 24.16 38.33
N ASN A 178 -17.61 24.71 39.54
CA ASN A 178 -16.30 24.81 40.16
C ASN A 178 -15.82 23.45 40.62
N LEU A 179 -14.50 23.23 40.49
CA LEU A 179 -13.91 21.94 40.88
C LEU A 179 -13.87 21.74 42.39
N ASP A 180 -13.91 22.81 43.17
CA ASP A 180 -13.83 22.71 44.62
C ASP A 180 -15.20 22.76 45.30
N THR A 181 -16.25 23.14 44.57
CA THR A 181 -17.60 23.25 45.13
C THR A 181 -18.49 22.25 44.43
N PHE A 182 -18.94 21.24 45.17
CA PHE A 182 -19.87 20.26 44.65
C PHE A 182 -21.29 20.82 44.70
N VAL A 183 -21.99 20.76 43.57
CA VAL A 183 -23.33 21.29 43.45
C VAL A 183 -24.33 20.14 43.51
N GLU A 184 -25.37 20.29 44.35
CA GLU A 184 -26.46 19.34 44.40
C GLU A 184 -27.77 20.10 44.21
N ASP A 185 -28.02 20.57 42.99
CA ASP A 185 -29.33 21.08 42.59
C ASP A 185 -29.72 20.68 41.17
N ASN A 186 -28.84 20.05 40.40
CA ASN A 186 -29.08 19.86 38.98
C ASN A 186 -29.94 18.62 38.75
N ALA A 187 -31.00 18.77 37.95
CA ALA A 187 -31.95 17.69 37.76
C ALA A 187 -31.38 16.57 36.90
N THR A 188 -30.53 16.91 35.93
CA THR A 188 -29.80 15.88 35.18
C THR A 188 -28.87 15.10 36.11
N ILE A 189 -28.15 15.83 36.97
CA ILE A 189 -27.24 15.24 37.95
C ILE A 189 -28.04 14.42 38.96
N ASN A 190 -29.22 14.90 39.35
CA ASN A 190 -30.08 14.18 40.28
C ASN A 190 -30.61 12.87 39.69
N GLU A 191 -31.06 12.90 38.44
CA GLU A 191 -31.60 11.69 37.80
C GLU A 191 -30.51 10.65 37.59
N ILE A 192 -29.34 11.10 37.08
CA ILE A 192 -28.22 10.19 36.88
C ILE A 192 -27.66 9.67 38.20
N ALA A 193 -27.71 10.49 39.27
CA ALA A 193 -27.26 10.02 40.58
C ALA A 193 -28.25 9.04 41.18
N GLN A 194 -29.54 9.20 40.89
CA GLN A 194 -30.52 8.22 41.32
C GLN A 194 -30.30 6.89 40.59
N GLN A 195 -29.91 6.93 39.32
CA GLN A 195 -29.58 5.71 38.59
C GLN A 195 -28.37 4.99 39.19
N ILE A 196 -27.27 5.72 39.44
CA ILE A 196 -26.10 5.10 40.05
C ILE A 196 -26.38 4.66 41.49
N ALA A 197 -27.24 5.38 42.22
CA ALA A 197 -27.58 5.00 43.59
C ALA A 197 -28.40 3.73 43.64
N ASP A 198 -29.40 3.60 42.76
CA ASP A 198 -30.20 2.39 42.75
C ASP A 198 -29.43 1.19 42.21
N THR A 199 -28.50 1.40 41.28
CA THR A 199 -27.67 0.28 40.84
C THR A 199 -26.50 0.01 41.78
N PHE A 200 -26.20 0.92 42.70
CA PHE A 200 -25.25 0.69 43.79
C PHE A 200 -25.90 0.07 45.00
N ALA A 201 -27.22 0.19 45.11
CA ALA A 201 -27.93 -0.39 46.24
C ALA A 201 -28.08 -1.90 46.09
N GLY A 202 -28.29 -2.37 44.87
CA GLY A 202 -28.68 -3.73 44.61
C GLY A 202 -30.05 -3.85 43.98
N LYS A 203 -30.76 -2.74 43.79
CA LYS A 203 -32.02 -2.76 43.07
C LYS A 203 -31.82 -3.10 41.60
N ARG A 204 -30.66 -2.72 41.05
CA ARG A 204 -30.20 -3.19 39.75
C ARG A 204 -28.89 -3.93 39.97
N GLU A 205 -28.46 -4.67 38.94
CA GLU A 205 -27.26 -5.49 39.05
C GLU A 205 -26.13 -5.04 38.15
N TYR A 206 -26.36 -4.08 37.26
CA TYR A 206 -25.36 -3.59 36.33
C TYR A 206 -25.82 -2.24 35.81
N LEU A 207 -24.87 -1.35 35.54
CA LEU A 207 -25.20 -0.14 34.78
C LEU A 207 -23.98 0.30 33.99
N ASN A 208 -24.14 0.39 32.67
CA ASN A 208 -23.13 0.92 31.78
C ASN A 208 -23.38 2.41 31.53
N ILE A 209 -22.31 3.20 31.57
CA ILE A 209 -22.38 4.65 31.41
C ILE A 209 -21.28 5.01 30.43
N TYR A 210 -21.65 5.54 29.27
CA TYR A 210 -20.66 5.89 28.25
C TYR A 210 -20.60 7.40 28.13
N VAL A 211 -19.41 7.96 28.32
CA VAL A 211 -19.25 9.40 28.39
C VAL A 211 -18.36 9.84 27.24
N THR A 212 -18.85 10.82 26.48
CA THR A 212 -18.09 11.44 25.40
C THR A 212 -17.92 12.90 25.74
N CYS A 213 -16.67 13.36 25.76
CA CYS A 213 -16.36 14.73 26.12
C CYS A 213 -15.63 15.42 24.97
N PHE A 214 -16.09 16.62 24.62
CA PHE A 214 -15.47 17.45 23.60
C PHE A 214 -14.83 18.65 24.27
N VAL A 215 -13.56 18.90 23.98
CA VAL A 215 -12.85 20.05 24.56
C VAL A 215 -12.18 20.84 23.46
N LYS A 216 -12.40 22.16 23.46
CA LYS A 216 -11.83 23.09 22.48
C LYS A 216 -10.51 23.61 22.99
N ILE A 217 -9.45 22.82 22.79
CA ILE A 217 -8.13 23.30 23.20
C ILE A 217 -7.54 24.26 22.17
N GLY A 218 -8.07 24.30 20.96
CA GLY A 218 -7.59 25.18 19.92
C GLY A 218 -6.94 24.41 18.78
N CYS A 219 -6.80 25.10 17.65
CA CYS A 219 -6.14 24.52 16.48
C CYS A 219 -4.67 24.28 16.77
N ALA A 220 -4.21 23.06 16.47
CA ALA A 220 -2.84 22.57 16.53
C ALA A 220 -2.27 22.50 17.95
N MET A 221 -3.08 22.78 18.96
CA MET A 221 -2.53 22.83 20.35
C MET A 221 -2.23 21.41 20.84
N GLU A 222 -1.80 21.25 22.08
CA GLU A 222 -1.30 19.98 22.58
C GLU A 222 -2.35 19.27 23.42
N VAL A 223 -2.52 17.99 23.13
CA VAL A 223 -3.36 17.08 23.90
C VAL A 223 -2.43 16.26 24.78
N TYR A 224 -2.74 16.18 26.07
CA TYR A 224 -1.84 15.48 26.99
C TYR A 224 -2.47 14.15 27.37
N PRO A 225 -1.96 13.03 26.86
CA PRO A 225 -2.46 11.73 27.33
C PRO A 225 -1.63 11.15 28.49
N SER A 226 -2.04 9.99 28.98
CA SER A 226 -1.38 9.38 30.13
C SER A 226 -0.01 8.85 29.76
N GLN A 227 1.00 9.16 30.57
CA GLN A 227 2.36 8.72 30.32
C GLN A 227 2.51 7.28 30.79
N GLU A 228 3.04 6.43 29.91
CA GLU A 228 3.30 5.05 30.27
C GLU A 228 4.49 4.97 31.21
N MET A 229 4.36 4.17 32.27
CA MET A 229 5.51 3.97 33.20
C MET A 229 6.54 3.08 32.49
N THR A 230 7.61 3.67 31.95
CA THR A 230 8.60 2.90 31.18
C THR A 230 9.31 1.89 32.05
N PHE A 231 9.81 2.32 33.22
CA PHE A 231 10.61 1.40 34.08
C PHE A 231 11.72 0.79 33.23
N ASP A 232 12.31 1.57 32.33
CA ASP A 232 13.35 1.04 31.41
C ASP A 232 14.23 2.19 30.91
N ASP A 233 15.49 1.91 30.58
CA ASP A 233 16.40 2.98 30.05
C ASP A 233 17.31 2.36 28.99
N ASP A 235 16.74 4.85 27.38
CA ASP A 235 15.68 5.66 26.80
C ASP A 235 15.62 7.01 27.49
N LYS A 236 15.08 6.99 28.72
CA LYS A 236 14.77 8.17 29.52
C LYS A 236 13.98 9.21 28.73
N GLY A 237 12.87 8.75 28.17
CA GLY A 237 12.06 9.58 27.31
C GLY A 237 10.59 9.53 27.70
N LYS A 238 9.90 10.62 27.41
CA LYS A 238 8.46 10.69 27.64
C LYS A 238 7.75 9.77 26.65
N LYS A 239 7.09 8.74 27.17
CA LYS A 239 6.41 7.73 26.35
C LYS A 239 4.94 7.69 26.76
N LEU A 240 4.07 8.08 25.83
CA LEU A 240 2.62 8.17 26.14
C LEU A 240 1.93 6.81 25.92
N PHE A 241 0.64 6.74 26.24
CA PHE A 241 -0.13 5.48 26.08
C PHE A 241 -0.77 5.45 24.70
N LYS A 242 -0.36 4.49 23.87
CA LYS A 242 -0.94 4.38 22.50
C LYS A 242 -1.96 3.22 22.49
N PHE A 243 -3.24 3.54 22.72
CA PHE A 243 -4.31 2.51 22.73
C PHE A 243 -4.86 2.34 21.32
N GLU A 244 -4.66 1.16 20.73
CA GLU A 244 -5.18 0.93 19.36
C GLU A 244 -4.65 2.05 18.48
N GLY A 245 -3.35 2.31 18.52
CA GLY A 245 -2.74 3.33 17.68
C GLY A 245 -3.11 4.75 18.02
N SER A 246 -3.90 4.97 19.06
CA SER A 246 -4.40 6.29 19.40
C SER A 246 -4.11 6.60 20.86
N ALA A 247 -4.16 7.89 21.19
CA ALA A 247 -3.94 8.36 22.54
C ALA A 247 -5.11 7.95 23.45
N GLY A 248 -4.81 7.90 24.75
CA GLY A 248 -5.84 7.64 25.72
C GLY A 248 -5.28 7.74 27.12
N MET A 249 -6.18 7.77 28.10
CA MET A 249 -5.77 7.79 29.49
C MET A 249 -5.72 6.36 30.01
N HIS A 250 -4.77 6.13 30.91
CA HIS A 250 -4.75 4.94 31.74
C HIS A 250 -5.98 5.04 32.63
N SER A 251 -6.93 4.10 32.46
CA SER A 251 -8.21 4.03 33.16
C SER A 251 -8.16 4.25 34.67
N GLN A 252 -7.04 3.84 35.27
CA GLN A 252 -6.65 4.14 36.65
C GLN A 252 -6.71 5.64 36.96
N LYS A 253 -6.13 6.47 36.08
CA LYS A 253 -6.21 7.93 36.21
C LYS A 253 -7.63 8.42 36.13
N ILE A 254 -8.43 7.84 35.23
CA ILE A 254 -9.83 8.21 35.06
C ILE A 254 -10.63 7.94 36.32
N ASN A 255 -10.42 6.76 36.93
CA ASN A 255 -11.11 6.42 38.17
C ASN A 255 -10.63 7.29 39.32
N ASN A 256 -9.35 7.69 39.33
CA ASN A 256 -8.87 8.56 40.38
C ASN A 256 -9.44 9.97 40.20
N ALA A 257 -9.66 10.38 38.95
CA ALA A 257 -10.27 11.68 38.68
C ALA A 257 -11.72 11.71 39.12
N LEU A 258 -12.47 10.66 38.82
CA LEU A 258 -13.85 10.56 39.27
C LEU A 258 -13.96 10.33 40.77
N ARG A 259 -12.88 9.91 41.41
CA ARG A 259 -12.88 9.50 42.81
C ARG A 259 -12.68 10.68 43.78
N THR A 260 -12.27 11.85 43.30
CA THR A 260 -11.95 12.99 44.16
C THR A 260 -13.23 13.60 44.73
N ILE A 261 -13.73 13.00 45.80
CA ILE A 261 -15.02 13.36 46.38
C ILE A 261 -14.91 13.71 47.87
N ASP A 262 -13.73 13.45 48.45
CA ASP A 262 -13.55 13.63 49.92
C ASP A 262 -13.49 15.06 50.37
N THR A 263 -14.60 15.57 50.93
CA THR A 263 -14.60 16.94 51.49
C THR A 263 -14.84 16.81 52.97
N TRP A 264 -14.56 15.63 53.55
CA TRP A 264 -14.83 15.40 54.98
C TRP A 264 -13.54 15.08 55.74
N TYR A 265 -12.39 15.18 55.05
CA TYR A 265 -11.09 14.89 55.71
C TYR A 265 -10.86 15.93 56.82
N PRO A 266 -10.24 15.53 57.95
CA PRO A 266 -10.04 16.44 59.07
C PRO A 266 -9.30 17.69 58.63
N ASP A 267 -9.64 18.84 59.23
CA ASP A 267 -9.00 20.13 58.85
C ASP A 267 -9.35 20.45 57.38
N TYR A 268 -10.62 20.81 57.13
CA TYR A 268 -11.02 21.21 55.75
C TYR A 268 -11.17 22.72 55.70
N THR A 269 -11.71 23.33 56.76
CA THR A 269 -11.93 24.76 56.78
C THR A 269 -10.70 25.54 56.32
N THR A 270 -9.51 24.98 56.49
CA THR A 270 -8.29 25.70 56.16
C THR A 270 -7.82 25.47 54.72
N TYR A 271 -8.08 24.30 54.15
CA TYR A 271 -7.46 23.94 52.88
C TYR A 271 -8.41 24.09 51.69
N GLU A 272 -9.64 23.58 51.82
CA GLU A 272 -10.78 23.83 50.91
C GLU A 272 -10.47 23.36 49.48
N PHE A 273 -10.26 22.04 49.34
CA PHE A 273 -10.04 21.37 48.05
C PHE A 273 -10.25 19.86 48.19
N PRO A 274 -10.98 19.24 47.26
CA PRO A 274 -11.29 17.81 47.39
C PRO A 274 -10.14 16.90 46.96
N ILE A 275 -9.95 15.83 47.71
CA ILE A 275 -8.86 14.85 47.54
C ILE A 275 -9.42 13.46 47.22
N PRO A 276 -8.70 12.64 46.44
CA PRO A 276 -9.21 11.30 46.11
C PRO A 276 -9.18 10.38 47.31
N VAL A 277 -10.10 9.42 47.34
CA VAL A 277 -10.25 8.58 48.52
C VAL A 277 -9.22 7.43 48.47
N GLU A 278 -8.38 7.37 49.49
CA GLU A 278 -7.54 6.20 49.78
C GLU A 278 -7.74 5.85 51.25
N ASN A 279 -6.87 4.97 51.76
CA ASN A 279 -7.02 4.45 53.11
C ASN A 279 -6.61 5.45 54.17
N TYR A 280 -5.36 5.89 54.15
CA TYR A 280 -4.86 6.82 55.15
C TYR A 280 -4.97 8.26 54.68
N GLY A 281 -5.81 8.53 53.68
CA GLY A 281 -6.03 9.87 53.15
C GLY A 281 -4.80 10.48 52.51
N ALA A 282 -4.12 9.71 51.68
CA ALA A 282 -2.88 10.14 51.06
C ALA A 282 -3.16 10.55 49.62
N ALA A 283 -3.32 11.86 49.41
CA ALA A 283 -3.35 12.42 48.06
C ALA A 283 -1.92 12.67 47.62
N ARG A 284 -1.72 12.72 46.30
CA ARG A 284 -0.37 12.85 45.79
C ARG A 284 0.01 14.27 45.42
N SER A 285 -0.87 15.23 45.64
CA SER A 285 -0.47 16.64 45.55
C SER A 285 0.21 17.07 46.84
N ILE A 286 -0.50 16.95 47.96
CA ILE A 286 0.07 17.28 49.27
C ILE A 286 0.73 16.03 49.85
N GLY A 287 2.00 16.17 50.23
CA GLY A 287 2.77 15.02 50.67
C GLY A 287 2.32 14.44 52.01
N ILE A 288 1.96 15.30 52.95
CA ILE A 288 1.54 14.85 54.28
C ILE A 288 0.16 14.20 54.16
N PRO A 289 -0.04 13.00 54.72
CA PRO A 289 -1.36 12.37 54.70
C PRO A 289 -2.38 13.18 55.49
N PHE A 290 -3.56 13.36 54.90
CA PHE A 290 -4.60 14.17 55.54
C PHE A 290 -5.35 13.41 56.61
N ARG A 291 -5.22 12.09 56.64
CA ARG A 291 -6.03 11.25 57.50
C ARG A 291 -5.12 10.26 58.23
N PRO A 292 -4.20 10.75 59.08
CA PRO A 292 -3.23 9.86 59.72
C PRO A 292 -3.75 8.91 60.80
N ASP A 293 -4.41 9.44 61.83
CA ASP A 293 -5.02 8.64 62.88
C ASP A 293 -6.31 9.31 63.31
N THR A 294 -7.16 8.55 64.03
CA THR A 294 -8.53 8.83 64.50
C THR A 294 -9.49 9.40 63.45
N LYS A 295 -9.11 9.27 62.19
CA LYS A 295 -9.90 9.47 60.99
C LYS A 295 -9.16 8.72 59.89
N SER A 296 -9.64 7.54 59.53
CA SER A 296 -9.00 6.69 58.55
C SER A 296 -10.06 5.72 58.06
N PHE A 297 -9.65 4.75 57.26
CA PHE A 297 -10.56 3.64 57.01
C PHE A 297 -10.49 2.63 58.16
N TYR A 298 -9.28 2.20 58.51
CA TYR A 298 -9.07 1.08 59.42
C TYR A 298 -9.57 1.39 60.83
N LYS A 299 -9.40 2.61 61.29
CA LYS A 299 -9.93 3.00 62.60
C LYS A 299 -11.35 3.57 62.51
N LEU A 300 -12.06 3.30 61.42
CA LEU A 300 -13.48 3.61 61.31
C LEU A 300 -14.38 2.39 61.21
N ILE A 301 -13.99 1.36 60.46
CA ILE A 301 -14.68 0.08 60.53
C ILE A 301 -14.46 -0.60 61.87
N ASP A 302 -13.28 -0.43 62.48
CA ASP A 302 -13.08 -0.83 63.88
C ASP A 302 -14.04 -0.05 64.78
N ARG A 303 -14.26 1.22 64.46
CA ARG A 303 -15.18 2.08 65.20
C ARG A 303 -16.61 2.01 64.68
N MET A 304 -16.89 1.14 63.69
CA MET A 304 -18.24 0.81 63.22
C MET A 304 -18.64 -0.62 63.54
N ILE A 305 -17.85 -1.60 63.09
CA ILE A 305 -18.23 -3.01 63.15
C ILE A 305 -17.74 -3.67 64.42
N LEU A 306 -16.46 -3.48 64.74
CA LEU A 306 -15.86 -4.14 65.89
C LEU A 306 -16.45 -3.59 67.19
N LYS A 307 -16.69 -2.29 67.24
CA LYS A 307 -17.41 -1.64 68.33
C LYS A 307 -18.61 -0.94 67.70
N ASN A 308 -19.79 -1.54 67.88
CA ASN A 308 -21.02 -1.02 67.27
C ASN A 308 -21.41 0.32 67.88
N GLU A 309 -21.22 1.38 67.10
CA GLU A 309 -21.43 2.75 67.55
C GLU A 309 -21.70 3.57 66.31
N ASP A 310 -22.70 4.44 66.36
CA ASP A 310 -23.07 5.25 65.17
C ASP A 310 -22.00 6.31 64.94
N LEU A 311 -21.63 6.52 63.70
CA LEU A 311 -20.67 7.59 63.43
C LEU A 311 -21.37 8.75 62.77
N PRO A 312 -20.81 9.98 62.96
CA PRO A 312 -21.20 11.12 62.12
C PRO A 312 -21.25 10.80 60.63
N ILE A 313 -22.25 11.34 59.92
CA ILE A 313 -22.61 10.85 58.60
C ILE A 313 -21.54 11.18 57.55
N GLU A 314 -20.69 12.17 57.80
CA GLU A 314 -19.56 12.46 56.93
C GLU A 314 -18.53 11.32 56.96
N ASP A 315 -18.29 10.78 58.16
CA ASP A 315 -17.40 9.62 58.30
C ASP A 315 -17.95 8.42 57.55
N LYS A 316 -19.27 8.19 57.64
CA LYS A 316 -19.91 7.07 56.95
C LYS A 316 -19.85 7.24 55.45
N HIS A 317 -20.03 8.48 54.96
CA HIS A 317 -19.87 8.78 53.53
C HIS A 317 -18.46 8.46 53.06
N TYR A 318 -17.45 8.83 53.84
CA TYR A 318 -16.06 8.52 53.50
C TYR A 318 -15.79 7.02 53.47
N VAL A 319 -16.24 6.31 54.51
CA VAL A 319 -15.79 4.92 54.64
C VAL A 319 -16.55 4.05 53.64
N MET A 320 -17.79 4.41 53.34
CA MET A 320 -18.48 3.72 52.27
C MET A 320 -18.18 4.31 50.89
N ALA A 321 -17.32 5.34 50.81
CA ALA A 321 -16.71 5.71 49.54
C ALA A 321 -15.50 4.85 49.21
N ILE A 322 -14.65 4.65 50.20
CA ILE A 322 -13.50 3.77 49.97
C ILE A 322 -13.94 2.30 49.91
N LEU A 323 -15.05 1.93 50.56
CA LEU A 323 -15.61 0.61 50.33
C LEU A 323 -16.13 0.44 48.91
N ILE A 324 -16.53 1.54 48.26
CA ILE A 324 -16.89 1.50 46.85
C ILE A 324 -15.65 1.39 45.99
N ARG A 325 -14.54 2.01 46.43
CA ARG A 325 -13.24 1.85 45.75
C ARG A 325 -12.80 0.40 45.67
N GLY A 326 -12.73 -0.28 46.80
CA GLY A 326 -12.13 -1.60 46.75
C GLY A 326 -10.63 -1.56 46.98
N GLY A 327 -10.10 -2.69 47.44
CA GLY A 327 -8.71 -2.77 47.82
C GLY A 327 -8.55 -3.91 48.81
N MET A 328 -7.47 -3.98 49.55
CA MET A 328 -7.32 -5.16 50.42
C MET A 328 -7.57 -4.86 51.91
N PHE A 329 -8.66 -4.20 52.27
CA PHE A 329 -9.08 -3.97 53.64
C PHE A 329 -8.99 -5.29 54.39
N SER A 330 -7.99 -5.44 55.25
CA SER A 330 -7.79 -6.70 55.94
C SER A 330 -7.09 -6.44 57.27
N LYS A 331 -6.60 -7.50 57.90
CA LYS A 331 -5.92 -7.43 59.18
C LYS A 331 -4.46 -7.02 58.92
N LYS A 332 -3.69 -6.78 59.99
CA LYS A 332 -2.27 -6.50 59.82
C LYS A 332 -1.47 -7.78 59.58
N GLN A 333 -1.95 -8.93 60.06
CA GLN A 333 -1.16 -10.15 60.28
C GLN A 333 0.25 -9.87 60.83
N VAL B 10 4.72 29.37 61.19
CA VAL B 10 4.51 29.84 59.83
C VAL B 10 5.86 30.07 59.14
N THR B 11 6.94 29.72 59.83
CA THR B 11 8.27 29.87 59.26
C THR B 11 8.50 28.77 58.23
N LEU B 12 9.23 29.11 57.18
CA LEU B 12 9.50 28.20 56.08
C LEU B 12 10.92 27.66 56.20
N LYS B 13 11.04 26.33 56.21
CA LYS B 13 12.33 25.67 56.44
C LYS B 13 13.05 25.31 55.14
N SER B 14 12.39 24.51 54.28
CA SER B 14 13.00 24.11 53.01
C SER B 14 12.03 24.28 51.85
N ARG B 15 12.45 23.86 50.67
CA ARG B 15 11.73 23.84 49.41
C ARG B 15 11.09 22.47 49.21
N PRO B 16 9.90 22.41 48.59
CA PRO B 16 9.17 21.14 48.49
C PRO B 16 9.88 20.07 47.68
N GLU B 17 9.59 18.81 48.04
CA GLU B 17 10.15 17.66 47.33
C GLU B 17 9.64 17.60 45.89
N ASN B 18 8.35 17.78 45.70
CA ASN B 18 7.76 17.94 44.38
C ASN B 18 7.35 19.40 44.25
N LEU B 19 8.14 20.18 43.51
CA LEU B 19 7.80 21.57 43.18
C LEU B 19 7.88 21.65 41.66
N SER B 20 6.74 21.49 41.01
CA SER B 20 6.69 21.46 39.56
C SER B 20 5.68 22.47 39.06
N PHE B 21 6.18 23.44 38.30
CA PHE B 21 5.39 24.38 37.51
C PHE B 21 5.17 23.82 36.12
N ALA B 22 4.05 24.22 35.51
CA ALA B 22 3.75 23.84 34.14
C ALA B 22 4.07 25.00 33.20
N ARG B 23 4.01 24.72 31.91
CA ARG B 23 4.23 25.77 30.91
C ARG B 23 3.06 26.73 30.89
N CYS B 24 3.35 28.01 31.08
CA CYS B 24 2.34 29.06 30.93
C CYS B 24 2.42 29.72 29.56
N LEU B 25 3.36 29.27 28.72
CA LEU B 25 3.51 29.76 27.35
C LEU B 25 3.68 28.51 26.50
N ASN B 26 2.56 27.91 26.07
CA ASN B 26 2.59 26.61 25.42
C ASN B 26 2.50 26.88 23.92
N THR B 27 3.54 26.54 23.19
CA THR B 27 3.59 26.78 21.76
C THR B 27 3.30 25.50 20.99
N THR B 28 2.63 25.63 19.84
CA THR B 28 2.49 24.51 18.93
C THR B 28 3.78 24.30 18.15
N GLU B 29 3.76 23.31 17.26
CA GLU B 29 4.79 23.21 16.26
C GLU B 29 4.61 24.27 15.19
N ALA B 30 5.69 24.57 14.49
CA ALA B 30 5.75 25.69 13.55
C ALA B 30 5.74 25.11 12.15
N LYS B 31 4.56 25.02 11.54
CA LYS B 31 4.45 24.29 10.29
C LYS B 31 4.85 25.21 9.14
N PHE B 32 5.60 24.63 8.20
CA PHE B 32 6.23 25.34 7.09
C PHE B 32 5.34 25.27 5.86
N TRP B 33 5.27 26.37 5.13
CA TRP B 33 4.59 26.40 3.84
C TRP B 33 5.37 27.31 2.91
N GLN B 34 5.08 27.21 1.61
CA GLN B 34 5.78 28.00 0.61
C GLN B 34 4.80 28.87 -0.15
N THR B 35 5.14 30.13 -0.39
CA THR B 35 4.20 31.04 -1.06
C THR B 35 4.94 32.08 -1.85
N ASP B 36 4.24 32.88 -2.65
CA ASP B 36 4.90 34.04 -3.33
C ASP B 36 4.57 35.27 -2.48
N PHE B 37 5.41 36.30 -2.48
CA PHE B 37 5.23 37.43 -1.57
C PHE B 37 4.25 38.48 -2.10
N LEU B 38 4.12 38.61 -3.43
CA LEU B 38 3.14 39.55 -3.96
C LEU B 38 1.72 39.03 -3.78
N LYS B 39 1.58 37.70 -3.64
CA LYS B 39 0.23 37.08 -3.47
C LYS B 39 0.25 36.14 -2.27
N ARG B 40 0.87 36.55 -1.16
CA ARG B 40 0.96 35.69 0.06
C ARG B 40 -0.43 35.32 0.57
N HIS B 41 -1.33 36.30 0.65
CA HIS B 41 -2.67 36.05 1.24
C HIS B 41 -3.49 35.10 0.36
N THR B 42 -3.06 34.88 -0.88
CA THR B 42 -3.83 34.03 -1.81
C THR B 42 -3.02 32.81 -2.20
N PHE B 43 -2.04 32.44 -1.37
CA PHE B 43 -1.15 31.31 -1.73
C PHE B 43 -0.80 30.51 -0.47
N LYS B 44 -0.67 29.19 -0.60
CA LYS B 44 -0.29 28.33 0.54
C LYS B 44 0.12 26.95 0.02
N LEU B 45 1.27 26.85 -0.65
CA LEU B 45 1.74 25.56 -1.22
C LEU B 45 2.50 24.78 -0.14
N PRO B 46 2.46 23.43 -0.14
CA PRO B 46 3.14 22.64 0.88
C PRO B 46 4.65 22.61 0.73
N LEU B 47 5.39 22.68 1.84
CA LEU B 47 6.87 22.57 1.79
C LEU B 47 7.25 21.15 2.23
N LEU B 48 7.88 20.38 1.34
CA LEU B 48 8.16 18.94 1.67
C LEU B 48 9.65 18.73 1.92
N ILE B 49 10.01 17.77 2.77
CA ILE B 49 11.41 17.44 3.02
C ILE B 49 11.93 16.55 1.89
N THR B 50 12.98 17.01 1.22
CA THR B 50 13.55 16.23 0.14
C THR B 50 14.70 15.38 0.67
N ASP B 51 15.12 14.42 -0.14
CA ASP B 51 16.19 13.51 0.22
C ASP B 51 17.32 13.66 -0.79
N LYS B 52 18.57 13.78 -0.13
CA LYS B 52 19.79 14.03 -0.93
C LYS B 52 20.95 13.16 -0.42
N ALA B 53 21.88 12.75 -1.39
CA ALA B 53 23.07 12.06 -0.94
C ALA B 53 24.21 13.04 -0.75
N VAL B 54 24.82 13.03 0.43
CA VAL B 54 26.04 13.78 0.68
C VAL B 54 27.18 12.78 0.77
N LEU B 55 28.37 13.23 0.41
CA LEU B 55 29.58 12.42 0.53
C LEU B 55 30.42 13.00 1.66
N ALA B 56 30.92 12.12 2.53
CA ALA B 56 31.58 12.52 3.77
C ALA B 56 32.86 13.30 3.51
N SER B 57 32.81 14.61 3.76
CA SER B 57 33.97 15.48 3.65
C SER B 57 34.50 15.65 5.06
N LYS B 58 35.48 14.80 5.41
CA LYS B 58 36.06 14.79 6.75
C LYS B 58 36.81 16.08 7.04
N GLY B 59 36.22 16.92 7.89
CA GLY B 59 36.79 18.21 8.22
C GLY B 59 37.14 18.32 9.68
N HIS B 60 36.95 17.23 10.42
CA HIS B 60 37.40 17.17 11.80
C HIS B 60 38.92 17.07 11.84
N GLU B 61 39.48 17.38 13.02
CA GLU B 61 40.92 17.34 13.17
C GLU B 61 41.45 15.91 13.17
N MET B 62 42.67 15.76 12.65
CA MET B 62 43.33 14.47 12.58
C MET B 62 44.82 14.71 12.48
N PRO B 63 45.64 13.94 13.18
CA PRO B 63 47.09 13.98 12.95
C PRO B 63 47.41 13.38 11.59
N PRO B 64 48.58 13.68 11.01
CA PRO B 64 48.92 13.11 9.69
C PRO B 64 49.25 11.62 9.71
N ASP B 65 48.33 10.80 10.21
CA ASP B 65 48.48 9.35 10.27
C ASP B 65 47.48 8.66 9.35
N LYS B 66 46.19 8.99 9.47
CA LYS B 66 45.13 8.31 8.75
C LYS B 66 44.29 9.25 7.90
N LEU B 67 44.86 10.39 7.48
CA LEU B 67 44.14 11.28 6.58
C LEU B 67 43.99 10.67 5.19
N GLU B 68 44.98 9.87 4.76
CA GLU B 68 44.87 9.14 3.50
C GLU B 68 43.77 8.09 3.56
N LYS B 69 43.59 7.46 4.72
CA LYS B 69 42.47 6.54 4.89
C LYS B 69 41.14 7.28 4.95
N GLU B 70 41.14 8.51 5.43
CA GLU B 70 39.93 9.33 5.42
C GLU B 70 39.55 9.72 3.99
N ILE B 71 40.54 10.04 3.16
CA ILE B 71 40.24 10.37 1.76
C ILE B 71 40.06 9.13 0.91
N MET B 72 40.48 7.95 1.39
CA MET B 72 40.42 6.74 0.57
C MET B 72 39.01 6.20 0.46
N ASP B 73 38.25 6.20 1.56
CA ASP B 73 36.93 5.59 1.62
C ASP B 73 35.93 6.60 2.14
N PRO B 74 35.40 7.47 1.27
CA PRO B 74 34.33 8.39 1.69
C PRO B 74 32.97 7.71 1.68
N ASN B 75 32.40 7.51 2.86
CA ASN B 75 31.12 6.84 2.99
C ASN B 75 30.00 7.84 2.80
N PRO B 76 29.10 7.64 1.84
CA PRO B 76 28.00 8.59 1.63
C PRO B 76 26.95 8.45 2.70
N GLN B 77 26.26 9.56 2.95
CA GLN B 77 25.20 9.62 3.95
C GLN B 77 23.96 10.18 3.30
N LYS B 78 22.83 9.51 3.50
CA LYS B 78 21.55 9.92 2.92
C LYS B 78 20.99 10.98 3.86
N SER B 79 21.09 12.23 3.45
CA SER B 79 20.67 13.36 4.27
C SER B 79 19.37 13.93 3.74
N GLN B 80 18.48 14.27 4.65
CA GLN B 80 17.22 14.91 4.31
C GLN B 80 17.41 16.42 4.42
N SER B 81 17.21 17.11 3.30
CA SER B 81 17.36 18.56 3.25
C SER B 81 16.20 19.12 2.45
N CYS B 82 15.96 20.42 2.58
CA CYS B 82 14.79 21.00 1.97
C CYS B 82 15.11 22.22 1.13
N THR B 83 14.66 22.18 -0.12
CA THR B 83 14.59 23.31 -1.03
C THR B 83 13.12 23.50 -1.37
N LEU B 84 12.68 24.77 -1.49
CA LEU B 84 11.26 25.08 -1.63
C LEU B 84 10.64 24.57 -2.92
N SER B 85 10.97 25.23 -4.03
CA SER B 85 10.49 25.04 -5.39
C SER B 85 11.13 26.16 -6.20
N THR B 86 11.22 25.96 -7.52
CA THR B 86 11.83 26.98 -8.39
C THR B 86 10.78 28.02 -8.73
N GLU B 87 9.71 28.08 -7.94
CA GLU B 87 8.59 29.02 -8.23
C GLU B 87 8.25 29.85 -6.98
N CYS B 88 8.27 29.22 -5.80
CA CYS B 88 7.87 29.93 -4.56
C CYS B 88 8.96 30.94 -4.15
N ASP B 89 8.60 31.90 -3.28
CA ASP B 89 9.57 32.98 -2.94
C ASP B 89 9.49 33.31 -1.44
N THR B 90 8.54 32.71 -0.70
CA THR B 90 8.38 33.15 0.70
C THR B 90 7.95 32.06 1.65
N LEU B 91 8.67 31.87 2.76
CA LEU B 91 8.26 30.96 3.82
C LEU B 91 7.05 31.49 4.56
N ARG B 92 6.10 30.60 4.81
CA ARG B 92 4.93 30.85 5.66
C ARG B 92 4.98 29.88 6.83
N ILE B 93 5.44 30.37 7.98
CA ILE B 93 5.34 29.64 9.24
C ILE B 93 3.98 29.94 9.84
N ASP B 94 3.23 28.91 10.21
CA ASP B 94 2.07 29.09 11.08
C ASP B 94 2.29 28.31 12.36
N PHE B 95 2.18 29.01 13.49
CA PHE B 95 2.32 28.38 14.79
C PHE B 95 1.43 29.07 15.81
N GLY B 96 0.91 28.29 16.75
CA GLY B 96 -0.01 28.79 17.74
C GLY B 96 0.59 28.76 19.13
N ILE B 97 0.11 29.66 20.00
CA ILE B 97 0.64 29.75 21.39
C ILE B 97 -0.55 29.87 22.35
N LYS B 98 -0.58 29.15 23.43
CA LYS B 98 -1.67 29.31 24.43
C LYS B 98 -1.06 29.78 25.75
N VAL B 99 -1.30 31.00 26.13
CA VAL B 99 -0.78 31.58 27.41
C VAL B 99 -1.80 31.30 28.53
N LEU B 100 -1.37 30.63 29.61
CA LEU B 100 -2.30 30.28 30.71
C LEU B 100 -1.87 30.98 32.01
N PRO B 101 -2.81 31.28 32.93
CA PRO B 101 -2.47 31.98 34.17
C PRO B 101 -1.34 31.28 34.91
N VAL B 102 -0.38 32.05 35.43
CA VAL B 102 0.79 31.46 36.13
C VAL B 102 0.32 30.78 37.43
N LYS B 103 -0.70 31.33 38.10
CA LYS B 103 -1.13 30.77 39.37
C LYS B 103 -1.75 29.39 39.19
N GLU B 104 -2.52 29.20 38.11
CA GLU B 104 -3.12 27.90 37.83
C GLU B 104 -2.21 27.07 36.92
N SER B 105 -0.96 26.97 37.30
CA SER B 105 0.00 26.14 36.59
C SER B 105 0.97 25.43 37.51
N MET B 106 0.88 25.56 38.79
CA MET B 106 1.75 24.78 39.71
C MET B 106 1.27 23.34 39.64
N TYR B 107 1.96 22.47 39.00
CA TYR B 107 1.53 21.10 38.77
C TYR B 107 1.67 20.26 40.03
N SER B 108 2.65 20.57 40.89
CA SER B 108 2.74 19.91 42.18
C SER B 108 3.48 20.79 43.18
N CYS B 109 2.96 20.85 44.41
CA CYS B 109 3.63 21.46 45.55
C CYS B 109 3.28 20.62 46.77
N SER B 110 4.29 20.02 47.40
CA SER B 110 4.03 19.07 48.48
C SER B 110 3.47 19.76 49.71
N ASP B 111 4.38 20.75 50.19
CA ASP B 111 3.95 21.58 51.35
C ASP B 111 2.85 22.53 50.89
N TYR B 112 1.88 22.86 51.87
CA TYR B 112 0.89 23.87 51.50
C TYR B 112 1.29 25.27 51.90
N ASN B 113 2.23 25.43 52.85
CA ASN B 113 2.67 26.75 53.26
C ASN B 113 3.45 27.47 52.15
N TYR B 114 4.28 26.70 51.45
CA TYR B 114 5.03 27.27 50.30
C TYR B 114 4.03 27.66 49.22
N ARG B 115 2.98 26.86 49.06
CA ARG B 115 1.96 27.14 48.05
C ARG B 115 1.29 28.49 48.29
N THR B 116 0.90 28.77 49.54
CA THR B 116 0.28 30.07 49.81
C THR B 116 1.33 31.19 49.82
N ALA B 117 2.60 30.85 50.09
CA ALA B 117 3.67 31.85 49.99
C ALA B 117 3.93 32.22 48.53
N ILE B 118 3.93 31.23 47.64
CA ILE B 118 4.09 31.49 46.21
C ILE B 118 2.87 32.22 45.67
N TYR B 119 1.67 31.98 46.21
CA TYR B 119 0.50 32.68 45.70
C TYR B 119 0.51 34.14 46.16
N GLN B 120 0.95 34.39 47.39
CA GLN B 120 1.11 35.76 47.87
C GLN B 120 2.22 36.50 47.12
N LYS B 121 3.27 35.77 46.75
CA LYS B 121 4.42 36.42 46.06
C LYS B 121 4.03 36.74 44.61
N ILE B 122 3.32 35.83 43.94
CA ILE B 122 2.83 36.10 42.56
C ILE B 122 1.94 37.35 42.60
N ASP B 123 1.03 37.40 43.59
CA ASP B 123 0.09 38.56 43.71
C ASP B 123 0.88 39.84 43.97
N GLU B 124 1.96 39.76 44.74
CA GLU B 124 2.81 40.95 45.01
C GLU B 124 3.31 41.49 43.66
N TYR B 125 3.82 40.61 42.79
CA TYR B 125 4.28 41.04 41.45
C TYR B 125 3.07 41.53 40.65
N ILE B 126 1.96 40.80 40.74
CA ILE B 126 0.73 41.18 39.99
C ILE B 126 0.34 42.63 40.35
N ALA B 127 0.57 43.05 41.60
CA ALA B 127 0.26 44.43 41.94
C ALA B 127 1.25 45.43 41.32
N GLU B 128 2.55 45.13 41.35
CA GLU B 128 3.59 46.06 40.87
C GLU B 128 4.16 45.55 39.55
N ASP B 129 3.66 46.11 38.45
CA ASP B 129 4.07 45.63 37.09
C ASP B 129 3.40 44.27 36.86
N GLY B 130 2.13 44.27 36.46
CA GLY B 130 1.38 43.01 36.29
C GLY B 130 1.77 42.26 35.03
N PHE B 131 2.94 41.62 35.03
CA PHE B 131 3.38 40.81 33.86
C PHE B 131 3.23 41.63 32.58
N LEU B 132 3.53 42.92 32.64
CA LEU B 132 3.48 43.76 31.41
C LEU B 132 4.90 43.86 30.84
N THR B 133 5.91 44.06 31.69
CA THR B 133 7.31 44.09 31.22
C THR B 133 7.61 42.80 30.50
N LEU B 134 7.40 41.67 31.19
CA LEU B 134 7.73 40.34 30.59
C LEU B 134 6.87 40.11 29.33
N ALA B 135 5.58 40.46 29.39
CA ALA B 135 4.68 40.24 28.23
C ALA B 135 5.17 41.07 27.04
N LYS B 136 5.50 42.34 27.27
CA LYS B 136 6.03 43.19 26.18
C LYS B 136 7.28 42.52 25.61
N ARG B 137 8.16 42.04 26.49
CA ARG B 137 9.41 41.38 26.03
C ARG B 137 9.06 40.10 25.26
N TYR B 138 8.08 39.33 25.74
CA TYR B 138 7.69 38.13 24.97
C TYR B 138 7.13 38.51 23.61
N VAL B 139 6.33 39.58 23.55
CA VAL B 139 5.74 39.94 22.27
C VAL B 139 6.77 40.73 21.45
N ASN B 140 7.79 41.28 22.11
CA ASN B 140 8.91 41.83 21.38
C ASN B 140 9.74 40.72 20.75
N ASN B 141 9.86 39.58 21.44
CA ASN B 141 10.46 38.38 20.86
C ASN B 141 9.60 37.81 19.73
N ILE B 142 8.28 38.01 19.80
CA ILE B 142 7.42 37.71 18.65
C ILE B 142 7.74 38.64 17.48
N ALA B 143 7.94 39.93 17.77
CA ALA B 143 7.96 40.96 16.72
C ALA B 143 9.21 40.89 15.85
N ASN B 144 10.38 40.70 16.46
CA ASN B 144 11.63 40.75 15.70
C ASN B 144 11.82 39.51 14.83
N ALA B 145 10.90 38.54 14.99
CA ALA B 145 10.94 37.29 14.18
C ALA B 145 12.22 36.50 14.44
N ARG B 146 12.44 36.08 15.69
CA ARG B 146 13.60 35.20 15.98
C ARG B 146 13.12 33.75 15.91
N PHE B 147 11.85 33.54 15.53
CA PHE B 147 11.36 32.15 15.34
C PHE B 147 12.29 31.52 14.32
N LEU B 148 12.66 32.41 13.31
CA LEU B 148 13.64 31.99 12.28
C LEU B 148 15.03 32.05 12.93
N TRP B 149 15.59 30.81 13.30
CA TRP B 149 16.87 30.89 13.98
C TRP B 149 18.01 31.13 13.00
N ARG B 150 18.11 30.32 11.97
CA ARG B 150 19.07 30.56 10.92
C ARG B 150 18.37 30.92 9.61
N ASN B 151 17.04 30.76 9.55
CA ASN B 151 16.28 31.13 8.36
C ASN B 151 16.22 32.65 8.17
N ARG B 152 16.47 33.42 9.23
CA ARG B 152 16.36 34.88 9.23
C ARG B 152 17.55 35.53 8.53
N LYS B 153 18.62 34.75 8.30
CA LYS B 153 19.96 35.28 8.03
C LYS B 153 20.01 36.11 6.76
N GLY B 154 19.16 35.79 5.78
CA GLY B 154 19.03 36.65 4.62
C GLY B 154 17.60 36.80 4.15
N ALA B 155 17.11 38.04 4.17
CA ALA B 155 15.76 38.35 3.72
C ALA B 155 15.67 39.83 3.42
N GLU B 156 14.64 40.20 2.66
CA GLU B 156 14.35 41.60 2.40
C GLU B 156 13.16 42.13 3.20
N ILE B 157 12.05 41.39 3.24
CA ILE B 157 10.93 41.73 4.11
C ILE B 157 10.59 40.50 4.94
N ILE B 158 10.56 40.66 6.25
CA ILE B 158 10.06 39.64 7.17
C ILE B 158 8.80 40.20 7.82
N GLU B 159 7.66 39.56 7.58
CA GLU B 159 6.38 40.10 8.01
C GLU B 159 5.68 39.07 8.89
N THR B 160 5.40 39.44 10.13
CA THR B 160 4.71 38.54 11.06
C THR B 160 3.34 39.12 11.38
N ILE B 161 2.30 38.34 11.14
CA ILE B 161 0.94 38.71 11.51
C ILE B 161 0.52 37.87 12.71
N VAL B 162 -0.08 38.53 13.69
CA VAL B 162 -0.35 37.96 15.00
C VAL B 162 -1.86 38.03 15.22
N THR B 163 -2.57 36.94 14.94
CA THR B 163 -4.01 36.89 15.10
C THR B 163 -4.37 36.50 16.53
N ILE B 164 -5.24 37.29 17.16
CA ILE B 164 -5.71 37.04 18.52
C ILE B 164 -7.22 36.86 18.33
N GLU B 165 -7.68 35.60 18.35
CA GLU B 165 -9.09 35.19 18.48
C GLU B 165 -10.00 35.83 17.43
N ASP B 166 -9.65 35.57 16.15
CA ASP B 166 -10.30 36.13 14.96
C ASP B 166 -10.23 37.67 14.95
N LYS B 167 -9.01 38.19 15.11
CA LYS B 167 -8.74 39.61 14.95
C LYS B 167 -7.31 39.71 14.40
N GLU B 168 -7.21 39.93 13.09
CA GLU B 168 -5.92 40.06 12.43
C GLU B 168 -5.34 41.43 12.74
N TYR B 169 -4.21 41.44 13.43
CA TYR B 169 -3.62 42.68 13.91
C TYR B 169 -2.81 43.36 12.81
N PRO B 170 -2.51 44.65 12.97
CA PRO B 170 -1.57 45.32 12.06
C PRO B 170 -0.23 44.61 11.97
N SER B 171 0.21 44.35 10.75
CA SER B 171 1.32 43.46 10.48
C SER B 171 2.65 44.11 10.87
N PHE B 172 3.60 43.27 11.25
CA PHE B 172 4.85 43.72 11.86
C PHE B 172 5.96 43.70 10.82
N ASN B 173 6.77 44.76 10.80
CA ASN B 173 8.05 44.70 10.12
C ASN B 173 9.07 44.15 11.12
N SER B 174 9.79 43.10 10.72
CA SER B 174 10.65 42.39 11.65
C SER B 174 12.12 42.74 11.53
N LYS B 175 12.54 43.34 10.41
CA LYS B 175 13.94 43.75 10.28
C LYS B 175 14.20 45.13 10.87
N SER B 176 13.16 45.95 11.05
CA SER B 176 13.32 47.25 11.68
C SER B 176 13.53 47.12 13.18
N PHE B 177 13.15 46.00 13.78
CA PHE B 177 13.30 45.77 15.21
C PHE B 177 14.55 44.91 15.42
N ASN B 178 15.52 45.47 16.15
CA ASN B 178 16.82 44.85 16.30
C ASN B 178 16.74 43.67 17.28
N LEU B 179 17.67 42.73 17.12
CA LEU B 179 17.75 41.55 17.97
C LEU B 179 18.25 41.85 19.38
N ASP B 180 18.80 43.04 19.63
CA ASP B 180 19.50 43.32 20.87
C ASP B 180 18.86 44.40 21.73
N THR B 181 17.78 45.01 21.26
CA THR B 181 17.06 46.02 22.03
C THR B 181 15.56 45.77 21.93
N PHE B 182 14.84 46.10 23.01
CA PHE B 182 13.43 45.79 23.14
C PHE B 182 12.62 47.08 23.20
N VAL B 183 11.50 47.10 22.48
CA VAL B 183 10.72 48.31 22.25
C VAL B 183 9.49 48.34 23.16
N GLU B 184 9.26 49.49 23.80
CA GLU B 184 8.10 49.69 24.66
C GLU B 184 7.11 50.70 24.08
N ASP B 185 7.31 51.06 22.76
CA ASP B 185 6.51 52.21 22.25
C ASP B 185 5.34 51.85 21.36
N ASN B 186 5.44 50.90 20.50
CA ASN B 186 4.44 50.69 19.46
C ASN B 186 3.11 50.28 20.09
N ALA B 187 2.01 50.66 19.44
CA ALA B 187 0.69 50.48 20.05
C ALA B 187 0.24 49.03 20.02
N THR B 188 0.49 48.34 18.89
CA THR B 188 0.05 46.97 18.72
C THR B 188 0.77 46.02 19.66
N ILE B 189 2.08 46.22 19.83
CA ILE B 189 2.88 45.39 20.73
C ILE B 189 2.43 45.58 22.18
N ASN B 190 2.03 46.81 22.55
CA ASN B 190 1.58 47.07 23.91
C ASN B 190 0.19 46.52 24.16
N GLU B 191 -0.70 46.56 23.17
CA GLU B 191 -2.05 46.05 23.46
C GLU B 191 -2.09 44.53 23.41
N ILE B 192 -1.27 43.91 22.55
CA ILE B 192 -1.14 42.45 22.56
C ILE B 192 -0.50 42.00 23.87
N ALA B 193 0.53 42.73 24.34
CA ALA B 193 1.15 42.44 25.62
C ALA B 193 0.20 42.69 26.78
N GLN B 194 -0.73 43.64 26.64
CA GLN B 194 -1.74 43.86 27.67
C GLN B 194 -2.72 42.70 27.75
N GLN B 195 -3.07 42.14 26.59
CA GLN B 195 -3.95 40.94 26.58
C GLN B 195 -3.18 39.79 27.26
N ILE B 196 -1.90 39.63 26.92
CA ILE B 196 -1.07 38.54 27.53
C ILE B 196 -0.87 38.83 29.02
N ALA B 197 -0.67 40.09 29.39
CA ALA B 197 -0.55 40.44 30.83
C ALA B 197 -1.85 40.02 31.54
N ASP B 198 -2.99 40.27 30.89
CA ASP B 198 -4.31 39.93 31.50
C ASP B 198 -4.44 38.43 31.64
N THR B 199 -3.89 37.72 30.52
CA THR B 199 -4.05 36.24 30.55
C THR B 199 -3.18 35.69 31.65
N PHE B 200 -2.08 36.26 31.92
CA PHE B 200 -1.21 35.76 32.98
C PHE B 200 -1.88 35.86 34.34
N ALA B 201 -2.84 36.76 34.46
CA ALA B 201 -3.37 37.13 35.77
C ALA B 201 -4.30 36.07 36.33
N GLY B 202 -5.17 35.53 35.50
CA GLY B 202 -6.38 34.90 35.96
C GLY B 202 -7.59 35.76 35.71
N LYS B 203 -7.37 37.01 35.28
CA LYS B 203 -8.45 37.85 34.76
C LYS B 203 -9.00 37.29 33.46
N ARG B 204 -8.15 36.58 32.71
CA ARG B 204 -8.57 35.81 31.54
C ARG B 204 -7.93 34.45 31.64
N GLU B 205 -8.69 33.41 31.34
CA GLU B 205 -8.28 32.05 31.69
C GLU B 205 -7.45 31.36 30.63
N TYR B 206 -7.36 31.93 29.42
CA TYR B 206 -6.66 31.32 28.29
C TYR B 206 -6.54 32.35 27.17
N LEU B 207 -5.50 32.26 26.36
CA LEU B 207 -5.48 33.05 25.12
C LEU B 207 -4.76 32.25 24.05
N ASN B 208 -5.46 32.02 22.93
CA ASN B 208 -4.90 31.41 21.73
C ASN B 208 -4.43 32.50 20.78
N ILE B 209 -3.14 32.45 20.43
CA ILE B 209 -2.49 33.44 19.59
C ILE B 209 -1.88 32.71 18.41
N TYR B 210 -2.33 33.01 17.20
CA TYR B 210 -1.86 32.32 16.01
C TYR B 210 -0.99 33.26 15.20
N VAL B 211 0.28 32.91 15.04
CA VAL B 211 1.26 33.79 14.43
C VAL B 211 1.71 33.17 13.10
N THR B 212 1.69 33.99 12.05
CA THR B 212 2.06 33.59 10.70
C THR B 212 3.18 34.50 10.22
N CYS B 213 4.33 33.91 9.92
CA CYS B 213 5.52 34.63 9.51
C CYS B 213 5.82 34.36 8.04
N PHE B 214 5.94 35.43 7.25
CA PHE B 214 6.35 35.38 5.86
C PHE B 214 7.77 35.91 5.80
N VAL B 215 8.71 35.06 5.38
CA VAL B 215 10.08 35.49 5.14
C VAL B 215 10.43 35.27 3.66
N LYS B 216 10.94 36.32 3.02
CA LYS B 216 11.21 36.26 1.58
C LYS B 216 12.71 36.01 1.45
N ILE B 217 13.07 34.73 1.51
CA ILE B 217 14.47 34.33 1.40
C ILE B 217 14.93 34.31 -0.05
N GLY B 218 14.01 34.17 -0.99
CA GLY B 218 14.29 34.23 -2.41
C GLY B 218 13.60 33.09 -3.15
N CYS B 219 13.93 32.94 -4.44
CA CYS B 219 13.32 31.85 -5.24
C CYS B 219 14.23 30.61 -5.20
N ALA B 220 13.66 29.44 -4.89
CA ALA B 220 14.42 28.17 -4.87
C ALA B 220 15.61 28.25 -3.92
N MET B 221 15.51 29.04 -2.85
CA MET B 221 16.60 29.11 -1.84
C MET B 221 16.45 27.93 -0.87
N GLU B 222 17.27 27.88 0.18
CA GLU B 222 17.25 26.71 1.10
C GLU B 222 16.63 27.10 2.45
N VAL B 223 15.70 26.27 2.95
CA VAL B 223 15.13 26.52 4.31
C VAL B 223 15.96 25.70 5.30
N TYR B 224 15.71 25.83 6.60
CA TYR B 224 16.54 25.14 7.58
C TYR B 224 15.58 24.67 8.68
N PRO B 225 14.89 23.53 8.49
CA PRO B 225 13.95 23.06 9.51
C PRO B 225 14.62 22.50 10.75
N SER B 226 13.84 22.11 11.75
CA SER B 226 14.39 21.63 13.02
C SER B 226 14.84 20.19 12.84
N GLN B 227 16.10 19.91 13.17
CA GLN B 227 16.65 18.58 13.01
C GLN B 227 16.08 17.64 14.06
N GLU B 228 16.18 16.34 13.77
CA GLU B 228 15.72 15.30 14.66
C GLU B 228 16.85 14.30 14.87
N MET B 229 16.88 13.71 16.06
CA MET B 229 17.92 12.74 16.39
C MET B 229 17.69 11.46 15.61
N THR B 230 18.73 11.00 14.93
CA THR B 230 18.65 9.78 14.14
C THR B 230 18.64 8.56 15.06
N PHE B 231 18.31 7.41 14.46
CA PHE B 231 18.37 6.14 15.18
C PHE B 231 19.80 5.82 15.58
N ASP B 232 19.95 5.21 16.76
CA ASP B 232 21.27 4.94 17.32
C ASP B 232 22.05 3.89 16.54
N ASP B 233 21.36 3.03 15.77
CA ASP B 233 22.02 2.00 14.98
C ASP B 233 22.47 2.59 13.65
N ASP B 234 23.56 3.36 13.71
CA ASP B 234 24.25 4.04 12.59
C ASP B 234 23.24 4.95 11.87
N ASP B 235 23.26 4.96 10.52
CA ASP B 235 22.39 5.79 9.67
C ASP B 235 22.50 7.27 10.00
N LYS B 236 23.73 7.73 10.24
CA LYS B 236 23.97 9.12 10.62
C LYS B 236 23.69 10.05 9.45
N GLY B 237 22.72 10.95 9.63
CA GLY B 237 22.35 11.88 8.60
C GLY B 237 21.41 12.92 9.15
N LYS B 238 21.27 14.00 8.39
CA LYS B 238 20.42 15.12 8.81
C LYS B 238 18.97 14.72 8.60
N LYS B 239 18.37 14.12 9.63
CA LYS B 239 16.93 13.78 9.55
C LYS B 239 16.12 14.97 10.07
N LEU B 240 15.44 15.69 9.18
CA LEU B 240 14.69 16.92 9.61
C LEU B 240 13.30 16.52 10.14
N PHE B 241 12.63 17.44 10.86
CA PHE B 241 11.30 17.16 11.43
C PHE B 241 10.23 17.25 10.35
N LYS B 242 9.26 16.35 10.36
CA LYS B 242 8.14 16.40 9.39
C LYS B 242 6.81 16.43 10.15
N PHE B 243 6.08 17.46 10.11
CA PHE B 243 4.79 17.66 10.74
C PHE B 243 3.73 17.68 9.65
N GLU B 244 2.83 16.69 9.70
CA GLU B 244 1.75 16.62 8.70
C GLU B 244 2.40 16.74 7.33
N GLY B 245 2.98 15.65 6.85
CA GLY B 245 3.60 15.67 5.53
C GLY B 245 4.14 17.00 5.06
N SER B 246 4.79 17.74 5.96
CA SER B 246 5.37 19.04 5.67
C SER B 246 6.42 19.30 6.73
N ALA B 247 7.34 20.22 6.43
CA ALA B 247 8.44 20.52 7.38
C ALA B 247 7.89 21.32 8.56
N GLY B 248 8.60 21.29 9.69
CA GLY B 248 8.13 22.03 10.89
C GLY B 248 9.26 22.25 11.88
N MET B 249 9.07 23.18 12.82
CA MET B 249 10.09 23.43 13.87
C MET B 249 9.55 22.91 15.21
N HIS B 250 10.45 22.51 16.12
CA HIS B 250 10.02 21.95 17.43
C HIS B 250 9.54 23.07 18.36
N SER B 251 8.46 22.82 19.10
CA SER B 251 7.96 23.79 20.07
C SER B 251 9.02 24.20 21.08
N GLN B 252 10.04 23.35 21.28
CA GLN B 252 11.14 23.70 22.17
C GLN B 252 12.00 24.81 21.57
N LYS B 253 12.28 24.74 20.25
CA LYS B 253 12.96 25.83 19.57
C LYS B 253 12.15 27.12 19.59
N ILE B 254 10.83 27.02 19.40
CA ILE B 254 9.99 28.20 19.35
C ILE B 254 9.89 28.84 20.75
N ASN B 255 9.82 28.01 21.80
CA ASN B 255 9.81 28.55 23.16
C ASN B 255 11.16 29.12 23.56
N ASN B 256 12.27 28.51 23.13
CA ASN B 256 13.58 29.07 23.40
C ASN B 256 13.79 30.37 22.64
N ALA B 257 13.18 30.49 21.46
CA ALA B 257 13.14 31.75 20.76
C ALA B 257 12.34 32.78 21.53
N LEU B 258 11.14 32.41 21.98
CA LEU B 258 10.30 33.27 22.81
C LEU B 258 10.57 33.06 24.29
N ARG B 259 11.83 32.96 24.66
CA ARG B 259 12.20 32.96 26.06
C ARG B 259 13.50 33.73 26.25
N THR B 260 14.00 34.39 25.20
CA THR B 260 15.26 35.14 25.23
C THR B 260 15.02 36.58 25.72
N ILE B 261 14.45 36.68 26.92
CA ILE B 261 14.04 37.95 27.49
C ILE B 261 14.90 38.36 28.68
N ASP B 262 15.96 37.59 28.94
CA ASP B 262 16.80 37.85 30.15
C ASP B 262 17.95 38.80 29.80
N THR B 263 17.79 40.09 30.07
CA THR B 263 18.89 41.04 29.89
C THR B 263 19.42 41.38 31.26
N TRP B 264 18.67 41.00 32.30
CA TRP B 264 19.09 41.31 33.70
C TRP B 264 20.02 40.20 34.22
N TYR B 265 21.13 39.96 33.53
CA TYR B 265 22.13 38.96 34.01
C TYR B 265 23.37 39.71 34.47
N PRO B 266 24.13 39.19 35.46
CA PRO B 266 25.27 39.92 36.02
C PRO B 266 26.25 40.52 35.00
N ASP B 267 26.70 39.73 34.03
CA ASP B 267 27.74 40.22 33.07
C ASP B 267 27.07 40.88 31.85
N TYR B 268 26.18 41.86 32.07
CA TYR B 268 25.44 42.46 30.94
C TYR B 268 26.26 43.59 30.32
N THR B 269 26.58 44.63 31.10
CA THR B 269 27.29 45.78 30.55
C THR B 269 28.54 45.37 29.76
N THR B 270 28.96 44.11 29.83
CA THR B 270 30.14 43.64 29.14
C THR B 270 29.87 42.76 27.92
N TYR B 271 28.72 42.06 27.92
CA TYR B 271 28.35 41.18 26.79
C TYR B 271 27.23 41.86 25.98
N GLU B 272 26.27 42.48 26.69
CA GLU B 272 25.20 43.24 26.00
C GLU B 272 24.45 42.38 24.97
N PHE B 273 24.12 41.13 25.33
CA PHE B 273 23.30 40.29 24.40
C PHE B 273 22.37 39.40 25.24
N PRO B 274 21.04 39.42 24.97
CA PRO B 274 20.10 38.65 25.76
C PRO B 274 20.29 37.14 25.59
N ILE B 275 20.28 36.41 26.71
CA ILE B 275 20.41 34.92 26.65
C ILE B 275 19.02 34.31 26.92
N PRO B 276 18.74 33.02 26.61
CA PRO B 276 17.45 32.43 26.94
C PRO B 276 17.34 32.00 28.39
N VAL B 277 16.13 32.14 28.93
CA VAL B 277 15.88 31.97 30.35
C VAL B 277 16.04 30.50 30.72
N GLU B 278 16.94 30.23 31.65
CA GLU B 278 17.24 28.88 32.08
C GLU B 278 17.61 28.95 33.55
N ASN B 279 17.74 27.79 34.19
CA ASN B 279 17.76 27.77 35.64
C ASN B 279 19.08 28.29 36.21
N TYR B 280 20.20 28.05 35.54
CA TYR B 280 21.47 28.63 35.94
C TYR B 280 22.02 29.62 34.91
N GLY B 281 21.17 30.11 34.01
CA GLY B 281 21.57 31.05 32.98
C GLY B 281 22.58 30.48 32.01
N ALA B 282 22.20 29.41 31.32
CA ALA B 282 23.10 28.65 30.48
C ALA B 282 22.73 28.86 29.02
N ALA B 283 23.67 29.33 28.23
CA ALA B 283 23.54 29.42 26.78
C ALA B 283 24.43 28.35 26.18
N ARG B 284 23.83 27.39 25.46
CA ARG B 284 24.56 26.24 24.94
C ARG B 284 25.53 26.61 23.83
N SER B 285 25.29 27.70 23.12
CA SER B 285 26.15 28.09 22.01
C SER B 285 27.27 29.02 22.44
N ILE B 286 27.24 29.55 23.66
CA ILE B 286 28.21 30.52 24.12
C ILE B 286 29.12 29.94 25.21
N GLY B 287 28.56 29.15 26.12
CA GLY B 287 29.36 28.63 27.22
C GLY B 287 29.54 29.64 28.34
N ILE B 288 30.15 29.17 29.42
CA ILE B 288 30.45 29.92 30.65
C ILE B 288 29.16 30.45 31.27
N PRO B 289 28.43 29.62 32.05
CA PRO B 289 27.06 29.94 32.50
C PRO B 289 26.88 31.33 33.13
N PHE B 290 25.95 32.09 32.57
CA PHE B 290 25.94 33.54 32.72
C PHE B 290 25.38 33.99 34.06
N ARG B 291 24.59 33.02 34.68
CA ARG B 291 23.99 33.30 36.02
C ARG B 291 24.34 32.17 37.00
N PRO B 292 25.62 31.99 37.41
CA PRO B 292 25.99 30.93 38.32
C PRO B 292 26.00 31.40 39.77
N ASP B 293 25.86 30.45 40.71
CA ASP B 293 25.86 30.80 42.15
C ASP B 293 24.75 31.82 42.43
N THR B 294 25.13 33.10 42.58
CA THR B 294 24.13 34.16 42.83
C THR B 294 23.31 34.37 41.57
N LYS B 295 22.17 35.07 41.70
CA LYS B 295 21.29 35.32 40.53
C LYS B 295 20.85 33.99 39.91
N SER B 296 20.70 32.94 40.73
CA SER B 296 20.19 31.64 40.22
C SER B 296 18.92 31.28 40.99
N PHE B 297 17.82 30.98 40.28
CA PHE B 297 16.53 30.66 40.93
C PHE B 297 16.78 29.73 42.11
N TYR B 298 17.67 28.75 41.95
CA TYR B 298 17.94 27.76 42.99
C TYR B 298 18.64 28.36 44.21
N LYS B 299 18.96 29.66 44.16
CA LYS B 299 19.21 30.46 45.35
C LYS B 299 18.28 31.66 45.48
N LEU B 300 17.78 32.24 44.37
CA LEU B 300 16.96 33.45 44.47
C LEU B 300 15.57 33.19 45.05
N ILE B 301 14.93 32.08 44.68
CA ILE B 301 13.60 31.86 45.26
C ILE B 301 13.72 31.30 46.67
N ASP B 302 14.87 30.72 47.02
CA ASP B 302 15.14 30.43 48.43
C ASP B 302 15.46 31.71 49.20
N ARG B 303 15.90 32.75 48.50
CA ARG B 303 16.06 34.03 49.17
C ARG B 303 14.76 34.84 49.17
N MET B 304 13.77 34.46 48.36
CA MET B 304 12.52 35.20 48.21
C MET B 304 11.36 34.58 48.97
N ILE B 305 11.32 33.26 49.10
CA ILE B 305 10.20 32.55 49.72
C ILE B 305 10.58 32.00 51.09
N LEU B 306 11.72 31.30 51.17
CA LEU B 306 12.20 30.76 52.43
C LEU B 306 12.55 31.88 53.41
N LYS B 307 13.35 32.82 52.94
CA LYS B 307 13.53 34.10 53.61
C LYS B 307 12.52 35.08 53.04
N ASN B 308 12.54 36.33 53.50
CA ASN B 308 11.46 37.24 53.11
C ASN B 308 11.91 38.67 52.84
N GLU B 309 12.95 38.88 52.04
CA GLU B 309 13.32 40.26 51.72
C GLU B 309 12.69 40.66 50.40
N ASP B 310 12.83 41.95 50.07
CA ASP B 310 12.33 42.51 48.81
C ASP B 310 13.49 42.54 47.82
N LEU B 311 13.44 41.66 46.83
CA LEU B 311 14.43 41.70 45.77
C LEU B 311 14.20 42.93 44.88
N PRO B 312 15.25 43.41 44.21
CA PRO B 312 15.05 44.44 43.18
C PRO B 312 14.24 43.90 42.01
N ILE B 313 13.66 44.83 41.25
CA ILE B 313 12.69 44.46 40.23
C ILE B 313 13.34 43.75 39.05
N GLU B 314 14.66 43.85 38.85
CA GLU B 314 15.30 43.06 37.81
C GLU B 314 15.38 41.58 38.17
N ASP B 315 15.76 41.29 39.42
CA ASP B 315 15.76 39.91 39.87
C ASP B 315 14.35 39.40 40.08
N LYS B 316 13.41 40.29 40.38
CA LYS B 316 12.00 39.92 40.42
C LYS B 316 11.46 39.65 39.01
N HIS B 317 11.98 40.35 38.00
CA HIS B 317 11.65 40.03 36.62
C HIS B 317 12.14 38.66 36.24
N TYR B 318 13.39 38.34 36.62
CA TYR B 318 13.91 36.99 36.33
C TYR B 318 13.14 35.92 37.08
N VAL B 319 13.00 36.06 38.40
CA VAL B 319 12.64 34.93 39.27
C VAL B 319 11.21 34.45 39.02
N MET B 320 10.38 35.27 38.36
CA MET B 320 9.06 34.84 37.96
C MET B 320 8.93 34.78 36.43
N ALA B 321 10.05 34.83 35.71
CA ALA B 321 10.06 34.56 34.28
C ALA B 321 10.47 33.15 33.94
N ILE B 322 11.21 32.49 34.83
CA ILE B 322 11.44 31.05 34.75
C ILE B 322 10.20 30.28 35.20
N LEU B 323 9.27 30.93 35.90
CA LEU B 323 8.03 30.27 36.26
C LEU B 323 7.05 30.08 35.10
N ILE B 324 7.36 30.46 33.86
CA ILE B 324 6.50 30.02 32.77
C ILE B 324 7.02 28.73 32.17
N ARG B 325 8.18 28.27 32.64
CA ARG B 325 8.96 27.23 31.99
C ARG B 325 8.81 25.90 32.70
N GLY B 326 9.01 25.84 34.02
CA GLY B 326 8.74 24.66 34.81
C GLY B 326 9.90 23.67 34.88
N GLY B 327 9.80 22.75 35.85
CA GLY B 327 10.69 21.60 35.91
C GLY B 327 11.52 21.39 37.16
N MET B 328 11.17 22.03 38.27
CA MET B 328 12.02 22.03 39.45
C MET B 328 11.82 20.78 40.30
N PHE B 329 12.53 20.75 41.42
CA PHE B 329 12.48 19.69 42.44
C PHE B 329 13.14 20.24 43.69
N SER B 330 13.32 19.37 44.69
CA SER B 330 14.04 19.74 45.91
C SER B 330 15.54 19.62 45.73
N THR C 11 46.11 36.02 25.56
CA THR C 11 45.71 35.39 26.82
C THR C 11 44.91 34.12 26.56
N LEU C 12 44.62 33.86 25.29
CA LEU C 12 43.87 32.66 24.91
C LEU C 12 44.75 31.42 25.07
N LYS C 13 44.08 30.28 25.30
CA LYS C 13 44.77 29.02 25.59
C LYS C 13 44.65 28.02 24.45
N SER C 14 43.43 27.72 23.99
CA SER C 14 43.24 26.78 22.91
C SER C 14 41.93 27.10 22.20
N ARG C 15 41.59 26.32 21.17
CA ARG C 15 40.32 26.54 20.43
C ARG C 15 39.14 26.11 21.31
N PRO C 16 37.93 26.66 21.13
CA PRO C 16 36.79 26.33 21.98
C PRO C 16 36.26 24.94 21.68
N GLU C 17 35.54 24.35 22.64
CA GLU C 17 34.94 23.01 22.45
C GLU C 17 33.85 23.09 21.39
N ASN C 18 33.17 24.24 21.29
CA ASN C 18 32.13 24.44 20.24
C ASN C 18 32.55 25.57 19.32
N LEU C 19 32.86 25.26 18.06
CA LEU C 19 33.25 26.29 17.07
C LEU C 19 32.66 25.89 15.70
N SER C 20 31.67 26.63 15.21
CA SER C 20 31.03 26.24 13.97
C SER C 20 30.74 27.47 13.13
N PHE C 21 31.26 27.48 11.93
CA PHE C 21 30.99 28.51 10.94
C PHE C 21 30.04 27.99 9.86
N ALA C 22 29.03 28.78 9.57
CA ALA C 22 28.04 28.42 8.57
C ALA C 22 28.60 28.72 7.19
N ARG C 23 27.83 28.42 6.15
CA ARG C 23 28.24 28.65 4.79
C ARG C 23 27.89 30.08 4.39
N CYS C 24 28.84 30.77 3.76
CA CYS C 24 28.59 32.10 3.24
C CYS C 24 28.21 32.07 1.77
N LEU C 25 28.16 30.89 1.17
CA LEU C 25 27.67 30.68 -0.19
C LEU C 25 26.65 29.56 -0.13
N ASN C 26 25.40 29.92 0.19
CA ASN C 26 24.29 28.94 0.22
C ASN C 26 23.87 28.67 -1.22
N THR C 27 24.54 27.72 -1.89
CA THR C 27 24.27 27.41 -3.27
C THR C 27 22.95 26.64 -3.35
N THR C 28 22.33 26.66 -4.52
CA THR C 28 21.03 26.05 -4.70
C THR C 28 21.21 24.81 -5.55
N GLU C 29 20.36 23.83 -5.35
CA GLU C 29 20.38 22.68 -6.24
C GLU C 29 19.88 23.08 -7.62
N ALA C 30 20.70 22.86 -8.63
CA ALA C 30 20.44 23.42 -9.95
C ALA C 30 19.37 22.61 -10.68
N LYS C 31 18.44 23.30 -11.31
CA LYS C 31 17.49 22.59 -12.15
C LYS C 31 18.00 22.59 -13.59
N PHE C 32 17.51 21.62 -14.37
CA PHE C 32 18.00 21.35 -15.71
C PHE C 32 16.84 21.46 -16.69
N TRP C 33 17.02 22.24 -17.75
CA TRP C 33 16.04 22.36 -18.82
C TRP C 33 16.73 22.05 -20.15
N GLN C 34 15.92 21.79 -21.18
CA GLN C 34 16.42 21.64 -22.53
C GLN C 34 15.82 22.71 -23.42
N THR C 35 16.67 23.36 -24.21
CA THR C 35 16.30 24.41 -25.15
C THR C 35 17.11 24.18 -26.41
N ASP C 36 16.93 25.10 -27.38
CA ASP C 36 17.74 25.08 -28.62
C ASP C 36 18.51 26.41 -28.62
N PHE C 37 19.81 26.39 -28.95
CA PHE C 37 20.61 27.65 -28.84
C PHE C 37 19.95 28.76 -29.65
N LEU C 38 19.36 28.43 -30.81
CA LEU C 38 18.74 29.45 -31.68
C LEU C 38 17.71 30.25 -30.86
N LYS C 39 16.89 29.57 -30.05
CA LYS C 39 15.88 30.26 -29.21
C LYS C 39 16.13 29.90 -27.74
N ARG C 40 17.25 30.34 -27.17
CA ARG C 40 17.61 29.97 -25.78
C ARG C 40 16.82 30.84 -24.78
N HIS C 41 16.23 31.94 -25.25
CA HIS C 41 15.54 32.88 -24.33
C HIS C 41 14.02 32.82 -24.53
N THR C 42 13.56 32.18 -25.61
CA THR C 42 12.11 32.12 -25.90
C THR C 42 11.66 30.68 -25.90
N PHE C 43 12.42 29.80 -25.24
CA PHE C 43 12.08 28.34 -25.23
C PHE C 43 12.68 27.72 -23.97
N LYS C 44 11.92 26.85 -23.30
CA LYS C 44 12.43 26.16 -22.08
C LYS C 44 11.57 24.90 -21.84
N LEU C 45 12.11 23.72 -22.17
CA LEU C 45 11.37 22.45 -21.99
C LEU C 45 12.02 21.62 -20.87
N PRO C 46 11.26 20.82 -20.09
CA PRO C 46 11.83 20.07 -18.99
C PRO C 46 12.72 18.93 -19.46
N LEU C 47 13.67 18.51 -18.62
CA LEU C 47 14.58 17.38 -18.97
C LEU C 47 14.26 16.20 -18.04
N LEU C 48 13.43 15.26 -18.51
CA LEU C 48 13.02 14.15 -17.66
C LEU C 48 14.14 13.13 -17.53
N ILE C 49 13.98 12.24 -16.54
CA ILE C 49 14.89 11.13 -16.31
C ILE C 49 14.31 9.87 -16.92
N THR C 50 15.09 9.16 -17.72
CA THR C 50 14.65 7.96 -18.41
C THR C 50 15.30 6.73 -17.80
N ASP C 51 14.49 5.74 -17.45
CA ASP C 51 15.02 4.47 -16.95
C ASP C 51 15.49 3.63 -18.13
N LYS C 52 16.63 2.95 -17.98
CA LYS C 52 17.20 2.17 -19.05
C LYS C 52 17.87 0.95 -18.47
N ALA C 53 18.13 -0.05 -19.31
CA ALA C 53 18.63 -1.34 -18.88
C ALA C 53 20.14 -1.44 -19.04
N VAL C 54 20.79 -2.09 -18.07
CA VAL C 54 22.21 -2.43 -18.19
C VAL C 54 22.42 -3.88 -17.75
N LEU C 55 23.30 -4.59 -18.47
CA LEU C 55 23.80 -5.88 -18.04
C LEU C 55 25.26 -5.67 -17.63
N ALA C 56 25.50 -5.60 -16.33
CA ALA C 56 26.83 -5.28 -15.83
C ALA C 56 27.74 -6.49 -15.97
N SER C 57 28.75 -6.38 -16.83
CA SER C 57 29.84 -7.33 -16.88
C SER C 57 30.90 -6.86 -15.90
N LYS C 58 31.42 -7.79 -15.09
CA LYS C 58 32.31 -7.44 -14.01
C LYS C 58 33.67 -6.98 -14.54
N GLY C 59 34.10 -5.80 -14.10
CA GLY C 59 35.36 -5.24 -14.55
C GLY C 59 36.39 -5.21 -13.43
N HIS C 60 36.24 -6.12 -12.47
CA HIS C 60 37.23 -6.29 -11.42
C HIS C 60 38.21 -7.36 -11.87
N GLU C 61 39.50 -7.12 -11.62
CA GLU C 61 40.55 -8.07 -12.07
C GLU C 61 40.26 -9.46 -11.50
N MET C 62 40.10 -10.47 -12.37
CA MET C 62 39.78 -11.84 -11.91
C MET C 62 40.71 -12.84 -12.60
N PRO C 63 41.26 -13.84 -11.89
CA PRO C 63 42.09 -14.86 -12.52
C PRO C 63 41.33 -15.57 -13.63
N PRO C 64 42.00 -16.03 -14.71
CA PRO C 64 41.31 -16.64 -15.83
C PRO C 64 40.41 -17.79 -15.40
N ASP C 65 40.80 -18.51 -14.36
CA ASP C 65 40.02 -19.68 -13.88
C ASP C 65 38.60 -19.24 -13.53
N LYS C 66 38.46 -18.14 -12.79
CA LYS C 66 37.11 -17.71 -12.33
C LYS C 66 36.47 -16.75 -13.36
N LEU C 67 37.24 -16.33 -14.37
CA LEU C 67 36.71 -15.37 -15.37
C LEU C 67 35.49 -15.99 -16.09
N GLU C 68 35.66 -17.18 -16.65
CA GLU C 68 34.56 -17.81 -17.44
C GLU C 68 33.28 -17.89 -16.59
N LYS C 69 33.41 -18.08 -15.28
CA LYS C 69 32.22 -18.25 -14.41
C LYS C 69 31.28 -17.03 -14.54
N GLU C 70 31.82 -15.82 -14.67
CA GLU C 70 30.96 -14.62 -14.69
C GLU C 70 31.11 -13.83 -15.99
N ILE C 71 32.26 -13.94 -16.67
CA ILE C 71 32.48 -13.13 -17.86
C ILE C 71 31.43 -13.41 -18.92
N MET C 72 30.68 -14.51 -18.79
CA MET C 72 29.59 -14.85 -19.69
C MET C 72 28.26 -14.93 -18.97
N ASP C 73 28.19 -14.46 -17.72
CA ASP C 73 26.97 -14.51 -16.92
C ASP C 73 26.64 -13.08 -16.57
N PRO C 74 25.77 -12.42 -17.32
CA PRO C 74 25.38 -11.04 -16.99
C PRO C 74 24.27 -11.03 -15.94
N ASN C 75 23.89 -9.82 -15.53
CA ASN C 75 22.88 -9.63 -14.51
C ASN C 75 22.09 -8.35 -14.84
N PRO C 76 20.79 -8.32 -14.58
CA PRO C 76 20.01 -7.13 -14.95
C PRO C 76 20.08 -6.03 -13.89
N GLN C 77 20.29 -4.80 -14.34
CA GLN C 77 20.20 -3.64 -13.47
C GLN C 77 19.45 -2.54 -14.19
N LYS C 78 18.72 -1.74 -13.42
CA LYS C 78 18.02 -0.57 -13.93
C LYS C 78 18.86 0.65 -13.63
N SER C 79 19.27 1.36 -14.68
CA SER C 79 20.12 2.54 -14.55
C SER C 79 19.36 3.72 -15.14
N GLN C 80 19.11 4.73 -14.32
CA GLN C 80 18.49 5.94 -14.81
C GLN C 80 19.52 6.80 -15.54
N SER C 81 19.20 7.21 -16.76
CA SER C 81 20.05 8.05 -17.58
C SER C 81 19.24 9.25 -18.06
N CYS C 82 19.98 10.30 -18.42
CA CYS C 82 19.32 11.56 -18.85
C CYS C 82 19.85 11.97 -20.22
N THR C 83 18.95 12.14 -21.19
CA THR C 83 19.31 12.52 -22.55
C THR C 83 18.40 13.63 -23.05
N LEU C 84 18.96 14.50 -23.90
CA LEU C 84 18.20 15.59 -24.47
C LEU C 84 17.34 15.10 -25.63
N SER C 85 16.28 15.85 -25.90
CA SER C 85 15.37 15.53 -27.00
C SER C 85 16.05 15.80 -28.34
N THR C 86 15.44 15.26 -29.40
CA THR C 86 15.98 15.44 -30.75
C THR C 86 15.78 16.87 -31.24
N GLU C 87 14.79 17.57 -30.73
CA GLU C 87 14.50 18.94 -31.15
C GLU C 87 15.25 19.99 -30.33
N CYS C 88 16.02 19.58 -29.32
CA CYS C 88 16.75 20.50 -28.49
C CYS C 88 18.24 20.17 -28.52
N ASP C 89 19.06 21.21 -28.37
CA ASP C 89 20.53 21.04 -28.44
C ASP C 89 21.22 21.95 -27.43
N THR C 90 20.60 22.20 -26.29
CA THR C 90 21.17 23.12 -25.30
C THR C 90 20.62 22.77 -23.93
N LEU C 91 21.52 22.54 -22.97
CA LEU C 91 21.12 22.36 -21.59
C LEU C 91 21.16 23.69 -20.87
N ARG C 92 20.09 23.97 -20.10
CA ARG C 92 19.97 25.17 -19.29
C ARG C 92 20.07 24.77 -17.83
N ILE C 93 21.14 25.23 -17.17
CA ILE C 93 21.34 24.93 -15.71
C ILE C 93 21.01 26.20 -14.92
N ASP C 94 19.87 26.20 -14.22
CA ASP C 94 19.46 27.40 -13.44
C ASP C 94 19.78 27.16 -11.96
N PHE C 95 20.74 27.94 -11.41
CA PHE C 95 21.12 27.78 -9.99
C PHE C 95 21.27 29.16 -9.35
N GLY C 96 20.80 29.30 -8.11
CA GLY C 96 20.93 30.58 -7.39
C GLY C 96 22.01 30.51 -6.33
N ILE C 97 22.50 31.66 -5.87
CA ILE C 97 23.54 31.68 -4.80
C ILE C 97 23.17 32.77 -3.77
N LYS C 98 23.13 32.41 -2.48
CA LYS C 98 22.83 33.40 -1.42
C LYS C 98 24.13 33.72 -0.67
N VAL C 99 24.71 34.90 -0.89
CA VAL C 99 25.99 35.28 -0.23
C VAL C 99 25.67 36.06 1.06
N LEU C 100 26.07 35.52 2.22
CA LEU C 100 25.75 36.16 3.52
C LEU C 100 27.04 36.60 4.22
N PRO C 101 27.01 37.61 5.13
CA PRO C 101 28.22 38.10 5.77
C PRO C 101 28.97 37.02 6.55
N VAL C 102 30.30 37.12 6.58
CA VAL C 102 31.13 36.10 7.28
C VAL C 102 31.06 36.36 8.80
N LYS C 103 31.09 37.62 9.22
CA LYS C 103 31.08 37.96 10.66
C LYS C 103 29.80 37.38 11.30
N GLU C 104 28.75 37.16 10.49
CA GLU C 104 27.47 36.67 11.04
C GLU C 104 27.31 35.17 10.72
N SER C 105 28.39 34.51 10.32
CA SER C 105 28.31 33.06 9.95
C SER C 105 28.73 32.20 11.14
N MET C 106 29.01 32.80 12.30
CA MET C 106 29.47 32.03 13.48
C MET C 106 28.26 31.35 14.13
N TYR C 107 28.04 30.07 13.82
CA TYR C 107 26.87 29.34 14.36
C TYR C 107 27.07 29.13 15.86
N SER C 108 28.30 28.83 16.28
CA SER C 108 28.58 28.66 17.73
C SER C 108 30.03 29.04 18.08
N CYS C 109 30.22 29.77 19.18
CA CYS C 109 31.59 30.09 19.66
C CYS C 109 31.57 29.86 21.17
N SER C 110 32.21 28.78 21.64
CA SER C 110 32.11 28.42 23.05
C SER C 110 33.02 29.23 23.96
N ASP C 111 33.80 30.13 23.40
CA ASP C 111 34.65 31.02 24.23
C ASP C 111 34.50 32.41 23.66
N TYR C 112 34.30 33.40 24.52
CA TYR C 112 34.03 34.75 24.04
C TYR C 112 35.30 35.52 23.68
N ASN C 113 36.44 35.17 24.29
CA ASN C 113 37.70 35.79 23.89
C ASN C 113 38.09 35.34 22.48
N TYR C 114 37.81 34.08 22.15
CA TYR C 114 37.95 33.58 20.78
C TYR C 114 37.04 34.35 19.83
N ARG C 115 35.83 34.68 20.29
CA ARG C 115 34.88 35.45 19.50
C ARG C 115 35.40 36.85 19.18
N THR C 116 35.92 37.54 20.20
CA THR C 116 36.46 38.88 20.00
C THR C 116 37.70 38.87 19.11
N ALA C 117 38.58 37.88 19.31
CA ALA C 117 39.80 37.81 18.51
C ALA C 117 39.52 37.46 17.06
N ILE C 118 38.55 36.56 16.81
CA ILE C 118 38.23 36.22 15.43
C ILE C 118 37.53 37.38 14.74
N TYR C 119 36.71 38.17 15.46
CA TYR C 119 36.10 39.35 14.85
C TYR C 119 37.14 40.42 14.55
N GLN C 120 38.16 40.55 15.42
CA GLN C 120 39.29 41.44 15.15
C GLN C 120 40.06 41.00 13.90
N LYS C 121 40.18 39.70 13.67
CA LYS C 121 40.81 39.23 12.44
C LYS C 121 39.95 39.53 11.20
N ILE C 122 38.62 39.42 11.33
CA ILE C 122 37.74 39.74 10.19
C ILE C 122 37.87 41.21 9.79
N ASP C 123 37.80 42.14 10.75
CA ASP C 123 37.90 43.52 10.28
C ASP C 123 39.34 43.98 10.06
N GLU C 124 40.29 43.08 10.31
CA GLU C 124 41.70 43.39 9.96
C GLU C 124 41.86 43.04 8.47
N TYR C 125 41.29 41.90 8.07
CA TYR C 125 41.35 41.47 6.64
C TYR C 125 40.50 42.41 5.80
N ILE C 126 39.27 42.69 6.26
CA ILE C 126 38.37 43.61 5.52
C ILE C 126 39.14 44.93 5.28
N ALA C 127 39.95 45.35 6.25
CA ALA C 127 40.77 46.57 6.08
C ALA C 127 41.76 46.37 4.92
N GLU C 128 42.62 45.36 5.00
CA GLU C 128 43.66 45.15 3.96
C GLU C 128 43.00 44.81 2.61
N ASP C 129 42.01 43.91 2.62
CA ASP C 129 41.34 43.49 1.35
C ASP C 129 39.87 43.21 1.64
N GLY C 130 38.97 43.93 0.97
CA GLY C 130 37.52 43.70 1.17
C GLY C 130 37.09 42.43 0.48
N PHE C 131 37.61 41.28 0.92
CA PHE C 131 37.26 39.97 0.30
C PHE C 131 37.14 40.16 -1.21
N LEU C 132 38.04 40.95 -1.81
CA LEU C 132 37.99 41.20 -3.24
C LEU C 132 38.59 40.05 -4.06
N THR C 133 39.77 39.56 -3.67
CA THR C 133 40.43 38.49 -4.42
C THR C 133 39.64 37.18 -4.33
N LEU C 134 39.12 36.87 -3.14
CA LEU C 134 38.33 35.66 -2.95
C LEU C 134 37.04 35.69 -3.76
N ALA C 135 36.35 36.83 -3.76
CA ALA C 135 35.10 36.94 -4.51
C ALA C 135 35.36 36.96 -6.02
N LYS C 136 36.49 37.55 -6.44
CA LYS C 136 36.91 37.47 -7.84
C LYS C 136 37.12 36.03 -8.26
N ARG C 137 37.77 35.24 -7.41
CA ARG C 137 37.99 33.83 -7.71
C ARG C 137 36.68 33.04 -7.71
N TYR C 138 35.76 33.35 -6.79
CA TYR C 138 34.50 32.60 -6.72
C TYR C 138 33.60 32.86 -7.93
N VAL C 139 33.43 34.11 -8.34
CA VAL C 139 32.51 34.26 -9.47
C VAL C 139 33.28 34.18 -10.80
N ASN C 140 34.62 34.09 -10.76
CA ASN C 140 35.32 33.61 -11.95
C ASN C 140 35.08 32.11 -12.08
N ASN C 141 34.98 31.40 -10.95
CA ASN C 141 34.61 29.99 -10.98
C ASN C 141 33.17 29.80 -11.43
N ILE C 142 32.31 30.78 -11.15
CA ILE C 142 30.99 30.84 -11.80
C ILE C 142 31.17 31.07 -13.29
N ALA C 143 32.10 31.96 -13.66
CA ALA C 143 32.26 32.39 -15.06
C ALA C 143 32.86 31.30 -15.93
N ASN C 144 33.78 30.51 -15.39
CA ASN C 144 34.45 29.50 -16.21
C ASN C 144 33.65 28.21 -16.32
N ALA C 145 32.43 28.19 -15.76
CA ALA C 145 31.46 27.10 -15.86
C ALA C 145 32.01 25.79 -15.33
N ARG C 146 32.69 25.85 -14.18
CA ARG C 146 33.15 24.65 -13.50
C ARG C 146 32.02 23.89 -12.83
N PHE C 147 30.85 24.51 -12.68
CA PHE C 147 29.71 23.80 -12.13
C PHE C 147 29.19 22.74 -13.11
N LEU C 148 29.42 22.94 -14.41
CA LEU C 148 29.34 21.82 -15.36
C LEU C 148 30.52 20.91 -15.04
N TRP C 149 30.30 19.85 -14.28
CA TRP C 149 31.44 19.06 -13.83
C TRP C 149 32.03 18.23 -14.96
N ARG C 150 31.18 17.61 -15.77
CA ARG C 150 31.65 16.82 -16.90
C ARG C 150 30.92 17.17 -18.19
N ASN C 151 29.74 17.79 -18.11
CA ASN C 151 29.00 18.27 -19.28
C ASN C 151 29.72 19.38 -20.04
N ARG C 152 30.73 20.01 -19.45
CA ARG C 152 31.53 21.01 -20.14
C ARG C 152 32.41 20.39 -21.23
N LYS C 153 32.70 19.09 -21.13
CA LYS C 153 33.80 18.44 -21.86
C LYS C 153 33.62 18.52 -23.37
N GLY C 154 32.40 18.33 -23.85
CA GLY C 154 32.12 18.56 -25.25
C GLY C 154 31.01 19.56 -25.44
N ALA C 155 31.33 20.73 -25.99
CA ALA C 155 30.36 21.80 -26.15
C ALA C 155 30.87 22.76 -27.21
N GLU C 156 29.93 23.42 -27.91
CA GLU C 156 30.32 24.44 -28.86
C GLU C 156 30.63 25.75 -28.15
N ILE C 157 29.60 26.39 -27.58
CA ILE C 157 29.74 27.59 -26.78
C ILE C 157 29.01 27.37 -25.46
N ILE C 158 29.73 27.53 -24.35
CA ILE C 158 29.14 27.58 -23.03
C ILE C 158 28.88 29.05 -22.73
N GLU C 159 27.62 29.43 -22.52
CA GLU C 159 27.30 30.84 -22.35
C GLU C 159 26.61 30.97 -21.00
N THR C 160 27.29 31.56 -20.02
CA THR C 160 26.76 31.71 -18.68
C THR C 160 26.35 33.15 -18.43
N ILE C 161 25.15 33.35 -17.89
CA ILE C 161 24.61 34.70 -17.71
C ILE C 161 24.02 34.83 -16.31
N VAL C 162 24.30 35.98 -15.69
CA VAL C 162 24.11 36.22 -14.26
C VAL C 162 23.04 37.30 -14.07
N THR C 163 22.24 37.16 -13.00
CA THR C 163 21.23 38.13 -12.63
C THR C 163 21.41 38.51 -11.17
N ILE C 164 21.52 39.81 -10.90
CA ILE C 164 21.63 40.34 -9.54
C ILE C 164 20.42 41.22 -9.34
N GLU C 165 19.61 40.91 -8.32
CA GLU C 165 18.58 41.80 -7.71
C GLU C 165 17.60 42.37 -8.73
N ASP C 166 17.18 41.51 -9.67
CA ASP C 166 16.33 41.88 -10.82
C ASP C 166 16.92 43.03 -11.63
N LYS C 167 18.22 42.94 -11.87
CA LYS C 167 18.94 43.83 -12.79
C LYS C 167 19.69 42.96 -13.78
N GLU C 168 19.45 42.99 -15.08
CA GLU C 168 20.19 41.99 -15.91
C GLU C 168 21.72 42.15 -15.77
N TYR C 169 22.53 41.13 -16.09
CA TYR C 169 24.02 41.32 -16.08
C TYR C 169 24.63 40.82 -17.37
N PRO C 170 25.77 41.38 -17.84
CA PRO C 170 26.33 41.02 -19.13
C PRO C 170 26.69 39.57 -19.26
N SER C 171 26.73 39.07 -20.47
CA SER C 171 26.92 37.62 -20.70
C SER C 171 28.38 37.19 -20.58
N PHE C 172 28.62 35.89 -20.55
CA PHE C 172 29.94 35.31 -20.32
C PHE C 172 30.20 34.15 -21.26
N ASN C 173 31.32 34.22 -21.99
CA ASN C 173 31.78 33.15 -22.87
C ASN C 173 32.76 32.32 -22.05
N SER C 174 32.32 31.14 -21.60
CA SER C 174 33.08 30.37 -20.64
C SER C 174 34.28 29.66 -21.27
N LYS C 175 34.26 29.45 -22.59
CA LYS C 175 35.42 28.84 -23.24
C LYS C 175 36.62 29.77 -23.31
N SER C 176 36.39 31.09 -23.23
CA SER C 176 37.50 32.05 -23.26
C SER C 176 38.29 32.06 -21.96
N PHE C 177 37.78 31.46 -20.89
CA PHE C 177 38.46 31.41 -19.60
C PHE C 177 39.07 30.03 -19.43
N ASN C 178 40.39 29.98 -19.26
CA ASN C 178 41.04 28.72 -18.93
C ASN C 178 40.85 28.38 -17.47
N LEU C 179 41.00 27.09 -17.15
CA LEU C 179 40.60 26.59 -15.85
C LEU C 179 41.71 26.68 -14.80
N ASP C 180 42.93 27.01 -15.20
CA ASP C 180 44.05 27.04 -14.27
C ASP C 180 44.48 28.42 -13.86
N THR C 181 44.22 29.44 -14.69
CA THR C 181 44.61 30.82 -14.40
C THR C 181 43.37 31.66 -14.18
N PHE C 182 43.41 32.50 -13.16
CA PHE C 182 42.31 33.38 -12.81
C PHE C 182 42.55 34.77 -13.39
N VAL C 183 41.50 35.38 -13.93
CA VAL C 183 41.60 36.68 -14.59
C VAL C 183 40.97 37.74 -13.71
N GLU C 184 41.61 38.91 -13.64
CA GLU C 184 41.11 40.02 -12.85
C GLU C 184 41.01 41.28 -13.70
N ASP C 185 40.61 41.17 -14.97
CA ASP C 185 40.69 42.35 -15.82
C ASP C 185 39.46 42.56 -16.71
N ASN C 186 38.32 41.95 -16.41
CA ASN C 186 37.08 42.29 -17.10
C ASN C 186 36.18 43.09 -16.18
N ALA C 187 35.23 43.81 -16.77
CA ALA C 187 34.38 44.71 -15.99
C ALA C 187 33.38 43.94 -15.14
N THR C 188 32.75 42.90 -15.70
CA THR C 188 31.63 42.25 -15.03
C THR C 188 32.11 41.38 -13.87
N ILE C 189 33.23 40.68 -14.03
CA ILE C 189 33.84 39.92 -12.94
C ILE C 189 34.21 40.84 -11.79
N ASN C 190 34.74 42.04 -12.08
CA ASN C 190 35.17 42.93 -11.02
C ASN C 190 33.98 43.58 -10.32
N GLU C 191 32.93 43.92 -11.08
CA GLU C 191 31.76 44.56 -10.47
C GLU C 191 30.95 43.58 -9.64
N ILE C 192 30.74 42.36 -10.16
CA ILE C 192 30.00 41.36 -9.41
C ILE C 192 30.81 40.91 -8.20
N ALA C 193 32.14 40.81 -8.34
CA ALA C 193 33.00 40.47 -7.23
C ALA C 193 33.02 41.57 -6.17
N GLN C 194 32.86 42.84 -6.56
CA GLN C 194 32.74 43.91 -5.58
C GLN C 194 31.42 43.80 -4.82
N GLN C 195 30.34 43.43 -5.51
CA GLN C 195 29.05 43.23 -4.83
C GLN C 195 29.09 42.04 -3.86
N ILE C 196 29.69 40.92 -4.29
CA ILE C 196 29.92 39.78 -3.41
C ILE C 196 30.87 40.17 -2.28
N ALA C 197 31.82 41.05 -2.55
CA ALA C 197 32.81 41.47 -1.58
C ALA C 197 32.18 42.27 -0.44
N ASP C 198 31.30 43.22 -0.76
CA ASP C 198 30.74 43.99 0.34
C ASP C 198 29.47 43.36 0.93
N THR C 199 28.96 42.30 0.31
CA THR C 199 27.84 41.57 0.94
C THR C 199 28.46 40.56 1.87
N PHE C 200 29.78 40.41 1.79
CA PHE C 200 30.52 39.47 2.69
C PHE C 200 31.10 40.26 3.85
N ALA C 201 31.60 41.46 3.57
CA ALA C 201 32.16 42.32 4.64
C ALA C 201 31.07 42.66 5.64
N GLY C 202 29.85 42.86 5.16
CA GLY C 202 28.72 43.18 6.06
C GLY C 202 28.07 44.49 5.66
N LYS C 203 28.64 45.18 4.67
CA LYS C 203 28.10 46.50 4.24
C LYS C 203 26.66 46.32 3.75
N ARG C 204 26.23 45.08 3.49
CA ARG C 204 24.86 44.82 3.08
C ARG C 204 24.54 43.39 3.48
N GLU C 205 23.31 43.17 3.93
CA GLU C 205 22.99 41.99 4.73
C GLU C 205 22.92 40.71 3.89
N TYR C 206 22.54 40.81 2.62
CA TYR C 206 22.38 39.61 1.80
C TYR C 206 22.52 39.99 0.33
N LEU C 207 22.80 38.98 -0.49
CA LEU C 207 22.67 39.14 -1.94
C LEU C 207 22.29 37.81 -2.56
N ASN C 208 21.40 37.88 -3.56
CA ASN C 208 20.98 36.73 -4.33
C ASN C 208 21.55 36.80 -5.74
N ILE C 209 22.09 35.69 -6.20
CA ILE C 209 22.72 35.56 -7.51
C ILE C 209 21.95 34.50 -8.27
N TYR C 210 21.51 34.81 -9.49
CA TYR C 210 20.80 33.82 -10.30
C TYR C 210 21.55 33.61 -11.61
N VAL C 211 22.27 32.50 -11.73
CA VAL C 211 23.03 32.18 -12.93
C VAL C 211 22.29 31.10 -13.71
N THR C 212 22.08 31.35 -14.99
CA THR C 212 21.62 30.35 -15.94
C THR C 212 22.72 30.12 -16.96
N CYS C 213 23.05 28.87 -17.20
CA CYS C 213 24.06 28.49 -18.17
C CYS C 213 23.40 27.76 -19.33
N PHE C 214 23.68 28.23 -20.55
CA PHE C 214 23.27 27.53 -21.76
C PHE C 214 24.49 26.83 -22.34
N VAL C 215 24.42 25.51 -22.45
CA VAL C 215 25.50 24.71 -23.02
C VAL C 215 24.99 24.05 -24.30
N LYS C 216 25.75 24.19 -25.38
CA LYS C 216 25.35 23.56 -26.64
C LYS C 216 26.04 22.21 -26.71
N ILE C 217 25.35 21.18 -26.25
CA ILE C 217 25.93 19.84 -26.18
C ILE C 217 25.59 19.03 -27.43
N GLY C 218 24.54 19.41 -28.16
CA GLY C 218 24.22 18.73 -29.41
C GLY C 218 22.78 18.26 -29.46
N CYS C 219 22.28 18.03 -30.67
CA CYS C 219 20.95 17.47 -30.84
C CYS C 219 20.93 16.02 -30.39
N ALA C 220 20.00 15.71 -29.49
CA ALA C 220 19.74 14.39 -28.91
C ALA C 220 20.90 13.81 -28.11
N MET C 221 21.91 14.62 -27.77
CA MET C 221 23.01 14.17 -26.92
C MET C 221 22.52 13.91 -25.49
N GLU C 222 23.36 13.25 -24.71
CA GLU C 222 23.01 12.88 -23.35
C GLU C 222 23.88 13.66 -22.36
N VAL C 223 23.24 14.13 -21.29
CA VAL C 223 23.88 15.03 -20.33
C VAL C 223 23.75 14.44 -18.93
N TYR C 224 24.74 14.73 -18.10
CA TYR C 224 25.03 13.93 -16.90
C TYR C 224 24.81 14.76 -15.64
N PRO C 225 23.72 14.54 -14.92
CA PRO C 225 23.53 15.23 -13.64
C PRO C 225 24.15 14.45 -12.49
N SER C 226 23.99 14.95 -11.26
CA SER C 226 24.61 14.30 -10.11
C SER C 226 23.87 13.03 -9.72
N GLN C 227 24.64 12.02 -9.33
CA GLN C 227 24.11 10.73 -8.92
C GLN C 227 23.90 10.69 -7.41
N GLU C 228 23.03 9.78 -6.98
CA GLU C 228 22.85 9.48 -5.57
C GLU C 228 23.31 8.06 -5.25
N MET C 229 23.53 7.84 -3.96
CA MET C 229 23.96 6.49 -3.52
C MET C 229 22.73 5.60 -3.36
N THR C 230 22.81 4.37 -3.87
CA THR C 230 21.71 3.41 -3.65
C THR C 230 22.17 2.48 -2.55
N PHE C 231 21.32 2.17 -1.59
CA PHE C 231 21.70 1.19 -0.54
C PHE C 231 21.81 -0.21 -1.17
N ASP C 232 22.40 -1.16 -0.43
CA ASP C 232 22.51 -2.54 -0.94
C ASP C 232 21.24 -2.83 -1.75
N ASP C 233 20.08 -2.51 -1.18
CA ASP C 233 18.78 -2.70 -1.89
C ASP C 233 19.03 -3.36 -3.24
N ASP C 235 18.72 -1.18 -5.93
CA ASP C 235 18.78 -1.63 -7.35
C ASP C 235 20.23 -1.73 -7.78
N LYS C 236 21.14 -1.12 -7.02
CA LYS C 236 22.59 -1.13 -7.38
C LYS C 236 22.75 -0.52 -8.78
N GLY C 237 21.88 0.42 -9.15
CA GLY C 237 21.94 1.04 -10.49
C GLY C 237 22.03 2.55 -10.41
N LYS C 238 22.53 3.19 -11.46
CA LYS C 238 22.70 4.64 -11.46
C LYS C 238 21.35 5.30 -11.23
N LYS C 239 21.23 6.02 -10.10
CA LYS C 239 19.99 6.80 -9.83
C LYS C 239 20.36 8.29 -9.89
N LEU C 240 19.66 9.07 -10.71
CA LEU C 240 20.02 10.51 -10.89
C LEU C 240 19.11 11.40 -10.04
N PHE C 241 19.51 12.66 -9.83
CA PHE C 241 18.72 13.61 -9.01
C PHE C 241 17.45 13.99 -9.75
N LYS C 242 16.30 13.93 -9.08
CA LYS C 242 15.03 14.38 -9.71
C LYS C 242 14.51 15.60 -8.93
N PHE C 243 14.35 16.73 -9.61
CA PHE C 243 13.92 17.99 -8.94
C PHE C 243 12.67 18.48 -9.66
N GLU C 244 11.51 18.39 -8.99
CA GLU C 244 10.23 18.79 -9.63
C GLU C 244 10.09 18.04 -10.96
N GLY C 245 10.43 16.74 -10.97
CA GLY C 245 10.32 15.92 -12.19
C GLY C 245 11.27 16.40 -13.27
N SER C 246 12.42 16.95 -12.88
CA SER C 246 13.44 17.39 -13.88
C SER C 246 14.84 17.01 -13.38
N ALA C 247 15.80 16.87 -14.30
CA ALA C 247 17.19 16.54 -13.90
C ALA C 247 17.69 17.61 -12.92
N GLY C 248 18.45 17.18 -11.90
CA GLY C 248 18.95 18.10 -10.91
C GLY C 248 20.41 17.86 -10.59
N MET C 249 21.04 18.90 -10.07
CA MET C 249 22.44 18.83 -9.68
C MET C 249 22.53 19.20 -8.20
N HIS C 250 23.44 18.53 -7.48
CA HIS C 250 23.60 18.75 -6.05
C HIS C 250 24.13 20.15 -5.77
N SER C 251 23.70 20.70 -4.63
CA SER C 251 24.19 22.00 -4.20
C SER C 251 25.66 21.93 -3.79
N GLN C 252 26.06 20.82 -3.14
CA GLN C 252 27.44 20.66 -2.73
C GLN C 252 28.37 20.45 -3.92
N LYS C 253 27.87 19.86 -5.01
CA LYS C 253 28.64 19.77 -6.24
C LYS C 253 29.00 21.14 -6.79
N ILE C 254 28.02 22.04 -6.85
CA ILE C 254 28.26 23.38 -7.37
C ILE C 254 29.14 24.18 -6.41
N ASN C 255 28.91 24.00 -5.10
CA ASN C 255 29.72 24.71 -4.11
C ASN C 255 31.17 24.24 -4.13
N ASN C 256 31.41 22.95 -4.34
CA ASN C 256 32.78 22.44 -4.37
C ASN C 256 33.44 22.78 -5.69
N ALA C 257 32.67 22.90 -6.78
CA ALA C 257 33.19 23.42 -8.03
C ALA C 257 33.60 24.88 -7.89
N LEU C 258 32.79 25.68 -7.21
CA LEU C 258 33.05 27.10 -7.07
C LEU C 258 34.12 27.37 -6.02
N ARG C 259 34.36 26.41 -5.12
CA ARG C 259 35.38 26.55 -4.09
C ARG C 259 36.78 26.27 -4.60
N THR C 260 36.95 26.03 -5.91
CA THR C 260 38.24 25.73 -6.52
C THR C 260 39.04 27.02 -6.73
N ILE C 261 39.39 27.64 -5.61
CA ILE C 261 40.02 28.96 -5.61
C ILE C 261 41.41 28.92 -4.97
N ASP C 262 41.83 27.71 -4.61
CA ASP C 262 43.13 27.59 -3.89
C ASP C 262 44.31 27.45 -4.86
N THR C 263 45.12 28.48 -4.94
CA THR C 263 46.37 28.48 -5.70
C THR C 263 47.52 28.86 -4.78
N TRP C 264 47.40 28.47 -3.51
CA TRP C 264 48.43 28.84 -2.51
C TRP C 264 48.92 27.60 -1.78
N TYR C 265 48.49 26.42 -2.24
CA TYR C 265 48.99 25.16 -1.63
C TYR C 265 50.50 25.11 -1.82
N PRO C 266 51.28 24.62 -0.83
CA PRO C 266 52.74 24.68 -0.92
C PRO C 266 53.34 24.26 -2.27
N ASP C 267 52.90 23.14 -2.84
CA ASP C 267 53.53 22.64 -4.11
C ASP C 267 52.74 23.16 -5.32
N TYR C 268 52.63 24.47 -5.48
CA TYR C 268 51.84 25.02 -6.57
C TYR C 268 52.68 25.22 -7.82
N THR C 269 53.96 25.54 -7.65
CA THR C 269 54.92 25.64 -8.75
C THR C 269 55.35 24.28 -9.32
N THR C 270 54.74 23.17 -8.90
CA THR C 270 55.02 21.85 -9.46
C THR C 270 53.77 21.14 -9.99
N TYR C 271 52.60 21.61 -9.57
CA TYR C 271 51.32 21.00 -10.01
C TYR C 271 50.56 22.04 -10.85
N GLU C 272 50.51 23.29 -10.38
CA GLU C 272 49.87 24.39 -11.17
C GLU C 272 48.40 24.09 -11.49
N PHE C 273 47.55 23.90 -10.47
CA PHE C 273 46.10 23.71 -10.72
C PHE C 273 45.32 24.00 -9.43
N PRO C 274 44.13 24.65 -9.51
CA PRO C 274 43.33 24.92 -8.34
C PRO C 274 42.76 23.65 -7.72
N ILE C 275 42.60 23.63 -6.39
CA ILE C 275 42.05 22.44 -5.67
C ILE C 275 40.92 22.93 -4.76
N PRO C 276 39.74 22.26 -4.67
CA PRO C 276 38.72 22.68 -3.72
C PRO C 276 39.35 23.10 -2.40
N VAL C 277 38.84 24.19 -1.80
CA VAL C 277 39.32 24.56 -0.48
C VAL C 277 38.80 23.53 0.52
N GLU C 278 39.71 23.09 1.40
CA GLU C 278 39.45 21.98 2.30
C GLU C 278 40.43 22.13 3.45
N ASN C 279 40.00 21.67 4.64
CA ASN C 279 40.73 21.80 5.90
C ASN C 279 42.18 21.35 5.80
N TYR C 280 42.39 20.15 5.25
CA TYR C 280 43.73 19.61 5.10
C TYR C 280 44.21 19.65 3.65
N GLY C 281 43.44 20.26 2.75
CA GLY C 281 43.78 20.25 1.34
C GLY C 281 43.57 18.92 0.67
N ALA C 282 42.72 18.06 1.25
CA ALA C 282 42.53 16.70 0.75
C ALA C 282 41.53 16.74 -0.39
N ALA C 283 42.02 17.17 -1.55
CA ALA C 283 41.22 17.10 -2.77
C ALA C 283 41.08 15.65 -3.21
N ARG C 284 39.86 15.24 -3.52
CA ARG C 284 39.58 13.86 -3.90
C ARG C 284 40.06 13.53 -5.31
N SER C 285 40.39 14.54 -6.11
CA SER C 285 40.94 14.34 -7.45
C SER C 285 42.31 13.68 -7.45
N ILE C 286 43.29 14.48 -6.90
CA ILE C 286 44.72 14.03 -6.87
C ILE C 286 44.96 13.20 -5.61
N GLY C 287 43.93 12.98 -4.82
CA GLY C 287 44.10 12.04 -3.72
C GLY C 287 44.70 12.62 -2.46
N ILE C 288 46.01 12.46 -2.32
CA ILE C 288 46.80 12.80 -1.12
C ILE C 288 46.64 14.27 -0.78
N PRO C 289 46.60 14.66 0.51
CA PRO C 289 46.29 16.05 0.84
C PRO C 289 47.46 16.98 0.54
N PHE C 290 47.14 18.17 0.04
CA PHE C 290 48.15 19.11 -0.42
C PHE C 290 48.65 20.04 0.67
N ARG C 291 47.91 20.16 1.78
CA ARG C 291 48.36 20.91 2.95
C ARG C 291 48.24 20.02 4.19
N PRO C 292 49.06 18.95 4.26
CA PRO C 292 48.86 17.97 5.35
C PRO C 292 49.38 18.39 6.72
N ASP C 293 50.58 18.97 6.77
CA ASP C 293 51.30 19.16 8.02
C ASP C 293 51.26 20.59 8.53
N THR C 294 51.71 21.55 7.73
CA THR C 294 52.00 22.89 8.24
C THR C 294 51.12 23.98 7.66
N LYS C 295 50.37 23.73 6.59
CA LYS C 295 49.54 24.76 5.96
C LYS C 295 48.08 24.36 5.94
N SER C 296 47.66 23.48 6.84
CA SER C 296 46.25 23.10 6.95
C SER C 296 45.47 24.19 7.66
N PHE C 297 44.16 23.97 7.80
CA PHE C 297 43.33 24.82 8.65
C PHE C 297 43.81 24.79 10.09
N TYR C 298 44.00 23.60 10.63
CA TYR C 298 44.07 23.40 12.06
C TYR C 298 45.44 23.73 12.64
N LYS C 299 46.37 24.14 11.79
CA LYS C 299 47.57 24.84 12.23
C LYS C 299 47.52 26.33 11.92
N LEU C 300 46.86 26.73 10.82
CA LEU C 300 46.90 28.13 10.42
C LEU C 300 46.00 28.99 11.30
N ILE C 301 44.83 28.48 11.68
CA ILE C 301 44.02 29.21 12.65
C ILE C 301 44.47 28.91 14.08
N ASP C 302 45.25 27.84 14.24
CA ASP C 302 45.83 27.55 15.58
C ASP C 302 46.96 28.55 15.79
N ARG C 303 47.21 29.41 14.80
CA ARG C 303 48.33 30.38 14.88
C ARG C 303 47.80 31.80 14.63
N MET C 304 46.89 31.96 13.67
CA MET C 304 46.37 33.31 13.32
C MET C 304 45.67 33.94 14.53
N ILE C 305 44.77 33.18 15.18
CA ILE C 305 43.98 33.76 16.31
C ILE C 305 44.72 33.53 17.64
N LEU C 306 45.08 32.28 17.95
CA LEU C 306 45.69 31.97 19.26
C LEU C 306 47.06 32.64 19.42
N LYS C 307 47.92 32.57 18.39
CA LYS C 307 49.30 33.11 18.53
C LYS C 307 49.34 34.58 18.07
N ASN C 308 48.18 35.13 17.68
CA ASN C 308 48.11 36.56 17.25
C ASN C 308 49.28 36.86 16.31
N GLU C 309 49.80 35.82 15.64
CA GLU C 309 50.94 36.00 14.70
C GLU C 309 50.39 36.38 13.32
N ASP C 310 51.07 37.30 12.62
CA ASP C 310 50.64 37.71 11.26
C ASP C 310 50.94 36.57 10.28
N LEU C 311 50.01 36.29 9.36
CA LEU C 311 50.21 35.21 8.35
C LEU C 311 50.35 35.84 6.95
N PRO C 312 51.02 35.18 5.98
CA PRO C 312 51.11 35.72 4.64
C PRO C 312 49.72 35.91 4.03
N ILE C 313 49.59 36.86 3.11
CA ILE C 313 48.26 37.18 2.52
C ILE C 313 47.65 35.92 1.87
N GLU C 314 48.48 35.07 1.26
CA GLU C 314 47.97 33.83 0.61
C GLU C 314 47.34 32.93 1.68
N ASP C 315 48.09 32.61 2.73
CA ASP C 315 47.57 31.79 3.83
C ASP C 315 46.32 32.42 4.43
N LYS C 316 46.32 33.76 4.51
CA LYS C 316 45.17 34.53 4.98
C LYS C 316 43.97 34.30 4.07
N HIS C 317 44.20 34.30 2.75
CA HIS C 317 43.17 33.95 1.78
C HIS C 317 42.63 32.55 2.00
N TYR C 318 43.52 31.59 2.28
CA TYR C 318 43.09 30.21 2.46
C TYR C 318 42.24 30.01 3.71
N VAL C 319 42.68 30.57 4.85
CA VAL C 319 41.95 30.37 6.09
C VAL C 319 40.61 31.10 6.02
N MET C 320 40.57 32.24 5.32
CA MET C 320 39.28 32.90 5.18
C MET C 320 38.37 32.20 4.18
N ALA C 321 38.91 31.59 3.13
CA ALA C 321 38.08 30.80 2.21
C ALA C 321 37.47 29.60 2.91
N ILE C 322 38.22 29.00 3.83
CA ILE C 322 37.67 27.96 4.68
C ILE C 322 36.58 28.56 5.58
N LEU C 323 36.78 29.78 6.06
CA LEU C 323 35.80 30.41 6.95
C LEU C 323 34.51 30.76 6.23
N ILE C 324 34.57 31.03 4.91
CA ILE C 324 33.36 30.97 4.10
C ILE C 324 32.80 29.55 4.03
N ARG C 325 33.67 28.55 3.84
CA ARG C 325 33.18 27.19 3.66
C ARG C 325 32.68 26.57 4.96
N GLY C 326 33.55 26.46 5.96
CA GLY C 326 33.18 25.78 7.20
C GLY C 326 34.09 26.06 8.38
N GLY C 327 34.39 25.02 9.16
CA GLY C 327 35.27 25.13 10.30
C GLY C 327 34.72 24.57 11.60
N MET C 328 35.39 23.57 12.15
CA MET C 328 34.94 22.86 13.34
C MET C 328 35.92 23.09 14.50
N PHE C 329 35.63 22.44 15.63
CA PHE C 329 36.28 22.69 16.91
C PHE C 329 37.24 21.56 17.29
N SER C 330 37.77 21.67 18.50
CA SER C 330 38.64 20.65 19.07
C SER C 330 37.83 19.51 19.68
N VAL D 10 60.27 8.55 -11.32
CA VAL D 10 59.89 7.73 -10.18
C VAL D 10 59.33 6.39 -10.65
N THR D 11 59.75 5.31 -9.98
CA THR D 11 59.30 3.97 -10.32
C THR D 11 58.03 3.67 -9.55
N LEU D 12 56.89 3.71 -10.23
CA LEU D 12 55.62 3.41 -9.61
C LEU D 12 55.50 1.91 -9.33
N LYS D 13 54.81 1.58 -8.23
CA LYS D 13 54.69 0.20 -7.80
C LYS D 13 53.44 -0.47 -8.35
N SER D 14 52.30 0.21 -8.30
CA SER D 14 51.05 -0.39 -8.75
C SER D 14 50.10 0.65 -9.30
N ARG D 15 48.86 0.27 -9.50
CA ARG D 15 47.83 1.15 -9.99
C ARG D 15 47.19 1.92 -8.84
N PRO D 16 46.65 3.12 -9.11
CA PRO D 16 45.99 3.88 -8.04
C PRO D 16 44.70 3.21 -7.58
N GLU D 17 44.31 3.57 -6.34
CA GLU D 17 43.13 2.98 -5.72
C GLU D 17 41.84 3.36 -6.43
N ASN D 18 41.80 4.51 -7.09
CA ASN D 18 40.71 4.86 -7.98
C ASN D 18 41.26 5.37 -9.30
N LEU D 19 40.65 4.90 -10.40
CA LEU D 19 41.12 5.16 -11.75
C LEU D 19 40.00 4.81 -12.72
N SER D 20 39.44 5.81 -13.40
CA SER D 20 38.40 5.56 -14.39
C SER D 20 38.61 6.44 -15.61
N PHE D 21 38.35 5.88 -16.78
CA PHE D 21 38.36 6.63 -18.03
C PHE D 21 36.93 6.87 -18.50
N ALA D 22 36.68 8.08 -19.02
CA ALA D 22 35.38 8.42 -19.55
C ALA D 22 35.18 7.81 -20.93
N ARG D 23 33.94 7.84 -21.42
CA ARG D 23 33.65 7.42 -22.79
C ARG D 23 34.17 8.48 -23.75
N CYS D 24 35.21 8.14 -24.51
CA CYS D 24 35.72 9.08 -25.54
C CYS D 24 34.75 9.06 -26.73
N LEU D 25 33.90 8.03 -26.82
CA LEU D 25 32.89 7.95 -27.89
C LEU D 25 31.49 8.00 -27.26
N ASN D 26 30.89 9.09 -27.04
CA ASN D 26 29.54 9.17 -26.42
C ASN D 26 28.49 8.99 -27.52
N THR D 27 28.10 7.82 -27.81
CA THR D 27 27.01 7.52 -28.78
C THR D 27 25.69 7.91 -28.16
N THR D 28 24.72 8.29 -28.99
CA THR D 28 23.44 8.72 -28.48
C THR D 28 22.45 7.57 -28.45
N GLU D 29 21.24 7.86 -28.01
CA GLU D 29 20.10 7.02 -28.28
C GLU D 29 19.76 7.10 -29.76
N ALA D 30 19.23 6.01 -30.31
CA ALA D 30 18.85 5.96 -31.71
C ALA D 30 17.35 6.02 -31.82
N LYS D 31 16.85 6.88 -32.70
CA LYS D 31 15.41 7.01 -32.92
C LYS D 31 15.06 6.39 -34.26
N PHE D 32 14.06 5.51 -34.26
CA PHE D 32 13.60 4.81 -35.45
C PHE D 32 12.49 5.60 -36.12
N TRP D 33 12.56 5.69 -37.45
CA TRP D 33 11.59 6.39 -38.26
C TRP D 33 11.21 5.46 -39.41
N GLN D 34 10.00 5.60 -39.95
CA GLN D 34 9.59 4.81 -41.10
C GLN D 34 9.39 5.73 -42.30
N THR D 35 10.09 5.42 -43.40
CA THR D 35 10.00 6.16 -44.66
C THR D 35 9.69 5.19 -45.78
N ASP D 36 9.57 5.75 -47.00
CA ASP D 36 9.42 4.91 -48.21
C ASP D 36 10.79 4.91 -48.88
N PHE D 37 11.19 3.81 -49.54
CA PHE D 37 12.57 3.75 -50.10
C PHE D 37 12.84 4.93 -51.02
N LEU D 38 11.98 5.14 -52.03
CA LEU D 38 12.24 6.21 -53.02
C LEU D 38 12.23 7.58 -52.33
N LYS D 39 11.19 7.86 -51.54
CA LYS D 39 11.07 9.18 -50.89
C LYS D 39 11.73 9.12 -49.50
N ARG D 40 13.03 8.97 -49.43
CA ARG D 40 13.71 8.87 -48.14
C ARG D 40 14.28 10.20 -47.68
N HIS D 41 14.42 11.18 -48.56
CA HIS D 41 14.94 12.49 -48.18
C HIS D 41 13.86 13.47 -47.79
N THR D 42 12.58 13.11 -47.95
CA THR D 42 11.48 14.01 -47.69
C THR D 42 10.50 13.48 -46.65
N PHE D 43 10.14 12.20 -46.75
CA PHE D 43 8.92 11.67 -46.16
C PHE D 43 9.31 10.86 -44.93
N LYS D 44 8.70 11.16 -43.78
CA LYS D 44 9.34 10.79 -42.51
C LYS D 44 8.26 10.67 -41.43
N LEU D 45 7.91 9.42 -41.08
CA LEU D 45 6.86 9.07 -40.12
C LEU D 45 7.42 8.30 -38.92
N PRO D 46 6.83 8.47 -37.73
CA PRO D 46 7.33 7.74 -36.56
C PRO D 46 6.87 6.29 -36.55
N LEU D 47 7.68 5.46 -35.90
CA LEU D 47 7.46 4.03 -35.83
C LEU D 47 7.17 3.66 -34.37
N LEU D 48 5.88 3.55 -34.04
CA LEU D 48 5.46 3.29 -32.67
C LEU D 48 5.29 1.80 -32.45
N ILE D 49 5.69 1.34 -31.26
CA ILE D 49 5.54 -0.06 -30.89
C ILE D 49 4.08 -0.36 -30.57
N THR D 50 3.67 -1.60 -30.89
CA THR D 50 2.34 -2.09 -30.60
C THR D 50 2.41 -3.19 -29.56
N ASP D 51 1.23 -3.64 -29.11
CA ASP D 51 1.12 -4.61 -28.02
C ASP D 51 0.38 -5.85 -28.50
N LYS D 52 1.13 -6.90 -28.81
CA LYS D 52 0.56 -8.20 -29.13
C LYS D 52 0.29 -8.99 -27.85
N ALA D 53 -0.51 -10.03 -28.01
CA ALA D 53 -0.70 -11.05 -27.00
C ALA D 53 -0.08 -12.35 -27.48
N VAL D 54 0.93 -12.82 -26.76
CA VAL D 54 1.55 -14.11 -27.06
C VAL D 54 0.84 -15.15 -26.22
N LEU D 55 0.74 -16.35 -26.78
CA LEU D 55 0.37 -17.54 -26.04
C LEU D 55 1.68 -18.21 -25.66
N ALA D 56 1.85 -18.53 -24.39
CA ALA D 56 3.10 -19.15 -23.96
C ALA D 56 3.13 -20.58 -24.46
N SER D 57 3.77 -20.77 -25.61
CA SER D 57 4.09 -22.12 -26.10
C SER D 57 5.38 -22.52 -25.42
N LYS D 58 5.24 -23.00 -24.18
CA LYS D 58 6.36 -23.31 -23.29
C LYS D 58 7.06 -24.55 -23.84
N GLY D 59 8.32 -24.36 -24.22
CA GLY D 59 9.07 -25.39 -24.90
C GLY D 59 10.41 -25.67 -24.26
N HIS D 60 10.49 -25.53 -22.94
CA HIS D 60 11.71 -25.90 -22.24
C HIS D 60 11.81 -27.42 -22.12
N GLU D 61 12.98 -27.89 -21.72
CA GLU D 61 13.25 -29.33 -21.62
C GLU D 61 12.77 -29.83 -20.27
N MET D 62 11.87 -30.80 -20.30
CA MET D 62 11.27 -31.42 -19.13
C MET D 62 11.50 -32.92 -19.21
N PRO D 63 11.28 -33.65 -18.11
CA PRO D 63 11.13 -35.13 -18.22
C PRO D 63 9.88 -35.49 -19.01
N PRO D 64 9.74 -36.75 -19.43
CA PRO D 64 8.47 -37.13 -20.09
C PRO D 64 7.26 -37.10 -19.18
N ASP D 65 7.46 -37.09 -17.86
CA ASP D 65 6.41 -36.75 -16.92
C ASP D 65 6.26 -35.23 -16.83
N LYS D 66 5.07 -34.79 -16.40
CA LYS D 66 4.65 -33.37 -16.37
C LYS D 66 4.77 -32.71 -17.75
N LEU D 67 4.57 -33.49 -18.82
CA LEU D 67 4.47 -32.97 -20.17
C LEU D 67 3.04 -32.85 -20.64
N GLU D 68 2.07 -33.22 -19.79
CA GLU D 68 0.68 -33.12 -20.14
C GLU D 68 -0.03 -31.99 -19.40
N LYS D 69 0.66 -31.32 -18.48
CA LYS D 69 0.19 -30.09 -17.87
C LYS D 69 0.64 -28.84 -18.64
N GLU D 70 1.04 -29.00 -19.90
CA GLU D 70 1.57 -27.88 -20.68
C GLU D 70 0.63 -27.49 -21.82
N ILE D 71 0.26 -28.44 -22.69
CA ILE D 71 -0.66 -28.28 -23.80
C ILE D 71 -2.01 -27.74 -23.35
N MET D 72 -2.57 -28.36 -22.31
CA MET D 72 -3.91 -28.05 -21.84
C MET D 72 -3.92 -26.92 -20.83
N ASP D 73 -2.77 -26.32 -20.55
CA ASP D 73 -2.67 -25.21 -19.59
C ASP D 73 -1.91 -24.06 -20.23
N PRO D 74 -2.57 -23.26 -21.06
CA PRO D 74 -1.91 -22.10 -21.65
C PRO D 74 -1.79 -20.96 -20.64
N ASN D 75 -0.92 -20.01 -20.97
CA ASN D 75 -0.72 -18.86 -20.10
C ASN D 75 -0.55 -17.69 -21.08
N PRO D 76 -1.52 -16.78 -21.18
CA PRO D 76 -1.35 -15.63 -22.07
C PRO D 76 -0.38 -14.62 -21.49
N GLN D 77 0.26 -13.87 -22.37
CA GLN D 77 1.19 -12.84 -21.94
C GLN D 77 1.14 -11.68 -22.91
N LYS D 78 1.50 -10.50 -22.44
CA LYS D 78 1.54 -9.30 -23.27
C LYS D 78 2.97 -9.06 -23.73
N SER D 79 3.16 -8.88 -25.03
CA SER D 79 4.50 -8.69 -25.57
C SER D 79 4.49 -7.54 -26.56
N GLN D 80 5.46 -6.65 -26.41
CA GLN D 80 5.57 -5.49 -27.29
C GLN D 80 6.29 -5.87 -28.58
N SER D 81 5.73 -5.47 -29.71
CA SER D 81 6.31 -5.76 -31.00
C SER D 81 6.10 -4.58 -31.93
N CYS D 82 7.09 -4.33 -32.78
CA CYS D 82 7.14 -3.12 -33.60
C CYS D 82 7.17 -3.54 -35.06
N THR D 83 6.28 -2.97 -35.85
CA THR D 83 6.07 -3.40 -37.22
C THR D 83 5.87 -2.18 -38.10
N LEU D 84 6.51 -2.18 -39.27
CA LEU D 84 6.36 -1.09 -40.24
C LEU D 84 4.95 -1.01 -40.78
N SER D 85 4.60 0.16 -41.30
CA SER D 85 3.30 0.31 -41.92
C SER D 85 3.29 -0.38 -43.29
N THR D 86 2.08 -0.56 -43.83
CA THR D 86 1.90 -1.22 -45.11
C THR D 86 2.21 -0.29 -46.28
N GLU D 87 2.37 1.01 -46.03
CA GLU D 87 2.68 1.98 -47.07
C GLU D 87 4.10 2.52 -46.98
N CYS D 88 4.96 1.84 -46.21
CA CYS D 88 6.35 2.22 -46.05
C CYS D 88 7.22 0.97 -46.06
N ASP D 89 8.48 1.14 -46.46
CA ASP D 89 9.38 0.00 -46.54
C ASP D 89 10.81 0.27 -46.10
N THR D 90 11.14 1.46 -45.60
CA THR D 90 12.48 1.72 -45.11
C THR D 90 12.45 2.12 -43.65
N LEU D 91 13.43 1.58 -42.91
CA LEU D 91 13.65 1.94 -41.50
C LEU D 91 14.74 2.99 -41.54
N ARG D 92 14.67 3.98 -40.67
CA ARG D 92 15.60 5.11 -40.62
C ARG D 92 16.08 5.26 -39.19
N ILE D 93 17.33 4.90 -38.93
CA ILE D 93 17.98 5.22 -37.67
C ILE D 93 18.53 6.64 -37.74
N ASP D 94 18.15 7.47 -36.78
CA ASP D 94 18.83 8.74 -36.54
C ASP D 94 19.52 8.65 -35.19
N PHE D 95 20.84 8.80 -35.17
CA PHE D 95 21.53 9.04 -33.90
C PHE D 95 22.78 9.86 -34.15
N GLY D 96 23.55 10.08 -33.09
CA GLY D 96 24.79 10.84 -33.19
C GLY D 96 25.84 10.28 -32.27
N ILE D 97 27.09 10.47 -32.65
CA ILE D 97 28.25 10.05 -31.87
C ILE D 97 29.07 11.30 -31.58
N LYS D 98 29.21 11.66 -30.32
CA LYS D 98 30.14 12.71 -29.93
C LYS D 98 31.51 12.09 -29.72
N VAL D 99 32.55 12.71 -30.29
CA VAL D 99 33.90 12.20 -30.18
C VAL D 99 34.61 13.14 -29.22
N LEU D 100 35.06 12.59 -28.13
CA LEU D 100 35.82 13.31 -27.12
C LEU D 100 37.27 12.84 -27.13
N PRO D 101 38.23 13.72 -26.81
CA PRO D 101 39.63 13.32 -26.81
C PRO D 101 39.96 12.37 -25.67
N VAL D 102 40.98 11.55 -25.91
CA VAL D 102 41.32 10.48 -24.97
C VAL D 102 42.12 11.03 -23.77
N LYS D 103 42.87 12.12 -23.97
CA LYS D 103 43.70 12.65 -22.89
C LYS D 103 42.85 13.28 -21.79
N GLU D 104 41.86 14.09 -22.16
CA GLU D 104 41.00 14.74 -21.19
C GLU D 104 39.73 13.96 -20.90
N SER D 105 39.72 12.66 -21.14
CA SER D 105 38.61 11.79 -20.76
C SER D 105 38.94 11.01 -19.50
N MET D 106 39.65 11.64 -18.57
CA MET D 106 40.19 10.96 -17.40
C MET D 106 39.53 11.57 -16.18
N TYR D 107 38.59 10.86 -15.57
CA TYR D 107 37.77 11.40 -14.51
C TYR D 107 38.31 11.11 -13.12
N SER D 108 39.35 10.28 -12.99
CA SER D 108 39.85 9.90 -11.68
C SER D 108 41.26 9.32 -11.79
N CYS D 109 42.18 9.87 -10.99
CA CYS D 109 43.47 9.24 -10.71
C CYS D 109 44.06 9.78 -9.41
N SER D 110 43.98 9.00 -8.33
CA SER D 110 44.51 9.38 -7.02
C SER D 110 46.02 9.65 -6.96
N ASP D 111 46.75 9.17 -7.98
CA ASP D 111 48.23 9.33 -8.00
C ASP D 111 48.61 10.18 -9.21
N TYR D 112 49.35 11.26 -8.98
CA TYR D 112 49.64 12.18 -10.07
C TYR D 112 50.68 11.62 -11.05
N ASN D 113 51.63 10.81 -10.56
CA ASN D 113 52.69 10.30 -11.42
C ASN D 113 52.15 9.29 -12.43
N TYR D 114 51.12 8.53 -12.03
CA TYR D 114 50.42 7.65 -12.95
C TYR D 114 49.78 8.43 -14.08
N ARG D 115 49.15 9.57 -13.74
CA ARG D 115 48.51 10.42 -14.73
C ARG D 115 49.52 11.04 -15.68
N THR D 116 50.65 11.51 -15.14
CA THR D 116 51.70 12.10 -15.97
C THR D 116 52.30 11.08 -16.93
N ALA D 117 52.52 9.87 -16.44
CA ALA D 117 53.06 8.81 -17.28
C ALA D 117 52.05 8.36 -18.33
N ILE D 118 50.76 8.35 -18.00
CA ILE D 118 49.77 7.92 -19.00
C ILE D 118 49.57 8.98 -20.07
N TYR D 119 49.73 10.28 -19.73
CA TYR D 119 49.77 11.28 -20.81
C TYR D 119 51.03 11.12 -21.66
N GLN D 120 52.15 10.72 -21.04
CA GLN D 120 53.37 10.49 -21.81
C GLN D 120 53.21 9.34 -22.80
N LYS D 121 52.54 8.26 -22.39
CA LYS D 121 52.34 7.15 -23.33
C LYS D 121 51.28 7.44 -24.38
N ILE D 122 50.24 8.22 -24.04
CA ILE D 122 49.29 8.62 -25.08
C ILE D 122 49.97 9.55 -26.10
N ASP D 123 50.87 10.43 -25.63
CA ASP D 123 51.64 11.26 -26.54
C ASP D 123 52.62 10.44 -27.38
N GLU D 124 53.18 9.38 -26.80
CA GLU D 124 54.06 8.48 -27.57
C GLU D 124 53.28 7.75 -28.65
N TYR D 125 52.03 7.34 -28.35
CA TYR D 125 51.23 6.67 -29.36
C TYR D 125 50.83 7.64 -30.47
N ILE D 126 50.31 8.82 -30.10
CA ILE D 126 49.80 9.75 -31.15
C ILE D 126 50.95 10.11 -32.10
N ALA D 127 52.19 9.80 -31.72
CA ALA D 127 53.35 10.06 -32.59
C ALA D 127 53.80 8.75 -33.26
N GLU D 128 53.67 7.64 -32.55
CA GLU D 128 54.12 6.33 -33.09
C GLU D 128 53.30 5.97 -34.34
N ASP D 129 51.96 6.09 -34.26
CA ASP D 129 51.10 5.70 -35.42
C ASP D 129 49.88 6.64 -35.48
N GLY D 130 49.46 7.20 -34.35
CA GLY D 130 48.26 8.05 -34.33
C GLY D 130 47.01 7.22 -34.09
N PHE D 131 45.90 7.87 -33.74
CA PHE D 131 44.65 7.12 -33.43
C PHE D 131 43.92 6.79 -34.74
N LEU D 132 44.55 7.10 -35.88
CA LEU D 132 43.91 6.86 -37.20
C LEU D 132 43.57 5.37 -37.36
N THR D 133 44.48 4.47 -36.96
CA THR D 133 44.26 3.03 -37.11
C THR D 133 42.91 2.68 -36.51
N LEU D 134 42.77 2.81 -35.19
CA LEU D 134 41.48 2.58 -34.55
C LEU D 134 40.37 3.39 -35.18
N ALA D 135 40.69 4.62 -35.60
CA ALA D 135 39.67 5.54 -36.11
C ALA D 135 39.03 5.02 -37.38
N LYS D 136 39.85 4.49 -38.30
CA LYS D 136 39.38 3.91 -39.56
C LYS D 136 38.44 2.76 -39.31
N ARG D 137 38.78 1.91 -38.34
CA ARG D 137 37.96 0.75 -38.03
C ARG D 137 36.64 1.15 -37.37
N TYR D 138 36.68 2.16 -36.49
CA TYR D 138 35.45 2.57 -35.78
C TYR D 138 34.45 3.14 -36.80
N VAL D 139 34.92 4.04 -37.66
CA VAL D 139 34.03 4.66 -38.69
C VAL D 139 33.63 3.57 -39.70
N ASN D 140 34.49 2.56 -39.89
CA ASN D 140 34.13 1.44 -40.80
C ASN D 140 32.93 0.70 -40.21
N ASN D 141 32.81 0.66 -38.88
CA ASN D 141 31.65 0.01 -38.23
C ASN D 141 30.39 0.84 -38.53
N ILE D 142 30.51 2.17 -38.58
CA ILE D 142 29.35 3.03 -38.94
C ILE D 142 29.05 2.83 -40.43
N ALA D 143 29.90 2.07 -41.12
CA ALA D 143 29.72 1.85 -42.55
C ALA D 143 29.16 0.47 -42.88
N ASN D 144 29.67 -0.61 -42.25
CA ASN D 144 29.19 -1.95 -42.60
C ASN D 144 27.81 -2.22 -41.99
N ALA D 145 27.28 -1.24 -41.26
CA ALA D 145 25.94 -1.35 -40.64
C ALA D 145 25.91 -2.45 -39.58
N ARG D 146 26.87 -2.40 -38.63
CA ARG D 146 26.87 -3.38 -37.52
C ARG D 146 25.87 -2.92 -36.45
N PHE D 147 25.59 -1.60 -36.39
CA PHE D 147 24.66 -1.05 -35.38
C PHE D 147 23.24 -1.58 -35.62
N LEU D 148 22.96 -2.03 -36.85
CA LEU D 148 21.61 -2.58 -37.18
C LEU D 148 21.37 -3.86 -36.38
N TRP D 149 22.41 -4.67 -36.18
CA TRP D 149 22.26 -5.97 -35.47
C TRP D 149 21.23 -6.85 -36.19
N ARG D 150 20.22 -7.32 -35.46
CA ARG D 150 19.23 -8.26 -36.05
C ARG D 150 18.49 -7.56 -37.21
N ASN D 151 18.32 -6.23 -37.13
CA ASN D 151 17.57 -5.50 -38.18
C ASN D 151 18.24 -5.72 -39.54
N ARG D 152 19.57 -5.78 -39.58
CA ARG D 152 20.31 -5.93 -40.87
C ARG D 152 19.84 -7.21 -41.59
N LYS D 153 19.87 -8.35 -40.91
CA LYS D 153 19.47 -9.65 -41.50
C LYS D 153 19.08 -9.53 -42.98
N GLY D 154 17.79 -9.30 -43.27
CA GLY D 154 17.32 -9.25 -44.64
C GLY D 154 17.00 -7.84 -45.09
N ALA D 155 17.82 -7.31 -46.00
CA ALA D 155 17.60 -5.98 -46.55
C ALA D 155 18.25 -5.90 -47.91
N GLU D 156 17.60 -5.22 -48.84
CA GLU D 156 18.12 -5.13 -50.20
C GLU D 156 19.22 -4.08 -50.30
N ILE D 157 18.89 -2.82 -49.97
CA ILE D 157 19.87 -1.74 -49.94
C ILE D 157 19.92 -1.16 -48.54
N ILE D 158 21.11 -1.14 -47.95
CA ILE D 158 21.38 -0.48 -46.68
C ILE D 158 22.27 0.71 -46.95
N GLU D 159 21.75 1.91 -46.71
CA GLU D 159 22.44 3.16 -47.05
C GLU D 159 22.60 3.99 -45.80
N THR D 160 23.85 4.21 -45.38
CA THR D 160 24.16 4.98 -44.18
C THR D 160 24.87 6.26 -44.58
N ILE D 161 24.31 7.40 -44.18
CA ILE D 161 24.85 8.72 -44.49
C ILE D 161 25.32 9.38 -43.21
N VAL D 162 26.39 10.16 -43.32
CA VAL D 162 27.10 10.73 -42.17
C VAL D 162 27.16 12.24 -42.37
N THR D 163 26.72 12.99 -41.36
CA THR D 163 26.84 14.45 -41.37
C THR D 163 27.69 14.87 -40.17
N ILE D 164 28.81 15.55 -40.43
CA ILE D 164 29.60 16.16 -39.37
C ILE D 164 29.68 17.66 -39.66
N GLU D 165 29.22 18.47 -38.68
CA GLU D 165 29.04 19.93 -38.73
C GLU D 165 28.52 20.45 -40.08
N ASP D 166 27.30 20.00 -40.42
CA ASP D 166 26.51 20.44 -41.58
C ASP D 166 27.23 20.21 -42.91
N LYS D 167 27.66 18.98 -43.14
CA LYS D 167 28.28 18.62 -44.43
C LYS D 167 28.00 17.13 -44.64
N GLU D 168 27.14 16.83 -45.61
CA GLU D 168 26.73 15.46 -45.89
C GLU D 168 27.75 14.79 -46.80
N TYR D 169 28.31 13.69 -46.33
CA TYR D 169 29.27 12.92 -47.11
C TYR D 169 28.55 11.94 -48.03
N PRO D 170 29.22 11.47 -49.09
CA PRO D 170 28.61 10.47 -49.98
C PRO D 170 28.27 9.19 -49.24
N SER D 171 27.22 8.53 -49.75
CA SER D 171 26.56 7.44 -49.03
C SER D 171 27.45 6.20 -48.94
N PHE D 172 27.36 5.52 -47.80
CA PHE D 172 28.17 4.35 -47.52
C PHE D 172 27.33 3.12 -47.82
N ASN D 173 27.65 2.42 -48.91
CA ASN D 173 26.96 1.19 -49.25
C ASN D 173 27.41 0.10 -48.27
N SER D 174 26.47 -0.41 -47.48
CA SER D 174 26.80 -1.26 -46.34
C SER D 174 26.93 -2.73 -46.69
N LYS D 175 26.16 -3.23 -47.65
CA LYS D 175 26.20 -4.65 -47.95
C LYS D 175 27.46 -5.06 -48.71
N SER D 176 28.10 -4.12 -49.40
CA SER D 176 29.39 -4.40 -50.01
C SER D 176 30.50 -4.50 -48.97
N PHE D 177 30.34 -3.84 -47.82
CA PHE D 177 31.36 -3.78 -46.79
C PHE D 177 31.17 -4.97 -45.86
N ASN D 178 32.14 -5.89 -45.87
CA ASN D 178 31.98 -7.16 -45.16
C ASN D 178 32.14 -6.94 -43.66
N LEU D 179 31.44 -7.77 -42.89
CA LEU D 179 31.39 -7.68 -41.43
C LEU D 179 32.69 -8.10 -40.77
N ASP D 180 33.58 -8.78 -41.49
CA ASP D 180 34.71 -9.49 -40.91
C ASP D 180 36.04 -8.80 -41.16
N THR D 181 36.18 -8.12 -42.28
CA THR D 181 37.39 -7.37 -42.63
C THR D 181 37.14 -5.88 -42.47
N PHE D 182 38.23 -5.12 -42.37
CA PHE D 182 38.17 -3.67 -42.33
C PHE D 182 39.05 -3.08 -43.44
N VAL D 183 38.52 -2.07 -44.12
CA VAL D 183 39.12 -1.49 -45.32
C VAL D 183 39.84 -0.20 -44.95
N GLU D 184 40.99 0.05 -45.58
CA GLU D 184 41.77 1.28 -45.29
C GLU D 184 42.05 2.01 -46.61
N ASP D 185 41.07 2.02 -47.53
CA ASP D 185 41.31 2.63 -48.86
C ASP D 185 40.22 3.67 -49.18
N ASN D 186 38.97 3.40 -48.80
CA ASN D 186 37.86 4.32 -49.16
C ASN D 186 38.23 5.75 -48.76
N ALA D 187 38.25 6.67 -49.72
CA ALA D 187 38.65 8.06 -49.44
C ALA D 187 37.73 8.64 -48.36
N THR D 188 36.42 8.36 -48.47
CA THR D 188 35.45 8.92 -47.51
C THR D 188 35.65 8.29 -46.15
N ILE D 189 35.88 6.97 -46.10
CA ILE D 189 36.14 6.29 -44.79
C ILE D 189 37.47 6.80 -44.23
N ASN D 190 38.37 7.32 -45.09
CA ASN D 190 39.62 7.86 -44.61
C ASN D 190 39.47 9.27 -44.05
N GLU D 191 38.70 10.15 -44.71
CA GLU D 191 38.75 11.52 -44.21
C GLU D 191 37.86 11.66 -42.99
N ILE D 192 36.76 10.87 -42.92
CA ILE D 192 35.99 10.86 -41.68
C ILE D 192 36.80 10.19 -40.57
N ALA D 193 37.65 9.20 -40.92
CA ALA D 193 38.57 8.61 -39.96
C ALA D 193 39.57 9.63 -39.44
N GLN D 194 40.10 10.47 -40.32
CA GLN D 194 41.09 11.45 -39.90
C GLN D 194 40.47 12.56 -39.07
N GLN D 195 39.21 12.91 -39.36
CA GLN D 195 38.55 13.91 -38.53
C GLN D 195 38.13 13.34 -37.17
N ILE D 196 37.90 12.02 -37.08
CA ILE D 196 37.76 11.38 -35.78
C ILE D 196 39.11 11.35 -35.05
N ALA D 197 40.18 11.05 -35.79
CA ALA D 197 41.51 10.86 -35.21
C ALA D 197 42.09 12.16 -34.67
N ASP D 198 41.85 13.27 -35.37
CA ASP D 198 42.31 14.56 -34.90
C ASP D 198 41.55 15.05 -33.68
N THR D 199 40.32 14.57 -33.47
CA THR D 199 39.57 14.90 -32.26
C THR D 199 39.72 13.83 -31.19
N PHE D 200 40.47 12.77 -31.48
CA PHE D 200 40.96 11.87 -30.45
C PHE D 200 42.32 12.31 -29.92
N ALA D 201 43.23 12.70 -30.81
CA ALA D 201 44.60 12.99 -30.39
C ALA D 201 44.70 14.31 -29.63
N GLY D 202 43.96 15.34 -30.07
CA GLY D 202 43.94 16.57 -29.30
C GLY D 202 43.91 17.87 -30.07
N LYS D 203 43.95 17.85 -31.39
CA LYS D 203 43.85 19.09 -32.16
C LYS D 203 42.41 19.56 -32.36
N ARG D 204 41.44 18.91 -31.76
CA ARG D 204 40.06 19.34 -31.87
C ARG D 204 39.31 18.86 -30.64
N GLU D 205 38.48 19.74 -30.06
CA GLU D 205 37.93 19.50 -28.73
C GLU D 205 36.66 18.67 -28.75
N TYR D 206 35.95 18.59 -29.88
CA TYR D 206 34.65 17.95 -29.94
C TYR D 206 34.36 17.58 -31.37
N LEU D 207 33.52 16.55 -31.56
CA LEU D 207 33.09 16.19 -32.90
C LEU D 207 31.76 15.45 -32.80
N ASN D 208 30.67 16.10 -33.21
CA ASN D 208 29.36 15.47 -33.27
C ASN D 208 29.15 14.87 -34.65
N ILE D 209 28.74 13.60 -34.69
CA ILE D 209 28.65 12.83 -35.92
C ILE D 209 27.20 12.36 -36.00
N TYR D 210 26.36 13.05 -36.75
CA TYR D 210 24.95 12.66 -36.86
C TYR D 210 24.79 11.71 -38.04
N VAL D 211 24.32 10.50 -37.75
CA VAL D 211 24.34 9.40 -38.70
C VAL D 211 22.89 8.96 -38.93
N THR D 212 22.51 8.84 -40.20
CA THR D 212 21.16 8.46 -40.60
C THR D 212 21.25 7.25 -41.52
N CYS D 213 20.55 6.18 -41.16
CA CYS D 213 20.65 4.90 -41.85
C CYS D 213 19.28 4.46 -42.38
N PHE D 214 19.22 4.12 -43.67
CA PHE D 214 18.00 3.68 -44.35
C PHE D 214 18.15 2.23 -44.77
N VAL D 215 17.24 1.36 -44.32
CA VAL D 215 17.23 -0.05 -44.71
C VAL D 215 15.87 -0.45 -45.27
N LYS D 216 15.89 -1.42 -46.21
CA LYS D 216 14.66 -1.99 -46.79
C LYS D 216 14.39 -3.38 -46.24
N ILE D 217 13.73 -3.43 -45.08
CA ILE D 217 13.18 -4.71 -44.63
C ILE D 217 11.93 -5.05 -45.44
N GLY D 218 11.20 -4.04 -45.90
CA GLY D 218 10.09 -4.21 -46.81
C GLY D 218 8.79 -3.66 -46.23
N CYS D 219 7.72 -3.85 -47.01
CA CYS D 219 6.40 -3.32 -46.66
C CYS D 219 5.75 -4.15 -45.56
N ALA D 220 5.64 -3.55 -44.37
CA ALA D 220 5.01 -4.09 -43.15
C ALA D 220 5.73 -5.32 -42.60
N MET D 221 7.04 -5.42 -42.86
CA MET D 221 7.84 -6.55 -42.31
C MET D 221 8.11 -6.32 -40.82
N GLU D 222 9.13 -7.00 -40.26
CA GLU D 222 9.36 -6.91 -38.79
C GLU D 222 10.55 -6.00 -38.47
N VAL D 223 10.43 -5.16 -37.43
CA VAL D 223 11.55 -4.28 -36.99
C VAL D 223 11.88 -4.66 -35.55
N TYR D 224 13.17 -4.85 -35.21
CA TYR D 224 13.52 -5.32 -33.84
C TYR D 224 14.26 -4.21 -33.10
N PRO D 225 13.57 -3.39 -32.27
CA PRO D 225 14.25 -2.39 -31.46
C PRO D 225 14.81 -3.03 -30.21
N SER D 226 15.65 -2.30 -29.47
CA SER D 226 16.28 -2.87 -28.25
C SER D 226 15.21 -3.21 -27.21
N GLN D 227 15.45 -4.26 -26.40
CA GLN D 227 14.47 -4.68 -25.42
C GLN D 227 14.91 -4.23 -24.03
N GLU D 228 13.96 -3.75 -23.24
CA GLU D 228 14.27 -3.35 -21.87
C GLU D 228 14.43 -4.58 -20.98
N MET D 229 14.92 -4.34 -19.77
CA MET D 229 15.23 -5.43 -18.85
C MET D 229 13.96 -6.06 -18.30
N THR D 230 13.75 -7.28 -18.32
CA THR D 230 12.53 -7.90 -17.77
C THR D 230 12.83 -8.39 -16.38
N PHE D 231 14.10 -8.26 -15.95
CA PHE D 231 14.48 -8.63 -14.56
C PHE D 231 14.16 -10.09 -14.31
N ASP D 232 13.95 -10.43 -13.03
CA ASP D 232 13.70 -11.85 -12.67
C ASP D 232 12.22 -12.03 -12.32
N ASP D 233 11.41 -12.38 -13.32
CA ASP D 233 10.09 -13.05 -13.13
C ASP D 233 9.11 -12.09 -12.44
N ASP D 234 9.49 -10.81 -12.31
CA ASP D 234 8.56 -9.81 -11.73
C ASP D 234 7.40 -9.59 -12.71
N ASP D 235 7.72 -9.54 -14.02
CA ASP D 235 6.67 -9.33 -15.06
C ASP D 235 7.21 -9.87 -16.39
N LYS D 236 7.14 -11.18 -16.61
CA LYS D 236 7.73 -11.77 -17.84
C LYS D 236 7.01 -11.20 -19.07
N GLY D 237 7.66 -11.26 -20.25
CA GLY D 237 7.12 -10.69 -21.46
C GLY D 237 8.08 -9.73 -22.12
N LYS D 238 8.02 -9.61 -23.44
CA LYS D 238 8.96 -8.79 -24.18
C LYS D 238 8.57 -7.33 -24.09
N LYS D 239 9.45 -6.50 -23.50
CA LYS D 239 9.20 -5.05 -23.42
C LYS D 239 10.25 -4.32 -24.27
N LEU D 240 9.81 -3.55 -25.28
CA LEU D 240 10.76 -2.87 -26.20
C LEU D 240 11.10 -1.47 -25.67
N PHE D 241 12.19 -0.88 -26.17
CA PHE D 241 12.60 0.49 -25.74
C PHE D 241 11.82 1.52 -26.55
N LYS D 242 11.27 2.54 -25.86
CA LYS D 242 10.52 3.61 -26.55
C LYS D 242 11.21 4.96 -26.32
N PHE D 243 11.67 5.62 -27.39
CA PHE D 243 12.31 6.96 -27.28
C PHE D 243 11.31 7.99 -27.82
N GLU D 244 10.80 8.87 -26.96
CA GLU D 244 9.77 9.82 -27.43
C GLU D 244 8.80 9.12 -28.36
N GLY D 245 8.02 8.17 -27.85
CA GLY D 245 7.00 7.48 -28.61
C GLY D 245 7.50 6.44 -29.61
N SER D 246 8.48 6.79 -30.43
CA SER D 246 9.00 5.87 -31.44
C SER D 246 9.87 4.79 -30.80
N ALA D 247 10.05 3.71 -31.53
CA ALA D 247 10.93 2.63 -31.12
C ALA D 247 12.37 3.11 -31.14
N GLY D 248 13.19 2.52 -30.26
CA GLY D 248 14.56 2.96 -30.14
C GLY D 248 15.50 1.83 -29.75
N MET D 249 16.76 2.01 -30.08
CA MET D 249 17.81 1.08 -29.67
C MET D 249 18.70 1.76 -28.64
N HIS D 250 19.17 0.98 -27.68
CA HIS D 250 20.03 1.50 -26.63
C HIS D 250 21.37 1.98 -27.18
N SER D 251 21.93 3.00 -26.53
CA SER D 251 23.23 3.53 -26.90
C SER D 251 24.33 2.50 -26.68
N GLN D 252 24.18 1.66 -25.66
CA GLN D 252 25.15 0.61 -25.39
C GLN D 252 25.19 -0.43 -26.49
N LYS D 253 24.05 -0.67 -27.14
CA LYS D 253 23.98 -1.70 -28.17
C LYS D 253 24.74 -1.25 -29.42
N ILE D 254 24.54 0.01 -29.80
CA ILE D 254 25.24 0.58 -30.93
C ILE D 254 26.71 0.77 -30.61
N ASN D 255 27.03 1.18 -29.39
CA ASN D 255 28.43 1.35 -28.99
C ASN D 255 29.16 0.01 -28.92
N ASN D 256 28.43 -1.06 -28.62
CA ASN D 256 29.04 -2.39 -28.64
C ASN D 256 29.28 -2.85 -30.07
N ALA D 257 28.35 -2.51 -30.98
CA ALA D 257 28.55 -2.81 -32.39
C ALA D 257 29.69 -1.99 -32.99
N LEU D 258 29.85 -0.75 -32.54
CA LEU D 258 30.90 0.11 -33.06
C LEU D 258 32.28 -0.32 -32.59
N ARG D 259 32.37 -0.81 -31.35
CA ARG D 259 33.65 -1.20 -30.75
C ARG D 259 34.00 -2.66 -31.03
N THR D 260 33.27 -3.33 -31.94
CA THR D 260 33.72 -4.59 -32.52
C THR D 260 34.92 -4.28 -33.41
N ILE D 261 36.09 -4.25 -32.78
CA ILE D 261 37.25 -3.59 -33.39
C ILE D 261 38.50 -4.46 -33.34
N ASP D 262 38.51 -5.50 -32.50
CA ASP D 262 39.71 -6.25 -32.11
C ASP D 262 39.92 -7.45 -33.02
N THR D 263 40.98 -7.39 -33.82
CA THR D 263 41.36 -8.55 -34.64
C THR D 263 42.76 -8.92 -34.22
N TRP D 264 43.23 -8.34 -33.12
CA TRP D 264 44.60 -8.59 -32.62
C TRP D 264 44.54 -9.56 -31.44
N TYR D 265 43.39 -10.20 -31.21
CA TYR D 265 43.28 -11.21 -30.12
C TYR D 265 44.24 -12.35 -30.44
N PRO D 266 44.91 -12.95 -29.44
CA PRO D 266 45.92 -13.97 -29.70
C PRO D 266 45.58 -14.99 -30.77
N ASP D 267 44.44 -15.68 -30.63
CA ASP D 267 44.10 -16.77 -31.58
C ASP D 267 43.30 -16.20 -32.76
N TYR D 268 43.90 -15.28 -33.52
CA TYR D 268 43.20 -14.73 -34.68
C TYR D 268 43.26 -15.67 -35.87
N THR D 269 44.34 -16.43 -36.02
CA THR D 269 44.55 -17.28 -37.19
C THR D 269 43.55 -18.43 -37.27
N THR D 270 42.90 -18.79 -36.15
CA THR D 270 42.05 -19.97 -36.11
C THR D 270 40.58 -19.62 -36.36
N TYR D 271 40.07 -18.55 -35.75
CA TYR D 271 38.63 -18.25 -35.82
C TYR D 271 38.27 -17.20 -36.86
N GLU D 272 39.09 -16.15 -37.02
CA GLU D 272 38.95 -15.10 -38.04
C GLU D 272 37.60 -14.37 -37.97
N PHE D 273 37.36 -13.69 -36.83
CA PHE D 273 36.21 -12.78 -36.74
C PHE D 273 36.44 -11.76 -35.64
N PRO D 274 36.05 -10.50 -35.83
CA PRO D 274 36.24 -9.49 -34.79
C PRO D 274 35.30 -9.66 -33.61
N ILE D 275 35.75 -9.21 -32.44
CA ILE D 275 34.96 -9.19 -31.22
C ILE D 275 35.01 -7.79 -30.62
N PRO D 276 34.03 -7.40 -29.81
CA PRO D 276 34.12 -6.09 -29.15
C PRO D 276 35.18 -6.06 -28.07
N VAL D 277 35.84 -4.90 -27.96
CA VAL D 277 36.88 -4.70 -26.95
C VAL D 277 36.21 -4.54 -25.58
N GLU D 278 36.35 -5.56 -24.75
CA GLU D 278 36.13 -5.45 -23.32
C GLU D 278 37.44 -5.77 -22.61
N ASN D 279 37.42 -5.70 -21.28
CA ASN D 279 38.64 -5.71 -20.50
C ASN D 279 39.35 -7.06 -20.56
N TYR D 280 38.59 -8.15 -20.63
CA TYR D 280 39.15 -9.48 -20.67
C TYR D 280 38.82 -10.21 -21.97
N GLY D 281 38.43 -9.47 -23.01
CA GLY D 281 38.20 -10.07 -24.31
C GLY D 281 36.92 -10.88 -24.43
N ALA D 282 35.86 -10.48 -23.73
CA ALA D 282 34.65 -11.27 -23.76
C ALA D 282 33.88 -11.07 -25.05
N ALA D 283 33.02 -12.05 -25.35
CA ALA D 283 32.03 -11.93 -26.41
C ALA D 283 30.89 -12.88 -26.06
N ARG D 284 29.69 -12.33 -25.85
CA ARG D 284 28.55 -13.15 -25.47
C ARG D 284 28.08 -14.06 -26.60
N SER D 285 28.44 -13.75 -27.85
CA SER D 285 28.06 -14.58 -28.99
C SER D 285 28.92 -15.83 -29.12
N ILE D 286 30.02 -15.93 -28.37
CA ILE D 286 30.96 -17.03 -28.56
C ILE D 286 31.11 -17.93 -27.33
N GLY D 287 30.85 -17.43 -26.11
CA GLY D 287 30.86 -18.25 -24.94
C GLY D 287 32.20 -18.39 -24.23
N ILE D 288 33.31 -18.24 -24.94
CA ILE D 288 34.62 -18.40 -24.29
C ILE D 288 35.37 -17.07 -24.22
N PRO D 289 36.13 -16.83 -23.16
CA PRO D 289 37.05 -15.69 -23.13
C PRO D 289 38.04 -15.73 -24.27
N PHE D 290 38.44 -14.55 -24.75
CA PHE D 290 39.44 -14.47 -25.85
C PHE D 290 40.77 -13.96 -25.29
N ARG D 291 40.70 -13.08 -24.29
CA ARG D 291 41.93 -12.49 -23.70
C ARG D 291 41.95 -12.72 -22.18
N PRO D 292 42.04 -13.98 -21.69
CA PRO D 292 42.11 -14.23 -20.26
C PRO D 292 43.55 -14.43 -19.83
N ASP D 293 44.50 -14.15 -20.74
CA ASP D 293 45.94 -14.37 -20.45
C ASP D 293 46.63 -13.03 -20.20
N THR D 294 47.90 -12.92 -20.58
CA THR D 294 48.65 -11.66 -20.40
C THR D 294 48.08 -10.60 -21.33
N LYS D 295 47.55 -11.02 -22.48
CA LYS D 295 47.02 -10.05 -23.47
C LYS D 295 45.72 -9.42 -22.94
N SER D 296 45.64 -9.17 -21.63
CA SER D 296 44.45 -8.54 -21.07
C SER D 296 44.79 -7.17 -20.52
N PHE D 297 43.76 -6.32 -20.42
CA PHE D 297 43.96 -4.90 -20.07
C PHE D 297 44.54 -4.76 -18.67
N TYR D 298 44.07 -5.56 -17.71
CA TYR D 298 44.60 -5.49 -16.35
C TYR D 298 45.96 -6.18 -16.21
N LYS D 299 46.52 -6.67 -17.30
CA LYS D 299 47.89 -7.11 -17.43
C LYS D 299 48.68 -6.27 -18.42
N LEU D 300 48.05 -5.82 -19.50
CA LEU D 300 48.75 -4.99 -20.48
C LEU D 300 49.03 -3.60 -19.95
N ILE D 301 48.12 -3.02 -19.15
CA ILE D 301 48.47 -1.81 -18.42
C ILE D 301 49.45 -2.07 -17.29
N ASP D 302 49.54 -3.30 -16.76
CA ASP D 302 50.56 -3.53 -15.75
C ASP D 302 51.93 -3.69 -16.39
N ARG D 303 51.97 -4.13 -17.65
CA ARG D 303 53.20 -4.34 -18.38
C ARG D 303 53.60 -3.13 -19.21
N MET D 304 52.68 -2.19 -19.44
CA MET D 304 52.95 -1.06 -20.33
C MET D 304 53.32 0.21 -19.58
N ILE D 305 52.51 0.63 -18.61
CA ILE D 305 52.74 1.92 -17.97
C ILE D 305 53.59 1.77 -16.71
N LEU D 306 53.46 0.64 -16.01
CA LEU D 306 54.10 0.46 -14.72
C LEU D 306 55.58 0.14 -14.86
N LYS D 307 55.89 -1.06 -15.35
CA LYS D 307 57.21 -1.40 -15.82
C LYS D 307 57.30 -0.98 -17.28
N ASN D 308 58.38 -0.31 -17.65
CA ASN D 308 58.52 0.25 -18.99
C ASN D 308 59.15 -0.77 -19.91
N GLU D 309 58.32 -1.53 -20.64
CA GLU D 309 58.73 -2.22 -21.84
C GLU D 309 57.82 -1.79 -22.98
N ASP D 310 58.40 -1.58 -24.15
CA ASP D 310 57.65 -1.16 -25.33
C ASP D 310 56.92 -2.35 -25.92
N LEU D 311 55.60 -2.39 -25.78
CA LEU D 311 54.79 -3.41 -26.42
C LEU D 311 54.75 -3.16 -27.92
N PRO D 312 54.47 -4.19 -28.73
CA PRO D 312 54.23 -3.95 -30.16
C PRO D 312 52.92 -3.19 -30.38
N ILE D 313 52.78 -2.69 -31.62
CA ILE D 313 51.74 -1.72 -31.94
C ILE D 313 50.33 -2.33 -31.90
N GLU D 314 50.21 -3.65 -32.01
CA GLU D 314 48.90 -4.30 -31.96
C GLU D 314 48.32 -4.26 -30.56
N ASP D 315 49.15 -4.58 -29.56
CA ASP D 315 48.74 -4.50 -28.17
C ASP D 315 48.47 -3.05 -27.75
N LYS D 316 49.26 -2.10 -28.27
CA LYS D 316 49.01 -0.68 -28.02
C LYS D 316 47.69 -0.23 -28.61
N HIS D 317 47.35 -0.76 -29.80
CA HIS D 317 46.05 -0.51 -30.40
C HIS D 317 44.92 -1.02 -29.52
N TYR D 318 45.09 -2.21 -28.93
CA TYR D 318 44.05 -2.74 -28.06
C TYR D 318 43.87 -1.91 -26.80
N VAL D 319 44.97 -1.51 -26.15
CA VAL D 319 44.81 -0.81 -24.87
C VAL D 319 44.29 0.60 -25.12
N MET D 320 44.67 1.22 -26.24
CA MET D 320 44.05 2.50 -26.58
C MET D 320 42.58 2.33 -26.95
N ALA D 321 42.18 1.20 -27.53
CA ALA D 321 40.76 0.92 -27.76
C ALA D 321 39.99 0.81 -26.45
N ILE D 322 40.53 0.10 -25.48
CA ILE D 322 39.83 -0.04 -24.20
C ILE D 322 39.91 1.24 -23.38
N LEU D 323 40.84 2.14 -23.69
CA LEU D 323 40.84 3.47 -23.11
C LEU D 323 39.81 4.38 -23.76
N ILE D 324 39.55 4.20 -25.06
CA ILE D 324 38.42 4.89 -25.70
C ILE D 324 37.10 4.43 -25.09
N ARG D 325 36.96 3.11 -24.85
CA ARG D 325 35.75 2.61 -24.19
C ARG D 325 35.67 3.11 -22.75
N GLY D 326 36.73 2.93 -21.97
CA GLY D 326 36.73 3.41 -20.60
C GLY D 326 36.07 2.47 -19.62
N GLY D 327 36.45 2.55 -18.35
CA GLY D 327 35.83 1.71 -17.34
C GLY D 327 36.50 1.95 -16.00
N MET D 328 35.96 1.26 -14.98
CA MET D 328 36.48 1.36 -13.62
C MET D 328 37.68 0.41 -13.48
N PHE D 329 38.80 0.85 -14.05
CA PHE D 329 40.02 0.05 -14.04
C PHE D 329 40.90 0.39 -12.83
N SER D 330 40.30 0.23 -11.65
CA SER D 330 41.00 0.52 -10.41
C SER D 330 41.72 -0.73 -9.90
N LYS D 331 42.39 -0.58 -8.76
CA LYS D 331 43.14 -1.68 -8.16
C LYS D 331 42.29 -2.38 -7.11
N LYS D 332 42.89 -3.32 -6.39
CA LYS D 332 42.18 -4.08 -5.37
C LYS D 332 42.80 -3.85 -3.99
N THR E 11 33.10 -35.87 -28.62
CA THR E 11 33.76 -35.00 -27.65
C THR E 11 32.77 -34.06 -26.98
N LEU E 12 31.72 -33.69 -27.72
CA LEU E 12 30.70 -32.81 -27.18
C LEU E 12 29.82 -33.58 -26.20
N LYS E 13 29.69 -33.05 -24.99
CA LYS E 13 28.94 -33.73 -23.94
C LYS E 13 27.48 -33.29 -23.87
N SER E 14 27.22 -32.00 -23.96
CA SER E 14 25.85 -31.48 -23.82
C SER E 14 25.71 -30.23 -24.66
N ARG E 15 24.56 -29.59 -24.54
CA ARG E 15 24.20 -28.32 -25.15
C ARG E 15 24.58 -27.17 -24.23
N PRO E 16 25.15 -26.09 -24.79
CA PRO E 16 25.51 -24.93 -23.97
C PRO E 16 24.29 -24.20 -23.45
N GLU E 17 24.53 -23.39 -22.41
CA GLU E 17 23.45 -22.80 -21.63
C GLU E 17 22.71 -21.71 -22.40
N ASN E 18 23.40 -20.95 -23.23
CA ASN E 18 22.78 -19.92 -24.06
C ASN E 18 22.82 -20.37 -25.51
N LEU E 19 21.78 -21.08 -25.93
CA LEU E 19 21.51 -21.38 -27.33
C LEU E 19 20.21 -20.72 -27.73
N SER E 20 20.23 -20.03 -28.87
CA SER E 20 19.00 -19.62 -29.55
C SER E 20 19.30 -19.34 -31.01
N PHE E 21 18.70 -20.13 -31.88
CA PHE E 21 18.53 -19.81 -33.28
C PHE E 21 17.39 -18.82 -33.50
N ALA E 22 17.55 -17.96 -34.51
CA ALA E 22 16.54 -16.99 -34.86
C ALA E 22 15.49 -17.59 -35.80
N ARG E 23 14.39 -16.86 -35.98
CA ARG E 23 13.36 -17.27 -36.91
C ARG E 23 13.83 -17.12 -38.34
N CYS E 24 13.61 -18.15 -39.15
CA CYS E 24 14.01 -18.14 -40.55
C CYS E 24 12.84 -17.86 -41.50
N LEU E 25 11.61 -17.89 -41.01
CA LEU E 25 10.43 -17.49 -41.77
C LEU E 25 9.72 -16.40 -40.97
N ASN E 26 10.17 -15.16 -41.12
CA ASN E 26 9.53 -14.05 -40.42
C ASN E 26 8.21 -13.69 -41.09
N THR E 27 7.20 -13.45 -40.29
CA THR E 27 5.83 -13.30 -40.75
C THR E 27 5.33 -11.90 -40.44
N THR E 28 4.80 -11.22 -41.44
CA THR E 28 4.13 -9.94 -41.22
C THR E 28 2.73 -10.15 -40.67
N GLU E 29 2.27 -9.17 -39.90
CA GLU E 29 0.94 -9.26 -39.30
C GLU E 29 -0.10 -8.98 -40.37
N ALA E 30 -0.96 -9.97 -40.63
CA ALA E 30 -1.90 -9.92 -41.75
C ALA E 30 -2.98 -8.88 -41.54
N LYS E 31 -3.44 -8.29 -42.64
CA LYS E 31 -4.43 -7.22 -42.59
C LYS E 31 -5.63 -7.59 -43.46
N PHE E 32 -6.82 -7.34 -42.94
CA PHE E 32 -8.07 -7.67 -43.62
C PHE E 32 -8.64 -6.44 -44.31
N TRP E 33 -9.14 -6.62 -45.53
CA TRP E 33 -9.83 -5.57 -46.24
C TRP E 33 -11.06 -6.19 -46.90
N GLN E 34 -12.06 -5.36 -47.21
CA GLN E 34 -13.30 -5.86 -47.81
C GLN E 34 -13.43 -5.39 -49.26
N THR E 35 -13.58 -6.34 -50.18
CA THR E 35 -13.79 -6.11 -51.61
C THR E 35 -14.96 -6.96 -52.10
N ASP E 36 -15.18 -6.92 -53.42
CA ASP E 36 -16.23 -7.77 -54.05
C ASP E 36 -15.52 -8.76 -54.97
N PHE E 37 -15.94 -10.04 -54.97
CA PHE E 37 -15.22 -11.06 -55.78
C PHE E 37 -15.23 -10.67 -57.26
N LEU E 38 -16.33 -10.08 -57.71
CA LEU E 38 -16.45 -9.69 -59.14
C LEU E 38 -15.33 -8.71 -59.50
N LYS E 39 -15.07 -7.73 -58.62
CA LYS E 39 -14.01 -6.72 -58.90
C LYS E 39 -13.08 -6.63 -57.68
N ARG E 40 -12.24 -7.65 -57.49
CA ARG E 40 -11.32 -7.69 -56.32
C ARG E 40 -9.93 -7.21 -56.76
N HIS E 41 -9.86 -6.49 -57.88
CA HIS E 41 -8.55 -5.98 -58.40
C HIS E 41 -8.60 -4.45 -58.42
N THR E 42 -9.80 -3.87 -58.40
CA THR E 42 -9.94 -2.42 -58.39
C THR E 42 -10.33 -1.89 -57.00
N PHE E 43 -11.43 -2.38 -56.45
CA PHE E 43 -11.87 -1.89 -55.14
C PHE E 43 -11.10 -2.59 -54.03
N LYS E 44 -10.71 -1.81 -53.01
CA LYS E 44 -10.05 -2.32 -51.81
C LYS E 44 -10.44 -1.38 -50.65
N LEU E 45 -11.56 -1.76 -49.92
CA LEU E 45 -12.11 -0.94 -48.86
C LEU E 45 -11.67 -1.46 -47.48
N PRO E 46 -11.50 -0.58 -46.49
CA PRO E 46 -11.10 -1.04 -45.16
C PRO E 46 -12.25 -1.64 -44.36
N LEU E 47 -11.88 -2.43 -43.36
CA LEU E 47 -12.82 -3.16 -42.53
C LEU E 47 -12.53 -2.86 -41.07
N LEU E 48 -13.49 -2.22 -40.39
CA LEU E 48 -13.35 -1.88 -38.99
C LEU E 48 -14.24 -2.76 -38.13
N ILE E 49 -13.85 -2.92 -36.88
CA ILE E 49 -14.57 -3.79 -35.95
C ILE E 49 -15.76 -3.03 -35.39
N THR E 50 -16.87 -3.75 -35.17
CA THR E 50 -18.01 -3.20 -34.48
C THR E 50 -17.91 -3.50 -32.98
N ASP E 51 -18.91 -3.02 -32.24
CA ASP E 51 -18.94 -3.25 -30.77
C ASP E 51 -20.35 -3.66 -30.35
N LYS E 52 -20.60 -4.96 -30.22
CA LYS E 52 -21.89 -5.47 -29.78
C LYS E 52 -21.87 -5.70 -28.28
N ALA E 53 -22.96 -5.32 -27.60
CA ALA E 53 -23.15 -5.72 -26.22
C ALA E 53 -23.62 -7.17 -26.16
N VAL E 54 -23.01 -7.97 -25.30
CA VAL E 54 -23.34 -9.37 -25.12
C VAL E 54 -23.82 -9.53 -23.69
N LEU E 55 -25.00 -10.13 -23.50
CA LEU E 55 -25.62 -10.06 -22.18
C LEU E 55 -25.03 -11.11 -21.24
N ALA E 56 -25.29 -12.39 -21.51
CA ALA E 56 -25.03 -13.44 -20.53
C ALA E 56 -25.24 -14.82 -21.17
N SER E 57 -24.69 -15.82 -20.50
CA SER E 57 -24.99 -17.22 -20.75
C SER E 57 -24.71 -17.99 -19.45
N LYS E 58 -24.80 -19.32 -19.52
CA LYS E 58 -24.55 -20.16 -18.36
C LYS E 58 -23.70 -21.35 -18.77
N GLY E 59 -22.70 -21.66 -17.94
CA GLY E 59 -21.83 -22.80 -18.19
C GLY E 59 -21.25 -23.38 -16.93
N HIS E 60 -21.30 -24.72 -16.82
CA HIS E 60 -20.78 -25.50 -15.70
C HIS E 60 -21.42 -25.07 -14.37
N GLU E 61 -22.75 -25.09 -14.35
CA GLU E 61 -23.53 -24.75 -13.17
C GLU E 61 -24.14 -26.02 -12.59
N MET E 62 -23.92 -26.23 -11.29
CA MET E 62 -24.44 -27.41 -10.62
C MET E 62 -25.30 -27.02 -9.42
N ASN E 75 -25.02 -8.68 -15.84
CA ASN E 75 -24.59 -7.44 -16.50
C ASN E 75 -23.91 -7.75 -17.83
N PRO E 76 -24.35 -7.10 -18.90
CA PRO E 76 -23.73 -7.32 -20.21
C PRO E 76 -22.31 -6.78 -20.28
N GLN E 77 -21.49 -7.44 -21.08
CA GLN E 77 -20.12 -7.04 -21.36
C GLN E 77 -19.98 -6.68 -22.83
N LYS E 78 -19.03 -5.79 -23.13
CA LYS E 78 -18.77 -5.38 -24.49
C LYS E 78 -17.97 -6.45 -25.22
N SER E 79 -18.31 -6.69 -26.49
CA SER E 79 -17.56 -7.60 -27.33
C SER E 79 -17.43 -6.97 -28.71
N GLN E 80 -16.40 -7.39 -29.45
CA GLN E 80 -16.17 -6.86 -30.81
C GLN E 80 -16.40 -7.97 -31.84
N SER E 81 -17.20 -7.71 -32.86
CA SER E 81 -17.50 -8.73 -33.90
C SER E 81 -17.49 -8.08 -35.30
N CYS E 82 -16.34 -8.10 -35.98
CA CYS E 82 -16.23 -7.44 -37.31
C CYS E 82 -16.99 -8.27 -38.36
N THR E 83 -17.64 -7.59 -39.31
CA THR E 83 -18.39 -8.29 -40.37
C THR E 83 -18.16 -7.59 -41.69
N LEU E 84 -18.49 -8.26 -42.80
CA LEU E 84 -18.35 -7.62 -44.13
C LEU E 84 -19.51 -6.64 -44.33
N SER E 85 -19.30 -5.59 -45.14
CA SER E 85 -20.37 -4.67 -45.46
C SER E 85 -21.45 -5.38 -46.28
N THR E 86 -22.56 -4.67 -46.49
CA THR E 86 -23.69 -5.24 -47.21
C THR E 86 -23.38 -5.44 -48.70
N GLU E 87 -22.64 -4.51 -49.29
CA GLU E 87 -22.33 -4.62 -50.72
C GLU E 87 -21.19 -5.60 -50.98
N CYS E 88 -20.17 -5.61 -50.12
CA CYS E 88 -19.00 -6.44 -50.34
C CYS E 88 -19.29 -7.90 -50.01
N ASP E 89 -18.58 -8.80 -50.71
CA ASP E 89 -18.71 -10.23 -50.44
C ASP E 89 -17.38 -10.97 -50.46
N THR E 90 -16.27 -10.27 -50.27
CA THR E 90 -14.94 -10.88 -50.38
C THR E 90 -14.01 -10.28 -49.36
N LEU E 91 -13.33 -11.15 -48.62
CA LEU E 91 -12.28 -10.78 -47.68
C LEU E 91 -10.92 -10.91 -48.35
N ARG E 92 -10.14 -9.84 -48.30
CA ARG E 92 -8.76 -9.82 -48.77
C ARG E 92 -7.86 -9.87 -47.55
N ILE E 93 -6.93 -10.82 -47.53
CA ILE E 93 -5.94 -10.92 -46.46
C ILE E 93 -4.59 -10.66 -47.07
N ASP E 94 -3.90 -9.65 -46.54
CA ASP E 94 -2.60 -9.21 -47.03
C ASP E 94 -1.56 -9.53 -45.98
N PHE E 95 -0.55 -10.33 -46.34
CA PHE E 95 0.59 -10.48 -45.44
C PHE E 95 1.85 -10.69 -46.26
N GLY E 96 2.98 -10.82 -45.56
CA GLY E 96 4.23 -11.19 -46.18
C GLY E 96 5.04 -12.08 -45.27
N ILE E 97 6.06 -12.68 -45.86
CA ILE E 97 7.08 -13.43 -45.12
C ILE E 97 8.45 -13.08 -45.66
N LYS E 98 9.39 -12.81 -44.77
CA LYS E 98 10.80 -12.77 -45.08
C LYS E 98 11.38 -14.16 -44.85
N VAL E 99 11.90 -14.76 -45.92
CA VAL E 99 12.62 -16.01 -45.84
C VAL E 99 14.10 -15.66 -45.70
N LEU E 100 14.74 -16.20 -44.66
CA LEU E 100 16.11 -15.92 -44.29
C LEU E 100 16.88 -17.21 -44.16
N PRO E 101 18.20 -17.22 -44.43
CA PRO E 101 18.99 -18.45 -44.36
C PRO E 101 19.04 -19.06 -42.96
N VAL E 102 19.16 -20.38 -42.91
CA VAL E 102 19.23 -21.08 -41.64
C VAL E 102 20.62 -20.90 -41.00
N LYS E 103 21.67 -20.83 -41.84
CA LYS E 103 23.06 -20.72 -41.36
C LYS E 103 23.29 -19.43 -40.59
N GLU E 104 22.94 -18.29 -41.18
CA GLU E 104 23.03 -17.01 -40.49
C GLU E 104 21.75 -16.69 -39.72
N SER E 105 21.30 -17.67 -38.95
CA SER E 105 20.20 -17.51 -38.03
C SER E 105 20.55 -17.90 -36.60
N MET E 106 21.85 -18.03 -36.33
CA MET E 106 22.30 -18.27 -34.93
C MET E 106 22.50 -16.91 -34.25
N TYR E 107 21.72 -16.61 -33.20
CA TYR E 107 21.81 -15.36 -32.48
C TYR E 107 22.69 -15.46 -31.26
N SER E 108 22.76 -16.62 -30.62
CA SER E 108 23.61 -16.83 -29.45
C SER E 108 23.89 -18.32 -29.28
N CYS E 109 25.16 -18.71 -29.42
CA CYS E 109 25.63 -20.06 -29.12
C CYS E 109 26.93 -19.95 -28.34
N SER E 110 27.04 -20.69 -27.24
CA SER E 110 28.11 -20.48 -26.27
C SER E 110 29.27 -21.45 -26.42
N ASP E 111 29.32 -22.17 -27.55
CA ASP E 111 30.40 -23.17 -27.79
C ASP E 111 30.71 -23.21 -29.29
N TYR E 112 31.94 -22.86 -29.66
CA TYR E 112 32.33 -22.83 -31.10
C TYR E 112 32.16 -24.24 -31.67
N ASN E 113 32.54 -25.26 -30.89
CA ASN E 113 32.45 -26.66 -31.37
C ASN E 113 30.99 -26.99 -31.70
N TYR E 114 30.06 -26.64 -30.80
CA TYR E 114 28.62 -26.94 -31.02
C TYR E 114 28.18 -26.24 -32.31
N ARG E 115 28.55 -24.97 -32.46
CA ARG E 115 28.12 -24.18 -33.64
C ARG E 115 28.58 -24.89 -34.92
N THR E 116 29.85 -25.30 -34.98
CA THR E 116 30.39 -25.95 -36.18
C THR E 116 29.59 -27.21 -36.46
N ALA E 117 29.47 -28.08 -35.45
CA ALA E 117 28.68 -29.33 -35.60
C ALA E 117 27.34 -29.02 -36.24
N ILE E 118 26.63 -28.02 -35.72
CA ILE E 118 25.29 -27.66 -36.27
C ILE E 118 25.45 -27.28 -37.74
N TYR E 119 26.42 -26.40 -38.04
CA TYR E 119 26.62 -25.93 -39.44
C TYR E 119 26.97 -27.12 -40.33
N GLN E 120 27.77 -28.05 -39.80
CA GLN E 120 28.14 -29.26 -40.57
C GLN E 120 26.87 -30.03 -40.95
N LYS E 121 25.97 -30.23 -39.98
CA LYS E 121 24.72 -30.99 -40.25
C LYS E 121 23.86 -30.21 -41.26
N ILE E 122 23.78 -28.89 -41.10
CA ILE E 122 23.02 -28.07 -42.09
C ILE E 122 23.65 -28.29 -43.48
N ASP E 123 24.99 -28.24 -43.55
CA ASP E 123 25.69 -28.44 -44.85
C ASP E 123 25.34 -29.84 -45.38
N GLU E 124 25.38 -30.85 -44.51
CA GLU E 124 25.09 -32.25 -44.95
C GLU E 124 23.66 -32.31 -45.51
N TYR E 125 22.69 -31.73 -44.78
CA TYR E 125 21.27 -31.77 -45.23
C TYR E 125 21.18 -31.11 -46.61
N ILE E 126 21.76 -29.92 -46.75
CA ILE E 126 21.67 -29.17 -48.05
C ILE E 126 22.33 -30.01 -49.15
N ALA E 127 23.54 -30.52 -48.90
CA ALA E 127 24.24 -31.37 -49.89
C ALA E 127 23.31 -32.51 -50.31
N GLU E 128 22.31 -32.80 -49.49
CA GLU E 128 21.34 -33.89 -49.79
C GLU E 128 20.03 -33.29 -50.30
N ASP E 129 19.03 -33.14 -49.43
CA ASP E 129 17.77 -32.45 -49.85
C ASP E 129 17.98 -30.95 -49.71
N GLY E 130 17.82 -30.19 -50.79
CA GLY E 130 18.12 -28.74 -50.71
C GLY E 130 17.01 -27.99 -50.01
N PHE E 131 16.74 -28.34 -48.75
CA PHE E 131 15.59 -27.73 -48.05
C PHE E 131 14.50 -27.51 -49.07
N LEU E 132 14.30 -28.48 -49.97
CA LEU E 132 13.27 -28.37 -50.97
C LEU E 132 11.95 -28.99 -50.51
N THR E 133 12.02 -30.13 -49.81
CA THR E 133 10.81 -30.83 -49.38
C THR E 133 10.05 -30.03 -48.32
N LEU E 134 10.79 -29.47 -47.35
CA LEU E 134 10.19 -28.58 -46.36
C LEU E 134 9.61 -27.33 -47.02
N ALA E 135 10.36 -26.77 -47.97
CA ALA E 135 9.88 -25.56 -48.69
C ALA E 135 8.54 -25.88 -49.35
N LYS E 136 8.45 -27.03 -50.00
CA LYS E 136 7.17 -27.44 -50.65
C LYS E 136 6.08 -27.53 -49.56
N ARG E 137 6.40 -28.13 -48.42
CA ARG E 137 5.40 -28.28 -47.33
C ARG E 137 4.91 -26.89 -46.89
N TYR E 138 5.84 -25.96 -46.66
CA TYR E 138 5.46 -24.60 -46.19
C TYR E 138 4.62 -23.91 -47.28
N VAL E 139 5.07 -24.02 -48.54
CA VAL E 139 4.35 -23.32 -49.66
C VAL E 139 3.01 -24.05 -49.90
N ASN E 140 2.93 -25.34 -49.56
CA ASN E 140 1.63 -26.06 -49.67
C ASN E 140 0.66 -25.44 -48.67
N ASN E 141 1.16 -25.11 -47.47
CA ASN E 141 0.31 -24.43 -46.46
C ASN E 141 -0.11 -23.08 -47.01
N ILE E 142 0.78 -22.42 -47.76
CA ILE E 142 0.40 -21.12 -48.42
C ILE E 142 -0.65 -21.42 -49.48
N ALA E 143 -0.69 -22.65 -50.00
CA ALA E 143 -1.64 -22.94 -51.07
C ALA E 143 -2.91 -23.64 -50.59
N ASN E 144 -2.91 -24.28 -49.43
CA ASN E 144 -4.10 -24.99 -48.98
C ASN E 144 -5.02 -24.12 -48.12
N ALA E 145 -4.65 -22.85 -47.90
CA ALA E 145 -5.40 -21.86 -47.12
C ALA E 145 -5.67 -22.31 -45.69
N ARG E 146 -4.67 -22.94 -45.05
CA ARG E 146 -4.75 -23.15 -43.61
C ARG E 146 -4.63 -21.83 -42.85
N PHE E 147 -4.00 -20.82 -43.44
CA PHE E 147 -3.75 -19.56 -42.76
C PHE E 147 -5.02 -18.74 -42.55
N LEU E 148 -6.09 -19.04 -43.30
CA LEU E 148 -7.38 -18.43 -43.03
C LEU E 148 -7.94 -18.87 -41.69
N TRP E 149 -7.61 -20.11 -41.28
CA TRP E 149 -8.11 -20.80 -40.09
C TRP E 149 -9.62 -20.97 -40.15
N ARG E 150 -10.33 -20.38 -39.19
CA ARG E 150 -11.77 -20.61 -39.08
C ARG E 150 -12.53 -19.83 -40.16
N ASN E 151 -11.88 -18.87 -40.83
CA ASN E 151 -12.47 -18.25 -42.01
C ASN E 151 -12.52 -19.16 -43.22
N ARG E 152 -11.87 -20.32 -43.17
CA ARG E 152 -11.90 -21.28 -44.28
C ARG E 152 -13.12 -22.19 -44.20
N LYS E 153 -13.83 -22.19 -43.06
CA LYS E 153 -14.92 -23.13 -42.76
C LYS E 153 -16.05 -23.07 -43.80
N GLY E 154 -16.51 -21.86 -44.11
CA GLY E 154 -17.48 -21.71 -45.17
C GLY E 154 -17.07 -20.68 -46.21
N ALA E 155 -16.80 -21.13 -47.43
CA ALA E 155 -16.42 -20.22 -48.50
C ALA E 155 -17.00 -20.72 -49.81
N GLU E 156 -16.80 -19.93 -50.87
CA GLU E 156 -17.24 -20.30 -52.21
C GLU E 156 -16.07 -20.56 -53.14
N ILE E 157 -15.20 -19.57 -53.35
CA ILE E 157 -13.90 -19.78 -53.98
C ILE E 157 -12.85 -19.06 -53.14
N ILE E 158 -11.87 -19.79 -52.66
CA ILE E 158 -10.70 -19.22 -51.97
C ILE E 158 -9.60 -19.11 -53.01
N GLU E 159 -9.02 -17.92 -53.17
CA GLU E 159 -8.11 -17.68 -54.28
C GLU E 159 -6.85 -17.02 -53.72
N THR E 160 -5.72 -17.75 -53.75
CA THR E 160 -4.49 -17.22 -53.15
C THR E 160 -3.52 -16.79 -54.23
N ILE E 161 -3.04 -15.55 -54.17
CA ILE E 161 -2.08 -15.04 -55.19
C ILE E 161 -0.79 -14.63 -54.47
N VAL E 162 0.28 -15.43 -54.64
CA VAL E 162 1.59 -15.11 -53.99
C VAL E 162 2.45 -14.32 -54.98
N THR E 163 3.03 -13.20 -54.54
CA THR E 163 3.83 -12.35 -55.45
C THR E 163 5.24 -12.25 -54.91
N ILE E 164 6.23 -12.68 -55.68
CA ILE E 164 7.67 -12.56 -55.27
C ILE E 164 8.28 -11.41 -56.09
N GLU E 165 9.35 -10.80 -55.56
CA GLU E 165 10.02 -9.69 -56.30
C GLU E 165 8.96 -8.66 -56.72
N ASP E 166 8.79 -8.49 -58.03
CA ASP E 166 7.76 -7.55 -58.56
C ASP E 166 6.87 -8.31 -59.56
N LYS E 167 6.88 -9.63 -59.51
CA LYS E 167 6.08 -10.45 -60.47
C LYS E 167 5.06 -11.29 -59.69
N GLU E 168 3.85 -11.47 -60.26
CA GLU E 168 2.80 -12.26 -59.59
C GLU E 168 2.81 -13.70 -60.16
N TYR E 169 3.00 -14.69 -59.29
CA TYR E 169 3.01 -16.10 -59.75
C TYR E 169 1.57 -16.54 -60.06
N PRO E 170 1.37 -17.58 -60.90
CA PRO E 170 0.02 -18.02 -61.27
C PRO E 170 -0.88 -18.17 -60.07
N SER E 171 -2.16 -17.82 -60.23
CA SER E 171 -3.12 -17.85 -59.09
C SER E 171 -3.37 -19.28 -58.59
N PHE E 172 -3.57 -19.44 -57.29
CA PHE E 172 -3.84 -20.75 -56.68
C PHE E 172 -5.31 -20.87 -56.28
N ASN E 173 -5.98 -21.91 -56.78
CA ASN E 173 -7.27 -22.30 -56.22
C ASN E 173 -7.00 -23.13 -54.96
N SER E 174 -7.48 -22.67 -53.82
CA SER E 174 -7.11 -23.25 -52.54
C SER E 174 -8.09 -24.31 -52.04
N LYS E 175 -9.23 -24.49 -52.69
CA LYS E 175 -10.18 -25.51 -52.28
C LYS E 175 -9.92 -26.87 -52.93
N SER E 176 -9.23 -26.88 -54.08
CA SER E 176 -8.91 -28.14 -54.73
C SER E 176 -7.85 -28.92 -53.96
N PHE E 177 -6.89 -28.18 -53.38
CA PHE E 177 -5.81 -28.82 -52.57
C PHE E 177 -6.40 -29.25 -51.23
N ASN E 178 -6.19 -30.51 -50.85
CA ASN E 178 -6.68 -31.02 -49.54
C ASN E 178 -5.75 -30.48 -48.44
N LEU E 179 -6.30 -30.08 -47.30
CA LEU E 179 -5.48 -29.49 -46.21
C LEU E 179 -4.53 -30.55 -45.63
N ASP E 180 -5.04 -31.77 -45.37
CA ASP E 180 -4.22 -32.82 -44.73
C ASP E 180 -3.10 -33.29 -45.65
N THR E 181 -3.42 -33.59 -46.92
CA THR E 181 -2.40 -34.14 -47.84
C THR E 181 -1.49 -33.03 -48.33
N PHE E 182 -0.32 -33.40 -48.86
CA PHE E 182 0.62 -32.39 -49.42
C PHE E 182 0.94 -32.80 -50.86
N VAL E 183 1.15 -31.82 -51.75
CA VAL E 183 1.39 -32.11 -53.16
C VAL E 183 2.82 -31.73 -53.52
N GLU E 184 3.31 -32.34 -54.61
CA GLU E 184 4.66 -32.05 -55.08
C GLU E 184 4.73 -31.99 -56.60
N ASP E 185 3.62 -31.72 -57.29
CA ASP E 185 3.59 -31.85 -58.75
C ASP E 185 3.24 -30.56 -59.47
N ASN E 186 2.55 -29.64 -58.79
CA ASN E 186 2.21 -28.34 -59.37
C ASN E 186 3.47 -27.54 -59.67
N ALA E 187 3.60 -27.10 -60.92
CA ALA E 187 4.83 -26.46 -61.40
C ALA E 187 5.10 -25.16 -60.65
N THR E 188 4.04 -24.37 -60.43
CA THR E 188 4.17 -23.12 -59.69
C THR E 188 4.57 -23.36 -58.24
N ILE E 189 4.11 -24.46 -57.64
CA ILE E 189 4.33 -24.65 -56.22
C ILE E 189 5.79 -25.09 -56.01
N ASN E 190 6.33 -25.85 -56.99
CA ASN E 190 7.74 -26.19 -57.03
C ASN E 190 8.60 -24.97 -57.30
N GLU E 191 8.10 -24.02 -58.11
CA GLU E 191 8.90 -22.84 -58.39
C GLU E 191 9.04 -21.94 -57.17
N ILE E 192 8.00 -21.68 -56.41
CA ILE E 192 8.20 -20.86 -55.19
C ILE E 192 9.07 -21.66 -54.22
N ALA E 193 8.77 -22.95 -54.04
CA ALA E 193 9.54 -23.77 -53.12
C ALA E 193 11.02 -23.85 -53.50
N GLN E 194 11.34 -23.77 -54.80
CA GLN E 194 12.74 -23.72 -55.20
C GLN E 194 13.39 -22.40 -54.83
N GLN E 195 12.67 -21.28 -55.01
CA GLN E 195 13.21 -19.99 -54.55
C GLN E 195 13.35 -19.94 -53.03
N ILE E 196 12.34 -20.46 -52.31
CA ILE E 196 12.38 -20.52 -50.86
C ILE E 196 13.52 -21.44 -50.40
N ALA E 197 13.73 -22.53 -51.12
CA ALA E 197 14.74 -23.52 -50.77
C ALA E 197 16.15 -22.98 -50.97
N ASP E 198 16.46 -22.31 -51.97
CA ASP E 198 17.84 -21.83 -52.17
C ASP E 198 18.05 -20.67 -51.21
N THR E 199 16.95 -19.82 -51.03
CA THR E 199 17.13 -18.79 -50.00
C THR E 199 17.49 -19.44 -48.65
N PHE E 200 16.82 -20.54 -48.32
CA PHE E 200 17.08 -21.26 -47.07
C PHE E 200 18.50 -21.85 -47.02
N ALA E 201 19.01 -22.29 -48.16
CA ALA E 201 20.33 -22.90 -48.19
C ALA E 201 21.43 -21.86 -47.99
N GLY E 202 21.32 -20.72 -48.67
CA GLY E 202 22.32 -19.68 -48.54
C GLY E 202 22.68 -19.01 -49.85
N LYS E 203 22.14 -19.53 -50.96
CA LYS E 203 22.38 -18.94 -52.27
C LYS E 203 21.83 -17.53 -52.37
N ARG E 204 20.61 -17.31 -51.88
CA ARG E 204 20.02 -15.99 -51.79
C ARG E 204 19.86 -15.63 -50.31
N GLU E 205 20.11 -14.37 -49.97
CA GLU E 205 20.22 -13.97 -48.57
C GLU E 205 18.92 -13.44 -47.99
N TYR E 206 17.90 -13.19 -48.81
CA TYR E 206 16.60 -12.72 -48.34
C TYR E 206 15.56 -13.02 -49.41
N LEU E 207 14.33 -13.28 -48.99
CA LEU E 207 13.23 -13.45 -49.92
C LEU E 207 11.98 -12.79 -49.36
N ASN E 208 11.41 -11.84 -50.10
CA ASN E 208 10.22 -11.11 -49.66
C ASN E 208 9.03 -11.67 -50.43
N ILE E 209 8.20 -12.46 -49.76
CA ILE E 209 7.03 -13.07 -50.38
C ILE E 209 5.79 -12.35 -49.87
N TYR E 210 4.96 -11.85 -50.78
CA TYR E 210 3.75 -11.12 -50.43
C TYR E 210 2.55 -11.96 -50.84
N VAL E 211 1.72 -12.35 -49.88
CA VAL E 211 0.61 -13.26 -50.12
C VAL E 211 -0.70 -12.50 -49.93
N THR E 212 -1.57 -12.63 -50.93
CA THR E 212 -2.88 -12.00 -50.96
C THR E 212 -3.92 -13.10 -51.13
N CYS E 213 -4.82 -13.24 -50.16
CA CYS E 213 -5.82 -14.31 -50.21
C CYS E 213 -7.22 -13.71 -50.28
N PHE E 214 -7.98 -14.12 -51.29
CA PHE E 214 -9.23 -13.49 -51.68
C PHE E 214 -10.28 -14.57 -51.45
N VAL E 215 -11.09 -14.43 -50.40
CA VAL E 215 -12.07 -15.46 -50.06
C VAL E 215 -13.48 -14.89 -50.16
N LYS E 216 -14.36 -15.61 -50.86
CA LYS E 216 -15.76 -15.25 -51.00
C LYS E 216 -16.54 -15.94 -49.88
N ILE E 217 -16.79 -15.21 -48.80
CA ILE E 217 -17.62 -15.69 -47.71
C ILE E 217 -19.04 -15.15 -47.81
N GLY E 218 -19.42 -14.62 -48.97
CA GLY E 218 -20.75 -14.10 -49.16
C GLY E 218 -20.93 -12.70 -48.62
N CYS E 219 -22.12 -12.15 -48.85
CA CYS E 219 -22.43 -10.78 -48.47
C CYS E 219 -22.77 -10.71 -46.99
N ALA E 220 -22.12 -9.78 -46.29
CA ALA E 220 -22.37 -9.38 -44.92
C ALA E 220 -22.18 -10.49 -43.89
N MET E 221 -21.46 -11.57 -44.23
CA MET E 221 -21.11 -12.51 -43.19
C MET E 221 -19.98 -11.95 -42.32
N GLU E 222 -19.78 -12.58 -41.17
CA GLU E 222 -19.00 -12.00 -40.10
C GLU E 222 -17.60 -12.60 -40.11
N VAL E 223 -16.60 -11.74 -40.00
CA VAL E 223 -15.20 -12.11 -40.19
C VAL E 223 -14.56 -12.35 -38.84
N TYR E 224 -13.60 -13.28 -38.81
CA TYR E 224 -13.02 -13.89 -37.61
C TYR E 224 -11.53 -13.60 -37.55
N PRO E 225 -11.12 -12.45 -37.01
CA PRO E 225 -9.69 -12.20 -36.84
C PRO E 225 -9.18 -12.67 -35.49
N SER E 226 -7.92 -12.38 -35.18
CA SER E 226 -7.35 -12.83 -33.92
C SER E 226 -7.85 -11.96 -32.76
N GLN E 227 -7.81 -12.55 -31.56
CA GLN E 227 -8.33 -11.92 -30.36
C GLN E 227 -7.17 -11.63 -29.40
N GLU E 228 -7.13 -10.40 -28.91
CA GLU E 228 -6.11 -10.02 -27.95
C GLU E 228 -6.44 -10.57 -26.57
N MET E 229 -5.43 -10.63 -25.70
CA MET E 229 -5.64 -11.03 -24.32
C MET E 229 -6.38 -9.94 -23.57
N THR E 230 -7.29 -10.34 -22.69
CA THR E 230 -8.29 -9.46 -22.09
C THR E 230 -8.26 -9.56 -20.57
N PHE E 231 -7.08 -9.42 -19.97
CA PHE E 231 -6.98 -9.44 -18.52
C PHE E 231 -7.31 -8.09 -17.89
N ASP E 232 -7.71 -7.09 -18.67
CA ASP E 232 -8.00 -5.76 -18.16
C ASP E 232 -9.22 -5.75 -17.24
N ASP E 233 -8.97 -5.51 -15.95
CA ASP E 233 -9.92 -5.55 -14.84
C ASP E 233 -10.74 -6.84 -14.86
N ASP E 234 -12.07 -6.72 -15.00
CA ASP E 234 -12.95 -7.89 -15.06
C ASP E 234 -13.97 -7.71 -16.19
N ASP E 235 -13.68 -6.82 -17.15
CA ASP E 235 -14.51 -6.67 -18.34
C ASP E 235 -14.48 -7.94 -19.16
N LYS E 236 -13.31 -8.28 -19.69
CA LYS E 236 -12.98 -9.59 -20.30
C LYS E 236 -13.91 -9.93 -21.46
N GLY E 237 -13.96 -9.02 -22.44
CA GLY E 237 -14.76 -9.23 -23.63
C GLY E 237 -13.96 -9.92 -24.72
N LYS E 238 -14.54 -9.93 -25.92
CA LYS E 238 -13.83 -10.42 -27.10
C LYS E 238 -13.24 -9.20 -27.80
N LYS E 239 -12.08 -8.79 -27.32
CA LYS E 239 -11.37 -7.65 -27.88
C LYS E 239 -10.44 -8.13 -28.99
N LEU E 240 -10.70 -7.68 -30.21
CA LEU E 240 -9.98 -8.15 -31.38
C LEU E 240 -8.76 -7.29 -31.65
N PHE E 241 -7.96 -7.73 -32.62
CA PHE E 241 -6.73 -7.06 -33.00
C PHE E 241 -7.03 -5.87 -33.92
N LYS E 242 -6.19 -4.83 -33.82
CA LYS E 242 -6.30 -3.66 -34.67
C LYS E 242 -4.95 -3.37 -35.30
N PHE E 243 -4.90 -3.40 -36.64
CA PHE E 243 -3.68 -3.17 -37.41
C PHE E 243 -3.92 -1.99 -38.35
N GLU E 244 -3.47 -0.81 -37.94
CA GLU E 244 -3.74 0.40 -38.74
C GLU E 244 -5.26 0.63 -38.76
N GLY E 245 -5.92 0.53 -37.61
CA GLY E 245 -7.34 0.85 -37.57
C GLY E 245 -8.22 -0.11 -38.32
N SER E 246 -7.70 -1.26 -38.73
CA SER E 246 -8.47 -2.27 -39.43
C SER E 246 -8.34 -3.58 -38.67
N ALA E 247 -9.13 -4.57 -39.07
CA ALA E 247 -9.02 -5.89 -38.49
C ALA E 247 -7.69 -6.52 -38.88
N GLY E 248 -7.12 -7.28 -37.96
CA GLY E 248 -5.80 -7.86 -38.19
C GLY E 248 -5.71 -9.23 -37.57
N MET E 249 -4.96 -10.10 -38.22
CA MET E 249 -4.65 -11.41 -37.69
C MET E 249 -3.20 -11.44 -37.25
N HIS E 250 -2.96 -12.06 -36.10
CA HIS E 250 -1.62 -12.09 -35.52
C HIS E 250 -0.65 -12.88 -36.39
N SER E 251 0.61 -12.47 -36.35
CA SER E 251 1.69 -13.14 -37.08
C SER E 251 1.92 -14.56 -36.57
N GLN E 252 1.67 -14.78 -35.28
CA GLN E 252 1.87 -16.08 -34.65
C GLN E 252 0.91 -17.12 -35.22
N LYS E 253 -0.35 -16.73 -35.40
CA LYS E 253 -1.34 -17.60 -36.02
C LYS E 253 -0.96 -17.97 -37.45
N ILE E 254 -0.47 -16.98 -38.21
CA ILE E 254 -0.20 -17.17 -39.62
C ILE E 254 1.00 -18.11 -39.77
N ASN E 255 2.03 -17.89 -38.94
CA ASN E 255 3.21 -18.75 -38.91
C ASN E 255 2.90 -20.14 -38.36
N ASN E 256 1.93 -20.26 -37.45
CA ASN E 256 1.57 -21.58 -36.91
C ASN E 256 0.87 -22.37 -38.02
N ALA E 257 0.03 -21.71 -38.80
CA ALA E 257 -0.64 -22.38 -39.90
C ALA E 257 0.32 -22.74 -41.02
N LEU E 258 1.28 -21.87 -41.33
CA LEU E 258 2.25 -22.19 -42.37
C LEU E 258 3.23 -23.26 -41.90
N ARG E 259 3.51 -23.31 -40.61
CA ARG E 259 4.49 -24.23 -40.04
C ARG E 259 3.98 -25.67 -40.00
N THR E 260 2.66 -25.88 -40.16
CA THR E 260 2.03 -27.18 -39.99
C THR E 260 2.42 -28.07 -41.17
N ILE E 261 3.64 -28.61 -41.08
CA ILE E 261 4.24 -29.45 -42.11
C ILE E 261 4.58 -30.84 -41.60
N ASP E 262 4.40 -31.04 -40.29
CA ASP E 262 4.82 -32.33 -39.67
C ASP E 262 3.89 -33.48 -40.07
N THR E 263 4.40 -34.39 -40.91
CA THR E 263 3.62 -35.60 -41.27
C THR E 263 4.42 -36.78 -40.79
N TRP E 264 5.71 -36.55 -40.49
CA TRP E 264 6.60 -37.63 -40.01
C TRP E 264 6.62 -37.65 -38.48
N TYR E 265 5.47 -37.92 -37.86
CA TYR E 265 5.40 -38.01 -36.37
C TYR E 265 5.24 -39.49 -36.00
N PRO E 266 5.65 -39.90 -34.77
CA PRO E 266 5.60 -41.31 -34.39
C PRO E 266 4.38 -42.09 -34.86
N ASP E 267 3.17 -41.60 -34.59
CA ASP E 267 1.95 -42.38 -34.93
C ASP E 267 1.11 -41.63 -35.96
N TYR E 268 1.44 -41.78 -37.25
CA TYR E 268 0.71 -41.06 -38.28
C TYR E 268 -0.27 -41.95 -39.03
N THR E 269 -0.04 -43.27 -39.03
CA THR E 269 -0.93 -44.21 -39.70
C THR E 269 -2.32 -44.22 -39.06
N THR E 270 -2.35 -44.12 -37.73
CA THR E 270 -3.65 -44.06 -37.01
C THR E 270 -4.18 -42.65 -37.10
N TYR E 271 -3.53 -41.71 -36.41
CA TYR E 271 -3.95 -40.28 -36.48
C TYR E 271 -3.36 -39.68 -37.75
N GLU E 272 -4.14 -39.63 -38.84
CA GLU E 272 -3.60 -39.15 -40.14
C GLU E 272 -3.91 -37.65 -40.31
N PHE E 273 -3.17 -36.77 -39.62
CA PHE E 273 -3.35 -35.32 -39.80
C PHE E 273 -2.05 -34.59 -39.45
N PRO E 274 -1.63 -33.60 -40.27
CA PRO E 274 -0.40 -32.85 -39.99
C PRO E 274 -0.50 -32.07 -38.69
N ILE E 275 0.63 -31.90 -38.00
CA ILE E 275 0.64 -31.20 -36.68
C ILE E 275 1.66 -30.05 -36.72
N PRO E 276 1.37 -28.87 -36.12
CA PRO E 276 2.35 -27.80 -36.09
C PRO E 276 3.67 -28.28 -35.47
N VAL E 277 4.80 -27.88 -36.07
CA VAL E 277 6.13 -28.37 -35.58
C VAL E 277 6.42 -27.75 -34.19
N GLU E 278 6.39 -28.57 -33.14
CA GLU E 278 6.71 -28.09 -31.81
C GLU E 278 7.86 -28.92 -31.25
N ASN E 279 8.33 -28.51 -30.06
CA ASN E 279 9.46 -29.21 -29.45
C ASN E 279 9.09 -30.61 -28.97
N TYR E 280 7.84 -30.80 -28.56
CA TYR E 280 7.39 -32.08 -28.02
C TYR E 280 6.15 -32.59 -28.74
N GLY E 281 5.84 -32.07 -29.92
CA GLY E 281 4.63 -32.46 -30.62
C GLY E 281 3.36 -31.98 -29.97
N ALA E 282 3.28 -30.69 -29.64
CA ALA E 282 2.10 -30.15 -28.99
C ALA E 282 0.93 -30.06 -29.96
N ALA E 283 -0.24 -30.50 -29.51
CA ALA E 283 -1.46 -30.47 -30.32
C ALA E 283 -2.61 -30.15 -29.40
N ARG E 284 -3.10 -28.91 -29.46
CA ARG E 284 -4.31 -28.57 -28.72
C ARG E 284 -5.56 -29.07 -29.44
N SER E 285 -5.45 -29.41 -30.72
CA SER E 285 -6.57 -30.01 -31.44
C SER E 285 -6.82 -31.46 -31.05
N ILE E 286 -5.80 -32.16 -30.55
CA ILE E 286 -5.91 -33.54 -30.14
C ILE E 286 -5.78 -33.71 -28.64
N GLY E 287 -4.87 -32.96 -28.01
CA GLY E 287 -4.76 -32.90 -26.57
C GLY E 287 -3.59 -33.65 -25.97
N ILE E 288 -3.04 -34.60 -26.73
CA ILE E 288 -1.90 -35.42 -26.24
C ILE E 288 -0.63 -35.06 -27.03
N PRO E 289 0.58 -35.08 -26.42
CA PRO E 289 1.81 -34.82 -27.15
C PRO E 289 1.98 -35.89 -28.22
N PHE E 290 2.25 -35.47 -29.45
CA PHE E 290 2.38 -36.46 -30.57
C PHE E 290 3.83 -36.92 -30.69
N ARG E 291 4.78 -36.13 -30.18
CA ARG E 291 6.20 -36.54 -30.20
C ARG E 291 6.80 -36.44 -28.79
N PRO E 292 6.31 -37.22 -27.80
CA PRO E 292 6.88 -37.19 -26.46
C PRO E 292 8.05 -38.15 -26.34
N ASP E 293 8.87 -37.98 -25.31
CA ASP E 293 10.06 -38.85 -25.11
C ASP E 293 10.94 -38.80 -26.36
N THR E 294 10.90 -39.86 -27.18
CA THR E 294 11.75 -39.92 -28.39
C THR E 294 11.17 -39.05 -29.48
N LYS E 295 11.85 -38.96 -30.62
CA LYS E 295 11.37 -38.13 -31.76
C LYS E 295 11.17 -36.68 -31.30
N SER E 296 11.55 -36.37 -30.05
CA SER E 296 11.46 -34.96 -29.56
C SER E 296 12.75 -34.23 -29.92
N PHE E 297 12.65 -33.00 -30.42
CA PHE E 297 13.88 -32.28 -30.88
C PHE E 297 14.96 -32.38 -29.82
N TYR E 298 14.60 -32.14 -28.56
CA TYR E 298 15.62 -32.16 -27.46
C TYR E 298 16.33 -33.52 -27.43
N LYS E 299 15.55 -34.60 -27.53
CA LYS E 299 16.14 -35.97 -27.52
C LYS E 299 16.29 -36.44 -28.98
N LEU E 300 16.46 -35.52 -29.91
CA LEU E 300 16.77 -35.87 -31.30
C LEU E 300 18.03 -35.18 -31.81
N ILE E 301 18.24 -33.92 -31.44
CA ILE E 301 19.50 -33.26 -31.75
C ILE E 301 20.56 -33.69 -30.75
N ASP E 302 20.13 -34.26 -29.63
CA ASP E 302 21.15 -34.83 -28.72
C ASP E 302 21.72 -36.02 -29.46
N ARG E 303 20.84 -36.87 -30.02
CA ARG E 303 21.31 -38.06 -30.72
C ARG E 303 21.98 -37.77 -32.04
N MET E 304 22.25 -36.51 -32.36
CA MET E 304 22.73 -36.20 -33.69
C MET E 304 24.02 -35.39 -33.69
N ILE E 305 24.15 -34.39 -32.81
CA ILE E 305 25.40 -33.64 -32.71
C ILE E 305 26.35 -34.39 -31.78
N LEU E 306 25.89 -34.65 -30.56
CA LEU E 306 26.78 -35.05 -29.48
C LEU E 306 27.25 -36.50 -29.62
N LYS E 307 26.42 -37.38 -30.18
CA LYS E 307 26.85 -38.74 -30.44
C LYS E 307 27.24 -38.99 -31.89
N ASN E 308 26.92 -38.04 -32.79
CA ASN E 308 27.28 -38.05 -34.22
C ASN E 308 26.77 -39.33 -34.90
N GLU E 309 25.44 -39.45 -34.94
CA GLU E 309 24.76 -40.66 -35.38
C GLU E 309 23.77 -40.32 -36.48
N ASP E 310 23.78 -41.12 -37.56
CA ASP E 310 23.00 -40.85 -38.76
C ASP E 310 21.59 -41.41 -38.56
N LEU E 311 20.60 -40.52 -38.55
CA LEU E 311 19.18 -40.81 -38.37
C LEU E 311 18.51 -41.03 -39.73
N PRO E 312 17.28 -41.57 -39.77
CA PRO E 312 16.52 -41.56 -41.03
C PRO E 312 16.19 -40.15 -41.49
N ILE E 313 15.86 -40.06 -42.78
CA ILE E 313 15.69 -38.77 -43.46
C ILE E 313 14.44 -38.04 -42.95
N GLU E 314 13.45 -38.77 -42.43
CA GLU E 314 12.26 -38.13 -41.87
C GLU E 314 12.60 -37.33 -40.60
N ASP E 315 13.42 -37.90 -39.72
CA ASP E 315 13.84 -37.18 -38.52
C ASP E 315 14.78 -36.03 -38.87
N LYS E 316 15.54 -36.17 -39.96
CA LYS E 316 16.37 -35.06 -40.44
C LYS E 316 15.50 -33.96 -41.03
N HIS E 317 14.39 -34.34 -41.68
CA HIS E 317 13.40 -33.34 -42.09
C HIS E 317 12.76 -32.64 -40.90
N TYR E 318 12.87 -33.17 -39.69
CA TYR E 318 12.22 -32.40 -38.58
C TYR E 318 13.25 -31.53 -37.86
N VAL E 319 14.45 -32.04 -37.58
CA VAL E 319 15.41 -31.25 -36.76
C VAL E 319 15.69 -29.96 -37.51
N MET E 320 15.79 -30.02 -38.84
CA MET E 320 16.13 -28.81 -39.63
C MET E 320 14.85 -28.02 -39.95
N ALA E 321 13.70 -28.46 -39.42
CA ALA E 321 12.44 -27.70 -39.60
C ALA E 321 12.11 -26.97 -38.30
N ILE E 322 12.40 -27.60 -37.16
CA ILE E 322 12.14 -26.94 -35.84
C ILE E 322 13.18 -25.82 -35.66
N LEU E 323 14.36 -25.97 -36.25
CA LEU E 323 15.39 -24.89 -36.17
C LEU E 323 14.82 -23.61 -36.79
N ILE E 324 14.01 -23.75 -37.85
CA ILE E 324 13.38 -22.57 -38.52
C ILE E 324 12.52 -21.82 -37.48
N ARG E 325 11.72 -22.56 -36.72
CA ARG E 325 10.88 -21.94 -35.66
C ARG E 325 11.79 -21.22 -34.65
N GLY E 326 12.95 -21.80 -34.35
CA GLY E 326 13.90 -21.17 -33.42
C GLY E 326 13.29 -20.91 -32.07
N GLY E 327 12.68 -21.94 -31.46
CA GLY E 327 12.00 -21.77 -30.16
C GLY E 327 12.99 -21.78 -29.01
N MET E 328 13.99 -20.89 -29.04
CA MET E 328 14.90 -20.78 -27.88
C MET E 328 15.41 -22.19 -27.52
N PHE E 329 15.53 -23.06 -28.53
CA PHE E 329 16.03 -24.44 -28.28
C PHE E 329 17.31 -24.35 -27.46
N SER E 330 17.35 -25.03 -26.31
CA SER E 330 18.54 -25.00 -25.43
C SER E 330 18.64 -26.31 -24.65
N THR F 11 -12.81 -46.25 -21.92
CA THR F 11 -14.11 -46.31 -21.27
C THR F 11 -14.82 -44.97 -21.32
N LEU F 12 -14.07 -43.93 -21.69
CA LEU F 12 -14.50 -42.53 -21.76
C LEU F 12 -15.17 -42.09 -20.45
N LYS F 13 -14.35 -42.09 -19.40
CA LYS F 13 -14.87 -41.88 -18.05
C LYS F 13 -15.27 -40.43 -17.79
N SER F 14 -14.67 -39.47 -18.49
CA SER F 14 -14.96 -38.07 -18.23
C SER F 14 -14.93 -37.27 -19.53
N ARG F 15 -15.64 -36.14 -19.51
CA ARG F 15 -15.57 -35.18 -20.60
C ARG F 15 -14.20 -34.49 -20.58
N PRO F 16 -13.71 -34.00 -21.72
CA PRO F 16 -12.38 -33.40 -21.76
C PRO F 16 -12.34 -32.06 -21.07
N GLU F 17 -11.11 -31.61 -20.79
CA GLU F 17 -10.92 -30.33 -20.11
C GLU F 17 -11.32 -29.16 -21.00
N ASN F 18 -10.89 -29.18 -22.26
CA ASN F 18 -11.32 -28.18 -23.24
C ASN F 18 -12.18 -28.87 -24.28
N LEU F 19 -13.41 -28.39 -24.45
CA LEU F 19 -14.29 -28.86 -25.52
C LEU F 19 -15.10 -27.68 -26.04
N SER F 20 -15.16 -27.54 -27.36
CA SER F 20 -16.00 -26.49 -27.93
C SER F 20 -16.48 -26.88 -29.32
N PHE F 21 -17.73 -26.52 -29.60
CA PHE F 21 -18.34 -26.62 -30.92
C PHE F 21 -18.61 -25.24 -31.47
N ALA F 22 -18.24 -25.03 -32.73
CA ALA F 22 -18.52 -23.79 -33.43
C ALA F 22 -19.99 -23.72 -33.82
N ARG F 23 -20.43 -22.56 -34.26
CA ARG F 23 -21.78 -22.40 -34.75
C ARG F 23 -21.96 -23.09 -36.10
N CYS F 24 -23.20 -23.47 -36.39
CA CYS F 24 -23.56 -23.97 -37.71
C CYS F 24 -24.72 -23.20 -38.30
N LEU F 25 -25.15 -22.11 -37.65
CA LEU F 25 -26.21 -21.22 -38.11
C LEU F 25 -25.75 -19.77 -38.00
N ASN F 26 -24.61 -19.47 -38.62
CA ASN F 26 -24.01 -18.13 -38.52
C ASN F 26 -24.92 -17.08 -39.15
N THR F 27 -24.89 -15.89 -38.56
CA THR F 27 -25.93 -14.89 -38.78
C THR F 27 -25.32 -13.51 -39.01
N THR F 28 -25.87 -12.77 -39.98
CA THR F 28 -25.53 -11.37 -40.13
C THR F 28 -26.17 -10.52 -39.05
N GLU F 29 -25.53 -9.39 -38.77
CA GLU F 29 -26.20 -8.29 -38.10
C GLU F 29 -27.27 -7.77 -39.05
N ALA F 30 -28.54 -7.95 -38.70
CA ALA F 30 -29.64 -7.65 -39.61
C ALA F 30 -29.80 -6.14 -39.80
N LYS F 31 -29.95 -5.72 -41.05
CA LYS F 31 -30.11 -4.31 -41.39
C LYS F 31 -31.59 -3.94 -41.38
N PHE F 32 -31.87 -2.64 -41.49
CA PHE F 32 -33.21 -2.13 -41.69
C PHE F 32 -33.26 -1.26 -42.93
N TRP F 33 -34.42 -1.24 -43.56
CA TRP F 33 -34.68 -0.38 -44.71
C TRP F 33 -36.14 0.02 -44.65
N GLN F 34 -36.47 1.17 -45.24
CA GLN F 34 -37.89 1.62 -45.27
C GLN F 34 -38.36 1.66 -46.73
N THR F 35 -39.45 0.96 -47.05
CA THR F 35 -39.94 0.90 -48.45
C THR F 35 -41.44 1.04 -48.48
N ASP F 36 -42.05 0.87 -49.65
CA ASP F 36 -43.54 0.90 -49.77
C ASP F 36 -43.99 -0.46 -50.32
N PHE F 37 -45.09 -1.01 -49.80
CA PHE F 37 -45.51 -2.37 -50.24
C PHE F 37 -45.87 -2.36 -51.73
N LEU F 38 -46.59 -1.33 -52.17
CA LEU F 38 -47.04 -1.28 -53.59
C LEU F 38 -45.82 -1.39 -54.52
N LYS F 39 -44.81 -0.54 -54.31
CA LYS F 39 -43.57 -0.63 -55.12
C LYS F 39 -42.44 -1.04 -54.18
N ARG F 40 -42.14 -2.33 -54.09
CA ARG F 40 -41.16 -2.78 -53.11
C ARG F 40 -39.91 -3.38 -53.73
N HIS F 41 -40.03 -3.94 -54.94
CA HIS F 41 -38.87 -4.62 -55.57
C HIS F 41 -37.95 -3.58 -56.21
N THR F 42 -38.42 -2.34 -56.35
CA THR F 42 -37.63 -1.28 -57.00
C THR F 42 -37.54 -0.08 -56.08
N PHE F 43 -37.59 -0.29 -54.76
CA PHE F 43 -37.59 0.85 -53.81
C PHE F 43 -36.89 0.47 -52.52
N LYS F 44 -35.97 1.30 -52.05
CA LYS F 44 -35.27 1.06 -50.76
C LYS F 44 -34.80 2.41 -50.20
N LEU F 45 -35.05 2.67 -48.91
CA LEU F 45 -34.58 3.94 -48.27
C LEU F 45 -33.95 3.62 -46.91
N PRO F 46 -32.83 4.27 -46.54
CA PRO F 46 -32.17 4.00 -45.27
C PRO F 46 -33.04 4.38 -44.10
N LEU F 47 -32.96 3.62 -43.00
CA LEU F 47 -33.76 3.92 -41.78
C LEU F 47 -32.81 4.45 -40.71
N LEU F 48 -32.58 5.73 -40.66
CA LEU F 48 -31.61 6.29 -39.68
C LEU F 48 -32.26 6.16 -38.30
N ILE F 49 -31.50 6.35 -37.24
CA ILE F 49 -31.98 6.08 -35.90
C ILE F 49 -32.75 7.26 -35.30
N THR F 50 -32.49 8.49 -35.79
CA THR F 50 -33.36 9.67 -35.63
C THR F 50 -33.58 10.03 -34.16
N ASP F 51 -32.51 10.56 -33.55
CA ASP F 51 -32.49 11.18 -32.21
C ASP F 51 -33.74 11.98 -31.80
N SER F 79 -32.76 10.06 -25.49
CA SER F 79 -33.27 8.67 -25.70
C SER F 79 -33.46 8.41 -27.20
N GLN F 80 -32.52 7.71 -27.82
CA GLN F 80 -32.62 7.43 -29.28
C GLN F 80 -33.88 6.59 -29.54
N SER F 81 -34.64 6.92 -30.58
CA SER F 81 -35.86 6.16 -30.93
C SER F 81 -36.10 6.24 -32.44
N CYS F 82 -36.23 5.00 -33.07
CA CYS F 82 -36.37 4.95 -34.55
C CYS F 82 -37.84 4.90 -34.97
N THR F 83 -38.18 5.63 -36.11
CA THR F 83 -39.57 5.54 -36.60
C THR F 83 -39.56 5.68 -38.10
N LEU F 84 -40.63 5.26 -38.77
CA LEU F 84 -40.66 5.28 -40.26
C LEU F 84 -40.98 6.68 -40.78
N SER F 85 -40.79 6.91 -42.08
CA SER F 85 -41.14 8.22 -42.69
C SER F 85 -42.65 8.27 -42.92
N THR F 86 -43.18 9.46 -43.20
CA THR F 86 -44.64 9.60 -43.41
C THR F 86 -45.05 8.81 -44.63
N GLU F 87 -44.24 8.84 -45.69
CA GLU F 87 -44.61 8.16 -46.97
C GLU F 87 -44.34 6.65 -46.87
N CYS F 88 -43.12 6.25 -46.48
CA CYS F 88 -42.77 4.84 -46.47
C CYS F 88 -43.55 4.13 -45.36
N ASP F 89 -43.99 2.90 -45.65
CA ASP F 89 -44.78 2.16 -44.68
C ASP F 89 -44.40 0.68 -44.55
N THR F 90 -43.20 0.29 -44.97
CA THR F 90 -42.81 -1.12 -45.02
C THR F 90 -41.39 -1.26 -44.51
N LEU F 91 -41.23 -1.90 -43.35
CA LEU F 91 -39.91 -2.27 -42.87
C LEU F 91 -39.38 -3.43 -43.70
N ARG F 92 -38.08 -3.38 -44.00
CA ARG F 92 -37.45 -4.28 -44.98
C ARG F 92 -36.24 -4.96 -44.33
N ILE F 93 -36.48 -5.81 -43.33
CA ILE F 93 -35.33 -6.40 -42.58
C ILE F 93 -34.59 -7.41 -43.48
N ASP F 94 -33.28 -7.21 -43.63
CA ASP F 94 -32.45 -8.14 -44.46
C ASP F 94 -31.43 -8.83 -43.56
N PHE F 95 -31.43 -10.17 -43.56
CA PHE F 95 -30.42 -10.93 -42.76
C PHE F 95 -29.97 -12.16 -43.56
N GLY F 96 -28.72 -12.58 -43.34
CA GLY F 96 -28.17 -13.74 -44.07
C GLY F 96 -27.82 -14.87 -43.12
N ILE F 97 -27.84 -16.12 -43.59
CA ILE F 97 -27.61 -17.28 -42.69
C ILE F 97 -26.62 -18.28 -43.31
N LYS F 98 -25.43 -18.41 -42.73
CA LYS F 98 -24.47 -19.42 -43.16
C LYS F 98 -24.79 -20.72 -42.45
N VAL F 99 -25.10 -21.77 -43.21
CA VAL F 99 -25.28 -23.09 -42.65
C VAL F 99 -24.04 -23.91 -43.01
N LEU F 100 -23.40 -24.45 -41.96
CA LEU F 100 -22.18 -25.24 -41.95
C LEU F 100 -22.47 -26.64 -41.43
N PRO F 101 -21.68 -27.65 -41.83
CA PRO F 101 -21.90 -29.00 -41.29
C PRO F 101 -21.51 -29.11 -39.82
N VAL F 102 -22.10 -30.11 -39.16
CA VAL F 102 -21.91 -30.27 -37.73
C VAL F 102 -20.56 -30.95 -37.42
N LYS F 103 -20.10 -31.84 -38.31
CA LYS F 103 -18.86 -32.59 -38.08
C LYS F 103 -17.65 -31.68 -38.12
N GLU F 104 -17.55 -30.83 -39.12
CA GLU F 104 -16.49 -29.84 -39.20
C GLU F 104 -16.92 -28.52 -38.55
N SER F 105 -17.40 -28.63 -37.31
CA SER F 105 -17.54 -27.49 -36.43
C SER F 105 -16.82 -27.68 -35.11
N MET F 106 -16.05 -28.76 -34.96
CA MET F 106 -15.18 -28.91 -33.80
C MET F 106 -14.14 -27.80 -33.80
N TYR F 107 -13.82 -27.30 -32.61
CA TYR F 107 -12.77 -26.30 -32.50
C TYR F 107 -11.75 -26.58 -31.40
N SER F 108 -12.10 -27.29 -30.34
CA SER F 108 -11.12 -27.69 -29.34
C SER F 108 -11.60 -28.96 -28.67
N CYS F 109 -10.72 -29.98 -28.67
CA CYS F 109 -10.99 -31.29 -28.09
C CYS F 109 -9.68 -31.85 -27.60
N SER F 110 -9.63 -32.27 -26.34
CA SER F 110 -8.39 -32.76 -25.76
C SER F 110 -8.39 -34.27 -25.50
N ASP F 111 -9.31 -35.00 -26.15
CA ASP F 111 -9.31 -36.48 -26.04
C ASP F 111 -9.85 -37.01 -27.36
N TYR F 112 -9.03 -37.73 -28.12
CA TYR F 112 -9.43 -38.23 -29.46
C TYR F 112 -10.55 -39.25 -29.31
N ASN F 113 -10.55 -39.98 -28.19
CA ASN F 113 -11.61 -41.00 -27.95
C ASN F 113 -12.97 -40.29 -27.91
N TYR F 114 -13.04 -39.16 -27.20
CA TYR F 114 -14.31 -38.39 -27.13
C TYR F 114 -14.67 -37.91 -28.54
N ARG F 115 -13.66 -37.51 -29.32
CA ARG F 115 -13.92 -36.97 -30.68
C ARG F 115 -14.54 -38.05 -31.58
N THR F 116 -13.92 -39.23 -31.66
CA THR F 116 -14.43 -40.25 -32.60
C THR F 116 -15.83 -40.65 -32.18
N ALA F 117 -16.06 -40.79 -30.87
CA ALA F 117 -17.40 -41.15 -30.36
C ALA F 117 -18.41 -40.09 -30.77
N ILE F 118 -18.07 -38.80 -30.59
CA ILE F 118 -18.99 -37.69 -30.96
C ILE F 118 -19.30 -37.81 -32.46
N TYR F 119 -18.27 -37.97 -33.29
CA TYR F 119 -18.48 -38.06 -34.76
C TYR F 119 -19.36 -39.27 -35.06
N GLN F 120 -19.11 -40.38 -34.36
CA GLN F 120 -19.92 -41.62 -34.58
C GLN F 120 -21.38 -41.35 -34.18
N LYS F 121 -21.59 -40.66 -33.04
CA LYS F 121 -22.96 -40.34 -32.59
C LYS F 121 -23.65 -39.45 -33.63
N ILE F 122 -22.92 -38.48 -34.18
CA ILE F 122 -23.50 -37.60 -35.25
C ILE F 122 -23.84 -38.49 -36.46
N ASP F 123 -22.91 -39.36 -36.85
CA ASP F 123 -23.16 -40.28 -37.99
C ASP F 123 -24.40 -41.12 -37.67
N GLU F 124 -24.46 -41.69 -36.46
CA GLU F 124 -25.65 -42.46 -36.04
C GLU F 124 -26.91 -41.68 -36.44
N TYR F 125 -26.99 -40.47 -36.20
CA TYR F 125 -28.17 -39.58 -36.35
C TYR F 125 -28.35 -39.19 -37.82
N ILE F 126 -27.27 -38.72 -38.46
CA ILE F 126 -27.37 -38.23 -39.87
C ILE F 126 -27.72 -39.41 -40.80
N ALA F 127 -27.67 -40.65 -40.29
CA ALA F 127 -28.10 -41.81 -41.09
C ALA F 127 -29.57 -42.11 -40.76
N GLU F 128 -29.87 -42.35 -39.48
CA GLU F 128 -31.27 -42.57 -39.06
C GLU F 128 -32.15 -41.43 -39.61
N ASP F 129 -31.87 -40.19 -39.21
CA ASP F 129 -32.65 -39.02 -39.70
C ASP F 129 -31.78 -38.24 -40.70
N GLY F 130 -32.40 -37.46 -41.58
CA GLY F 130 -31.62 -36.63 -42.52
C GLY F 130 -31.35 -35.26 -41.93
N PHE F 131 -31.55 -35.10 -40.61
CA PHE F 131 -31.38 -33.78 -39.94
C PHE F 131 -32.50 -32.87 -40.44
N LEU F 132 -33.49 -33.43 -41.14
CA LEU F 132 -34.61 -32.64 -41.71
C LEU F 132 -35.45 -32.06 -40.56
N THR F 133 -35.68 -32.84 -39.50
CA THR F 133 -36.55 -32.37 -38.41
C THR F 133 -35.97 -31.11 -37.82
N LEU F 134 -34.69 -31.14 -37.43
CA LEU F 134 -34.03 -29.96 -36.83
C LEU F 134 -33.99 -28.85 -37.89
N ALA F 135 -33.68 -29.19 -39.14
CA ALA F 135 -33.67 -28.19 -40.23
C ALA F 135 -35.06 -27.58 -40.35
N LYS F 136 -36.09 -28.42 -40.51
CA LYS F 136 -37.45 -27.90 -40.63
C LYS F 136 -37.79 -26.94 -39.51
N ARG F 137 -37.32 -27.23 -38.30
CA ARG F 137 -37.57 -26.36 -37.15
C ARG F 137 -36.90 -24.99 -37.32
N TYR F 138 -35.61 -25.01 -37.64
CA TYR F 138 -34.87 -23.73 -37.82
C TYR F 138 -35.50 -22.96 -38.96
N VAL F 139 -35.76 -23.62 -40.08
CA VAL F 139 -36.31 -22.92 -41.28
C VAL F 139 -37.75 -22.48 -41.00
N ASN F 140 -38.49 -23.22 -40.17
CA ASN F 140 -39.87 -22.78 -39.79
C ASN F 140 -39.77 -21.46 -39.03
N ASN F 141 -38.78 -21.34 -38.14
CA ASN F 141 -38.57 -20.06 -37.40
C ASN F 141 -38.29 -18.95 -38.42
N ILE F 142 -37.59 -19.28 -39.50
CA ILE F 142 -37.32 -18.27 -40.58
C ILE F 142 -38.58 -18.17 -41.45
N ALA F 143 -39.53 -19.11 -41.31
CA ALA F 143 -40.75 -18.98 -42.11
C ALA F 143 -41.94 -18.38 -41.36
N ASN F 144 -41.85 -18.09 -40.06
CA ASN F 144 -43.03 -17.60 -39.34
C ASN F 144 -42.80 -16.27 -38.66
N ALA F 145 -41.70 -15.58 -39.01
CA ALA F 145 -41.38 -14.23 -38.54
C ALA F 145 -41.22 -14.12 -37.03
N ARG F 146 -40.52 -15.08 -36.42
CA ARG F 146 -40.12 -14.84 -35.03
C ARG F 146 -38.84 -14.02 -34.96
N PHE F 147 -38.12 -13.86 -36.09
CA PHE F 147 -36.94 -13.00 -36.13
C PHE F 147 -37.35 -11.55 -35.84
N LEU F 148 -38.54 -11.18 -36.30
CA LEU F 148 -39.21 -9.93 -35.98
C LEU F 148 -39.83 -10.00 -34.59
N TRP F 149 -38.97 -10.08 -33.56
CA TRP F 149 -39.28 -10.20 -32.13
C TRP F 149 -40.42 -9.30 -31.67
N ARG F 150 -40.41 -8.04 -32.06
CA ARG F 150 -41.49 -7.16 -31.65
C ARG F 150 -42.16 -6.47 -32.84
N ASN F 151 -41.43 -6.26 -33.93
CA ASN F 151 -41.93 -5.49 -35.07
C ASN F 151 -42.84 -6.32 -35.97
N ARG F 152 -43.90 -6.92 -35.40
CA ARG F 152 -44.83 -7.74 -36.16
C ARG F 152 -46.25 -7.67 -35.61
N LYS F 153 -46.53 -6.75 -34.69
CA LYS F 153 -47.83 -6.66 -34.03
C LYS F 153 -48.94 -6.25 -35.00
N GLY F 154 -48.74 -5.14 -35.71
CA GLY F 154 -49.80 -4.57 -36.52
C GLY F 154 -49.57 -4.75 -38.00
N ALA F 155 -48.70 -5.69 -38.36
CA ALA F 155 -48.44 -5.98 -39.77
C ALA F 155 -49.69 -6.59 -40.40
N GLU F 156 -50.24 -5.88 -41.39
CA GLU F 156 -51.43 -6.38 -42.09
C GLU F 156 -51.06 -7.53 -43.00
N ILE F 157 -50.14 -7.29 -43.94
CA ILE F 157 -49.57 -8.33 -44.79
C ILE F 157 -48.07 -8.29 -44.61
N ILE F 158 -47.47 -9.44 -44.31
CA ILE F 158 -46.05 -9.57 -44.05
C ILE F 158 -45.50 -10.67 -44.95
N GLU F 159 -44.51 -10.34 -45.77
CA GLU F 159 -43.98 -11.26 -46.76
C GLU F 159 -42.49 -11.52 -46.55
N THR F 160 -42.11 -12.78 -46.46
CA THR F 160 -40.73 -13.20 -46.24
C THR F 160 -40.22 -13.90 -47.50
N ILE F 161 -39.18 -13.34 -48.11
CA ILE F 161 -38.57 -13.90 -49.31
C ILE F 161 -37.18 -14.40 -48.92
N VAL F 162 -36.90 -15.66 -49.21
CA VAL F 162 -35.62 -16.29 -48.92
C VAL F 162 -34.99 -16.73 -50.22
N THR F 163 -33.73 -16.34 -50.44
CA THR F 163 -33.00 -16.67 -51.65
C THR F 163 -31.72 -17.43 -51.29
N ILE F 164 -31.46 -18.53 -52.00
CA ILE F 164 -30.17 -19.22 -51.93
C ILE F 164 -29.64 -19.39 -53.35
N GLU F 165 -28.34 -19.10 -53.51
CA GLU F 165 -27.55 -19.43 -54.72
C GLU F 165 -28.14 -18.84 -56.00
N ASP F 166 -28.61 -17.59 -55.92
CA ASP F 166 -29.32 -16.87 -56.99
C ASP F 166 -30.52 -17.66 -57.49
N LYS F 167 -31.40 -18.02 -56.55
CA LYS F 167 -32.65 -18.72 -56.87
C LYS F 167 -33.71 -18.17 -55.91
N GLU F 168 -34.50 -17.22 -56.40
CA GLU F 168 -35.55 -16.63 -55.59
C GLU F 168 -36.69 -17.62 -55.42
N TYR F 169 -37.07 -17.85 -54.18
CA TYR F 169 -38.09 -18.83 -53.83
C TYR F 169 -39.44 -18.15 -53.68
N PRO F 170 -40.55 -18.90 -53.77
CA PRO F 170 -41.88 -18.32 -53.56
C PRO F 170 -42.08 -17.73 -52.17
N SER F 171 -43.06 -16.83 -52.10
CA SER F 171 -43.29 -16.01 -50.92
C SER F 171 -43.75 -16.83 -49.72
N PHE F 172 -43.26 -16.45 -48.54
CA PHE F 172 -43.65 -17.05 -47.26
C PHE F 172 -44.54 -16.04 -46.56
N ASN F 173 -45.85 -16.24 -46.61
CA ASN F 173 -46.76 -15.42 -45.81
C ASN F 173 -46.57 -15.88 -44.36
N SER F 174 -46.43 -14.91 -43.46
CA SER F 174 -45.98 -15.20 -42.10
C SER F 174 -47.11 -15.29 -41.08
N LYS F 175 -48.23 -14.59 -41.30
CA LYS F 175 -49.32 -14.62 -40.34
C LYS F 175 -50.09 -15.93 -40.37
N SER F 176 -50.04 -16.65 -41.51
CA SER F 176 -50.72 -17.94 -41.60
C SER F 176 -50.08 -18.99 -40.71
N PHE F 177 -48.76 -19.03 -40.67
CA PHE F 177 -48.07 -19.96 -39.78
C PHE F 177 -48.05 -19.40 -38.37
N ASN F 178 -48.61 -20.16 -37.44
CA ASN F 178 -48.66 -19.72 -36.06
C ASN F 178 -47.35 -20.04 -35.37
N LEU F 179 -47.20 -19.59 -34.12
CA LEU F 179 -45.90 -19.56 -33.46
C LEU F 179 -45.83 -20.55 -32.29
N ASP F 180 -46.66 -21.59 -32.32
CA ASP F 180 -46.63 -22.65 -31.32
C ASP F 180 -46.47 -24.02 -31.94
N THR F 181 -47.17 -24.31 -33.03
CA THR F 181 -47.12 -25.61 -33.70
C THR F 181 -46.39 -25.46 -35.02
N PHE F 182 -45.30 -26.21 -35.19
CA PHE F 182 -44.57 -26.22 -36.43
C PHE F 182 -45.30 -27.07 -37.48
N VAL F 183 -45.10 -26.71 -38.74
CA VAL F 183 -45.82 -27.32 -39.85
C VAL F 183 -44.82 -28.20 -40.61
N GLU F 184 -45.36 -29.21 -41.31
CA GLU F 184 -44.50 -30.20 -41.95
C GLU F 184 -44.95 -30.65 -43.34
N ASP F 185 -45.88 -29.95 -43.98
CA ASP F 185 -46.41 -30.42 -45.26
C ASP F 185 -46.60 -29.26 -46.24
N ASN F 186 -45.58 -28.44 -46.41
CA ASN F 186 -45.57 -27.38 -47.42
C ASN F 186 -44.32 -27.65 -48.25
N ALA F 187 -44.47 -27.53 -49.58
CA ALA F 187 -43.46 -28.07 -50.51
C ALA F 187 -42.20 -27.21 -50.57
N THR F 188 -42.36 -25.89 -50.63
CA THR F 188 -41.18 -25.03 -50.75
C THR F 188 -40.37 -25.00 -49.46
N ILE F 189 -41.06 -25.08 -48.32
CA ILE F 189 -40.35 -25.01 -47.06
C ILE F 189 -39.67 -26.36 -46.83
N ASN F 190 -40.25 -27.44 -47.39
CA ASN F 190 -39.60 -28.75 -47.51
C ASN F 190 -38.34 -28.67 -48.36
N GLU F 191 -38.43 -27.84 -49.44
CA GLU F 191 -37.28 -27.70 -50.37
C GLU F 191 -36.09 -27.07 -49.63
N ILE F 192 -36.27 -25.86 -49.09
CA ILE F 192 -35.14 -25.14 -48.43
C ILE F 192 -34.69 -25.96 -47.20
N ALA F 193 -35.63 -26.52 -46.44
CA ALA F 193 -35.27 -27.31 -45.23
C ALA F 193 -34.36 -28.48 -45.64
N GLN F 194 -34.70 -29.15 -46.74
CA GLN F 194 -33.90 -30.31 -47.21
C GLN F 194 -32.48 -29.82 -47.55
N GLN F 195 -32.37 -28.68 -48.25
CA GLN F 195 -31.05 -28.12 -48.59
C GLN F 195 -30.26 -27.86 -47.30
N ILE F 196 -30.90 -27.21 -46.32
CA ILE F 196 -30.23 -26.91 -45.02
C ILE F 196 -29.79 -28.23 -44.38
N ALA F 197 -30.65 -29.25 -44.46
CA ALA F 197 -30.32 -30.57 -43.85
C ALA F 197 -29.08 -31.14 -44.54
N ASP F 198 -28.98 -30.97 -45.86
CA ASP F 198 -27.83 -31.51 -46.63
C ASP F 198 -26.52 -30.95 -46.05
N THR F 199 -26.37 -29.62 -46.03
CA THR F 199 -25.12 -29.00 -45.55
C THR F 199 -24.92 -29.36 -44.10
N PHE F 200 -26.00 -29.37 -43.31
CA PHE F 200 -25.90 -29.75 -41.87
C PHE F 200 -25.31 -31.15 -41.76
N ALA F 201 -25.80 -32.08 -42.58
CA ALA F 201 -25.33 -33.48 -42.50
C ALA F 201 -23.87 -33.58 -42.93
N GLY F 202 -23.41 -32.64 -43.76
CA GLY F 202 -22.02 -32.67 -44.26
C GLY F 202 -21.97 -32.92 -45.75
N LYS F 203 -23.12 -33.16 -46.38
CA LYS F 203 -23.17 -33.35 -47.85
C LYS F 203 -22.62 -32.09 -48.52
N ARG F 204 -23.03 -30.91 -48.06
CA ARG F 204 -22.50 -29.63 -48.60
C ARG F 204 -21.57 -29.01 -47.55
N GLU F 205 -20.56 -28.24 -48.00
CA GLU F 205 -19.58 -27.65 -47.06
C GLU F 205 -20.09 -26.29 -46.57
N TYR F 206 -21.12 -25.74 -47.23
CA TYR F 206 -21.63 -24.40 -46.86
C TYR F 206 -22.99 -24.17 -47.52
N LEU F 207 -23.75 -23.18 -47.02
CA LEU F 207 -25.05 -22.82 -47.64
C LEU F 207 -25.43 -21.42 -47.18
N ASN F 208 -25.36 -20.44 -48.07
CA ASN F 208 -25.70 -19.07 -47.70
C ASN F 208 -27.18 -18.78 -47.99
N ILE F 209 -27.84 -18.13 -47.03
CA ILE F 209 -29.27 -17.84 -47.05
C ILE F 209 -29.41 -16.33 -46.97
N TYR F 210 -30.22 -15.74 -47.86
CA TYR F 210 -30.44 -14.29 -47.83
C TYR F 210 -31.93 -14.02 -47.81
N VAL F 211 -32.41 -13.43 -46.70
CA VAL F 211 -33.83 -13.22 -46.46
C VAL F 211 -34.10 -11.72 -46.43
N THR F 212 -35.15 -11.32 -47.16
CA THR F 212 -35.72 -9.98 -47.10
C THR F 212 -37.17 -10.12 -46.62
N CYS F 213 -37.50 -9.44 -45.52
CA CYS F 213 -38.84 -9.50 -44.98
C CYS F 213 -39.48 -8.12 -45.02
N PHE F 214 -40.72 -8.10 -45.51
CA PHE F 214 -41.51 -6.93 -45.85
C PHE F 214 -42.63 -6.82 -44.82
N VAL F 215 -42.60 -5.76 -43.99
CA VAL F 215 -43.54 -5.55 -42.90
C VAL F 215 -44.33 -4.28 -43.20
N LYS F 216 -45.62 -4.40 -43.45
CA LYS F 216 -46.46 -3.22 -43.68
C LYS F 216 -46.98 -2.74 -42.31
N ILE F 217 -46.06 -2.14 -41.53
CA ILE F 217 -46.35 -1.71 -40.18
C ILE F 217 -47.25 -0.49 -40.12
N GLY F 218 -47.52 0.15 -41.26
CA GLY F 218 -48.33 1.34 -41.31
C GLY F 218 -47.51 2.58 -41.58
N CYS F 219 -48.19 3.62 -42.08
CA CYS F 219 -47.53 4.87 -42.42
C CYS F 219 -47.19 5.63 -41.14
N ALA F 220 -45.93 6.05 -41.04
CA ALA F 220 -45.37 6.79 -39.90
C ALA F 220 -45.60 6.06 -38.58
N MET F 221 -45.26 4.78 -38.56
CA MET F 221 -45.29 3.96 -37.36
C MET F 221 -43.87 3.80 -36.83
N GLU F 222 -43.73 3.14 -35.68
CA GLU F 222 -42.40 3.03 -35.05
C GLU F 222 -41.82 1.62 -35.21
N VAL F 223 -40.54 1.53 -35.60
CA VAL F 223 -39.86 0.21 -35.72
C VAL F 223 -38.94 0.07 -34.50
N TYR F 224 -38.76 -1.15 -33.98
CA TYR F 224 -37.96 -1.31 -32.74
C TYR F 224 -36.68 -2.10 -33.02
N PRO F 225 -35.52 -1.42 -33.20
CA PRO F 225 -34.26 -2.12 -33.38
C PRO F 225 -33.72 -2.60 -32.04
N SER F 226 -32.55 -3.26 -32.05
CA SER F 226 -31.98 -3.80 -30.79
C SER F 226 -31.33 -2.68 -29.96
N GLN F 227 -31.04 -2.95 -28.69
CA GLN F 227 -30.42 -1.93 -27.81
C GLN F 227 -28.98 -2.36 -27.49
N GLU F 228 -28.12 -1.45 -27.17
CA GLU F 228 -26.72 -1.72 -26.83
C GLU F 228 -26.36 -0.86 -25.63
N MET F 229 -25.55 -1.41 -24.73
CA MET F 229 -25.17 -0.73 -23.50
C MET F 229 -24.19 0.42 -23.77
N GLY F 237 -29.18 6.42 -20.92
CA GLY F 237 -30.25 6.58 -21.89
C GLY F 237 -30.47 5.35 -22.74
N LYS F 238 -31.52 5.37 -23.55
CA LYS F 238 -31.85 4.25 -24.43
C LYS F 238 -30.99 4.37 -25.68
N LYS F 239 -29.93 3.54 -25.75
CA LYS F 239 -28.91 3.66 -26.79
C LYS F 239 -29.22 2.66 -27.89
N LEU F 240 -29.52 3.18 -29.08
CA LEU F 240 -30.02 2.37 -30.18
C LEU F 240 -28.85 1.93 -31.06
N PHE F 241 -28.93 0.70 -31.58
CA PHE F 241 -27.81 0.09 -32.27
C PHE F 241 -27.84 0.46 -33.75
N LYS F 242 -26.70 0.87 -34.27
CA LYS F 242 -26.56 1.29 -35.66
C LYS F 242 -25.68 0.30 -36.41
N PHE F 243 -26.16 -0.16 -37.56
CA PHE F 243 -25.39 -1.02 -38.46
C PHE F 243 -25.25 -0.30 -39.79
N GLU F 244 -24.00 0.06 -40.13
CA GLU F 244 -23.65 0.83 -41.34
C GLU F 244 -24.42 2.15 -41.42
N GLY F 245 -24.54 2.82 -40.28
CA GLY F 245 -25.34 4.04 -40.22
C GLY F 245 -26.82 3.82 -40.00
N SER F 246 -27.43 2.90 -40.75
CA SER F 246 -28.83 2.56 -40.54
C SER F 246 -28.99 1.76 -39.25
N ALA F 247 -30.23 1.69 -38.77
CA ALA F 247 -30.51 0.89 -37.59
C ALA F 247 -30.64 -0.58 -37.96
N GLY F 248 -30.68 -1.42 -36.93
CA GLY F 248 -30.85 -2.84 -37.16
C GLY F 248 -30.85 -3.59 -35.85
N MET F 249 -31.14 -4.95 -36.03
CA MET F 249 -31.24 -5.82 -34.82
C MET F 249 -29.92 -6.55 -34.58
N HIS F 250 -29.56 -6.75 -33.30
CA HIS F 250 -28.33 -7.52 -32.96
C HIS F 250 -28.45 -8.93 -33.53
N SER F 251 -27.36 -9.47 -34.07
CA SER F 251 -27.39 -10.84 -34.65
C SER F 251 -27.77 -11.85 -33.56
N GLN F 252 -27.38 -11.60 -32.31
CA GLN F 252 -27.66 -12.55 -31.21
C GLN F 252 -29.18 -12.75 -31.06
N LYS F 253 -29.94 -11.65 -30.97
CA LYS F 253 -31.41 -11.77 -30.75
C LYS F 253 -32.01 -12.52 -31.94
N ILE F 254 -31.50 -12.26 -33.14
CA ILE F 254 -32.04 -12.89 -34.34
C ILE F 254 -31.79 -14.40 -34.29
N ASN F 255 -30.58 -14.78 -33.86
CA ASN F 255 -30.24 -16.19 -33.70
C ASN F 255 -31.00 -16.84 -32.56
N ASN F 256 -31.28 -16.07 -31.49
CA ASN F 256 -32.17 -16.55 -30.44
C ASN F 256 -33.56 -16.84 -30.98
N ALA F 257 -34.02 -16.02 -31.93
CA ALA F 257 -35.33 -16.25 -32.53
C ALA F 257 -35.33 -17.48 -33.44
N LEU F 258 -34.26 -17.70 -34.18
CA LEU F 258 -34.22 -18.89 -35.03
C LEU F 258 -33.93 -20.18 -34.29
N ARG F 259 -33.56 -20.08 -33.01
CA ARG F 259 -33.24 -21.21 -32.15
C ARG F 259 -34.43 -21.72 -31.35
N THR F 260 -35.57 -21.02 -31.37
CA THR F 260 -36.69 -21.39 -30.51
C THR F 260 -37.40 -22.54 -31.23
N ILE F 261 -36.97 -23.76 -30.90
CA ILE F 261 -37.55 -24.98 -31.53
C ILE F 261 -37.77 -26.03 -30.43
N ASP F 262 -37.32 -25.76 -29.22
CA ASP F 262 -37.41 -26.77 -28.12
C ASP F 262 -38.88 -27.06 -27.82
N THR F 263 -39.38 -28.21 -28.28
CA THR F 263 -40.77 -28.61 -27.95
C THR F 263 -40.71 -29.95 -27.27
N TRP F 264 -39.50 -30.47 -27.03
CA TRP F 264 -39.33 -31.81 -26.41
C TRP F 264 -38.83 -31.65 -24.97
N TYR F 265 -38.96 -30.46 -24.40
CA TYR F 265 -38.56 -30.26 -22.97
C TYR F 265 -39.53 -31.05 -22.09
N PRO F 266 -39.10 -31.54 -20.90
CA PRO F 266 -39.96 -32.38 -20.07
C PRO F 266 -41.34 -31.81 -19.73
N ASP F 267 -41.34 -30.56 -19.18
CA ASP F 267 -42.62 -29.95 -18.73
C ASP F 267 -43.31 -29.22 -19.90
N TYR F 268 -43.74 -29.99 -20.95
CA TYR F 268 -44.28 -29.30 -22.15
C TYR F 268 -45.81 -29.26 -22.08
N THR F 269 -46.45 -30.43 -21.95
CA THR F 269 -47.92 -30.48 -21.84
C THR F 269 -48.38 -29.31 -21.00
N THR F 270 -47.60 -28.95 -19.97
CA THR F 270 -47.99 -27.85 -19.06
C THR F 270 -47.91 -26.51 -19.77
N TYR F 271 -46.72 -26.15 -20.27
CA TYR F 271 -46.53 -24.81 -20.91
C TYR F 271 -47.06 -24.86 -22.35
N GLU F 272 -46.75 -25.92 -23.09
CA GLU F 272 -47.23 -26.08 -24.49
C GLU F 272 -46.78 -24.88 -25.34
N PHE F 273 -45.52 -24.45 -25.21
CA PHE F 273 -45.00 -23.35 -26.06
C PHE F 273 -43.52 -23.60 -26.35
N PRO F 274 -43.04 -23.33 -27.58
CA PRO F 274 -41.64 -23.52 -27.92
C PRO F 274 -40.74 -22.56 -27.15
N ILE F 275 -39.62 -23.06 -26.61
CA ILE F 275 -38.67 -22.20 -25.86
C ILE F 275 -37.32 -22.22 -26.60
N PRO F 276 -36.46 -21.19 -26.50
CA PRO F 276 -35.13 -21.24 -27.13
C PRO F 276 -34.22 -22.28 -26.48
N VAL F 277 -33.33 -22.84 -27.31
CA VAL F 277 -32.56 -24.03 -26.96
C VAL F 277 -31.23 -23.56 -26.39
N GLU F 278 -31.14 -23.55 -25.06
CA GLU F 278 -29.86 -23.47 -24.35
C GLU F 278 -29.67 -24.73 -23.53
N ASN F 279 -28.55 -24.77 -22.79
CA ASN F 279 -28.15 -25.98 -22.09
C ASN F 279 -29.08 -26.31 -20.94
N TYR F 280 -29.57 -25.30 -20.23
CA TYR F 280 -30.39 -25.50 -19.05
C TYR F 280 -31.84 -25.10 -19.26
N GLY F 281 -32.21 -24.69 -20.47
CA GLY F 281 -33.56 -24.24 -20.78
C GLY F 281 -34.00 -23.03 -19.99
N ALA F 282 -33.33 -21.90 -20.19
CA ALA F 282 -33.53 -20.70 -19.39
C ALA F 282 -34.23 -19.65 -20.25
N ALA F 283 -35.55 -19.74 -20.34
CA ALA F 283 -36.33 -18.70 -21.00
C ALA F 283 -36.41 -17.50 -20.09
N ARG F 284 -35.90 -16.36 -20.56
CA ARG F 284 -35.84 -15.16 -19.74
C ARG F 284 -37.21 -14.54 -19.50
N SER F 285 -38.20 -14.83 -20.35
CA SER F 285 -39.53 -14.26 -20.16
C SER F 285 -40.24 -14.90 -18.97
N ILE F 286 -40.07 -16.20 -18.74
CA ILE F 286 -40.68 -16.84 -17.58
C ILE F 286 -39.84 -16.57 -16.33
N GLY F 287 -38.56 -16.91 -16.36
CA GLY F 287 -37.67 -16.64 -15.26
C GLY F 287 -37.17 -17.85 -14.51
N ILE F 288 -37.68 -19.05 -14.79
CA ILE F 288 -37.17 -20.25 -14.12
C ILE F 288 -36.54 -21.18 -15.17
N PRO F 289 -35.52 -21.95 -14.80
CA PRO F 289 -35.01 -23.00 -15.68
C PRO F 289 -36.09 -24.01 -16.04
N PHE F 290 -36.09 -24.47 -17.28
CA PHE F 290 -37.04 -25.48 -17.73
C PHE F 290 -36.44 -26.87 -17.90
N ARG F 291 -35.12 -27.02 -17.76
CA ARG F 291 -34.52 -28.34 -17.50
C ARG F 291 -33.55 -28.28 -16.33
N PRO F 292 -34.01 -28.29 -15.07
CA PRO F 292 -33.05 -28.56 -13.98
C PRO F 292 -32.71 -30.03 -13.91
N ASP F 293 -31.46 -30.36 -14.25
CA ASP F 293 -30.71 -31.52 -13.75
C ASP F 293 -31.29 -32.89 -14.14
N THR F 294 -32.26 -32.90 -15.04
CA THR F 294 -32.86 -34.16 -15.51
C THR F 294 -32.55 -34.35 -16.97
N LYS F 295 -33.05 -33.46 -17.84
CA LYS F 295 -32.84 -33.58 -19.30
C LYS F 295 -31.84 -32.53 -19.78
N SER F 296 -31.04 -31.98 -18.87
CA SER F 296 -30.00 -30.99 -19.25
C SER F 296 -29.02 -31.64 -20.24
N PHE F 297 -28.47 -30.85 -21.17
CA PHE F 297 -27.49 -31.38 -22.15
C PHE F 297 -26.33 -31.99 -21.38
N TYR F 298 -25.85 -31.30 -20.34
CA TYR F 298 -24.72 -31.81 -19.54
C TYR F 298 -24.99 -33.27 -19.17
N LYS F 299 -26.16 -33.54 -18.56
CA LYS F 299 -26.51 -34.91 -18.21
C LYS F 299 -26.77 -35.76 -19.45
N LEU F 300 -27.28 -35.16 -20.54
CA LEU F 300 -27.69 -35.95 -21.69
C LEU F 300 -26.49 -36.44 -22.50
N ILE F 301 -25.45 -35.63 -22.60
CA ILE F 301 -24.24 -36.05 -23.31
C ILE F 301 -23.36 -36.89 -22.40
N ASP F 302 -23.62 -36.88 -21.10
CA ASP F 302 -23.04 -37.85 -20.18
C ASP F 302 -23.78 -39.19 -20.18
N ARG F 303 -24.77 -39.30 -21.06
CA ARG F 303 -25.56 -40.56 -21.17
C ARG F 303 -25.60 -40.96 -22.66
N MET F 304 -24.92 -40.20 -23.51
CA MET F 304 -24.87 -40.54 -24.96
C MET F 304 -23.45 -41.03 -25.31
N ILE F 305 -22.43 -40.20 -25.06
CA ILE F 305 -21.03 -40.57 -25.40
C ILE F 305 -20.36 -41.16 -24.14
N LEU F 306 -20.55 -40.52 -22.99
CA LEU F 306 -19.89 -40.99 -21.74
C LEU F 306 -20.34 -42.42 -21.43
N LYS F 307 -21.65 -42.69 -21.56
CA LYS F 307 -22.18 -44.07 -21.35
C LYS F 307 -23.03 -44.45 -22.57
N ASN F 308 -22.62 -45.46 -23.32
CA ASN F 308 -23.36 -45.84 -24.56
C ASN F 308 -24.81 -46.18 -24.22
N GLU F 309 -25.75 -45.40 -24.75
CA GLU F 309 -27.17 -45.65 -24.53
C GLU F 309 -27.93 -45.07 -25.72
N ASP F 310 -28.88 -45.84 -26.23
CA ASP F 310 -29.66 -45.42 -27.39
C ASP F 310 -30.71 -44.48 -26.81
N LEU F 311 -30.52 -43.18 -26.99
CA LEU F 311 -31.46 -42.20 -26.50
C LEU F 311 -32.72 -42.19 -27.36
N PRO F 312 -33.86 -41.75 -26.81
CA PRO F 312 -35.01 -41.46 -27.66
C PRO F 312 -34.71 -40.32 -28.62
N ILE F 313 -35.36 -40.37 -29.79
CA ILE F 313 -35.10 -39.42 -30.87
C ILE F 313 -35.55 -38.00 -30.48
N GLU F 314 -36.53 -37.89 -29.58
CA GLU F 314 -36.91 -36.58 -29.03
C GLU F 314 -35.76 -35.93 -28.26
N ASP F 315 -35.00 -36.72 -27.50
CA ASP F 315 -33.85 -36.17 -26.78
C ASP F 315 -32.61 -36.07 -27.65
N LYS F 316 -32.49 -36.94 -28.66
CA LYS F 316 -31.38 -36.83 -29.60
C LYS F 316 -31.48 -35.58 -30.45
N HIS F 317 -32.73 -35.15 -30.73
CA HIS F 317 -32.92 -33.87 -31.45
C HIS F 317 -32.26 -32.75 -30.64
N TYR F 318 -32.52 -32.72 -29.34
CA TYR F 318 -32.00 -31.63 -28.47
C TYR F 318 -30.48 -31.66 -28.40
N VAL F 319 -29.89 -32.85 -28.24
CA VAL F 319 -28.41 -32.91 -28.05
C VAL F 319 -27.73 -32.28 -29.28
N MET F 320 -28.27 -32.51 -30.48
CA MET F 320 -27.70 -31.93 -31.71
C MET F 320 -28.16 -30.47 -31.85
N ALA F 321 -29.34 -30.13 -31.33
CA ALA F 321 -29.78 -28.71 -31.34
C ALA F 321 -28.77 -27.90 -30.53
N ILE F 322 -28.37 -28.43 -29.37
CA ILE F 322 -27.33 -27.74 -28.55
C ILE F 322 -26.05 -27.67 -29.40
N LEU F 323 -25.70 -28.76 -30.08
CA LEU F 323 -24.41 -28.80 -30.83
C LEU F 323 -24.26 -27.56 -31.74
N ILE F 324 -25.38 -26.95 -32.14
CA ILE F 324 -25.33 -25.75 -33.02
C ILE F 324 -24.62 -24.61 -32.26
N ARG F 325 -24.79 -24.54 -30.95
CA ARG F 325 -24.10 -23.50 -30.13
C ARG F 325 -22.70 -24.00 -29.75
N GLY F 326 -22.22 -23.62 -28.55
CA GLY F 326 -20.89 -24.07 -28.09
C GLY F 326 -20.65 -23.71 -26.63
N GLY F 327 -19.48 -24.09 -26.09
CA GLY F 327 -19.15 -23.77 -24.69
C GLY F 327 -19.36 -24.96 -23.77
N MET F 328 -19.62 -26.14 -24.36
CA MET F 328 -19.89 -27.36 -23.55
C MET F 328 -18.55 -27.92 -23.06
N PHE F 329 -18.07 -27.45 -21.90
CA PHE F 329 -16.75 -27.90 -21.39
C PHE F 329 -16.90 -28.48 -19.98
N SER F 330 -15.80 -28.53 -19.22
CA SER F 330 -15.83 -29.12 -17.89
C SER F 330 -15.70 -28.06 -16.80
N MET G 1 42.97 -15.64 44.11
CA MET G 1 41.70 -15.38 43.43
C MET G 1 40.53 -15.53 44.39
N LEU G 2 40.25 -16.77 44.79
CA LEU G 2 39.17 -17.03 45.74
C LEU G 2 39.53 -16.52 47.12
N ARG G 3 40.77 -16.74 47.57
CA ARG G 3 41.25 -16.14 48.80
C ARG G 3 41.35 -14.63 48.66
N ASN G 4 41.72 -14.16 47.46
CA ASN G 4 41.72 -12.72 47.18
C ASN G 4 40.31 -12.15 47.22
N LYS G 5 39.31 -12.91 46.75
CA LYS G 5 37.92 -12.47 46.84
C LYS G 5 37.43 -12.45 48.29
N ILE G 6 37.88 -13.42 49.10
CA ILE G 6 37.52 -13.45 50.52
C ILE G 6 38.16 -12.29 51.27
N LEU G 7 39.40 -11.93 50.89
CA LEU G 7 40.07 -10.79 51.50
C LEU G 7 39.43 -9.48 51.06
N ALA G 8 39.00 -9.39 49.80
CA ALA G 8 38.35 -8.19 49.30
C ALA G 8 36.91 -8.05 49.78
N ALA G 9 36.31 -9.14 50.27
CA ALA G 9 34.96 -9.07 50.83
C ALA G 9 34.93 -8.23 52.10
N ILE G 10 35.92 -8.39 52.97
CA ILE G 10 36.02 -7.66 54.22
C ILE G 10 37.30 -6.85 54.18
N SER G 11 37.20 -5.55 53.93
CA SER G 11 38.35 -4.65 53.85
C SER G 11 38.16 -3.55 54.90
N GLN G 12 38.56 -3.85 56.13
CA GLN G 12 38.53 -2.88 57.23
C GLN G 12 39.97 -2.44 57.55
N LYS G 13 40.11 -1.69 58.64
CA LYS G 13 41.43 -1.35 59.16
C LYS G 13 42.07 -2.53 59.91
N ILE G 14 41.29 -3.56 60.22
CA ILE G 14 41.75 -4.79 60.84
C ILE G 14 42.62 -5.56 59.85
N PRO G 15 43.53 -6.44 60.31
CA PRO G 15 44.38 -7.18 59.38
C PRO G 15 43.60 -8.19 58.54
N GLU G 16 44.23 -8.61 57.44
CA GLU G 16 43.60 -9.54 56.51
C GLU G 16 43.42 -10.93 57.13
N GLU G 17 44.35 -11.36 57.98
CA GLU G 17 44.17 -12.65 58.67
C GLU G 17 43.06 -12.55 59.71
N GLN G 18 42.94 -11.39 60.36
CA GLN G 18 41.82 -11.17 61.27
C GLN G 18 40.52 -11.00 60.48
N LYS G 19 40.60 -10.48 59.25
CA LYS G 19 39.43 -10.42 58.38
C LYS G 19 38.92 -11.80 58.01
N ILE G 20 39.83 -12.73 57.69
CA ILE G 20 39.43 -14.12 57.48
C ILE G 20 38.91 -14.75 58.77
N ASN G 21 39.53 -14.39 59.91
CA ASN G 21 39.15 -14.94 61.20
C ASN G 21 37.73 -14.53 61.60
N LYS G 22 37.30 -13.34 61.21
CA LYS G 22 35.94 -12.91 61.50
C LYS G 22 34.96 -13.30 60.39
N TYR G 23 35.43 -13.39 59.14
CA TYR G 23 34.55 -13.78 58.04
C TYR G 23 34.16 -15.25 58.12
N ILE G 24 35.08 -16.12 58.55
CA ILE G 24 34.71 -17.52 58.73
C ILE G 24 33.80 -17.70 59.94
N GLU G 25 33.93 -16.82 60.95
CA GLU G 25 32.98 -16.82 62.07
C GLU G 25 31.59 -16.40 61.60
N GLY G 26 31.51 -15.41 60.72
CA GLY G 26 30.23 -15.07 60.11
C GLY G 26 29.68 -16.18 59.23
N LEU G 27 30.57 -16.92 58.57
CA LEU G 27 30.18 -18.07 57.78
C LEU G 27 29.55 -19.17 58.65
N PHE G 28 30.20 -19.52 59.75
CA PHE G 28 29.53 -20.41 60.70
C PHE G 28 28.85 -19.61 61.82
N GLN G 29 28.20 -18.52 61.39
CA GLN G 29 27.25 -17.78 62.22
C GLN G 29 25.94 -17.47 61.50
N SER G 30 25.89 -17.52 60.16
CA SER G 30 24.70 -17.11 59.42
C SER G 30 23.97 -18.23 58.70
N ILE G 31 24.54 -19.44 58.62
CA ILE G 31 23.85 -20.58 58.02
C ILE G 31 22.63 -21.00 58.84
N ASP G 32 22.71 -20.90 60.17
CA ASP G 32 21.54 -21.18 61.00
C ASP G 32 20.45 -20.13 60.83
N LYS G 33 20.82 -18.89 60.54
CA LYS G 33 19.85 -17.83 60.34
C LYS G 33 19.14 -17.95 58.99
N ASN G 34 19.92 -18.08 57.91
CA ASN G 34 19.33 -18.18 56.59
C ASN G 34 18.79 -19.58 56.32
N HIS G 35 17.80 -19.66 55.42
CA HIS G 35 17.20 -20.97 55.07
C HIS G 35 17.37 -21.24 53.57
N LEU G 36 16.96 -22.42 53.11
CA LEU G 36 17.10 -22.79 51.67
C LEU G 36 15.71 -23.10 51.11
N ALA G 37 15.37 -22.53 49.94
CA ALA G 37 14.03 -22.74 49.36
C ALA G 37 14.08 -22.72 47.83
N THR G 38 13.07 -23.29 47.19
CA THR G 38 13.00 -23.22 45.70
C THR G 38 11.97 -22.19 45.35
N HIS G 39 11.00 -21.96 46.24
CA HIS G 39 9.93 -20.96 45.98
C HIS G 39 9.80 -20.02 47.18
N VAL G 40 9.80 -18.71 46.95
CA VAL G 40 9.56 -17.76 48.03
C VAL G 40 8.31 -16.95 47.73
N ALA G 41 7.40 -16.90 48.72
CA ALA G 41 6.13 -16.21 48.54
C ALA G 41 6.27 -14.70 48.53
N LYS G 42 7.41 -14.16 48.97
CA LYS G 42 7.62 -12.72 48.87
C LYS G 42 7.89 -12.25 47.44
N PHE G 43 8.14 -13.16 46.50
CA PHE G 43 8.36 -12.76 45.11
C PHE G 43 7.06 -12.27 44.47
N THR G 44 5.92 -12.77 44.95
CA THR G 44 4.62 -12.28 44.43
C THR G 44 4.35 -10.93 45.07
N GLU G 45 4.35 -10.87 46.40
CA GLU G 45 4.14 -9.58 47.12
C GLU G 45 5.25 -9.42 48.18
N THR G 46 6.01 -8.33 48.11
CA THR G 46 7.14 -8.11 49.05
C THR G 46 6.60 -8.09 50.46
N ASN G 47 5.44 -7.47 50.68
CA ASN G 47 4.87 -7.34 52.05
C ASN G 47 4.16 -8.63 52.46
N SER G 48 4.84 -9.78 52.36
CA SER G 48 4.25 -11.07 52.80
C SER G 48 4.76 -11.42 54.20
N PRO G 49 3.97 -11.23 55.28
CA PRO G 49 4.47 -11.47 56.63
C PRO G 49 4.98 -12.89 56.81
N GLY G 50 6.20 -13.03 57.34
CA GLY G 50 6.77 -14.37 57.60
C GLY G 50 7.48 -14.93 56.39
N ASN G 51 8.46 -15.81 56.59
CA ASN G 51 9.15 -16.46 55.44
C ASN G 51 8.30 -17.65 54.99
N ILE G 52 7.47 -17.45 53.97
CA ILE G 52 6.64 -18.56 53.42
C ILE G 52 7.31 -19.07 52.14
N GLY G 53 7.65 -20.37 52.10
CA GLY G 53 8.33 -20.94 50.92
C GLY G 53 8.27 -22.46 50.91
N ALA G 54 8.75 -23.09 49.84
CA ALA G 54 8.68 -24.56 49.72
C ALA G 54 9.90 -25.10 48.96
N TYR G 55 10.23 -26.37 49.19
CA TYR G 55 11.37 -27.02 48.47
C TYR G 55 10.78 -28.03 47.51
N ASP G 56 11.18 -28.00 46.23
CA ASP G 56 10.55 -28.90 45.23
C ASP G 56 11.56 -29.93 44.71
N ILE G 57 12.72 -30.03 45.34
CA ILE G 57 13.72 -31.06 44.93
C ILE G 57 13.17 -32.46 45.30
N LEU G 58 12.28 -32.52 46.29
CA LEU G 58 11.73 -33.81 46.77
C LEU G 58 10.99 -34.50 45.61
N SER G 59 10.16 -33.75 44.89
CA SER G 59 9.40 -34.32 43.74
C SER G 59 10.39 -34.89 42.71
N SER G 60 10.05 -36.01 42.06
CA SER G 60 10.97 -36.62 41.12
C SER G 60 11.03 -35.84 39.81
N ASP G 61 11.88 -36.34 38.91
CA ASP G 61 12.04 -35.78 37.57
C ASP G 61 11.34 -36.71 36.58
N MET G 62 10.41 -36.12 35.82
CA MET G 62 9.62 -36.92 34.85
C MET G 62 9.73 -36.34 33.43
N ASN G 63 9.66 -37.20 32.43
CA ASN G 63 9.67 -36.83 31.01
C ASN G 63 8.38 -37.31 30.35
N CYS G 64 7.27 -37.14 31.06
CA CYS G 64 5.96 -37.59 30.59
C CYS G 64 5.14 -36.45 30.00
N GLY G 65 5.24 -35.26 30.57
CA GLY G 65 4.56 -34.10 30.02
C GLY G 65 4.89 -32.88 30.86
N TYR G 66 4.32 -31.74 30.44
CA TYR G 66 4.27 -30.45 31.14
C TYR G 66 5.63 -29.93 31.63
N LEU G 67 5.59 -28.97 32.57
CA LEU G 67 6.78 -28.31 33.08
C LEU G 67 6.56 -27.94 34.54
N ASP G 68 7.45 -28.40 35.42
CA ASP G 68 7.39 -28.00 36.85
C ASP G 68 8.83 -27.71 37.28
N THR G 69 9.03 -27.16 38.48
CA THR G 69 10.41 -26.78 38.88
C THR G 69 11.27 -28.03 38.98
N ALA G 70 10.73 -29.12 39.50
CA ALA G 70 11.48 -30.40 39.55
C ALA G 70 11.75 -30.88 38.13
N ASN G 71 10.75 -30.76 37.24
CA ASN G 71 10.91 -31.18 35.83
C ASN G 71 11.51 -30.01 35.03
N ALA G 72 12.75 -29.62 35.36
CA ALA G 72 13.41 -28.49 34.66
C ALA G 72 14.92 -28.57 34.85
N GLY G 73 15.63 -27.47 34.55
CA GLY G 73 17.07 -27.44 34.69
C GLY G 73 17.46 -27.58 36.15
N TRP G 74 17.17 -26.53 36.94
CA TRP G 74 17.22 -26.55 38.40
C TRP G 74 18.59 -26.97 38.93
N LYS G 75 19.58 -26.10 38.68
CA LYS G 75 20.96 -26.38 39.06
C LYS G 75 21.43 -25.64 40.30
N GLU G 76 21.28 -24.32 40.37
CA GLU G 76 21.68 -23.61 41.59
C GLU G 76 20.51 -23.58 42.57
N PRO G 77 20.70 -24.01 43.83
CA PRO G 77 19.65 -23.84 44.84
C PRO G 77 19.49 -22.38 45.24
N ASP G 78 18.37 -22.01 45.85
CA ASP G 78 18.11 -20.58 46.16
C ASP G 78 18.20 -20.31 47.66
N ILE G 79 19.26 -19.64 48.10
CA ILE G 79 19.42 -19.31 49.51
C ILE G 79 18.60 -18.06 49.83
N VAL G 80 17.93 -18.09 50.99
CA VAL G 80 16.89 -17.13 51.36
C VAL G 80 17.19 -16.63 52.77
N THR G 81 17.19 -15.31 52.96
CA THR G 81 17.31 -14.75 54.30
C THR G 81 15.97 -14.16 54.75
N ASN G 82 15.96 -13.69 56.00
CA ASN G 82 14.88 -12.87 56.54
C ASN G 82 15.35 -11.46 56.86
N ASP G 83 16.43 -11.33 57.61
CA ASP G 83 17.04 -10.04 57.91
C ASP G 83 18.41 -9.98 57.25
N ALA G 84 18.74 -8.81 56.69
CA ALA G 84 20.02 -8.65 56.00
C ALA G 84 21.20 -8.58 56.96
N LYS G 85 20.96 -8.22 58.23
CA LYS G 85 22.04 -8.13 59.20
C LYS G 85 22.62 -9.51 59.52
N TYR G 86 21.76 -10.50 59.76
CA TYR G 86 22.20 -11.86 59.99
C TYR G 86 22.28 -12.65 58.68
N LYS G 87 22.96 -12.08 57.69
CA LYS G 87 23.03 -12.69 56.36
C LYS G 87 24.28 -12.15 55.68
N ARG G 88 25.22 -13.05 55.39
CA ARG G 88 26.17 -12.96 54.28
C ARG G 88 26.77 -14.32 53.92
N PRO G 89 25.99 -15.33 53.47
CA PRO G 89 26.63 -16.57 53.01
C PRO G 89 26.86 -16.67 51.50
N GLN G 90 26.26 -15.76 50.71
CA GLN G 90 26.28 -15.86 49.25
C GLN G 90 27.65 -15.56 48.65
N GLY G 91 28.57 -15.00 49.43
CA GLY G 91 29.93 -14.85 48.97
C GLY G 91 30.64 -16.18 48.75
N PHE G 92 30.28 -17.19 49.54
CA PHE G 92 30.86 -18.52 49.42
C PHE G 92 30.00 -19.43 48.55
N VAL G 93 28.90 -18.91 48.00
CA VAL G 93 28.09 -19.66 47.06
C VAL G 93 28.22 -19.13 45.63
N ALA G 94 28.46 -17.82 45.46
CA ALA G 94 28.58 -17.22 44.13
C ALA G 94 29.99 -16.73 43.85
N MET G 95 30.54 -15.89 44.74
CA MET G 95 31.87 -15.28 44.65
C MET G 95 32.15 -14.56 43.33
N THR G 102 30.26 -22.07 38.42
CA THR G 102 30.00 -21.26 39.60
C THR G 102 30.49 -21.97 40.86
N VAL G 103 30.57 -21.22 41.96
CA VAL G 103 31.02 -21.76 43.24
C VAL G 103 29.95 -22.68 43.83
N MET G 104 28.67 -22.40 43.55
CA MET G 104 27.58 -23.27 43.98
C MET G 104 27.70 -24.66 43.34
N GLU G 105 28.15 -24.71 42.09
CA GLU G 105 28.47 -25.99 41.47
C GLU G 105 29.66 -26.65 42.15
N HIS G 106 30.62 -25.87 42.64
CA HIS G 106 31.78 -26.45 43.33
C HIS G 106 31.39 -27.06 44.66
N LEU G 107 30.46 -26.43 45.39
CA LEU G 107 29.92 -27.07 46.58
C LEU G 107 28.93 -28.17 46.25
N GLN G 108 28.42 -28.23 45.03
CA GLN G 108 27.49 -29.29 44.64
C GLN G 108 28.17 -30.51 44.04
N GLU G 109 29.42 -30.41 43.59
CA GLU G 109 30.05 -31.47 42.82
C GLU G 109 31.14 -32.22 43.58
N ASP G 110 31.20 -32.07 44.91
CA ASP G 110 32.17 -32.73 45.79
C ASP G 110 33.62 -32.41 45.42
N SER G 111 33.85 -31.18 44.97
CA SER G 111 35.19 -30.73 44.61
C SER G 111 35.97 -30.31 45.84
N ALA G 112 37.28 -30.55 45.80
CA ALA G 112 38.15 -30.33 46.95
C ALA G 112 39.12 -29.16 46.77
N GLU G 113 38.98 -28.38 45.69
CA GLU G 113 39.77 -27.15 45.56
C GLU G 113 39.21 -26.04 46.44
N LEU G 114 37.88 -25.99 46.58
CA LEU G 114 37.27 -25.11 47.58
C LEU G 114 37.61 -25.57 49.00
N ARG G 115 37.80 -26.87 49.18
CA ARG G 115 38.32 -27.39 50.45
C ARG G 115 39.73 -26.88 50.70
N HIS G 116 40.56 -26.81 49.65
CA HIS G 116 41.90 -26.26 49.80
C HIS G 116 41.87 -24.77 50.12
N GLU G 117 40.96 -24.03 49.49
CA GLU G 117 40.83 -22.59 49.75
C GLU G 117 40.36 -22.32 51.18
N MET G 118 39.36 -23.08 51.65
CA MET G 118 38.88 -22.89 53.01
C MET G 118 39.88 -23.42 54.04
N GLU G 119 40.66 -24.45 53.68
CA GLU G 119 41.71 -24.94 54.56
C GLU G 119 42.84 -23.93 54.68
N GLU G 120 43.10 -23.20 53.61
CA GLU G 120 43.99 -22.05 53.69
C GLU G 120 43.37 -20.95 54.55
N LEU G 121 42.04 -20.80 54.50
CA LEU G 121 41.40 -19.68 55.18
C LEU G 121 41.32 -19.86 56.70
N THR G 122 40.45 -20.76 57.19
CA THR G 122 40.36 -21.01 58.63
C THR G 122 40.08 -22.50 58.89
N ASP G 123 40.46 -23.37 57.95
CA ASP G 123 40.08 -24.80 57.87
C ASP G 123 38.56 -24.89 57.84
N LYS G 124 38.02 -25.96 58.45
CA LYS G 124 36.60 -26.12 58.76
C LYS G 124 35.70 -26.10 57.52
N TYR G 125 36.18 -26.70 56.42
CA TYR G 125 35.38 -26.70 55.20
C TYR G 125 34.27 -27.74 55.24
N ASP G 126 34.50 -28.88 55.90
CA ASP G 126 33.62 -30.04 55.74
C ASP G 126 32.27 -29.84 56.40
N GLU G 127 32.24 -29.33 57.65
CA GLU G 127 30.95 -29.06 58.25
C GLU G 127 30.33 -27.77 57.75
N ILE G 128 31.10 -26.89 57.11
CA ILE G 128 30.50 -25.76 56.40
C ILE G 128 29.78 -26.26 55.13
N ARG G 129 30.39 -27.25 54.46
CA ARG G 129 29.75 -27.95 53.34
C ARG G 129 28.47 -28.65 53.80
N ASP G 130 28.54 -29.31 54.95
CA ASP G 130 27.35 -29.87 55.58
C ASP G 130 26.32 -28.79 55.87
N GLY G 131 26.77 -27.64 56.36
CA GLY G 131 25.87 -26.57 56.76
C GLY G 131 25.09 -25.96 55.61
N ILE G 132 25.77 -25.71 54.48
CA ILE G 132 25.00 -25.25 53.31
C ILE G 132 24.36 -26.40 52.56
N LEU G 133 24.61 -27.65 52.95
CA LEU G 133 23.85 -28.77 52.44
C LEU G 133 22.90 -29.41 53.46
N ASN G 134 22.92 -28.97 54.73
CA ASN G 134 21.83 -29.30 55.65
C ASN G 134 21.20 -28.04 56.24
N MET G 135 21.20 -26.97 55.45
CA MET G 135 20.50 -25.75 55.82
C MET G 135 19.01 -26.03 55.96
N PRO G 136 18.30 -25.36 56.90
CA PRO G 136 16.89 -25.68 57.16
C PRO G 136 15.99 -25.43 55.96
N SER G 137 15.49 -26.53 55.41
CA SER G 137 14.70 -26.49 54.18
C SER G 137 13.38 -25.79 54.44
N MET G 138 13.12 -24.75 53.63
CA MET G 138 11.93 -23.93 53.80
C MET G 138 10.64 -24.71 53.63
N GLN G 139 9.80 -24.63 54.66
CA GLN G 139 8.56 -25.34 54.84
C GLN G 139 7.42 -24.34 54.92
N PRO G 140 6.31 -24.58 54.21
CA PRO G 140 5.18 -23.66 54.28
C PRO G 140 4.31 -23.92 55.51
N TYR G 141 3.99 -22.86 56.23
CA TYR G 141 3.20 -22.97 57.46
C TYR G 141 2.11 -21.92 57.57
N ARG G 142 1.98 -21.04 56.57
CA ARG G 142 0.97 -19.95 56.67
C ARG G 142 0.68 -19.35 55.29
N THR G 143 -0.60 -19.08 55.00
CA THR G 143 -0.96 -18.41 53.74
C THR G 143 -1.47 -17.03 54.08
N ASN G 144 -0.87 -15.98 53.50
CA ASN G 144 -1.26 -14.59 53.86
C ASN G 144 -2.02 -13.94 52.70
N GLN G 145 -2.77 -12.87 52.99
CA GLN G 145 -3.61 -12.22 51.96
C GLN G 145 -2.78 -11.88 50.71
N PHE G 146 -1.46 -11.70 50.85
CA PHE G 146 -0.66 -11.26 49.72
C PHE G 146 -0.14 -12.40 48.84
N ILE G 147 -0.11 -13.63 49.34
CA ILE G 147 0.03 -14.77 48.44
C ILE G 147 -1.29 -15.01 47.73
N LYS G 148 -1.20 -15.31 46.44
CA LYS G 148 -2.34 -15.35 45.55
C LYS G 148 -3.13 -16.64 45.79
N GLN G 149 -4.30 -16.51 46.42
CA GLN G 149 -5.12 -17.66 46.77
C GLN G 149 -6.29 -17.77 45.78
N VAL G 150 -6.35 -18.89 45.08
CA VAL G 150 -7.27 -19.10 43.96
C VAL G 150 -8.09 -20.36 44.21
N PHE G 151 -9.40 -20.28 44.00
CA PHE G 151 -10.26 -21.46 44.09
C PHE G 151 -10.19 -22.27 42.80
N PHE G 152 -10.20 -23.59 42.95
CA PHE G 152 -10.09 -24.52 41.83
C PHE G 152 -10.86 -25.78 42.22
N PRO G 153 -11.64 -26.37 41.33
CA PRO G 153 -12.49 -27.51 41.74
C PRO G 153 -11.76 -28.85 41.76
N VAL G 154 -12.15 -29.70 42.71
CA VAL G 154 -11.83 -31.11 42.69
C VAL G 154 -13.15 -31.85 42.80
N GLY G 155 -13.48 -32.64 41.79
CA GLY G 155 -14.78 -33.29 41.74
C GLY G 155 -15.90 -32.28 41.58
N GLY G 156 -16.57 -32.00 42.69
CA GLY G 156 -17.64 -30.96 42.67
C GLY G 156 -17.42 -29.95 43.78
N SER G 157 -16.30 -30.08 44.51
CA SER G 157 -15.98 -29.14 45.62
C SER G 157 -14.69 -28.37 45.31
N TYR G 158 -14.71 -27.05 45.53
CA TYR G 158 -13.51 -26.21 45.22
C TYR G 158 -12.43 -26.46 46.27
N HIS G 159 -11.16 -26.38 45.86
CA HIS G 159 -10.03 -26.55 46.81
C HIS G 159 -9.17 -25.28 46.77
N LEU G 160 -8.84 -24.71 47.93
CA LEU G 160 -8.06 -23.44 47.95
C LEU G 160 -6.61 -23.73 47.54
N LEU G 161 -6.13 -23.03 46.51
CA LEU G 161 -4.76 -23.22 46.04
C LEU G 161 -4.02 -21.90 46.21
N SER G 162 -3.07 -21.86 47.15
CA SER G 162 -2.21 -20.70 47.32
C SER G 162 -0.98 -20.87 46.43
N ILE G 163 -0.81 -19.96 45.48
CA ILE G 163 0.21 -20.09 44.46
C ILE G 163 1.51 -19.52 45.03
N LEU G 164 2.48 -20.39 45.31
CA LEU G 164 3.81 -19.91 45.74
C LEU G 164 4.66 -19.73 44.47
N PRO G 165 5.14 -18.51 44.14
CA PRO G 165 5.86 -18.30 42.88
C PRO G 165 7.17 -19.08 42.80
N SER G 166 7.50 -19.56 41.60
CA SER G 166 8.74 -20.35 41.41
C SER G 166 9.90 -19.42 41.03
N THR G 167 10.80 -19.14 41.98
CA THR G 167 11.93 -18.21 41.71
C THR G 167 13.05 -18.95 41.00
N VAL G 168 13.26 -20.22 41.35
CA VAL G 168 14.37 -21.01 40.74
C VAL G 168 14.11 -21.16 39.22
N LEU G 169 12.84 -21.42 38.84
CA LEU G 169 12.50 -21.57 37.41
C LEU G 169 12.81 -20.26 36.68
N ASN G 170 12.51 -19.12 37.44
CA ASN G 170 12.74 -17.76 36.88
C ASN G 170 14.23 -17.59 36.52
N TYR G 171 15.11 -17.98 37.37
CA TYR G 171 16.58 -17.84 37.17
C TYR G 171 16.98 -18.77 36.03
N GLU G 172 16.47 -19.99 36.06
CA GLU G 172 16.82 -20.99 35.02
C GLU G 172 16.44 -20.44 33.63
N VAL G 173 15.21 -19.94 33.47
CA VAL G 173 14.74 -19.47 32.13
C VAL G 173 15.57 -18.24 31.73
N SER G 174 15.83 -17.33 32.67
CA SER G 174 16.55 -16.08 32.33
C SER G 174 17.92 -16.42 31.72
N ASP G 175 18.62 -17.40 32.31
CA ASP G 175 19.97 -17.79 31.82
C ASP G 175 19.83 -18.50 30.47
N ARG G 176 18.99 -19.53 30.40
CA ARG G 176 18.81 -20.28 29.16
C ARG G 176 18.30 -19.44 27.99
N LEU G 177 17.43 -18.47 28.28
CA LEU G 177 16.88 -17.59 27.21
C LEU G 177 18.01 -16.71 26.67
N TYR G 178 18.87 -16.19 27.55
CA TYR G 178 20.03 -15.40 27.09
C TYR G 178 20.86 -16.29 26.19
N ARG G 179 21.09 -17.53 26.62
CA ARG G 179 21.84 -18.51 25.79
C ARG G 179 21.05 -18.79 24.50
N SER G 180 19.72 -18.89 24.61
CA SER G 180 18.87 -19.12 23.41
C SER G 180 19.09 -17.99 22.41
N LYS G 181 19.29 -16.76 22.90
CA LYS G 181 19.58 -15.60 22.01
C LYS G 181 18.33 -15.26 21.19
N ILE G 182 17.81 -16.23 20.42
CA ILE G 182 16.61 -16.00 19.58
C ILE G 182 15.55 -17.08 19.90
N PRO G 183 14.93 -17.06 21.09
CA PRO G 183 13.87 -18.02 21.39
C PRO G 183 12.52 -17.44 20.97
N LYS G 184 12.54 -16.32 20.25
CA LYS G 184 11.28 -15.65 19.81
C LYS G 184 10.56 -15.08 21.03
N ILE G 185 10.22 -15.95 21.99
CA ILE G 185 9.54 -15.51 23.24
C ILE G 185 10.60 -14.95 24.20
N ARG G 186 10.90 -13.65 24.10
CA ARG G 186 11.96 -13.05 24.96
C ARG G 186 11.53 -11.64 25.41
N LEU G 187 10.55 -11.55 26.30
CA LEU G 187 10.10 -10.25 26.84
C LEU G 187 10.76 -10.02 28.20
N ARG G 188 11.40 -8.86 28.40
CA ARG G 188 12.16 -8.64 29.66
C ARG G 188 11.34 -7.78 30.63
N LEU G 189 11.15 -8.26 31.86
CA LEU G 189 10.45 -7.50 32.89
C LEU G 189 11.47 -6.70 33.68
N LEU G 190 11.62 -5.42 33.35
CA LEU G 190 12.46 -4.52 34.13
C LEU G 190 11.66 -3.76 35.17
N SER G 191 10.96 -4.51 36.04
CA SER G 191 10.02 -3.91 36.97
C SER G 191 10.31 -4.29 38.41
N SER G 192 11.57 -4.17 38.83
CA SER G 192 11.95 -4.37 40.21
C SER G 192 13.17 -3.51 40.50
N ASN G 193 13.17 -2.87 41.67
CA ASN G 193 14.21 -1.94 42.04
C ASN G 193 15.25 -2.63 42.94
N ALA G 194 16.27 -1.87 43.32
CA ALA G 194 17.42 -2.44 44.03
C ALA G 194 17.08 -2.82 45.47
N ALA G 195 16.12 -2.13 46.09
CA ALA G 195 15.72 -2.42 47.47
C ALA G 195 14.73 -3.58 47.48
N SER G 196 15.24 -4.76 47.16
CA SER G 196 14.46 -5.99 47.16
C SER G 196 14.68 -6.68 48.49
N THR G 197 13.69 -6.57 49.39
CA THR G 197 13.77 -7.21 50.68
C THR G 197 13.41 -8.69 50.61
N THR G 198 13.00 -9.18 49.44
CA THR G 198 12.94 -10.61 49.17
C THR G 198 14.31 -11.23 49.37
N GLY G 199 14.37 -12.22 50.27
CA GLY G 199 15.64 -12.75 50.71
C GLY G 199 16.31 -13.68 49.73
N SER G 200 15.65 -13.97 48.60
CA SER G 200 16.17 -14.90 47.61
C SER G 200 17.46 -14.39 46.98
N ARG G 201 18.44 -15.29 46.85
CA ARG G 201 19.71 -14.95 46.21
C ARG G 201 19.53 -14.70 44.72
N LEU G 202 18.62 -15.46 44.08
CA LEU G 202 18.57 -15.48 42.63
C LEU G 202 17.92 -14.23 42.06
N VAL G 203 16.96 -13.64 42.77
CA VAL G 203 16.42 -12.36 42.35
C VAL G 203 17.40 -11.24 42.64
N SER G 204 18.31 -11.42 43.60
CA SER G 204 19.38 -10.45 43.80
C SER G 204 20.42 -10.54 42.68
N LYS G 205 20.65 -11.74 42.15
CA LYS G 205 21.54 -11.86 40.99
C LYS G 205 20.92 -11.25 39.74
N ASN G 206 19.64 -11.53 39.50
CA ASN G 206 18.91 -10.88 38.41
C ASN G 206 17.61 -10.20 38.87
N LYS G 207 17.70 -8.88 39.09
CA LYS G 207 16.54 -8.09 39.47
C LYS G 207 15.54 -7.95 38.33
N TRP G 208 15.99 -8.15 37.09
CA TRP G 208 15.16 -7.97 35.90
C TRP G 208 15.08 -9.31 35.18
N PRO G 209 14.07 -10.12 35.48
CA PRO G 209 13.99 -11.46 34.87
C PRO G 209 13.62 -11.42 33.40
N LEU G 210 14.08 -12.43 32.68
CA LEU G 210 13.84 -12.59 31.25
C LEU G 210 12.94 -13.80 31.05
N VAL G 211 11.68 -13.56 30.67
CA VAL G 211 10.67 -14.60 30.55
C VAL G 211 10.18 -14.67 29.10
N PHE G 212 9.32 -15.65 28.83
CA PHE G 212 8.75 -15.81 27.51
C PHE G 212 7.73 -14.72 27.19
N GLN G 213 7.70 -14.36 25.91
CA GLN G 213 6.68 -13.52 25.30
C GLN G 213 5.67 -14.48 24.65
N ALA G 214 4.53 -14.66 25.28
CA ALA G 214 3.55 -15.64 24.81
C ALA G 214 2.29 -14.90 24.40
N LEU G 215 2.41 -14.25 23.20
CA LEU G 215 1.28 -13.47 22.64
C LEU G 215 0.87 -14.11 21.32
N PRO G 216 -0.39 -13.91 20.84
CA PRO G 216 -0.86 -14.54 19.58
C PRO G 216 -0.03 -14.11 18.39
N PRO G 217 -0.03 -14.89 17.29
CA PRO G 217 0.88 -14.62 16.17
C PRO G 217 0.67 -13.24 15.54
N LYS G 218 1.78 -12.62 15.13
CA LYS G 218 1.88 -11.17 15.05
C LYS G 218 1.24 -10.59 13.80
N PHE G 219 -0.02 -10.94 13.57
CA PHE G 219 -0.90 -10.21 12.66
C PHE G 219 -2.29 -10.06 13.26
N LEU G 220 -2.49 -10.51 14.49
CA LEU G 220 -3.71 -10.27 15.24
C LEU G 220 -3.61 -9.07 16.17
N GLU G 221 -2.45 -8.39 16.20
CA GLU G 221 -2.28 -7.26 17.09
C GLU G 221 -3.05 -6.06 16.56
N LYS G 222 -3.86 -5.45 17.44
CA LYS G 222 -4.74 -4.34 17.00
C LYS G 222 -3.93 -3.09 16.67
N ASN G 223 -3.93 -2.70 15.39
CA ASN G 223 -3.25 -1.44 14.98
C ASN G 223 -4.31 -0.35 14.87
N LEU G 224 -3.92 0.86 14.43
CA LEU G 224 -4.91 1.95 14.25
C LEU G 224 -5.94 1.51 13.19
N ALA G 225 -5.47 0.87 12.10
CA ALA G 225 -6.39 0.49 11.01
C ALA G 225 -7.50 -0.43 11.54
N LYS G 226 -7.14 -1.39 12.39
CA LYS G 226 -8.15 -2.35 12.92
C LYS G 226 -9.22 -1.57 13.69
N ALA G 227 -8.80 -0.61 14.51
CA ALA G 227 -9.77 0.21 15.28
C ALA G 227 -10.68 0.96 14.30
N LEU G 228 -10.09 1.53 13.25
CA LEU G 228 -10.88 2.30 12.25
C LEU G 228 -11.87 1.36 11.55
N ASP G 229 -11.46 0.13 11.26
CA ASP G 229 -12.34 -0.84 10.56
C ASP G 229 -13.61 -1.05 11.40
N LYS G 230 -13.44 -1.26 12.72
CA LYS G 230 -14.60 -1.49 13.61
C LYS G 230 -15.47 -0.22 13.62
N GLU G 231 -14.84 0.96 13.61
CA GLU G 231 -15.60 2.25 13.64
C GLU G 231 -16.38 2.40 12.33
N TYR G 232 -17.55 3.05 12.39
CA TYR G 232 -18.39 3.25 11.18
C TYR G 232 -18.57 4.76 10.95
N LEU G 233 -18.88 5.16 9.72
CA LEU G 233 -18.98 6.62 9.40
C LEU G 233 -20.45 7.03 9.30
N LEU G 234 -20.75 8.31 9.62
CA LEU G 234 -22.14 8.83 9.53
C LEU G 234 -22.15 10.11 8.68
N PRO G 235 -23.10 10.28 7.74
CA PRO G 235 -23.17 11.51 6.96
C PRO G 235 -23.45 12.71 7.85
N ASP G 236 -22.78 13.83 7.56
CA ASP G 236 -22.97 15.06 8.39
C ASP G 236 -24.32 15.69 8.08
N ILE G 237 -24.95 15.29 6.96
CA ILE G 237 -26.24 15.90 6.53
C ILE G 237 -27.22 15.91 7.72
N ASN G 238 -27.72 17.08 8.10
CA ASN G 238 -28.76 17.15 9.17
C ASN G 238 -30.12 16.96 8.51
N ILE G 239 -30.65 15.74 8.51
CA ILE G 239 -31.91 15.45 7.77
C ILE G 239 -33.12 16.07 8.52
N ASP G 240 -33.02 16.28 9.84
CA ASP G 240 -34.18 16.77 10.56
C ASP G 240 -34.69 18.12 10.05
N GLU G 241 -33.91 18.87 9.27
CA GLU G 241 -34.46 20.03 8.58
C GLU G 241 -34.39 19.87 7.06
N LEU G 242 -33.19 19.97 6.46
CA LEU G 242 -32.79 19.69 5.07
C LEU G 242 -33.87 19.93 4.01
N GLU G 243 -34.27 21.20 3.80
CA GLU G 243 -35.49 21.53 3.06
C GLU G 243 -35.47 20.99 1.63
N GLY G 244 -36.55 20.29 1.29
CA GLY G 244 -36.56 19.36 0.17
C GLY G 244 -36.74 17.92 0.58
N VAL G 245 -36.52 17.61 1.85
CA VAL G 245 -36.78 16.29 2.43
C VAL G 245 -37.88 16.48 3.48
N ASP G 246 -39.11 16.15 3.11
CA ASP G 246 -40.25 16.27 4.02
C ASP G 246 -40.63 14.88 4.51
N ASN G 247 -40.87 14.77 5.82
CA ASN G 247 -41.39 13.67 6.63
C ASN G 247 -40.24 12.62 6.83
N GLY G 248 -39.15 12.71 6.07
CA GLY G 248 -38.07 11.76 6.15
C GLY G 248 -37.75 11.19 4.78
N CYS G 249 -38.51 11.63 3.78
CA CYS G 249 -38.47 11.08 2.44
C CYS G 249 -37.88 12.09 1.46
N LEU G 250 -36.94 11.63 0.63
CA LEU G 250 -36.27 12.49 -0.35
C LEU G 250 -37.22 12.76 -1.52
N ILE G 251 -38.16 13.67 -1.28
CA ILE G 251 -39.16 13.99 -2.30
C ILE G 251 -38.55 14.83 -3.42
N ASP G 252 -37.72 15.81 -2.99
CA ASP G 252 -37.12 16.75 -3.98
C ASP G 252 -35.91 16.12 -4.66
N GLU G 253 -35.83 16.25 -6.01
CA GLU G 253 -34.67 15.76 -6.73
C GLU G 253 -33.57 16.80 -6.89
N ALA G 254 -33.79 18.04 -6.46
CA ALA G 254 -32.76 19.07 -6.59
C ALA G 254 -31.62 18.85 -5.62
N LEU G 255 -31.93 18.43 -4.39
CA LEU G 255 -30.91 18.22 -3.37
C LEU G 255 -30.20 16.88 -3.50
N LEU G 256 -30.65 16.15 -4.59
CA LEU G 256 -30.12 14.79 -4.81
C LEU G 256 -28.60 14.83 -4.94
N PRO G 257 -27.98 15.57 -5.82
CA PRO G 257 -26.51 15.51 -5.99
C PRO G 257 -25.70 15.62 -4.71
N LEU G 258 -26.24 16.30 -3.69
CA LEU G 258 -25.55 16.36 -2.38
C LEU G 258 -25.62 14.96 -1.77
N ILE G 259 -26.74 14.27 -1.98
CA ILE G 259 -26.92 12.93 -1.41
C ILE G 259 -25.90 11.95 -2.01
N ILE G 260 -25.58 12.07 -3.32
CA ILE G 260 -24.47 11.21 -3.77
C ILE G 260 -23.13 11.73 -3.24
N ASP G 261 -22.94 13.06 -3.22
CA ASP G 261 -21.61 13.61 -2.93
C ASP G 261 -21.18 13.38 -1.49
N GLU G 262 -22.11 13.38 -0.53
CA GLU G 262 -21.74 13.11 0.85
C GLU G 262 -21.32 11.67 1.06
N GLY G 263 -21.99 10.73 0.39
CA GLY G 263 -21.56 9.35 0.46
C GLY G 263 -20.24 9.11 -0.26
N LYS G 264 -20.03 9.79 -1.39
CA LYS G 264 -18.79 9.61 -2.13
C LYS G 264 -17.61 10.25 -1.41
N ARG G 265 -17.89 11.30 -0.62
CA ARG G 265 -16.83 12.00 0.14
C ARG G 265 -16.42 11.14 1.34
N LYS G 266 -17.39 10.51 2.00
CA LYS G 266 -17.08 9.62 3.16
C LYS G 266 -17.03 8.17 2.69
N GLY G 267 -17.00 7.95 1.37
CA GLY G 267 -16.92 6.59 0.83
C GLY G 267 -15.64 6.37 0.06
N GLU G 268 -15.04 7.45 -0.44
CA GLU G 268 -13.78 7.33 -1.24
C GLU G 268 -12.69 6.73 -0.35
N GLY G 269 -12.08 5.63 -0.80
CA GLY G 269 -11.01 4.97 -0.02
C GLY G 269 -11.51 4.56 1.35
N ASN G 270 -12.79 4.14 1.44
CA ASN G 270 -13.37 3.70 2.73
C ASN G 270 -13.96 2.30 2.58
N TYR G 271 -13.57 1.58 1.51
CA TYR G 271 -14.13 0.23 1.24
C TYR G 271 -13.86 -0.67 2.44
N ARG G 272 -14.82 -1.54 2.78
CA ARG G 272 -14.66 -2.47 3.91
C ARG G 272 -15.30 -3.81 3.51
N PRO G 273 -14.55 -4.95 3.40
CA PRO G 273 -15.17 -6.23 3.11
C PRO G 273 -16.40 -6.51 3.97
N ARG G 274 -17.32 -7.32 3.45
CA ARG G 274 -18.60 -7.60 4.17
C ARG G 274 -18.33 -8.10 5.59
N HIS G 275 -17.27 -8.86 5.81
CA HIS G 275 -17.03 -9.47 7.16
C HIS G 275 -16.92 -8.37 8.22
N LEU G 276 -16.47 -7.17 7.83
CA LEU G 276 -16.26 -6.09 8.84
C LEU G 276 -17.37 -5.03 8.72
N ARG G 277 -18.35 -5.25 7.83
CA ARG G 277 -19.45 -4.28 7.64
C ARG G 277 -20.51 -4.47 8.73
N ASP G 278 -21.29 -3.42 9.02
CA ASP G 278 -22.39 -3.50 10.02
C ASP G 278 -23.50 -4.40 9.48
N GLU G 279 -24.20 -5.12 10.35
CA GLU G 279 -25.31 -6.01 9.91
C GLU G 279 -26.57 -5.18 9.67
N ARG G 280 -27.41 -5.60 8.72
CA ARG G 280 -28.66 -4.84 8.40
C ARG G 280 -29.78 -5.25 9.37
N LYS G 281 -29.62 -4.92 10.66
CA LYS G 281 -30.64 -5.24 11.65
C LYS G 281 -31.98 -4.60 11.26
N GLU G 282 -33.06 -5.35 11.47
CA GLU G 282 -34.40 -4.85 11.15
C GLU G 282 -34.89 -3.83 12.16
N GLU G 283 -34.27 -3.75 13.33
CA GLU G 283 -34.68 -2.76 14.34
C GLU G 283 -34.35 -1.34 13.91
N THR G 284 -33.37 -1.16 13.01
CA THR G 284 -33.03 0.19 12.57
C THR G 284 -34.08 0.74 11.60
N VAL G 285 -34.53 -0.07 10.65
CA VAL G 285 -35.60 0.38 9.77
C VAL G 285 -36.93 0.41 10.52
N GLN G 286 -37.08 -0.41 11.57
CA GLN G 286 -38.25 -0.33 12.44
C GLN G 286 -38.29 1.00 13.19
N ALA G 287 -37.15 1.42 13.76
CA ALA G 287 -37.11 2.69 14.47
C ALA G 287 -37.19 3.88 13.52
N PHE G 288 -36.67 3.74 12.30
CA PHE G 288 -36.81 4.81 11.31
C PHE G 288 -38.22 4.88 10.75
N LEU G 289 -38.98 3.79 10.83
CA LEU G 289 -40.41 3.88 10.54
C LEU G 289 -41.14 4.57 11.69
N ASP G 290 -40.75 4.27 12.93
CA ASP G 290 -41.27 4.99 14.10
C ASP G 290 -40.73 6.40 14.26
N LYS G 291 -39.83 6.86 13.38
CA LYS G 291 -39.40 8.25 13.41
C LYS G 291 -40.56 9.20 13.15
N TYR G 292 -41.35 8.94 12.11
CA TYR G 292 -42.52 9.74 11.80
C TYR G 292 -43.62 8.85 11.22
N GLY G 293 -44.49 8.35 12.09
CA GLY G 293 -45.71 7.65 11.70
C GLY G 293 -45.51 6.35 10.94
N TYR G 294 -45.86 6.37 9.65
CA TYR G 294 -45.61 5.32 8.67
C TYR G 294 -46.29 3.99 8.97
N CYS G 295 -45.83 3.32 10.04
CA CYS G 295 -46.22 2.01 10.58
C CYS G 295 -45.75 0.84 9.71
N ASN G 296 -45.17 1.15 8.55
CA ASN G 296 -44.50 0.22 7.66
C ASN G 296 -43.65 1.07 6.73
N ILE G 297 -42.84 0.41 5.91
CA ILE G 297 -42.13 1.14 4.85
C ILE G 297 -43.14 1.66 3.84
N PRO G 298 -43.12 2.96 3.51
CA PRO G 298 -44.14 3.52 2.62
C PRO G 298 -44.01 2.98 1.20
N VAL G 299 -45.14 3.02 0.49
CA VAL G 299 -45.27 2.38 -0.82
C VAL G 299 -44.46 3.15 -1.86
N GLY G 300 -43.48 2.47 -2.46
CA GLY G 300 -42.66 3.05 -3.49
C GLY G 300 -41.46 3.84 -3.00
N TYR G 301 -41.27 3.90 -1.70
CA TYR G 301 -40.05 4.55 -1.19
C TYR G 301 -39.30 3.47 -0.40
N GLU G 302 -37.97 3.42 -0.49
CA GLU G 302 -37.26 2.35 0.20
C GLU G 302 -35.83 2.82 0.51
N VAL G 303 -35.26 2.26 1.58
CA VAL G 303 -34.19 2.91 2.33
C VAL G 303 -32.85 2.81 1.60
N HIS G 304 -31.91 3.67 2.02
CA HIS G 304 -30.57 3.69 1.38
C HIS G 304 -29.59 4.30 2.38
N HIS G 305 -28.48 3.60 2.67
CA HIS G 305 -27.45 4.17 3.57
C HIS G 305 -26.73 5.29 2.82
N ILE G 306 -26.96 6.55 3.22
CA ILE G 306 -26.33 7.70 2.50
C ILE G 306 -24.86 7.35 2.29
N VAL G 307 -24.17 6.90 3.34
CA VAL G 307 -22.76 6.44 3.18
C VAL G 307 -22.81 4.93 2.90
N PRO G 308 -22.42 4.45 1.71
CA PRO G 308 -22.54 3.04 1.40
C PRO G 308 -21.97 2.19 2.51
N LEU G 309 -22.84 1.10 2.85
CA LEU G 309 -22.41 0.13 3.88
C LEU G 309 -20.99 -0.33 3.55
N SER G 310 -20.74 -0.81 2.41
CA SER G 310 -19.43 -1.29 1.91
C SER G 310 -18.37 -0.21 2.16
N GLN G 311 -18.72 1.06 1.95
CA GLN G 311 -17.76 2.18 2.15
C GLN G 311 -17.81 2.62 3.62
N GLY G 312 -17.75 1.67 4.55
CA GLY G 312 -17.73 2.00 6.00
C GLY G 312 -18.94 2.80 6.43
N GLY G 313 -20.13 2.19 6.40
CA GLY G 313 -21.35 2.87 6.87
C GLY G 313 -21.88 2.23 8.14
N ALA G 314 -22.70 2.95 8.91
CA ALA G 314 -23.30 2.39 10.10
C ALA G 314 -24.77 2.11 9.85
N ASP G 315 -25.32 1.18 10.62
CA ASP G 315 -26.76 0.95 10.59
C ASP G 315 -27.47 1.77 11.67
N SER G 316 -27.21 3.07 11.66
CA SER G 316 -27.74 3.98 12.66
C SER G 316 -28.99 4.68 12.14
N ILE G 317 -29.62 5.48 13.00
CA ILE G 317 -30.78 6.25 12.58
C ILE G 317 -30.38 7.48 11.78
N LYS G 318 -29.23 8.08 12.09
CA LYS G 318 -28.81 9.33 11.48
C LYS G 318 -28.11 9.13 10.14
N ASN G 319 -28.11 7.91 9.61
CA ASN G 319 -27.39 7.61 8.38
C ASN G 319 -28.37 7.29 7.25
N MET G 320 -29.47 6.59 7.53
CA MET G 320 -30.30 6.06 6.47
C MET G 320 -31.36 7.06 6.01
N ILE G 321 -31.92 6.77 4.82
CA ILE G 321 -32.80 7.68 4.09
C ILE G 321 -33.80 6.84 3.29
N MET G 322 -34.85 7.47 2.77
CA MET G 322 -35.75 6.86 1.79
C MET G 322 -35.47 7.45 0.41
N LEU G 323 -35.05 6.62 -0.53
CA LEU G 323 -35.01 6.99 -1.94
C LEU G 323 -36.22 6.42 -2.68
N SER G 324 -36.47 7.24 -3.82
CA SER G 324 -37.48 6.79 -4.79
C SER G 324 -36.87 5.58 -5.48
N ILE G 325 -37.72 4.78 -6.19
CA ILE G 325 -37.18 3.57 -6.83
C ILE G 325 -36.35 3.92 -8.07
N GLU G 326 -36.87 4.78 -8.95
CA GLU G 326 -36.07 5.24 -10.08
C GLU G 326 -34.89 6.09 -9.62
N HIS G 327 -35.11 6.90 -8.58
CA HIS G 327 -34.03 7.70 -8.02
C HIS G 327 -33.03 6.82 -7.28
N HIS G 328 -33.49 5.74 -6.63
CA HIS G 328 -32.59 4.79 -5.99
C HIS G 328 -31.77 4.09 -7.07
N GLU G 329 -32.38 3.80 -8.22
CA GLU G 329 -31.64 3.23 -9.35
C GLU G 329 -30.55 4.18 -9.84
N ARG G 330 -30.84 5.48 -9.88
CA ARG G 330 -29.84 6.48 -10.25
C ARG G 330 -28.67 6.50 -9.26
N VAL G 331 -28.98 6.58 -7.96
CA VAL G 331 -27.90 6.64 -6.99
C VAL G 331 -27.19 5.30 -6.80
N THR G 332 -27.84 4.17 -7.09
CA THR G 332 -27.13 2.90 -6.96
C THR G 332 -26.27 2.65 -8.19
N GLU G 333 -26.64 3.20 -9.35
CA GLU G 333 -25.71 3.21 -10.48
C GLU G 333 -24.53 4.13 -10.20
N ALA G 334 -24.78 5.23 -9.47
CA ALA G 334 -23.71 6.13 -9.08
C ALA G 334 -22.72 5.45 -8.13
N HIS G 335 -23.21 4.78 -7.09
CA HIS G 335 -22.30 4.10 -6.17
C HIS G 335 -21.73 2.80 -6.75
N ALA G 336 -22.37 2.22 -7.77
CA ALA G 336 -21.74 1.11 -8.47
C ALA G 336 -20.56 1.60 -9.32
N SER G 337 -20.73 2.72 -10.00
CA SER G 337 -19.68 3.23 -10.87
C SER G 337 -18.53 3.87 -10.09
N TYR G 338 -18.85 4.62 -9.02
CA TYR G 338 -17.84 5.44 -8.36
C TYR G 338 -16.87 4.60 -7.55
N PHE G 339 -17.38 3.68 -6.75
CA PHE G 339 -16.54 2.89 -5.85
C PHE G 339 -16.05 1.59 -6.48
N LYS G 340 -16.58 1.23 -7.66
CA LYS G 340 -16.19 0.05 -8.44
C LYS G 340 -16.36 -1.25 -7.64
N TRP G 341 -17.60 -1.55 -7.29
CA TRP G 341 -17.92 -2.79 -6.59
C TRP G 341 -17.77 -3.99 -7.51
N MET H 1 -30.74 -33.25 30.32
CA MET H 1 -29.26 -33.14 30.26
C MET H 1 -28.84 -32.88 28.80
N MET H 2 -29.53 -31.94 28.14
CA MET H 2 -29.19 -31.62 26.72
C MET H 2 -27.87 -30.82 26.70
N LYS H 3 -27.01 -31.10 25.71
CA LYS H 3 -25.71 -30.39 25.60
C LYS H 3 -25.77 -29.38 24.45
N GLY H 4 -25.38 -28.13 24.72
CA GLY H 4 -25.42 -27.08 23.67
C GLY H 4 -24.16 -26.24 23.69
N TYR H 5 -23.87 -25.55 22.59
CA TYR H 5 -22.66 -24.69 22.50
C TYR H 5 -23.07 -23.22 22.47
N ILE H 6 -22.60 -22.44 23.45
CA ILE H 6 -22.96 -21.03 23.55
C ILE H 6 -21.72 -20.20 23.21
N LEU H 7 -21.83 -19.36 22.18
CA LEU H 7 -20.72 -18.55 21.71
C LEU H 7 -20.88 -17.13 22.22
N LEU H 8 -19.87 -16.66 22.94
CA LEU H 8 -19.76 -15.28 23.42
C LEU H 8 -18.78 -14.59 22.46
N GLU H 9 -19.30 -13.75 21.57
CA GLU H 9 -18.53 -13.24 20.45
C GLU H 9 -17.98 -11.84 20.76
N LYS H 10 -16.69 -11.63 20.46
CA LYS H 10 -15.97 -10.36 20.66
C LYS H 10 -16.09 -9.82 22.09
N VAL H 11 -15.52 -10.54 23.03
CA VAL H 11 -15.43 -10.06 24.40
C VAL H 11 -14.10 -9.32 24.53
N ASN H 12 -14.16 -8.04 24.92
CA ASN H 12 -12.99 -7.16 24.96
C ASN H 12 -12.52 -7.05 26.40
N ILE H 13 -11.61 -7.94 26.79
CA ILE H 13 -11.02 -7.86 28.12
C ILE H 13 -9.97 -6.76 28.12
N GLU H 14 -10.07 -5.82 29.07
CA GLU H 14 -9.09 -4.78 29.29
C GLU H 14 -8.36 -5.04 30.59
N ASN H 15 -7.02 -5.04 30.52
CA ASN H 15 -6.12 -5.25 31.66
C ASN H 15 -6.37 -6.59 32.35
N ALA H 16 -6.23 -7.66 31.58
CA ALA H 16 -6.12 -9.00 32.13
C ALA H 16 -4.67 -9.20 32.56
N ASN H 17 -4.46 -9.99 33.62
CA ASN H 17 -3.08 -10.24 34.13
C ASN H 17 -2.31 -11.08 33.11
N ALA H 18 -1.49 -10.41 32.28
CA ALA H 18 -0.67 -11.14 31.28
C ALA H 18 0.48 -11.87 32.00
N PHE H 19 0.93 -11.32 33.13
CA PHE H 19 2.10 -11.91 33.84
C PHE H 19 1.70 -13.21 34.53
N ASN H 20 2.40 -14.31 34.23
CA ASN H 20 2.14 -15.61 34.91
C ASN H 20 3.50 -16.20 35.28
N ASN H 21 4.34 -15.38 35.95
CA ASN H 21 5.71 -15.82 36.35
C ASN H 21 6.59 -15.99 35.10
N ILE H 22 6.89 -17.22 34.71
CA ILE H 22 7.81 -17.47 33.56
C ILE H 22 7.11 -17.14 32.23
N ILE H 23 5.79 -16.96 32.25
CA ILE H 23 5.03 -16.71 30.99
C ILE H 23 4.36 -15.33 31.08
N VAL H 24 4.72 -14.40 30.17
CA VAL H 24 4.02 -13.07 30.15
C VAL H 24 3.29 -12.96 28.80
N GLY H 25 2.01 -12.56 28.82
CA GLY H 25 1.21 -12.48 27.58
C GLY H 25 -0.06 -13.29 27.72
N ILE H 26 -0.20 -14.38 26.98
CA ILE H 26 -1.40 -15.27 27.14
C ILE H 26 -1.51 -15.57 28.65
N PRO H 27 -2.65 -15.25 29.29
CA PRO H 27 -2.83 -15.53 30.72
C PRO H 27 -2.98 -17.02 30.94
N ALA H 28 -2.94 -17.42 32.20
CA ALA H 28 -3.17 -18.82 32.57
C ALA H 28 -4.56 -19.25 32.14
N ILE H 29 -4.66 -20.44 31.56
CA ILE H 29 -5.92 -20.94 31.02
C ILE H 29 -6.87 -21.28 32.17
N THR H 30 -6.30 -21.48 33.36
CA THR H 30 -7.09 -21.65 34.58
C THR H 30 -7.93 -20.40 34.87
N SER H 31 -7.44 -19.20 34.53
CA SER H 31 -8.28 -18.00 34.57
C SER H 31 -9.46 -18.11 33.62
N PHE H 32 -9.21 -18.57 32.40
CA PHE H 32 -10.24 -18.56 31.37
C PHE H 32 -11.26 -19.67 31.57
N LEU H 33 -10.95 -20.70 32.35
CA LEU H 33 -11.94 -21.71 32.69
C LEU H 33 -12.51 -21.52 34.10
N GLY H 34 -11.83 -20.75 34.95
CA GLY H 34 -12.46 -20.26 36.16
C GLY H 34 -13.45 -19.15 35.90
N PHE H 35 -13.33 -18.45 34.77
CA PHE H 35 -14.43 -17.63 34.28
C PHE H 35 -15.67 -18.46 34.03
N ALA H 36 -15.50 -19.65 33.44
CA ALA H 36 -16.62 -20.54 33.20
C ALA H 36 -17.23 -21.05 34.50
N ARG H 37 -16.38 -21.45 35.45
CA ARG H 37 -16.94 -21.88 36.72
C ARG H 37 -17.51 -20.72 37.55
N ALA H 38 -17.06 -19.48 37.34
CA ALA H 38 -17.72 -18.35 37.99
C ALA H 38 -19.05 -18.02 37.32
N LEU H 39 -19.10 -18.12 35.99
CA LEU H 39 -20.32 -17.90 35.23
C LEU H 39 -21.32 -19.02 35.42
N GLU H 40 -20.89 -20.18 35.91
CA GLU H 40 -21.81 -21.23 36.33
C GLU H 40 -22.17 -21.13 37.80
N ARG H 41 -21.23 -20.67 38.63
CA ARG H 41 -21.47 -20.47 40.06
C ARG H 41 -22.54 -19.41 40.30
N LYS H 42 -22.46 -18.28 39.58
CA LYS H 42 -23.48 -17.27 39.72
C LYS H 42 -24.78 -17.62 38.98
N LEU H 43 -24.73 -18.52 38.00
CA LEU H 43 -25.97 -18.96 37.36
C LEU H 43 -26.73 -19.95 38.22
N ASN H 44 -26.03 -20.83 38.93
CA ASN H 44 -26.69 -21.69 39.91
C ASN H 44 -26.96 -20.97 41.23
N ALA H 45 -26.38 -19.79 41.44
CA ALA H 45 -26.93 -18.88 42.44
C ALA H 45 -28.33 -18.45 42.06
N LYS H 46 -28.56 -18.22 40.77
CA LYS H 46 -29.90 -18.02 40.23
C LYS H 46 -30.52 -19.38 39.93
N GLU H 47 -31.70 -19.39 39.31
CA GLU H 47 -32.39 -20.65 39.00
C GLU H 47 -32.16 -21.04 37.55
N ILE H 48 -30.90 -21.32 37.23
CA ILE H 48 -30.56 -21.68 35.85
C ILE H 48 -30.02 -23.11 35.79
N ALA H 49 -29.30 -23.51 36.85
CA ALA H 49 -28.81 -24.89 37.09
C ALA H 49 -27.97 -25.43 35.93
N ILE H 50 -27.13 -24.59 35.34
CA ILE H 50 -26.25 -24.97 34.25
C ILE H 50 -24.92 -25.44 34.83
N ARG H 51 -24.42 -26.58 34.35
CA ARG H 51 -23.08 -27.05 34.66
C ARG H 51 -22.22 -26.97 33.40
N ILE H 52 -21.32 -25.99 33.35
CA ILE H 52 -20.41 -25.86 32.22
C ILE H 52 -19.29 -26.86 32.35
N ASN H 53 -19.08 -27.66 31.31
CA ASN H 53 -18.08 -28.72 31.35
C ASN H 53 -16.81 -28.38 30.60
N GLY H 54 -16.89 -27.57 29.55
CA GLY H 54 -15.70 -27.21 28.78
C GLY H 54 -15.86 -25.85 28.16
N VAL H 55 -14.72 -25.19 27.91
CA VAL H 55 -14.69 -23.86 27.30
C VAL H 55 -13.55 -23.81 26.28
N GLY H 56 -13.87 -23.37 25.07
CA GLY H 56 -12.88 -23.13 24.04
C GLY H 56 -12.63 -21.65 23.88
N LEU H 57 -11.35 -21.30 23.70
CA LEU H 57 -10.87 -19.92 23.64
C LEU H 57 -10.48 -19.61 22.20
N GLU H 58 -11.03 -18.54 21.64
CA GLU H 58 -10.61 -18.10 20.31
C GLU H 58 -10.04 -16.68 20.45
N PHE H 59 -8.76 -16.53 20.18
CA PHE H 59 -8.05 -15.27 20.40
C PHE H 59 -8.11 -14.48 19.09
N HIS H 60 -9.04 -13.54 19.01
CA HIS H 60 -9.24 -12.83 17.75
C HIS H 60 -8.27 -11.65 17.61
N GLU H 61 -8.17 -10.80 18.63
CA GLU H 61 -7.24 -9.67 18.63
C GLU H 61 -6.58 -9.55 20.00
N TYR H 62 -5.39 -8.95 20.01
CA TYR H 62 -4.59 -8.82 21.22
C TYR H 62 -3.82 -7.52 21.23
N GLU H 63 -3.53 -7.02 22.44
CA GLU H 63 -2.60 -5.90 22.60
C GLU H 63 -1.95 -6.01 23.97
N LEU H 64 -0.62 -5.90 24.00
CA LEU H 64 0.11 -5.94 25.26
C LEU H 64 0.40 -4.51 25.71
N LYS H 65 0.05 -4.20 26.95
CA LYS H 65 0.40 -2.91 27.53
C LYS H 65 1.90 -2.74 27.64
N GLY H 66 2.41 -1.75 26.94
CA GLY H 66 3.84 -1.53 26.84
C GLY H 66 4.17 -0.86 25.52
N TYR H 67 5.46 -0.65 25.32
CA TYR H 67 5.95 -0.01 24.11
C TYR H 67 7.03 -0.86 23.47
N LYS H 68 7.07 -0.87 22.15
CA LYS H 68 8.15 -1.49 21.41
C LYS H 68 9.36 -0.56 21.38
N ASN H 69 10.54 -1.10 21.61
CA ASN H 69 11.75 -0.27 21.63
C ASN H 69 12.30 -0.14 20.21
N LYS H 70 13.54 0.32 20.10
CA LYS H 70 14.22 0.35 18.80
C LYS H 70 14.54 -1.06 18.32
N ARG H 71 14.95 -1.95 19.22
CA ARG H 71 15.40 -3.28 18.82
C ARG H 71 14.23 -4.19 18.46
N GLY H 72 13.15 -4.18 19.22
CA GLY H 72 12.04 -5.05 18.95
C GLY H 72 11.45 -5.68 20.19
N GLN H 73 12.26 -5.75 21.25
CA GLN H 73 11.81 -6.28 22.53
C GLN H 73 10.81 -5.33 23.17
N TYR H 74 9.68 -5.86 23.63
CA TYR H 74 8.68 -4.99 24.24
C TYR H 74 9.16 -4.52 25.62
N VAL H 75 8.49 -3.50 26.14
CA VAL H 75 8.63 -3.11 27.54
C VAL H 75 7.23 -2.99 28.11
N THR H 76 6.94 -3.78 29.14
CA THR H 76 5.59 -3.83 29.70
C THR H 76 5.33 -2.62 30.58
N SER H 77 4.05 -2.26 30.67
CA SER H 77 3.60 -1.12 31.46
C SER H 77 2.67 -1.58 32.57
N CYS H 78 2.76 -0.92 33.71
CA CYS H 78 2.05 -1.30 34.92
C CYS H 78 1.48 -0.06 35.59
N PRO H 79 0.42 -0.20 36.38
CA PRO H 79 -0.05 0.95 37.17
C PRO H 79 0.93 1.34 38.26
N LEU H 80 0.88 2.61 38.64
CA LEU H 80 1.74 3.12 39.68
C LEU H 80 1.11 2.83 41.04
N PRO H 81 1.79 2.15 41.95
CA PRO H 81 1.20 1.80 43.24
C PRO H 81 0.97 3.00 44.15
N GLY H 82 0.00 2.84 45.04
CA GLY H 82 -0.34 3.88 46.00
C GLY H 82 0.49 3.83 47.27
N HIS H 95 7.52 0.60 45.53
CA HIS H 95 7.95 -0.77 45.19
C HIS H 95 6.90 -1.42 44.27
N ILE H 96 7.29 -1.66 43.02
CA ILE H 96 6.34 -2.29 42.04
C ILE H 96 6.68 -3.78 41.90
N MET H 97 5.78 -4.67 42.33
CA MET H 97 6.02 -6.13 42.17
C MET H 97 5.87 -6.50 40.69
N ASN H 98 6.58 -7.54 40.24
CA ASN H 98 6.54 -7.92 38.80
C ASN H 98 5.10 -8.10 38.35
N GLN H 99 4.67 -7.37 37.31
CA GLN H 99 3.28 -7.46 36.81
C GLN H 99 3.21 -6.95 35.37
N ALA H 100 2.24 -7.43 34.59
CA ALA H 100 2.07 -6.97 33.22
C ALA H 100 0.65 -7.29 32.80
N TYR H 101 0.17 -6.58 31.77
CA TYR H 101 -1.25 -6.61 31.43
C TYR H 101 -1.46 -6.72 29.92
N ILE H 102 -2.63 -7.26 29.55
CA ILE H 102 -2.98 -7.51 28.16
C ILE H 102 -4.46 -7.21 27.96
N ASP H 103 -4.79 -6.65 26.78
CA ASP H 103 -6.16 -6.57 26.30
C ASP H 103 -6.39 -7.63 25.25
N LEU H 104 -7.53 -8.30 25.33
CA LEU H 104 -7.83 -9.45 24.48
C LEU H 104 -9.25 -9.29 23.93
N ASN H 105 -9.36 -9.09 22.63
CA ASN H 105 -10.62 -9.31 21.94
C ASN H 105 -10.71 -10.80 21.65
N MET H 106 -11.32 -11.54 22.57
CA MET H 106 -11.41 -12.97 22.38
C MET H 106 -12.85 -13.44 22.56
N SER H 107 -13.16 -14.57 21.92
CA SER H 107 -14.51 -15.13 21.91
C SER H 107 -14.51 -16.50 22.58
N PHE H 108 -15.51 -16.71 23.44
CA PHE H 108 -15.64 -17.94 24.19
C PHE H 108 -16.61 -18.86 23.49
N LEU H 109 -16.39 -20.17 23.64
CA LEU H 109 -17.36 -21.17 23.21
C LEU H 109 -17.57 -22.12 24.37
N LEU H 110 -18.78 -22.13 24.92
CA LEU H 110 -19.10 -22.80 26.17
C LEU H 110 -19.88 -24.07 25.85
N GLU H 111 -19.34 -25.23 26.25
CA GLU H 111 -20.11 -26.46 26.21
C GLU H 111 -20.97 -26.53 27.45
N VAL H 112 -22.29 -26.50 27.28
CA VAL H 112 -23.22 -26.31 28.39
C VAL H 112 -24.21 -27.47 28.37
N GLU H 113 -24.33 -28.15 29.51
CA GLU H 113 -25.28 -29.29 29.63
C GLU H 113 -26.07 -29.13 30.94
N GLY H 114 -27.37 -29.41 30.90
CA GLY H 114 -28.20 -29.22 32.10
C GLY H 114 -29.69 -29.36 31.79
N PRO H 115 -30.59 -28.66 32.52
CA PRO H 115 -32.01 -28.83 32.31
C PRO H 115 -32.41 -28.57 30.87
N HIS H 116 -31.97 -27.42 30.33
CA HIS H 116 -32.32 -27.06 28.94
C HIS H 116 -31.42 -25.92 28.45
N VAL H 117 -31.11 -25.90 27.15
CA VAL H 117 -30.31 -24.77 26.57
C VAL H 117 -31.24 -23.99 25.64
N ASP H 118 -31.47 -22.70 25.93
CA ASP H 118 -32.44 -21.91 25.12
C ASP H 118 -31.95 -20.47 24.96
N MET H 119 -32.73 -19.62 24.29
CA MET H 119 -32.33 -18.21 24.09
C MET H 119 -32.55 -17.42 25.39
N SER H 120 -33.41 -17.94 26.29
CA SER H 120 -33.60 -17.24 27.56
C SER H 120 -32.41 -17.44 28.48
N THR H 121 -31.74 -18.59 28.41
CA THR H 121 -30.51 -18.73 29.16
C THR H 121 -29.36 -17.96 28.52
N CYS H 122 -29.45 -17.65 27.22
CA CYS H 122 -28.51 -16.72 26.62
C CYS H 122 -28.73 -15.31 27.16
N LYS H 123 -29.99 -14.92 27.36
CA LYS H 123 -30.28 -13.65 28.02
C LYS H 123 -29.84 -13.64 29.48
N SER H 124 -29.93 -14.79 30.15
CA SER H 124 -29.45 -14.88 31.53
C SER H 124 -27.93 -14.77 31.60
N ILE H 125 -27.23 -15.37 30.64
CA ILE H 125 -25.77 -15.22 30.55
C ILE H 125 -25.41 -13.78 30.20
N LYS H 126 -26.24 -13.14 29.36
CA LYS H 126 -26.08 -11.73 29.01
C LYS H 126 -26.18 -10.83 30.25
N SER H 127 -27.13 -11.12 31.12
CA SER H 127 -27.25 -10.37 32.37
C SER H 127 -26.10 -10.69 33.33
N THR H 128 -25.71 -11.97 33.44
CA THR H 128 -24.77 -12.40 34.46
C THR H 128 -23.32 -12.02 34.15
N MET H 129 -22.92 -12.06 32.88
CA MET H 129 -21.52 -11.85 32.53
C MET H 129 -21.09 -10.39 32.67
N GLU H 130 -22.03 -9.44 32.67
CA GLU H 130 -21.70 -8.04 32.88
C GLU H 130 -21.40 -7.67 34.33
N THR H 131 -21.26 -8.63 35.25
CA THR H 131 -20.70 -8.35 36.56
C THR H 131 -19.43 -9.18 36.81
N LEU H 132 -18.87 -9.75 35.75
CA LEU H 132 -17.74 -10.65 35.84
C LEU H 132 -16.49 -10.02 35.24
N ARG H 133 -15.34 -10.55 35.64
CA ARG H 133 -14.05 -10.19 35.09
C ARG H 133 -13.35 -11.46 34.63
N ILE H 134 -12.61 -11.36 33.53
CA ILE H 134 -11.85 -12.48 33.00
C ILE H 134 -10.37 -12.18 33.16
N ALA H 135 -9.69 -13.02 33.95
CA ALA H 135 -8.27 -12.88 34.32
C ALA H 135 -7.98 -11.53 34.97
N GLY H 136 -8.91 -11.06 35.80
CA GLY H 136 -8.74 -9.78 36.45
C GLY H 136 -8.96 -8.59 35.55
N GLY H 137 -9.67 -8.76 34.44
CA GLY H 137 -9.86 -7.70 33.47
C GLY H 137 -11.32 -7.38 33.24
N ILE H 138 -11.63 -6.08 33.15
CA ILE H 138 -13.01 -5.66 32.98
C ILE H 138 -13.46 -5.91 31.55
N ILE H 139 -14.77 -6.04 31.37
CA ILE H 139 -15.37 -6.25 30.06
C ILE H 139 -15.91 -4.91 29.57
N ARG H 140 -15.39 -4.42 28.45
CA ARG H 140 -15.94 -3.20 27.87
C ARG H 140 -17.26 -3.49 27.18
N ASN H 141 -17.26 -4.45 26.26
CA ASN H 141 -18.40 -4.67 25.37
C ASN H 141 -18.42 -6.10 24.85
N TYR H 142 -19.59 -6.50 24.36
CA TYR H 142 -19.80 -7.81 23.77
C TYR H 142 -20.61 -7.65 22.48
N LYS H 143 -20.29 -8.46 21.48
CA LYS H 143 -21.04 -8.41 20.23
C LYS H 143 -22.35 -9.17 20.34
N LYS H 144 -22.29 -10.48 20.55
CA LYS H 144 -23.48 -11.30 20.54
C LYS H 144 -23.24 -12.59 21.31
N ILE H 145 -24.32 -13.10 21.90
CA ILE H 145 -24.33 -14.39 22.58
C ILE H 145 -25.30 -15.29 21.84
N ARG H 146 -24.78 -16.27 21.10
CA ARG H 146 -25.65 -17.10 20.27
C ARG H 146 -25.30 -18.58 20.44
N LEU H 147 -26.33 -19.42 20.41
CA LEU H 147 -26.12 -20.86 20.34
C LEU H 147 -25.69 -21.22 18.92
N ILE H 148 -24.58 -21.98 18.83
CA ILE H 148 -24.04 -22.37 17.50
C ILE H 148 -24.39 -23.85 17.24
N ASP H 149 -24.43 -24.26 15.97
CA ASP H 149 -24.81 -25.66 15.63
C ASP H 149 -23.62 -26.38 14.99
N THR H 150 -22.71 -25.62 14.37
CA THR H 150 -21.57 -26.26 13.66
C THR H 150 -20.38 -25.33 13.67
N LEU H 151 -19.23 -25.82 13.18
CA LEU H 151 -17.99 -25.00 13.15
C LEU H 151 -18.21 -23.72 12.32
N ALA H 152 -19.11 -23.79 11.33
CA ALA H 152 -19.39 -22.62 10.48
C ALA H 152 -19.95 -21.48 11.32
N ASP H 153 -20.70 -21.81 12.38
CA ASP H 153 -21.35 -20.76 13.21
C ASP H 153 -20.32 -20.06 14.11
N ILE H 154 -19.03 -20.21 13.81
CA ILE H 154 -17.99 -19.59 14.63
C ILE H 154 -17.23 -18.58 13.76
N PRO H 155 -17.07 -17.33 14.20
CA PRO H 155 -16.37 -16.33 13.39
C PRO H 155 -14.88 -16.63 13.25
N TYR H 156 -14.24 -15.88 12.35
CA TYR H 156 -12.81 -16.04 12.08
C TYR H 156 -12.00 -15.62 13.29
N GLY H 157 -11.40 -16.60 13.95
CA GLY H 157 -10.46 -16.38 15.03
C GLY H 157 -9.43 -17.48 15.04
N TYR H 158 -8.68 -17.62 16.12
CA TYR H 158 -7.64 -18.64 16.20
C TYR H 158 -7.71 -19.31 17.57
N PHE H 159 -8.17 -20.55 17.61
CA PHE H 159 -8.30 -21.31 18.84
C PHE H 159 -6.94 -21.71 19.40
N LEU H 160 -6.91 -21.90 20.72
CA LEU H 160 -5.71 -22.31 21.44
C LEU H 160 -5.83 -23.79 21.77
N THR H 161 -5.19 -24.63 20.96
CA THR H 161 -5.13 -26.05 21.24
C THR H 161 -3.87 -26.37 22.03
N LEU H 162 -3.90 -27.49 22.74
CA LEU H 162 -2.78 -27.92 23.56
C LEU H 162 -1.95 -28.88 22.71
N ARG H 163 -0.86 -28.38 22.15
CA ARG H 163 0.05 -29.20 21.35
C ARG H 163 1.12 -29.82 22.26
N GLN H 164 0.65 -30.69 23.15
CA GLN H 164 1.53 -31.38 24.09
C GLN H 164 2.41 -32.42 23.39
N ASP H 165 1.99 -32.91 22.22
CA ASP H 165 2.79 -33.85 21.45
C ASP H 165 4.07 -33.23 20.92
N ASN H 166 4.05 -31.92 20.64
CA ASN H 166 5.27 -31.24 20.21
C ASN H 166 6.27 -31.12 21.35
N LEU H 167 5.78 -30.86 22.56
CA LEU H 167 6.67 -30.78 23.72
C LEU H 167 7.19 -32.16 24.12
N ASN H 168 6.35 -33.19 23.99
CA ASN H 168 6.75 -34.54 24.38
C ASN H 168 7.79 -35.12 23.43
N ASP H 169 7.56 -34.96 22.12
CA ASP H 169 8.51 -35.43 21.10
C ASP H 169 9.45 -34.30 20.68
N ALA H 170 10.22 -33.81 21.64
CA ALA H 170 11.18 -32.74 21.40
C ALA H 170 12.54 -33.14 21.97
N ALA H 171 13.59 -32.82 21.23
CA ALA H 171 14.94 -33.22 21.62
C ALA H 171 15.44 -32.38 22.78
N GLY H 172 15.94 -33.03 23.81
CA GLY H 172 16.52 -32.34 24.94
C GLY H 172 16.70 -33.29 26.10
N ASP H 173 17.45 -32.81 27.10
CA ASP H 173 17.65 -33.58 28.32
C ASP H 173 16.49 -33.38 29.29
N ASP H 174 16.23 -32.14 29.67
CA ASP H 174 15.09 -31.77 30.49
C ASP H 174 13.97 -31.26 29.59
N MET H 175 12.77 -31.14 30.16
CA MET H 175 11.62 -30.72 29.35
C MET H 175 11.65 -29.22 29.03
N LEU H 176 12.43 -28.48 29.83
CA LEU H 176 12.60 -27.04 29.48
C LEU H 176 13.43 -27.04 28.20
N ASP H 177 14.56 -27.70 28.23
CA ASP H 177 15.38 -27.82 27.04
C ASP H 177 14.56 -28.25 25.83
N LYS H 178 13.60 -29.16 26.06
CA LYS H 178 12.68 -29.58 25.01
C LYS H 178 11.79 -28.44 24.56
N MET H 179 11.36 -27.59 25.48
CA MET H 179 10.52 -26.44 25.12
C MET H 179 11.31 -25.40 24.34
N ILE H 180 12.55 -25.13 24.76
CA ILE H 180 13.42 -24.22 24.01
C ILE H 180 13.70 -24.75 22.62
N HIS H 181 13.90 -26.06 22.50
CA HIS H 181 14.10 -26.68 21.18
C HIS H 181 12.81 -26.61 20.37
N ALA H 182 11.66 -26.74 21.03
CA ALA H 182 10.37 -26.72 20.34
C ALA H 182 10.04 -25.33 19.80
N LEU H 183 10.28 -24.29 20.60
CA LEU H 183 10.03 -22.93 20.10
C LEU H 183 11.06 -22.54 19.02
N GLN H 184 12.20 -23.21 18.97
CA GLN H 184 13.17 -22.96 17.92
C GLN H 184 12.91 -23.76 16.64
N GLN H 185 11.91 -24.65 16.62
CA GLN H 185 11.52 -25.33 15.38
C GLN H 185 10.27 -24.71 14.74
N GLU H 186 9.12 -24.74 15.43
CA GLU H 186 7.92 -24.10 14.90
C GLU H 186 7.67 -22.78 15.62
N ASP H 187 7.21 -21.79 14.85
CA ASP H 187 7.07 -20.43 15.36
C ASP H 187 5.69 -20.15 15.94
N THR H 188 4.66 -20.83 15.43
CA THR H 188 3.30 -20.64 15.94
C THR H 188 3.08 -21.27 17.31
N LEU H 189 4.04 -22.04 17.82
CA LEU H 189 3.96 -22.58 19.17
C LEU H 189 4.21 -21.47 20.17
N VAL H 190 3.33 -21.37 21.18
CA VAL H 190 3.45 -20.40 22.24
C VAL H 190 3.45 -21.16 23.60
N PRO H 191 4.35 -20.87 24.50
CA PRO H 191 4.31 -21.56 25.80
C PRO H 191 3.23 -20.96 26.69
N ILE H 192 2.28 -21.79 27.11
CA ILE H 192 1.09 -21.34 27.82
C ILE H 192 1.04 -22.01 29.21
N ALA H 193 0.36 -21.33 30.14
CA ALA H 193 0.19 -21.83 31.50
C ALA H 193 -1.11 -22.62 31.60
N VAL H 194 -1.05 -23.81 32.18
CA VAL H 194 -2.24 -24.65 32.24
C VAL H 194 -2.74 -24.93 33.67
N GLY H 195 -1.87 -25.40 34.56
CA GLY H 195 -2.39 -25.89 35.84
C GLY H 195 -1.50 -25.68 37.05
N PHE H 196 -1.90 -26.26 38.19
CA PHE H 196 -1.13 -26.07 39.44
C PHE H 196 -0.71 -27.44 40.01
N LYS H 197 0.59 -27.63 40.27
CA LYS H 197 1.08 -28.89 40.88
C LYS H 197 1.21 -28.70 42.40
N ALA H 198 0.79 -29.69 43.19
CA ALA H 198 0.82 -29.57 44.67
C ALA H 198 2.27 -29.48 45.17
N LEU H 199 2.49 -28.72 46.24
CA LEU H 199 3.85 -28.62 46.85
C LEU H 199 3.78 -29.15 48.29
N SER H 200 2.57 -29.37 48.81
CA SER H 200 2.41 -29.88 50.16
C SER H 200 1.10 -30.65 50.21
N GLU H 201 0.97 -31.49 51.23
CA GLU H 201 -0.28 -32.20 51.47
C GLU H 201 -1.35 -31.23 51.94
N VAL H 202 -2.60 -31.56 51.63
CA VAL H 202 -3.71 -30.64 51.92
C VAL H 202 -3.97 -30.58 53.43
N GLY H 203 -4.58 -29.49 53.85
CA GLY H 203 -4.88 -29.30 55.26
C GLY H 203 -5.39 -27.91 55.54
N HIS H 204 -5.72 -27.69 56.81
CA HIS H 204 -6.33 -26.43 57.26
C HIS H 204 -5.25 -25.51 57.83
N VAL H 205 -4.40 -25.02 56.93
CA VAL H 205 -3.46 -23.96 57.28
C VAL H 205 -4.24 -22.68 57.57
N GLU H 206 -3.72 -21.83 58.45
CA GLU H 206 -4.44 -20.66 58.91
C GLU H 206 -4.19 -19.46 58.00
N GLY H 207 -5.26 -18.69 57.74
CA GLY H 207 -5.16 -17.47 56.97
C GLY H 207 -5.72 -17.57 55.57
N GLN H 208 -6.75 -18.40 55.40
CA GLN H 208 -7.29 -18.76 54.11
C GLN H 208 -8.30 -17.74 53.59
N ARG H 209 -8.64 -17.91 52.31
CA ARG H 209 -9.74 -17.17 51.71
C ARG H 209 -11.07 -17.56 52.34
N ASP H 210 -11.36 -18.87 52.41
CA ASP H 210 -12.61 -19.43 53.01
C ASP H 210 -12.20 -20.58 53.92
N PRO H 211 -12.29 -20.46 55.25
CA PRO H 211 -11.68 -21.46 56.15
C PRO H 211 -12.13 -22.91 55.94
N GLU H 212 -13.28 -23.17 55.31
CA GLU H 212 -13.78 -24.54 55.29
C GLU H 212 -13.16 -25.38 54.17
N LYS H 213 -12.76 -24.75 53.06
CA LYS H 213 -12.10 -25.47 51.99
C LYS H 213 -10.74 -25.98 52.43
N ASP H 214 -10.42 -27.19 52.01
CA ASP H 214 -9.06 -27.71 52.21
C ASP H 214 -8.10 -26.94 51.31
N HIS H 215 -6.90 -26.71 51.83
CA HIS H 215 -5.96 -25.78 51.21
C HIS H 215 -4.66 -26.49 50.90
N CYS H 216 -4.09 -26.20 49.72
CA CYS H 216 -2.88 -26.86 49.26
C CYS H 216 -1.99 -25.84 48.56
N PHE H 217 -0.74 -25.74 49.02
CA PHE H 217 0.25 -24.92 48.34
C PHE H 217 0.58 -25.52 46.98
N VAL H 218 0.65 -24.67 45.97
CA VAL H 218 0.79 -25.13 44.59
C VAL H 218 1.91 -24.37 43.90
N GLU H 219 2.19 -24.84 42.69
CA GLU H 219 3.15 -24.21 41.78
C GLU H 219 2.58 -24.37 40.38
N SER H 220 2.61 -23.29 39.60
CA SER H 220 2.05 -23.32 38.26
C SER H 220 2.84 -24.26 37.37
N ILE H 221 2.13 -25.09 36.62
CA ILE H 221 2.78 -25.93 35.64
C ILE H 221 2.51 -25.35 34.26
N PHE H 222 3.39 -25.65 33.31
CA PHE H 222 3.33 -24.97 32.04
C PHE H 222 3.50 -25.98 30.92
N SER H 223 3.04 -25.61 29.73
CA SER H 223 3.10 -26.49 28.59
C SER H 223 3.23 -25.64 27.33
N LEU H 224 3.10 -26.27 26.18
CA LEU H 224 3.22 -25.59 24.91
C LEU H 224 1.93 -25.77 24.14
N GLY H 225 1.39 -24.68 23.60
CA GLY H 225 0.13 -24.72 22.89
C GLY H 225 0.29 -24.06 21.54
N GLY H 226 -0.71 -24.28 20.69
CA GLY H 226 -0.66 -23.77 19.33
C GLY H 226 -1.97 -23.07 18.97
N PHE H 227 -1.91 -22.34 17.88
CA PHE H 227 -3.04 -21.57 17.38
C PHE H 227 -3.54 -22.24 16.11
N GLU H 228 -4.83 -22.58 16.09
CA GLU H 228 -5.45 -23.25 14.95
C GLU H 228 -6.56 -22.36 14.41
N CYS H 229 -6.61 -22.23 13.08
CA CYS H 229 -7.57 -21.33 12.44
C CYS H 229 -8.99 -21.87 12.56
N SER H 230 -9.95 -21.00 12.21
CA SER H 230 -11.37 -21.30 12.45
C SER H 230 -11.90 -22.36 11.49
N LYS H 231 -11.78 -22.11 10.19
CA LYS H 231 -12.26 -23.06 9.19
C LYS H 231 -11.19 -24.06 8.77
N ILE H 232 -10.12 -24.19 9.57
CA ILE H 232 -9.09 -25.22 9.31
C ILE H 232 -9.18 -26.24 10.46
N LEU H 233 -9.73 -25.81 11.60
CA LEU H 233 -9.89 -26.71 12.77
C LEU H 233 -10.84 -27.86 12.43
N GLU H 234 -10.52 -29.09 12.86
CA GLU H 234 -11.42 -30.25 12.64
C GLU H 234 -12.10 -30.61 13.96
N ASP H 235 -13.43 -30.73 13.96
CA ASP H 235 -14.21 -31.09 15.19
C ASP H 235 -14.30 -29.87 16.11
N ILE H 236 -15.12 -29.97 17.17
CA ILE H 236 -15.29 -28.84 18.13
C ILE H 236 -14.60 -29.21 19.45
N ASN H 237 -14.71 -30.47 19.87
CA ASN H 237 -14.04 -30.92 21.12
C ASN H 237 -12.53 -30.69 20.96
N SER H 238 -12.02 -30.84 19.74
CA SER H 238 -10.56 -30.70 19.49
C SER H 238 -10.07 -29.32 19.94
N CYS H 239 -11.00 -28.39 20.20
CA CYS H 239 -10.61 -27.00 20.59
C CYS H 239 -11.26 -26.63 21.93
N LEU H 240 -11.80 -27.62 22.65
CA LEU H 240 -12.50 -27.33 23.93
C LEU H 240 -11.61 -27.72 25.12
N TRP H 241 -11.48 -26.84 26.11
CA TRP H 241 -10.61 -27.12 27.29
C TRP H 241 -11.44 -27.72 28.43
N ARG H 242 -10.82 -28.58 29.24
CA ARG H 242 -11.53 -29.24 30.33
C ARG H 242 -10.64 -29.31 31.56
N TYR H 243 -11.28 -29.43 32.73
CA TYR H 243 -10.58 -29.54 34.01
C TYR H 243 -10.37 -31.00 34.40
N LYS H 244 -9.14 -31.37 34.76
CA LYS H 244 -8.83 -32.70 35.26
C LYS H 244 -7.96 -32.57 36.51
N THR H 245 -8.31 -33.35 37.54
CA THR H 245 -7.66 -33.27 38.85
C THR H 245 -7.16 -34.65 39.26
N GLU H 246 -5.95 -34.99 38.83
CA GLU H 246 -5.22 -36.06 39.46
C GLU H 246 -4.67 -35.61 40.80
N GLU H 247 -4.28 -36.57 41.64
CA GLU H 247 -3.85 -36.33 43.01
C GLU H 247 -2.56 -35.52 42.97
N GLY H 248 -2.67 -34.26 43.35
CA GLY H 248 -1.55 -33.34 43.34
C GLY H 248 -1.19 -32.78 42.00
N LEU H 249 -2.05 -32.91 40.98
CA LEU H 249 -1.63 -32.42 39.64
C LEU H 249 -2.81 -31.72 38.94
N TYR H 250 -3.48 -30.78 39.62
CA TYR H 250 -4.61 -30.03 39.03
C TYR H 250 -4.19 -29.40 37.71
N LEU H 251 -4.94 -29.50 36.67
CA LEU H 251 -4.55 -28.91 35.37
C LEU H 251 -5.68 -28.98 34.35
N CYS H 252 -5.70 -28.14 33.39
CA CYS H 252 -6.69 -28.10 32.32
C CYS H 252 -6.06 -28.57 31.01
N THR H 253 -6.80 -29.41 30.29
CA THR H 253 -6.27 -30.11 29.14
C THR H 253 -7.29 -30.02 28.02
N ILE H 254 -7.07 -30.83 26.99
CA ILE H 254 -7.82 -30.75 25.74
C ILE H 254 -8.57 -32.05 25.46
N ILE H 255 -8.28 -33.10 26.24
CA ILE H 255 -8.88 -34.43 26.02
C ILE H 255 -10.37 -34.51 26.36
N SER I 3 -67.06 -15.23 -15.16
CA SER I 3 -65.78 -14.67 -15.58
C SER I 3 -65.19 -15.44 -16.76
N GLN I 4 -64.52 -14.72 -17.64
CA GLN I 4 -63.83 -15.33 -18.77
C GLN I 4 -62.34 -14.97 -18.69
N ILE I 5 -61.50 -15.98 -18.81
CA ILE I 5 -60.06 -15.83 -18.63
C ILE I 5 -59.42 -15.67 -20.01
N LEU I 6 -58.72 -14.55 -20.21
CA LEU I 6 -57.92 -14.37 -21.42
C LEU I 6 -56.45 -14.53 -21.03
N ILE I 7 -55.78 -15.45 -21.72
CA ILE I 7 -54.44 -15.88 -21.37
C ILE I 7 -53.46 -15.13 -22.26
N ILE I 8 -52.45 -14.52 -21.67
CA ILE I 8 -51.30 -14.05 -22.44
C ILE I 8 -50.43 -15.26 -22.74
N LYS I 9 -50.20 -15.52 -24.01
CA LYS I 9 -49.33 -16.63 -24.37
C LYS I 9 -47.89 -16.25 -24.06
N PRO I 10 -47.20 -17.00 -23.21
CA PRO I 10 -45.85 -16.62 -22.81
C PRO I 10 -44.80 -17.10 -23.81
N GLY I 11 -43.61 -16.54 -23.68
CA GLY I 11 -42.42 -16.93 -24.43
C GLY I 11 -42.55 -16.82 -25.92
N THR I 12 -43.23 -15.76 -26.37
CA THR I 12 -43.64 -15.61 -27.75
C THR I 12 -42.88 -14.41 -28.35
N GLY I 13 -41.95 -13.87 -27.58
CA GLY I 13 -41.35 -12.58 -27.91
C GLY I 13 -41.54 -11.55 -26.82
N ILE I 14 -42.45 -10.60 -27.06
CA ILE I 14 -42.61 -9.43 -26.21
C ILE I 14 -43.06 -9.78 -24.79
N SER I 15 -42.88 -8.81 -23.89
CA SER I 15 -43.32 -8.92 -22.51
C SER I 15 -44.84 -8.95 -22.44
N PRO I 16 -45.42 -9.45 -21.34
CA PRO I 16 -46.89 -9.44 -21.20
C PRO I 16 -47.51 -8.05 -21.12
N ASN I 17 -46.77 -7.01 -20.74
CA ASN I 17 -47.46 -5.76 -20.43
C ASN I 17 -47.76 -5.01 -21.73
N ILE I 18 -46.90 -5.12 -22.75
CA ILE I 18 -47.17 -4.45 -24.02
C ILE I 18 -48.34 -5.10 -24.77
N ILE I 19 -48.42 -6.43 -24.76
CA ILE I 19 -49.57 -7.12 -25.31
C ILE I 19 -50.83 -6.87 -24.47
N ILE I 20 -50.66 -6.57 -23.18
CA ILE I 20 -51.79 -6.10 -22.40
C ILE I 20 -52.21 -4.69 -22.83
N SER I 21 -51.22 -3.83 -23.10
CA SER I 21 -51.47 -2.42 -23.32
C SER I 21 -52.08 -2.14 -24.69
N GLU I 22 -51.57 -2.79 -25.74
CA GLU I 22 -52.01 -2.43 -27.11
C GLU I 22 -52.87 -3.53 -27.76
N ASP I 23 -53.00 -4.70 -27.14
CA ASP I 23 -53.74 -5.80 -27.83
C ASP I 23 -55.12 -6.01 -27.19
N ILE I 24 -55.17 -6.31 -25.89
CA ILE I 24 -56.47 -6.64 -25.24
C ILE I 24 -57.17 -5.38 -24.73
N PHE I 25 -56.49 -4.53 -23.96
CA PHE I 25 -57.16 -3.36 -23.34
C PHE I 25 -57.84 -2.50 -24.43
N PRO I 26 -57.17 -2.09 -25.54
CA PRO I 26 -57.82 -1.22 -26.51
C PRO I 26 -59.12 -1.80 -27.04
N VAL I 27 -59.09 -3.06 -27.46
CA VAL I 27 -60.31 -3.68 -28.07
C VAL I 27 -61.38 -3.82 -26.98
N LEU I 28 -60.97 -4.15 -25.74
CA LEU I 28 -61.94 -4.28 -24.62
C LEU I 28 -62.61 -2.93 -24.37
N HIS I 29 -61.85 -1.83 -24.40
CA HIS I 29 -62.41 -0.51 -24.14
C HIS I 29 -63.62 -0.25 -25.01
N SER I 30 -63.51 -0.56 -26.30
CA SER I 30 -64.64 -0.34 -27.24
C SER I 30 -65.81 -1.24 -26.85
N LEU I 31 -65.55 -2.53 -26.62
CA LEU I 31 -66.64 -3.49 -26.28
C LEU I 31 -67.31 -3.05 -24.97
N PHE I 32 -66.52 -2.65 -23.97
CA PHE I 32 -67.09 -2.27 -22.64
C PHE I 32 -67.97 -1.03 -22.77
N VAL I 33 -67.54 -0.05 -23.58
CA VAL I 33 -68.30 1.24 -23.64
C VAL I 33 -69.56 1.07 -24.50
N GLU I 34 -69.52 0.25 -25.56
CA GLU I 34 -70.66 0.17 -26.46
C GLU I 34 -71.82 -0.58 -25.79
N HIS I 35 -71.53 -1.61 -24.99
CA HIS I 35 -72.55 -2.20 -24.14
C HIS I 35 -72.88 -1.26 -22.98
N ASP I 36 -74.17 -1.06 -22.72
CA ASP I 36 -74.60 -0.20 -21.62
C ASP I 36 -74.49 -0.89 -20.26
N LYS I 37 -74.41 -2.21 -20.24
CA LYS I 37 -74.09 -2.95 -19.02
C LYS I 37 -72.58 -3.02 -18.90
N LYS I 38 -72.04 -2.54 -17.83
CA LYS I 38 -70.56 -2.44 -17.71
C LYS I 38 -69.98 -3.71 -17.12
N PHE I 39 -68.79 -4.05 -17.48
CA PHE I 39 -68.06 -5.23 -17.04
C PHE I 39 -66.76 -4.81 -16.37
N GLY I 40 -65.91 -5.76 -16.00
CA GLY I 40 -64.76 -5.45 -15.18
C GLY I 40 -63.51 -6.24 -15.55
N ILE I 41 -62.37 -5.66 -15.21
CA ILE I 41 -61.05 -6.17 -15.58
C ILE I 41 -60.33 -6.56 -14.30
N THR I 42 -59.81 -7.78 -14.26
CA THR I 42 -59.11 -8.27 -13.06
C THR I 42 -57.79 -8.87 -13.46
N PHE I 43 -56.72 -8.58 -12.73
CA PHE I 43 -55.40 -9.17 -13.01
C PHE I 43 -55.13 -10.27 -11.99
N PRO I 44 -55.49 -11.54 -12.27
CA PRO I 44 -55.33 -12.61 -11.30
C PRO I 44 -53.89 -12.74 -10.87
N ALA I 45 -52.97 -12.58 -11.83
CA ALA I 45 -51.52 -12.76 -11.53
C ALA I 45 -50.87 -11.43 -11.16
N TYR I 46 -51.69 -10.48 -10.69
CA TYR I 46 -51.14 -9.18 -10.24
C TYR I 46 -50.14 -9.45 -9.13
N SER I 47 -48.96 -8.83 -9.20
CA SER I 47 -47.91 -9.14 -8.21
C SER I 47 -47.14 -7.87 -7.86
N PHE I 48 -47.45 -7.24 -6.72
CA PHE I 48 -46.79 -5.95 -6.37
C PHE I 48 -45.48 -6.23 -5.64
N ASP I 49 -44.48 -6.76 -6.35
CA ASP I 49 -43.14 -6.96 -5.74
C ASP I 49 -42.29 -5.73 -6.07
N LYS I 50 -42.02 -4.87 -5.08
CA LYS I 50 -41.28 -3.61 -5.33
C LYS I 50 -42.13 -2.74 -6.26
N LYS I 51 -42.23 -3.11 -7.54
CA LYS I 51 -43.06 -2.35 -8.51
C LYS I 51 -44.05 -3.32 -9.15
N GLY I 52 -45.21 -2.83 -9.59
CA GLY I 52 -46.26 -3.72 -10.13
C GLY I 52 -45.79 -4.61 -11.24
N HIS I 53 -46.53 -5.67 -11.55
CA HIS I 53 -46.19 -6.56 -12.69
C HIS I 53 -47.48 -7.18 -13.23
N LEU I 54 -48.50 -6.36 -13.48
CA LEU I 54 -49.81 -6.85 -13.97
C LEU I 54 -49.88 -8.38 -13.92
N GLY I 55 -49.20 -9.10 -14.81
CA GLY I 55 -49.32 -10.55 -14.75
C GLY I 55 -49.39 -11.17 -16.12
N ASN I 56 -49.89 -12.40 -16.13
CA ASN I 56 -49.86 -13.27 -17.30
C ASN I 56 -51.30 -13.58 -17.71
N ILE I 57 -52.27 -13.21 -16.88
CA ILE I 57 -53.68 -13.49 -17.09
C ILE I 57 -54.42 -12.16 -16.98
N ILE I 58 -55.43 -11.94 -17.84
CA ILE I 58 -56.46 -10.99 -17.42
C ILE I 58 -57.77 -11.77 -17.36
N GLU I 59 -58.66 -11.28 -16.50
CA GLU I 59 -59.95 -11.93 -16.27
C GLU I 59 -61.04 -10.89 -16.45
N VAL I 60 -62.01 -11.19 -17.31
CA VAL I 60 -63.14 -10.30 -17.54
C VAL I 60 -64.31 -10.81 -16.69
N LEU I 61 -64.89 -9.89 -15.93
CA LEU I 61 -65.82 -10.22 -14.85
C LEU I 61 -67.12 -9.46 -14.95
N SER I 62 -68.20 -10.11 -14.52
CA SER I 62 -69.46 -9.40 -14.33
C SER I 62 -70.38 -10.03 -13.30
N GLU I 63 -71.63 -9.60 -13.32
CA GLU I 63 -72.69 -10.30 -12.63
C GLU I 63 -73.28 -11.34 -13.56
N GLU I 66 -75.05 -13.47 -19.33
CA GLU I 66 -75.57 -13.37 -20.69
C GLU I 66 -74.94 -12.17 -21.41
N ALA I 67 -74.55 -11.18 -20.63
CA ALA I 67 -73.93 -9.99 -21.20
C ALA I 67 -72.52 -10.28 -21.69
N LEU I 68 -71.84 -11.22 -21.02
CA LEU I 68 -70.56 -11.70 -21.52
C LEU I 68 -70.72 -12.53 -22.78
N ALA I 69 -71.85 -13.23 -22.92
CA ALA I 69 -72.19 -13.86 -24.20
C ALA I 69 -72.45 -12.82 -25.28
N SER I 70 -73.01 -11.67 -24.92
CA SER I 70 -73.16 -10.56 -25.86
C SER I 70 -71.88 -9.77 -26.08
N LEU I 71 -70.79 -10.07 -25.36
CA LEU I 71 -69.52 -9.42 -25.65
C LEU I 71 -68.86 -9.94 -26.91
N CYS I 72 -69.24 -11.14 -27.37
CA CYS I 72 -68.70 -11.85 -28.55
C CYS I 72 -67.19 -11.83 -28.66
N LEU I 73 -66.50 -12.32 -27.63
CA LEU I 73 -65.05 -12.23 -27.56
C LEU I 73 -64.34 -13.23 -28.46
N GLU I 74 -65.05 -14.17 -29.08
CA GLU I 74 -64.43 -15.10 -30.01
C GLU I 74 -63.99 -14.40 -31.28
N GLU I 75 -64.73 -13.39 -31.72
CA GLU I 75 -64.50 -12.76 -33.02
C GLU I 75 -63.87 -11.38 -32.94
N HIS I 76 -63.89 -10.76 -31.75
CA HIS I 76 -63.28 -9.42 -31.56
C HIS I 76 -61.77 -9.57 -31.24
N LEU I 77 -61.33 -10.79 -30.94
CA LEU I 77 -59.90 -11.03 -30.60
C LEU I 77 -59.33 -12.12 -31.50
N ALA I 78 -59.76 -12.15 -32.78
CA ALA I 78 -59.30 -13.22 -33.70
C ALA I 78 -58.06 -12.77 -34.48
N GLU I 79 -57.62 -11.53 -34.27
CA GLU I 79 -56.47 -10.99 -35.03
C GLU I 79 -55.18 -11.15 -34.21
N VAL I 80 -55.31 -11.54 -32.94
CA VAL I 80 -54.12 -11.67 -32.04
C VAL I 80 -54.06 -13.11 -31.48
N THR I 81 -54.51 -14.09 -32.27
CA THR I 81 -54.51 -15.49 -31.80
C THR I 81 -53.09 -15.92 -31.50
N ASP I 82 -52.17 -15.65 -32.43
CA ASP I 82 -50.74 -16.02 -32.23
C ASP I 82 -50.16 -15.22 -31.06
N TYR I 83 -51.04 -14.69 -30.20
CA TYR I 83 -50.59 -13.86 -29.11
C TYR I 83 -51.48 -13.94 -27.87
N VAL I 84 -52.80 -13.96 -28.03
CA VAL I 84 -53.74 -14.02 -26.92
C VAL I 84 -54.58 -15.28 -27.06
N LYS I 85 -54.69 -16.04 -25.97
CA LYS I 85 -55.51 -17.25 -25.95
C LYS I 85 -56.86 -16.93 -25.34
N VAL I 86 -57.92 -17.35 -26.03
CA VAL I 86 -59.30 -17.05 -25.66
C VAL I 86 -59.90 -18.34 -25.11
N LYS I 87 -60.06 -18.43 -23.80
CA LYS I 87 -60.71 -19.58 -23.21
C LYS I 87 -62.21 -19.48 -23.42
N LYS I 88 -62.78 -20.51 -24.04
CA LYS I 88 -64.18 -20.45 -24.47
C LYS I 88 -65.17 -20.59 -23.32
N GLU I 89 -64.76 -21.21 -22.22
CA GLU I 89 -65.67 -21.39 -21.10
C GLU I 89 -65.87 -20.08 -20.34
N ILE I 90 -67.11 -19.83 -19.91
CA ILE I 90 -67.40 -18.71 -19.04
C ILE I 90 -67.94 -19.23 -17.72
N THR I 91 -67.04 -19.49 -16.78
CA THR I 91 -67.42 -19.98 -15.46
C THR I 91 -67.52 -18.82 -14.48
N PHE I 92 -68.16 -19.09 -13.34
CA PHE I 92 -68.29 -18.12 -12.28
C PHE I 92 -67.63 -18.63 -11.02
N THR I 93 -66.99 -17.70 -10.30
CA THR I 93 -66.22 -18.05 -9.11
C THR I 93 -66.12 -16.81 -8.23
N ASP I 94 -65.60 -17.01 -7.02
CA ASP I 94 -65.54 -15.95 -6.02
C ASP I 94 -64.12 -15.50 -5.70
N ASP I 95 -63.10 -16.18 -6.22
CA ASP I 95 -61.70 -15.82 -5.95
C ASP I 95 -61.25 -14.67 -6.86
N TYR I 96 -61.85 -13.50 -6.65
CA TYR I 96 -61.53 -12.33 -7.45
C TYR I 96 -61.20 -11.15 -6.56
N VAL I 97 -60.23 -10.36 -7.00
CA VAL I 97 -59.97 -9.03 -6.45
C VAL I 97 -60.22 -8.03 -7.59
N LEU I 98 -61.06 -7.03 -7.32
CA LEU I 98 -61.33 -5.99 -8.30
C LEU I 98 -60.31 -4.86 -8.16
N PHE I 99 -60.27 -3.97 -9.15
CA PHE I 99 -59.12 -3.10 -9.30
C PHE I 99 -59.53 -1.66 -9.55
N LYS I 100 -58.88 -0.72 -8.86
CA LYS I 100 -59.20 0.69 -9.03
C LYS I 100 -58.01 1.42 -9.65
N ARG I 101 -58.27 2.61 -10.17
CA ARG I 101 -57.18 3.42 -10.78
C ARG I 101 -56.71 4.47 -9.77
N ILE I 102 -55.41 4.77 -9.75
CA ILE I 102 -54.87 5.80 -8.81
C ILE I 102 -54.41 7.01 -9.64
N ARG I 103 -54.99 8.17 -9.37
CA ARG I 103 -54.65 9.39 -10.17
C ARG I 103 -53.18 9.75 -9.94
N GLU I 104 -52.50 10.24 -10.97
CA GLU I 104 -51.06 10.58 -10.87
C GLU I 104 -50.90 12.12 -10.89
N GLU I 105 -51.85 12.84 -10.28
CA GLU I 105 -51.82 14.32 -10.34
C GLU I 105 -51.71 14.73 -11.82
N ASN I 106 -50.84 15.69 -12.12
CA ASN I 106 -50.61 16.13 -13.53
C ASN I 106 -49.24 16.79 -13.61
N GLN I 107 -48.66 16.87 -14.81
CA GLN I 107 -47.36 17.56 -14.99
C GLN I 107 -47.45 18.96 -14.36
N TYR I 108 -46.36 19.42 -13.74
CA TYR I 108 -46.37 20.74 -13.04
C TYR I 108 -47.00 21.78 -13.98
N GLU I 109 -46.61 21.78 -15.24
CA GLU I 109 -47.13 22.77 -16.23
C GLU I 109 -48.66 22.69 -16.26
N THR I 110 -49.22 21.49 -16.40
CA THR I 110 -50.69 21.34 -16.50
C THR I 110 -51.33 21.97 -15.29
N THR I 111 -50.86 21.61 -14.10
CA THR I 111 -51.45 22.15 -12.85
C THR I 111 -51.25 23.63 -12.81
N ALA I 112 -50.07 24.11 -13.22
CA ALA I 112 -49.76 25.56 -13.16
C ALA I 112 -50.82 26.34 -13.93
N ARG I 113 -51.09 25.93 -15.18
CA ARG I 113 -52.15 26.60 -15.99
C ARG I 113 -53.45 26.61 -15.19
N ARG I 114 -53.94 25.42 -14.82
CA ARG I 114 -55.18 25.31 -14.05
C ARG I 114 -55.20 26.24 -12.84
N MET I 115 -54.12 26.26 -12.07
CA MET I 115 -54.05 27.03 -10.84
C MET I 115 -53.69 28.49 -11.08
N ARG I 116 -53.41 28.88 -12.32
CA ARG I 116 -53.23 30.28 -12.67
C ARG I 116 -54.45 30.88 -13.37
N LYS I 117 -55.18 30.07 -14.14
CA LYS I 117 -56.33 30.55 -14.89
C LYS I 117 -57.45 31.04 -13.97
N ARG I 118 -57.72 30.30 -12.90
CA ARG I 118 -58.76 30.66 -11.95
C ARG I 118 -58.27 30.72 -10.51
N GLY I 119 -56.97 30.61 -10.28
CA GLY I 119 -56.40 30.55 -8.96
C GLY I 119 -55.55 31.75 -8.61
N HIS I 120 -54.65 31.54 -7.65
CA HIS I 120 -53.81 32.61 -7.13
C HIS I 120 -52.72 33.01 -8.14
N THR I 121 -52.19 34.21 -7.95
CA THR I 121 -51.20 34.75 -8.88
C THR I 121 -49.82 34.16 -8.63
N GLU I 122 -49.37 34.14 -7.37
CA GLU I 122 -48.03 33.68 -7.02
C GLU I 122 -48.11 32.24 -6.51
N LEU I 123 -47.40 31.34 -7.20
CA LEU I 123 -47.47 29.93 -6.84
C LEU I 123 -46.20 29.26 -7.36
N GLY I 124 -45.32 28.84 -6.46
CA GLY I 124 -44.04 28.29 -6.84
C GLY I 124 -43.72 26.89 -6.38
N ARG I 125 -42.70 26.90 -5.40
CA ARG I 125 -42.17 25.62 -4.88
C ARG I 125 -43.27 24.66 -4.46
N PRO I 126 -44.20 24.96 -3.60
CA PRO I 126 -45.14 23.95 -3.06
C PRO I 126 -45.81 23.03 -4.08
N LEU I 127 -46.01 23.45 -5.33
CA LEU I 127 -46.43 22.48 -6.34
C LEU I 127 -45.31 21.49 -6.67
N GLU I 128 -44.07 21.97 -6.73
CA GLU I 128 -42.92 21.10 -6.96
C GLU I 128 -42.65 20.15 -5.79
N MET I 129 -43.21 20.43 -4.62
CA MET I 129 -43.22 19.47 -3.54
C MET I 129 -44.39 18.50 -3.65
N HIS I 130 -45.61 19.03 -3.85
CA HIS I 130 -46.83 18.23 -3.75
C HIS I 130 -46.95 17.23 -4.90
N ILE I 131 -46.77 17.71 -6.14
CA ILE I 131 -46.90 16.83 -7.33
C ILE I 131 -45.84 15.72 -7.22
N LYS I 132 -44.57 16.09 -7.07
CA LYS I 132 -43.48 15.09 -7.03
C LYS I 132 -43.73 14.08 -5.90
N LYS I 133 -44.07 14.56 -4.70
CA LYS I 133 -44.24 13.65 -3.54
C LYS I 133 -45.31 12.59 -3.87
N LYS I 134 -46.49 13.02 -4.31
CA LYS I 134 -47.60 12.06 -4.58
C LYS I 134 -47.20 11.16 -5.76
N ASN I 135 -46.64 11.74 -6.83
CA ASN I 135 -46.35 10.94 -8.05
C ASN I 135 -45.43 9.74 -7.74
N GLN I 136 -44.27 9.96 -7.13
CA GLN I 136 -43.33 8.83 -6.90
C GLN I 136 -44.14 7.70 -6.28
N GLN I 137 -44.93 7.97 -5.27
CA GLN I 137 -45.65 6.83 -4.71
C GLN I 137 -46.58 6.33 -5.78
N ILE I 138 -47.17 7.21 -6.59
CA ILE I 138 -48.13 6.69 -7.55
C ILE I 138 -47.43 5.96 -8.70
N PHE I 139 -46.32 6.51 -9.20
CA PHE I 139 -45.67 5.98 -10.41
C PHE I 139 -45.09 4.58 -10.24
N CYS I 140 -44.83 4.17 -8.99
CA CYS I 140 -44.31 2.84 -8.75
C CYS I 140 -45.37 1.75 -8.94
N HIS I 141 -46.65 2.10 -8.91
CA HIS I 141 -47.71 1.13 -9.15
C HIS I 141 -47.75 0.72 -10.63
N ALA I 142 -48.52 -0.32 -10.91
CA ALA I 142 -48.57 -0.91 -12.24
C ALA I 142 -49.24 0.03 -13.24
N TYR I 143 -48.67 0.10 -14.44
CA TYR I 143 -49.02 1.11 -15.42
C TYR I 143 -49.45 0.48 -16.74
N ILE I 144 -50.51 1.01 -17.32
CA ILE I 144 -51.01 0.59 -18.62
C ILE I 144 -51.14 1.83 -19.49
N LYS I 145 -50.56 1.80 -20.69
CA LYS I 145 -50.80 2.87 -21.65
C LYS I 145 -52.07 2.62 -22.42
N VAL I 146 -52.76 3.70 -22.74
CA VAL I 146 -54.00 3.63 -23.53
C VAL I 146 -54.04 4.81 -24.49
N LYS I 147 -54.25 4.51 -25.78
CA LYS I 147 -54.43 5.55 -26.77
C LYS I 147 -55.79 6.23 -26.57
N SER I 148 -55.80 7.55 -26.79
CA SER I 148 -56.95 8.36 -26.43
C SER I 148 -58.10 8.20 -27.40
N ALA I 149 -59.28 8.63 -26.96
CA ALA I 149 -60.48 8.60 -27.77
C ALA I 149 -60.79 9.95 -28.42
N SER I 150 -60.70 11.05 -27.65
CA SER I 150 -61.04 12.37 -28.18
C SER I 150 -60.05 13.45 -27.77
N THR I 151 -58.97 13.11 -27.07
CA THR I 151 -57.97 14.09 -26.66
C THR I 151 -56.61 13.93 -27.34
N GLY I 152 -56.34 12.77 -27.93
CA GLY I 152 -55.07 12.51 -28.61
C GLY I 152 -53.85 12.51 -27.72
N GLN I 153 -53.97 11.97 -26.51
CA GLN I 153 -52.85 12.00 -25.54
C GLN I 153 -52.52 10.57 -25.08
N SER I 154 -51.29 10.35 -24.60
CA SER I 154 -50.90 9.01 -24.08
C SER I 154 -51.13 8.96 -22.56
N TYR I 155 -52.23 8.33 -22.13
CA TYR I 155 -52.56 8.30 -20.68
C TYR I 155 -51.95 7.05 -20.06
N ASN I 156 -50.99 7.22 -19.16
CA ASN I 156 -50.45 6.04 -18.44
C ASN I 156 -51.27 5.86 -17.16
N ILE I 157 -52.22 4.91 -17.15
CA ILE I 157 -53.09 4.70 -15.96
C ILE I 157 -52.31 3.90 -14.91
N PHE I 158 -52.78 3.89 -13.66
CA PHE I 158 -52.05 3.22 -12.59
C PHE I 158 -53.04 2.42 -11.75
N LEU I 159 -52.82 1.12 -11.65
CA LEU I 159 -53.84 0.20 -11.16
C LEU I 159 -53.44 -0.32 -9.78
N ALA I 160 -54.44 -0.55 -8.92
CA ALA I 160 -54.17 -0.88 -7.53
C ALA I 160 -55.34 -1.67 -6.96
N PRO I 161 -55.09 -2.55 -5.97
CA PRO I 161 -56.20 -3.33 -5.38
C PRO I 161 -57.15 -2.45 -4.57
N THR I 162 -58.41 -2.88 -4.54
CA THR I 162 -59.43 -2.11 -3.84
C THR I 162 -60.07 -2.91 -2.70
N ASP I 163 -60.30 -4.22 -2.92
CA ASP I 163 -60.86 -5.24 -2.03
C ASP I 163 -62.36 -5.09 -1.85
N ILE I 164 -63.01 -4.16 -2.55
CA ILE I 164 -64.43 -3.80 -2.43
C ILE I 164 -65.38 -4.98 -2.65
N LYS I 165 -64.90 -6.03 -3.34
CA LYS I 165 -65.48 -7.37 -3.47
C LYS I 165 -66.82 -7.40 -4.21
N HIS I 166 -67.33 -6.24 -4.62
CA HIS I 166 -68.57 -5.98 -5.35
C HIS I 166 -68.63 -4.48 -5.60
N GLY I 167 -69.11 -4.07 -6.77
CA GLY I 167 -69.24 -2.64 -7.01
C GLY I 167 -69.61 -2.33 -8.44
N SER I 168 -69.66 -1.03 -8.71
CA SER I 168 -69.95 -0.51 -10.04
C SER I 168 -68.66 -0.44 -10.86
N PHE I 169 -68.72 0.15 -12.05
CA PHE I 169 -67.62 0.07 -13.00
C PHE I 169 -67.47 1.40 -13.73
N SER I 170 -66.32 1.55 -14.39
CA SER I 170 -66.05 2.62 -15.32
C SER I 170 -66.01 2.06 -16.74
N ALA I 171 -65.74 2.95 -17.71
CA ALA I 171 -65.66 2.51 -19.10
C ALA I 171 -64.38 1.74 -19.37
N TYR I 172 -63.33 1.99 -18.58
CA TYR I 172 -62.12 1.19 -18.64
C TYR I 172 -62.26 -0.16 -17.93
N GLY I 173 -63.37 -0.36 -17.22
CA GLY I 173 -63.58 -1.61 -16.51
C GLY I 173 -63.09 -1.63 -15.09
N LEU I 174 -62.83 -0.49 -14.49
CA LEU I 174 -62.29 -0.40 -13.14
C LEU I 174 -63.31 0.25 -12.20
N LEU I 175 -62.94 0.27 -10.92
CA LEU I 175 -63.74 0.93 -9.91
C LEU I 175 -63.69 2.45 -10.07
N ARG I 176 -64.79 3.10 -9.68
CA ARG I 176 -64.89 4.54 -9.68
C ARG I 176 -65.65 4.99 -8.44
N GLY I 177 -65.42 6.23 -8.04
CA GLY I 177 -66.05 6.77 -6.85
C GLY I 177 -67.54 7.02 -6.99
#